data_3FKU
#
_entry.id   3FKU
#
_cell.length_a   205.300
_cell.length_b   118.500
_cell.length_c   338.900
_cell.angle_alpha   90.00
_cell.angle_beta   99.60
_cell.angle_gamma   90.00
#
_symmetry.space_group_name_H-M   'C 1 2 1'
#
loop_
_entity.id
_entity.type
_entity.pdbx_description
1 polymer Hemagglutinin
2 polymer 'Hemagglutinin HA2 chain'
3 polymer 'Neutralizing antibody F10'
4 branched 2-acetamido-2-deoxy-beta-D-glucopyranose-(1-4)-2-acetamido-2-deoxy-beta-D-glucopyranose
5 branched beta-D-mannopyranose-(1-4)-2-acetamido-2-deoxy-beta-D-glucopyranose-(1-4)-2-acetamido-2-deoxy-beta-D-glucopyranose
#
loop_
_entity_poly.entity_id
_entity_poly.type
_entity_poly.pdbx_seq_one_letter_code
_entity_poly.pdbx_strand_id
1 'polypeptide(L)'
;ADPGYLLEDQICIGYHANNSTEQVDTIMEKNVTVTHAQDILEKKHNGKLCDLDGVKPLILRDCSVAGWLLGNPMCDEFIN
VPEWSYIVEKANPVNDLCYPGDFNDYEELKHLLSRINHFEKIQIIPKSSWSSHEASLGVSSACPYQGKSSFFRNVVWLIK
KNSTYPTIKRSYNNTNQEDLLVLWGIHHPNDAAEQTKLYQNPTTYISVGTSTLNQRLVPRIATRSKVNGQSGRMEFFWTI
LKPNDAINFESNGNFIAPEYAYKIVKKGDSTIMKSELEYGNCNTKCQTPMGAINSSMPFHNIHPLTIGECPKYVKSNRLV
LATGLRNSPQRERRRKKR
;
A,C,E,G,I,K
2 'polypeptide(L)'
;GLFGAIAGFIEGGWQGMVDGWYGYHHSNEQGSGYAADKESTQKAIDGVTNKVNSIIDKMNTQFEAVGREFNNLERRIENL
NKKMEDGFLDVWTYNAELLVLMENERTLDFHDSNVKNLYDKVRLQLRDNAKELGNGCFEFYHKCDNECMESVRNGTYDYP
QYSEEARLKREEISGVRSLVPR
;
B,D,F,H,J,L
3 'polypeptide(L)'
;QVQLVQSGAEVKKPGSSVKVSCTSSEVTFSSFAISWVRQAPGQGLEWLGGISPMFGTPNYAQKFQGRVTITADQSTRTAY
MDLRSLRSEDTAVYYCARSPSYICSGGTCVFDHWGQGTLVTVSSGGGGSGGGGSGGGGIQPGLTQPPSVSKGLRQTATLT
CTGNSNNVGNQGAAWLQQHQGHPPKLLSYRNNDRPSGISERFSASRSGNTASLTITGLQPEDEADYYCSTWDSSLSAVVF
GGGTKLTVLGQPKAAPSAAAEQKLISEEDLNGAAHHHHHH
;
X,Y,Z,S,T,U
#
# COMPACT_ATOMS: atom_id res chain seq x y z
N GLU A 8 8.70 -91.63 36.32
CA GLU A 8 7.30 -91.32 36.72
C GLU A 8 6.99 -89.84 36.88
N ASP A 9 7.90 -89.07 37.48
CA ASP A 9 7.73 -87.61 37.52
C ASP A 9 8.32 -87.03 36.24
N GLN A 10 7.70 -86.00 35.69
CA GLN A 10 8.13 -85.49 34.37
C GLN A 10 7.64 -84.10 34.01
N ILE A 11 8.33 -83.51 33.04
CA ILE A 11 8.16 -82.12 32.66
C ILE A 11 8.35 -81.93 31.17
N CYS A 12 7.36 -81.36 30.48
CA CYS A 12 7.47 -81.07 29.04
C CYS A 12 7.74 -79.62 28.73
N ILE A 13 8.15 -79.36 27.51
CA ILE A 13 8.20 -78.02 26.97
C ILE A 13 7.12 -78.00 25.91
N GLY A 14 6.53 -76.83 25.69
CA GLY A 14 5.46 -76.72 24.72
C GLY A 14 5.14 -75.28 24.39
N TYR A 15 4.17 -75.11 23.49
CA TYR A 15 3.77 -73.79 23.02
C TYR A 15 2.25 -73.62 23.00
N HIS A 16 1.79 -72.37 22.91
CA HIS A 16 0.38 -72.00 23.09
C HIS A 16 -0.48 -72.30 21.88
N ALA A 17 -1.77 -72.54 22.12
CA ALA A 17 -2.73 -72.91 21.08
C ALA A 17 -4.08 -72.33 21.50
N ASN A 18 -4.93 -71.92 20.56
CA ASN A 18 -6.24 -71.34 20.95
C ASN A 18 -7.39 -71.45 19.94
N ASN A 19 -8.56 -70.94 20.33
CA ASN A 19 -9.72 -70.79 19.45
C ASN A 19 -9.52 -69.59 18.53
N SER A 20 -8.59 -69.68 17.57
CA SER A 20 -8.34 -68.55 16.67
C SER A 20 -8.45 -68.96 15.22
N THR A 21 -9.09 -68.10 14.45
CA THR A 21 -9.51 -68.42 13.10
C THR A 21 -8.66 -67.72 12.06
N GLU A 22 -7.93 -66.69 12.51
CA GLU A 22 -7.34 -65.74 11.59
C GLU A 22 -6.06 -66.27 11.00
N GLN A 23 -5.92 -66.09 9.70
CA GLN A 23 -4.86 -66.70 8.94
C GLN A 23 -4.07 -65.65 8.20
N VAL A 24 -2.83 -65.97 7.88
CA VAL A 24 -1.86 -65.07 7.28
C VAL A 24 -1.11 -65.81 6.19
N ASP A 25 -0.32 -65.06 5.42
CA ASP A 25 0.44 -65.61 4.32
C ASP A 25 1.92 -65.37 4.50
N THR A 26 2.72 -66.03 3.68
CA THR A 26 4.17 -65.93 3.71
C THR A 26 4.63 -66.26 2.30
N ILE A 27 5.92 -66.18 2.02
CA ILE A 27 6.38 -66.54 0.69
C ILE A 27 6.18 -68.03 0.41
N MET A 28 6.21 -68.86 1.46
CA MET A 28 6.11 -70.30 1.26
C MET A 28 4.73 -70.89 1.57
N GLU A 29 4.02 -70.26 2.49
CA GLU A 29 2.75 -70.77 3.01
C GLU A 29 1.68 -69.70 2.88
N LYS A 30 0.57 -70.05 2.24
CA LYS A 30 -0.57 -69.15 2.21
C LYS A 30 -1.64 -69.68 3.18
N ASN A 31 -2.45 -68.78 3.72
CA ASN A 31 -3.47 -69.11 4.72
C ASN A 31 -3.00 -69.93 5.94
N VAL A 32 -1.83 -69.60 6.50
CA VAL A 32 -1.40 -70.22 7.78
C VAL A 32 -2.20 -69.71 8.96
N THR A 33 -2.91 -70.58 9.66
CA THR A 33 -3.67 -70.14 10.85
C THR A 33 -2.74 -69.91 12.01
N VAL A 34 -2.88 -68.77 12.67
CA VAL A 34 -2.04 -68.42 13.82
C VAL A 34 -2.89 -68.06 15.04
N THR A 35 -2.26 -68.02 16.21
CA THR A 35 -2.99 -67.74 17.43
C THR A 35 -3.35 -66.27 17.55
N HIS A 36 -2.63 -65.43 16.82
CA HIS A 36 -2.60 -63.99 17.08
C HIS A 36 -2.18 -63.17 15.85
N ALA A 37 -3.02 -62.20 15.47
CA ALA A 37 -2.77 -61.40 14.27
C ALA A 37 -2.64 -59.91 14.60
N GLN A 38 -2.64 -59.09 13.55
CA GLN A 38 -2.53 -57.64 13.66
C GLN A 38 -2.62 -57.04 12.27
N ASP A 39 -3.80 -56.51 11.96
CA ASP A 39 -4.08 -55.83 10.70
C ASP A 39 -3.29 -54.55 10.74
N ILE A 40 -2.90 -54.07 9.58
CA ILE A 40 -2.25 -52.80 9.48
C ILE A 40 -2.84 -51.96 8.34
N LEU A 41 -4.11 -52.23 7.99
CA LEU A 41 -4.74 -51.62 6.79
C LEU A 41 -6.06 -50.98 7.12
N GLU A 42 -6.09 -49.66 6.97
CA GLU A 42 -7.30 -48.92 7.20
C GLU A 42 -8.19 -49.11 6.01
N LYS A 43 -9.48 -49.37 6.24
CA LYS A 43 -10.41 -49.55 5.12
C LYS A 43 -11.65 -48.69 5.19
N LYS A 44 -11.76 -47.86 6.23
CA LYS A 44 -13.02 -47.19 6.50
C LYS A 44 -12.92 -45.65 6.62
N HIS A 45 -14.00 -44.99 6.19
CA HIS A 45 -14.15 -43.53 6.22
C HIS A 45 -15.59 -43.18 6.58
N ASN A 46 -15.86 -41.90 6.82
CA ASN A 46 -17.19 -41.47 7.29
C ASN A 46 -18.10 -40.87 6.23
N GLY A 47 -17.67 -40.90 4.97
CA GLY A 47 -18.48 -40.35 3.87
C GLY A 47 -18.83 -38.86 3.91
N LYS A 48 -18.19 -38.10 4.80
CA LYS A 48 -18.44 -36.66 4.93
C LYS A 48 -17.18 -35.88 4.61
N LEU A 49 -17.37 -34.64 4.18
CA LEU A 49 -16.29 -33.67 4.20
C LEU A 49 -16.24 -33.07 5.60
N CYS A 50 -15.03 -33.00 6.16
CA CYS A 50 -14.83 -32.54 7.51
C CYS A 50 -13.79 -31.44 7.59
N ASP A 51 -13.62 -30.88 8.78
CA ASP A 51 -12.49 -30.01 9.08
C ASP A 51 -11.16 -30.74 9.05
N LEU A 52 -10.12 -29.99 8.71
CA LEU A 52 -8.75 -30.40 8.96
C LEU A 52 -8.28 -29.58 10.17
N ASP A 53 -8.46 -30.15 11.36
CA ASP A 53 -8.01 -29.57 12.64
C ASP A 53 -8.65 -28.24 12.98
N GLY A 54 -9.96 -28.25 13.16
CA GLY A 54 -10.70 -27.05 13.54
C GLY A 54 -10.58 -25.89 12.56
N VAL A 55 -10.42 -26.20 11.28
CA VAL A 55 -10.35 -25.19 10.23
C VAL A 55 -11.26 -25.64 9.08
N LYS A 56 -12.38 -24.97 8.91
CA LYS A 56 -13.35 -25.36 7.89
C LYS A 56 -12.74 -25.34 6.49
N PRO A 57 -13.15 -26.29 5.62
CA PRO A 57 -12.80 -26.22 4.21
C PRO A 57 -13.50 -25.08 3.49
N LEU A 58 -13.39 -25.07 2.16
CA LEU A 58 -14.16 -24.19 1.29
C LEU A 58 -14.91 -25.07 0.28
N ILE A 59 -16.16 -25.40 0.58
CA ILE A 59 -16.99 -26.14 -0.36
C ILE A 59 -17.66 -25.15 -1.28
N LEU A 60 -17.09 -24.99 -2.48
CA LEU A 60 -17.63 -24.10 -3.49
C LEU A 60 -18.98 -24.56 -4.06
N ARG A 61 -19.46 -25.73 -3.64
CA ARG A 61 -20.76 -26.24 -4.09
C ARG A 61 -20.77 -26.32 -5.61
N ASP A 62 -21.69 -25.61 -6.29
CA ASP A 62 -21.84 -25.71 -7.75
C ASP A 62 -21.20 -24.57 -8.55
N CYS A 63 -20.21 -23.91 -7.93
CA CYS A 63 -19.35 -22.95 -8.61
C CYS A 63 -18.09 -23.64 -9.00
N SER A 64 -17.43 -23.14 -10.04
CA SER A 64 -16.04 -23.46 -10.27
C SER A 64 -15.21 -22.35 -9.62
N VAL A 65 -13.94 -22.63 -9.36
CA VAL A 65 -13.01 -21.58 -8.89
C VAL A 65 -13.17 -20.30 -9.71
N ALA A 66 -13.25 -20.43 -11.03
CA ALA A 66 -13.39 -19.29 -11.92
C ALA A 66 -14.71 -18.59 -11.64
N GLY A 67 -15.74 -19.38 -11.37
CA GLY A 67 -17.07 -18.86 -11.03
C GLY A 67 -17.03 -18.03 -9.78
N TRP A 68 -16.15 -18.40 -8.86
CA TRP A 68 -16.00 -17.73 -7.58
C TRP A 68 -15.18 -16.44 -7.63
N LEU A 69 -14.06 -16.48 -8.36
CA LEU A 69 -13.11 -15.37 -8.37
C LEU A 69 -13.58 -14.22 -9.24
N LEU A 70 -14.06 -14.54 -10.44
CA LEU A 70 -14.57 -13.52 -11.35
C LEU A 70 -15.77 -12.77 -10.77
N GLY A 71 -16.60 -13.47 -9.98
CA GLY A 71 -17.71 -12.86 -9.27
C GLY A 71 -19.05 -13.17 -9.91
N ASN A 72 -19.32 -14.44 -10.12
CA ASN A 72 -20.57 -14.88 -10.72
C ASN A 72 -21.73 -14.54 -9.78
N PRO A 73 -22.76 -13.84 -10.30
CA PRO A 73 -24.00 -13.55 -9.59
C PRO A 73 -24.77 -14.76 -9.05
N MET A 74 -24.38 -15.97 -9.44
CA MET A 74 -24.87 -17.20 -8.82
C MET A 74 -24.01 -17.50 -7.60
N CYS A 75 -22.72 -17.18 -7.68
CA CYS A 75 -21.75 -17.41 -6.60
C CYS A 75 -21.70 -16.26 -5.57
N ASP A 76 -22.86 -15.77 -5.15
CA ASP A 76 -22.92 -14.60 -4.26
C ASP A 76 -22.55 -14.94 -2.82
N GLU A 77 -23.16 -15.99 -2.30
CA GLU A 77 -22.85 -16.43 -0.93
C GLU A 77 -21.36 -16.70 -0.67
N PHE A 78 -20.52 -16.54 -1.70
CA PHE A 78 -19.07 -16.54 -1.55
C PHE A 78 -18.44 -15.16 -1.72
N ILE A 79 -19.22 -14.08 -1.78
CA ILE A 79 -18.67 -12.76 -2.16
C ILE A 79 -17.44 -12.31 -1.37
N ASN A 80 -17.31 -12.72 -0.10
CA ASN A 80 -16.09 -12.51 0.71
C ASN A 80 -15.96 -13.61 1.79
N VAL A 81 -14.99 -14.50 1.63
CA VAL A 81 -14.97 -15.74 2.43
C VAL A 81 -13.94 -15.76 3.54
N PRO A 82 -14.24 -16.50 4.63
CA PRO A 82 -13.25 -16.72 5.69
C PRO A 82 -12.12 -17.64 5.26
N GLU A 83 -11.05 -17.69 6.05
CA GLU A 83 -9.91 -18.57 5.77
C GLU A 83 -10.33 -20.02 5.70
N TRP A 84 -9.64 -20.77 4.85
CA TRP A 84 -10.00 -22.15 4.64
C TRP A 84 -8.83 -23.09 4.75
N SER A 85 -9.18 -24.27 5.20
CA SER A 85 -8.30 -25.42 5.17
C SER A 85 -7.97 -25.91 3.73
N TYR A 86 -8.98 -26.34 2.98
CA TYR A 86 -8.79 -26.79 1.60
C TYR A 86 -10.04 -26.45 0.79
N ILE A 87 -9.96 -26.55 -0.54
CA ILE A 87 -11.10 -26.19 -1.40
C ILE A 87 -11.70 -27.42 -2.08
N VAL A 88 -13.02 -27.48 -2.18
CA VAL A 88 -13.73 -28.65 -2.70
C VAL A 88 -14.62 -28.34 -3.90
N GLU A 89 -14.03 -28.33 -5.08
CA GLU A 89 -14.76 -28.15 -6.33
C GLU A 89 -15.55 -29.43 -6.66
N LYS A 90 -16.67 -29.28 -7.35
CA LYS A 90 -17.49 -30.43 -7.75
C LYS A 90 -16.89 -31.13 -8.97
N ALA A 91 -17.58 -32.16 -9.48
CA ALA A 91 -17.13 -32.88 -10.69
C ALA A 91 -17.16 -31.97 -11.91
N ASN A 92 -18.36 -31.47 -12.25
CA ASN A 92 -18.58 -30.55 -13.38
C ASN A 92 -19.49 -29.37 -12.97
N PRO A 93 -18.93 -28.42 -12.20
CA PRO A 93 -19.76 -27.40 -11.53
C PRO A 93 -20.62 -26.59 -12.50
N VAL A 94 -21.93 -26.52 -12.24
CA VAL A 94 -22.90 -25.92 -13.20
C VAL A 94 -22.61 -24.45 -13.48
N ASN A 95 -22.12 -23.71 -12.50
CA ASN A 95 -21.87 -22.27 -12.62
C ASN A 95 -20.39 -21.91 -12.88
N ASP A 96 -19.94 -22.11 -14.12
CA ASP A 96 -18.61 -21.67 -14.56
C ASP A 96 -18.77 -20.27 -15.17
N LEU A 97 -18.18 -20.02 -16.33
CA LEU A 97 -18.36 -18.77 -17.05
C LEU A 97 -19.75 -18.71 -17.70
N CYS A 98 -20.71 -18.05 -17.03
CA CYS A 98 -22.09 -17.99 -17.56
C CYS A 98 -22.16 -17.33 -18.95
N TYR A 99 -21.45 -16.21 -19.11
CA TYR A 99 -21.14 -15.67 -20.43
C TYR A 99 -19.96 -16.50 -20.89
N PRO A 100 -20.11 -17.18 -22.03
CA PRO A 100 -19.11 -18.17 -22.39
C PRO A 100 -17.80 -17.58 -22.91
N GLY A 101 -16.72 -18.38 -22.77
CA GLY A 101 -15.45 -18.10 -23.42
C GLY A 101 -14.35 -19.04 -22.97
N ASP A 102 -13.36 -18.50 -22.27
CA ASP A 102 -12.26 -19.28 -21.69
C ASP A 102 -11.46 -18.48 -20.66
N PHE A 103 -10.80 -19.18 -19.76
CA PHE A 103 -9.92 -18.55 -18.76
C PHE A 103 -8.47 -18.90 -19.08
N ASN A 104 -7.78 -17.97 -19.72
CA ASN A 104 -6.36 -18.12 -20.04
C ASN A 104 -5.49 -18.57 -18.86
N ASP A 105 -4.73 -19.64 -19.07
CA ASP A 105 -3.80 -20.18 -18.05
C ASP A 105 -4.51 -20.56 -16.75
N TYR A 106 -5.69 -21.15 -16.90
CA TYR A 106 -6.57 -21.49 -15.78
C TYR A 106 -5.96 -22.44 -14.77
N GLU A 107 -5.27 -23.47 -15.23
CA GLU A 107 -4.81 -24.52 -14.35
C GLU A 107 -3.62 -24.03 -13.58
N GLU A 108 -2.75 -23.29 -14.26
CA GLU A 108 -1.59 -22.66 -13.62
C GLU A 108 -1.98 -21.81 -12.43
N LEU A 109 -3.19 -21.24 -12.49
CA LEU A 109 -3.74 -20.42 -11.41
C LEU A 109 -4.26 -21.28 -10.28
N LYS A 110 -5.14 -22.22 -10.60
CA LYS A 110 -5.71 -23.12 -9.60
C LYS A 110 -4.60 -23.75 -8.80
N HIS A 111 -3.51 -24.13 -9.47
CA HIS A 111 -2.36 -24.66 -8.79
C HIS A 111 -1.73 -23.67 -7.83
N LEU A 112 -1.64 -22.42 -8.27
CA LEU A 112 -1.18 -21.34 -7.41
C LEU A 112 -2.14 -21.11 -6.22
N LEU A 113 -3.42 -21.45 -6.44
CA LEU A 113 -4.45 -21.36 -5.41
C LEU A 113 -4.35 -22.51 -4.41
N SER A 114 -3.55 -23.50 -4.78
CA SER A 114 -3.26 -24.63 -3.91
C SER A 114 -2.46 -24.18 -2.68
N ARG A 115 -1.59 -23.18 -2.85
CA ARG A 115 -0.74 -22.71 -1.76
C ARG A 115 -1.36 -21.58 -0.93
N ILE A 116 -2.52 -21.07 -1.31
CA ILE A 116 -3.14 -19.94 -0.59
C ILE A 116 -4.25 -20.36 0.37
N ASN A 117 -4.18 -19.89 1.61
CA ASN A 117 -5.17 -20.22 2.62
C ASN A 117 -6.20 -19.14 2.90
N HIS A 118 -5.93 -17.91 2.49
CA HIS A 118 -6.91 -16.85 2.67
C HIS A 118 -6.72 -15.69 1.70
N PHE A 119 -7.82 -15.27 1.09
CA PHE A 119 -7.80 -14.05 0.29
C PHE A 119 -8.23 -12.86 1.11
N GLU A 120 -8.01 -11.67 0.55
CA GLU A 120 -8.74 -10.47 0.94
C GLU A 120 -9.00 -9.58 -0.28
N LYS A 121 -10.26 -9.56 -0.71
CA LYS A 121 -10.69 -8.76 -1.87
C LYS A 121 -10.64 -7.25 -1.55
N ILE A 122 -9.77 -6.52 -2.26
CA ILE A 122 -9.73 -5.06 -2.14
C ILE A 122 -10.11 -4.39 -3.44
N GLN A 123 -10.56 -3.14 -3.35
CA GLN A 123 -11.02 -2.39 -4.50
C GLN A 123 -9.85 -1.65 -5.15
N ILE A 124 -9.55 -1.98 -6.41
CA ILE A 124 -8.47 -1.30 -7.14
C ILE A 124 -8.96 -0.23 -8.12
N ILE A 125 -10.11 -0.46 -8.74
CA ILE A 125 -10.68 0.54 -9.64
C ILE A 125 -12.16 0.63 -9.32
N PRO A 126 -12.59 1.76 -8.72
CA PRO A 126 -14.01 1.90 -8.41
C PRO A 126 -14.89 1.98 -9.67
N LYS A 127 -16.01 1.28 -9.65
CA LYS A 127 -16.96 1.30 -10.75
C LYS A 127 -17.49 2.73 -10.97
N SER A 128 -17.66 3.45 -9.86
CA SER A 128 -18.15 4.84 -9.86
C SER A 128 -17.23 5.81 -10.62
N SER A 129 -15.92 5.56 -10.54
CA SER A 129 -14.91 6.48 -11.03
C SER A 129 -14.67 6.45 -12.54
N TRP A 130 -15.57 5.82 -13.29
CA TRP A 130 -15.37 5.61 -14.73
C TRP A 130 -15.82 6.77 -15.62
N SER A 131 -15.27 7.94 -15.31
CA SER A 131 -14.82 8.90 -16.31
C SER A 131 -15.81 9.19 -17.43
N SER A 132 -15.39 8.91 -18.66
CA SER A 132 -16.11 9.21 -19.88
C SER A 132 -16.46 7.93 -20.62
N HIS A 133 -16.92 6.94 -19.84
CA HIS A 133 -17.46 5.70 -20.37
C HIS A 133 -18.72 5.40 -19.60
N GLU A 134 -19.32 4.26 -19.89
CA GLU A 134 -20.55 3.86 -19.22
C GLU A 134 -20.40 2.46 -18.59
N ALA A 135 -20.10 2.42 -17.30
CA ALA A 135 -19.86 1.15 -16.59
C ALA A 135 -21.15 0.43 -16.20
N SER A 136 -22.26 1.16 -16.17
CA SER A 136 -23.52 0.64 -15.65
C SER A 136 -24.22 -0.39 -16.54
N LEU A 137 -23.96 -0.33 -17.84
CA LEU A 137 -24.78 -1.05 -18.80
C LEU A 137 -24.03 -2.20 -19.44
N GLY A 138 -23.01 -2.71 -18.75
CA GLY A 138 -22.33 -3.94 -19.14
C GLY A 138 -22.99 -5.16 -18.54
N VAL A 139 -24.26 -5.39 -18.87
CA VAL A 139 -25.01 -6.57 -18.41
C VAL A 139 -25.44 -7.45 -19.59
N SER A 140 -25.82 -8.69 -19.30
CA SER A 140 -26.24 -9.61 -20.34
C SER A 140 -27.18 -10.67 -19.78
N SER A 141 -28.21 -10.99 -20.57
CA SER A 141 -29.19 -12.02 -20.24
C SER A 141 -28.56 -13.40 -20.12
N ALA A 142 -27.35 -13.56 -20.62
CA ALA A 142 -26.61 -14.81 -20.45
C ALA A 142 -26.33 -15.09 -18.98
N CYS A 143 -26.26 -14.02 -18.19
CA CYS A 143 -25.92 -14.14 -16.77
C CYS A 143 -26.99 -13.53 -15.87
N PRO A 144 -28.09 -14.30 -15.65
CA PRO A 144 -29.28 -13.81 -14.96
C PRO A 144 -29.18 -13.80 -13.44
N TYR A 145 -29.60 -12.68 -12.85
CA TYR A 145 -29.62 -12.52 -11.41
C TYR A 145 -30.98 -11.95 -10.98
N GLN A 146 -31.80 -12.80 -10.35
CA GLN A 146 -33.15 -12.41 -9.93
C GLN A 146 -33.95 -11.84 -11.10
N GLY A 147 -34.11 -12.66 -12.14
CA GLY A 147 -35.00 -12.34 -13.27
C GLY A 147 -34.47 -11.34 -14.28
N LYS A 148 -33.61 -10.43 -13.82
CA LYS A 148 -33.04 -9.41 -14.68
C LYS A 148 -31.76 -9.90 -15.34
N SER A 149 -31.28 -9.13 -16.31
CA SER A 149 -29.97 -9.34 -16.89
C SER A 149 -28.92 -8.76 -15.95
N SER A 150 -27.87 -9.51 -15.69
CA SER A 150 -26.80 -9.06 -14.83
C SER A 150 -25.46 -9.64 -15.29
N PHE A 151 -24.40 -9.27 -14.59
CA PHE A 151 -23.05 -9.62 -15.03
C PHE A 151 -22.18 -10.01 -13.86
N PHE A 152 -21.00 -10.55 -14.16
CA PHE A 152 -19.93 -10.75 -13.18
C PHE A 152 -19.81 -9.54 -12.24
N ARG A 153 -19.27 -9.75 -11.05
CA ARG A 153 -19.32 -8.74 -10.00
C ARG A 153 -17.97 -8.14 -9.61
N ASN A 154 -16.88 -8.83 -9.86
CA ASN A 154 -15.57 -8.28 -9.56
C ASN A 154 -14.86 -7.69 -10.78
N VAL A 155 -15.54 -7.65 -11.92
CA VAL A 155 -15.06 -6.93 -13.08
C VAL A 155 -16.17 -6.00 -13.54
N VAL A 156 -15.92 -5.25 -14.60
CA VAL A 156 -16.97 -4.43 -15.20
C VAL A 156 -16.78 -4.36 -16.72
N TRP A 157 -17.89 -4.44 -17.43
CA TRP A 157 -17.90 -4.57 -18.88
C TRP A 157 -18.24 -3.23 -19.55
N LEU A 158 -17.19 -2.45 -19.78
CA LEU A 158 -17.32 -1.08 -20.22
C LEU A 158 -17.89 -0.97 -21.62
N ILE A 159 -18.87 -0.06 -21.75
CA ILE A 159 -19.54 0.28 -23.01
C ILE A 159 -19.26 1.75 -23.34
N LYS A 160 -19.43 2.13 -24.61
CA LYS A 160 -19.13 3.49 -25.07
C LYS A 160 -20.09 4.54 -24.52
N LYS A 161 -19.64 5.79 -24.57
CA LYS A 161 -20.38 6.93 -24.05
C LYS A 161 -20.82 7.79 -25.22
N ASN A 162 -21.95 8.47 -25.05
CA ASN A 162 -22.62 9.20 -26.13
C ASN A 162 -22.54 8.33 -27.41
N SER A 163 -21.63 8.63 -28.33
CA SER A 163 -21.24 7.64 -29.33
C SER A 163 -19.73 7.67 -29.55
N THR A 164 -18.99 7.47 -28.46
CA THR A 164 -17.53 7.46 -28.49
C THR A 164 -16.97 6.58 -27.37
N TYR A 165 -15.74 6.12 -27.56
CA TYR A 165 -15.03 5.26 -26.62
C TYR A 165 -13.57 5.75 -26.60
N PRO A 166 -13.26 6.74 -25.74
CA PRO A 166 -11.93 7.37 -25.69
C PRO A 166 -10.91 6.49 -24.98
N THR A 167 -9.66 6.55 -25.44
CA THR A 167 -8.67 5.56 -25.05
C THR A 167 -8.42 5.53 -23.54
N ILE A 168 -8.61 4.36 -22.95
CA ILE A 168 -8.43 4.14 -21.52
C ILE A 168 -6.95 4.05 -21.19
N LYS A 169 -6.56 4.65 -20.07
CA LYS A 169 -5.17 4.87 -19.74
C LYS A 169 -5.06 4.95 -18.22
N ARG A 170 -5.35 3.85 -17.54
CA ARG A 170 -5.35 3.85 -16.07
C ARG A 170 -4.49 2.77 -15.45
N SER A 171 -4.03 3.04 -14.24
CA SER A 171 -2.92 2.33 -13.61
C SER A 171 -3.24 2.04 -12.12
N TYR A 172 -2.41 1.24 -11.44
CA TYR A 172 -2.57 0.97 -10.00
C TYR A 172 -1.31 0.39 -9.36
N ASN A 173 -0.83 1.06 -8.31
CA ASN A 173 0.39 0.65 -7.61
C ASN A 173 0.09 -0.19 -6.36
N ASN A 174 0.67 -1.37 -6.28
CA ASN A 174 0.44 -2.26 -5.14
C ASN A 174 1.26 -1.85 -3.91
N THR A 175 0.87 -0.75 -3.28
CA THR A 175 1.54 -0.25 -2.08
C THR A 175 1.29 -1.09 -0.82
N ASN A 176 0.41 -2.08 -0.93
CA ASN A 176 0.33 -3.14 0.07
C ASN A 176 1.65 -3.90 0.12
N GLN A 177 1.81 -4.71 1.15
CA GLN A 177 3.00 -5.55 1.30
C GLN A 177 2.71 -7.03 0.97
N GLU A 178 1.55 -7.31 0.38
CA GLU A 178 1.21 -8.67 -0.08
C GLU A 178 1.21 -8.77 -1.62
N ASP A 179 1.42 -9.98 -2.11
CA ASP A 179 1.25 -10.26 -3.53
C ASP A 179 -0.25 -10.12 -3.89
N LEU A 180 -0.52 -9.58 -5.06
CA LEU A 180 -1.85 -9.17 -5.44
C LEU A 180 -2.25 -9.94 -6.70
N LEU A 181 -3.32 -10.71 -6.62
CA LEU A 181 -3.81 -11.44 -7.81
C LEU A 181 -4.88 -10.61 -8.47
N VAL A 182 -4.70 -10.25 -9.73
CA VAL A 182 -5.65 -9.32 -10.40
C VAL A 182 -6.10 -9.81 -11.78
N LEU A 183 -7.43 -9.85 -12.01
CA LEU A 183 -7.99 -10.44 -13.25
C LEU A 183 -8.77 -9.42 -14.09
N TRP A 184 -8.54 -9.44 -15.40
CA TRP A 184 -9.27 -8.63 -16.38
C TRP A 184 -9.80 -9.54 -17.50
N GLY A 185 -10.20 -8.96 -18.63
CA GLY A 185 -10.77 -9.75 -19.71
C GLY A 185 -11.08 -8.94 -20.96
N ILE A 186 -11.07 -9.64 -22.09
CA ILE A 186 -11.41 -9.06 -23.37
C ILE A 186 -12.72 -9.70 -23.76
N HIS A 187 -13.50 -8.99 -24.58
CA HIS A 187 -14.71 -9.52 -25.19
C HIS A 187 -14.41 -9.81 -26.65
N HIS A 188 -14.97 -10.89 -27.16
CA HIS A 188 -14.86 -11.22 -28.57
C HIS A 188 -16.25 -11.13 -29.16
N PRO A 189 -16.47 -10.19 -30.09
CA PRO A 189 -17.82 -10.04 -30.67
C PRO A 189 -18.19 -11.04 -31.77
N ASN A 190 -19.48 -11.04 -32.08
CA ASN A 190 -20.08 -11.94 -33.04
C ASN A 190 -20.11 -11.33 -34.45
N ASP A 191 -19.93 -10.01 -34.55
CA ASP A 191 -19.87 -9.30 -35.85
C ASP A 191 -19.32 -7.87 -35.78
N ALA A 192 -19.13 -7.26 -36.94
CA ALA A 192 -18.74 -5.87 -37.03
C ALA A 192 -19.90 -4.96 -36.63
N ALA A 193 -21.13 -5.47 -36.76
CA ALA A 193 -22.33 -4.74 -36.37
C ALA A 193 -22.32 -4.43 -34.88
N GLU A 194 -22.19 -5.48 -34.06
CA GLU A 194 -22.07 -5.35 -32.60
C GLU A 194 -20.80 -4.59 -32.16
N GLN A 195 -19.77 -4.59 -33.00
CA GLN A 195 -18.51 -3.89 -32.70
C GLN A 195 -18.75 -2.41 -32.52
N THR A 196 -19.37 -1.79 -33.52
CA THR A 196 -19.74 -0.39 -33.45
C THR A 196 -20.85 -0.18 -32.42
N LYS A 197 -21.84 -1.08 -32.44
CA LYS A 197 -23.01 -1.00 -31.56
C LYS A 197 -22.64 -0.87 -30.07
N LEU A 198 -21.58 -1.56 -29.66
CA LEU A 198 -21.11 -1.58 -28.27
C LEU A 198 -19.90 -0.65 -28.03
N TYR A 199 -18.79 -0.92 -28.72
CA TYR A 199 -17.51 -0.30 -28.41
C TYR A 199 -17.08 0.87 -29.30
N GLN A 200 -17.64 0.94 -30.52
CA GLN A 200 -17.54 2.12 -31.38
C GLN A 200 -16.60 1.98 -32.57
N ASN A 201 -15.42 1.40 -32.35
CA ASN A 201 -14.29 1.52 -33.28
C ASN A 201 -14.03 0.28 -34.14
N PRO A 202 -13.42 0.46 -35.32
CA PRO A 202 -13.16 -0.68 -36.17
C PRO A 202 -12.15 -1.63 -35.53
N THR A 203 -11.00 -1.09 -35.14
CA THR A 203 -9.88 -1.88 -34.61
C THR A 203 -9.62 -1.51 -33.15
N THR A 204 -9.42 -2.52 -32.30
CA THR A 204 -9.17 -2.30 -30.87
C THR A 204 -8.12 -3.25 -30.29
N TYR A 205 -7.53 -2.84 -29.16
CA TYR A 205 -6.47 -3.59 -28.48
C TYR A 205 -6.53 -3.37 -26.96
N ILE A 206 -6.03 -4.33 -26.17
CA ILE A 206 -5.79 -4.13 -24.73
C ILE A 206 -4.31 -4.16 -24.44
N SER A 207 -3.85 -3.33 -23.51
CA SER A 207 -2.44 -3.27 -23.14
C SER A 207 -2.24 -3.05 -21.65
N VAL A 208 -2.17 -4.18 -20.95
CA VAL A 208 -1.75 -4.24 -19.56
C VAL A 208 -0.22 -4.43 -19.51
N GLY A 209 0.43 -3.87 -18.49
CA GLY A 209 1.88 -4.01 -18.36
C GLY A 209 2.38 -3.74 -16.96
N THR A 210 2.79 -4.83 -16.29
CA THR A 210 3.47 -4.74 -14.98
C THR A 210 4.95 -4.53 -15.25
N SER A 211 5.79 -4.72 -14.24
CA SER A 211 7.24 -4.66 -14.45
C SER A 211 7.74 -5.87 -15.26
N THR A 212 6.95 -6.94 -15.29
CA THR A 212 7.23 -8.09 -16.11
C THR A 212 5.94 -8.59 -16.76
N LEU A 213 5.30 -7.72 -17.53
CA LEU A 213 4.25 -8.15 -18.46
C LEU A 213 4.17 -7.19 -19.64
N ASN A 214 4.03 -7.77 -20.83
CA ASN A 214 4.05 -7.03 -22.07
C ASN A 214 3.00 -7.64 -22.98
N GLN A 215 1.74 -7.36 -22.63
CA GLN A 215 0.59 -7.94 -23.30
C GLN A 215 -0.05 -6.91 -24.24
N ARG A 216 -0.43 -7.36 -25.43
CA ARG A 216 -1.20 -6.56 -26.38
C ARG A 216 -2.23 -7.49 -27.03
N LEU A 217 -3.50 -7.27 -26.70
CA LEU A 217 -4.55 -8.21 -27.01
C LEU A 217 -5.47 -7.64 -28.08
N VAL A 218 -5.89 -8.50 -29.01
CA VAL A 218 -6.67 -8.09 -30.19
C VAL A 218 -7.89 -8.98 -30.34
N PRO A 219 -9.11 -8.43 -30.12
CA PRO A 219 -10.27 -9.32 -30.21
C PRO A 219 -10.38 -9.98 -31.58
N ARG A 220 -11.02 -11.14 -31.63
CA ARG A 220 -11.15 -11.87 -32.89
C ARG A 220 -12.60 -12.02 -33.24
N ILE A 221 -13.02 -11.41 -34.35
CA ILE A 221 -14.40 -11.59 -34.80
C ILE A 221 -14.44 -12.92 -35.56
N ALA A 222 -15.58 -13.60 -35.47
CA ALA A 222 -15.76 -14.92 -36.08
C ALA A 222 -17.16 -15.49 -35.79
N THR A 223 -17.66 -16.29 -36.72
CA THR A 223 -18.89 -17.06 -36.53
C THR A 223 -18.61 -18.27 -35.64
N ARG A 224 -19.57 -18.60 -34.78
CA ARG A 224 -19.44 -19.77 -33.91
C ARG A 224 -20.80 -20.23 -33.35
N SER A 225 -20.85 -21.47 -32.90
CA SER A 225 -22.09 -22.07 -32.38
C SER A 225 -22.52 -21.38 -31.09
N LYS A 226 -23.83 -21.40 -30.83
CA LYS A 226 -24.48 -20.58 -29.79
C LYS A 226 -24.60 -21.25 -28.42
N VAL A 227 -23.79 -20.79 -27.46
CA VAL A 227 -23.77 -21.34 -26.11
C VAL A 227 -24.50 -20.40 -25.16
N ASN A 228 -25.42 -20.94 -24.37
CA ASN A 228 -26.20 -20.16 -23.38
C ASN A 228 -26.87 -18.91 -23.95
N GLY A 229 -27.36 -19.03 -25.18
CA GLY A 229 -27.97 -17.90 -25.87
C GLY A 229 -26.96 -17.11 -26.68
N GLN A 230 -25.78 -16.86 -26.10
CA GLN A 230 -24.77 -16.04 -26.77
C GLN A 230 -23.80 -16.82 -27.67
N SER A 231 -23.21 -16.08 -28.61
CA SER A 231 -22.19 -16.61 -29.50
C SER A 231 -21.03 -15.63 -29.73
N GLY A 232 -20.98 -14.55 -28.95
CA GLY A 232 -19.72 -13.83 -28.70
C GLY A 232 -19.05 -14.56 -27.54
N ARG A 233 -17.80 -14.21 -27.22
CA ARG A 233 -17.08 -14.82 -26.10
C ARG A 233 -16.23 -13.86 -25.28
N MET A 234 -16.20 -14.08 -23.97
CA MET A 234 -15.27 -13.40 -23.07
C MET A 234 -14.09 -14.32 -22.77
N GLU A 235 -12.88 -13.81 -23.01
CA GLU A 235 -11.62 -14.50 -22.71
C GLU A 235 -10.90 -13.71 -21.61
N PHE A 236 -10.77 -14.33 -20.44
CA PHE A 236 -10.21 -13.66 -19.25
C PHE A 236 -8.74 -13.98 -19.04
N PHE A 237 -8.08 -13.13 -18.27
CA PHE A 237 -6.63 -13.20 -18.04
C PHE A 237 -6.29 -12.88 -16.59
N TRP A 238 -5.06 -13.19 -16.15
CA TRP A 238 -4.64 -12.84 -14.80
C TRP A 238 -3.16 -12.62 -14.63
N THR A 239 -2.81 -11.99 -13.53
CA THR A 239 -1.42 -11.82 -13.11
C THR A 239 -1.29 -11.62 -11.60
N ILE A 240 -0.08 -11.88 -11.11
CA ILE A 240 0.30 -11.54 -9.75
C ILE A 240 1.17 -10.30 -9.75
N LEU A 241 0.82 -9.37 -8.86
CA LEU A 241 1.52 -8.09 -8.73
C LEU A 241 2.34 -8.02 -7.43
N LYS A 242 3.67 -8.03 -7.56
CA LYS A 242 4.55 -7.87 -6.42
C LYS A 242 4.30 -6.54 -5.71
N PRO A 243 4.59 -6.46 -4.41
CA PRO A 243 4.59 -5.18 -3.73
C PRO A 243 5.40 -4.10 -4.44
N ASN A 244 4.90 -2.87 -4.34
CA ASN A 244 5.51 -1.70 -4.94
C ASN A 244 5.63 -1.80 -6.44
N ASP A 245 4.79 -2.63 -7.07
CA ASP A 245 4.74 -2.69 -8.53
C ASP A 245 3.44 -2.06 -9.02
N ALA A 246 3.56 -1.23 -10.06
CA ALA A 246 2.42 -0.66 -10.77
C ALA A 246 2.04 -1.55 -11.95
N ILE A 247 0.78 -1.46 -12.37
CA ILE A 247 0.23 -2.22 -13.51
C ILE A 247 -0.66 -1.30 -14.33
N ASN A 248 -0.26 -1.00 -15.56
CA ASN A 248 -0.89 0.07 -16.36
C ASN A 248 -1.69 -0.48 -17.55
N PHE A 249 -3.01 -0.31 -17.50
CA PHE A 249 -3.89 -0.76 -18.57
C PHE A 249 -4.04 0.35 -19.59
N GLU A 250 -4.39 -0.06 -20.80
CA GLU A 250 -4.73 0.87 -21.86
C GLU A 250 -5.48 0.14 -22.98
N SER A 251 -6.69 0.61 -23.29
CA SER A 251 -7.49 -0.02 -24.34
C SER A 251 -8.57 0.90 -24.89
N ASN A 252 -8.79 0.80 -26.21
CA ASN A 252 -9.81 1.56 -26.94
C ASN A 252 -10.96 0.68 -27.42
N GLY A 253 -11.38 -0.26 -26.57
CA GLY A 253 -12.52 -1.13 -26.87
C GLY A 253 -12.40 -2.55 -26.37
N ASN A 254 -13.54 -3.24 -26.33
CA ASN A 254 -13.62 -4.68 -26.07
C ASN A 254 -12.99 -5.09 -24.73
N PHE A 255 -13.06 -4.18 -23.75
CA PHE A 255 -12.30 -4.29 -22.51
C PHE A 255 -13.22 -4.48 -21.30
N ILE A 256 -13.04 -5.63 -20.62
CA ILE A 256 -13.67 -5.94 -19.35
C ILE A 256 -12.67 -5.70 -18.21
N ALA A 257 -12.85 -4.57 -17.51
CA ALA A 257 -11.90 -4.08 -16.48
C ALA A 257 -12.18 -4.60 -15.07
N PRO A 258 -11.13 -4.66 -14.22
CA PRO A 258 -11.33 -5.06 -12.83
C PRO A 258 -12.00 -3.97 -11.99
N GLU A 259 -12.80 -4.36 -11.02
CA GLU A 259 -13.07 -3.50 -9.88
C GLU A 259 -12.28 -4.03 -8.69
N TYR A 260 -12.36 -5.32 -8.45
CA TYR A 260 -11.75 -5.93 -7.27
C TYR A 260 -10.56 -6.79 -7.64
N ALA A 261 -9.52 -6.75 -6.80
CA ALA A 261 -8.36 -7.62 -6.89
C ALA A 261 -8.35 -8.49 -5.63
N TYR A 262 -7.32 -9.30 -5.48
CA TYR A 262 -7.24 -10.31 -4.42
C TYR A 262 -5.89 -10.31 -3.73
N LYS A 263 -5.90 -9.97 -2.45
CA LYS A 263 -4.70 -10.01 -1.61
C LYS A 263 -4.43 -11.42 -1.12
N ILE A 264 -3.23 -11.93 -1.43
CA ILE A 264 -2.75 -13.16 -0.81
C ILE A 264 -2.32 -12.85 0.63
N VAL A 265 -3.20 -13.17 1.57
CA VAL A 265 -2.88 -13.03 2.99
C VAL A 265 -2.18 -14.30 3.48
N LYS A 266 -2.93 -15.30 3.90
CA LYS A 266 -2.30 -16.51 4.45
C LYS A 266 -1.82 -17.37 3.27
N LYS A 267 -0.52 -17.68 3.24
CA LYS A 267 0.05 -18.62 2.26
C LYS A 267 0.49 -19.91 2.97
N GLY A 268 0.24 -21.05 2.34
CA GLY A 268 0.54 -22.36 2.93
C GLY A 268 0.19 -23.59 2.11
N ASP A 269 -0.57 -24.49 2.71
CA ASP A 269 -0.87 -25.80 2.13
C ASP A 269 -2.36 -25.96 1.99
N SER A 270 -2.77 -26.61 0.91
CA SER A 270 -4.16 -26.92 0.64
C SER A 270 -4.16 -27.66 -0.67
N THR A 271 -5.28 -28.29 -1.01
CA THR A 271 -5.51 -28.59 -2.43
C THR A 271 -6.93 -28.27 -2.83
N ILE A 272 -7.12 -28.09 -4.14
CA ILE A 272 -8.42 -28.03 -4.74
C ILE A 272 -8.92 -29.47 -4.90
N MET A 273 -9.53 -29.98 -3.82
CA MET A 273 -10.11 -31.32 -3.75
C MET A 273 -11.37 -31.48 -4.61
N LYS A 274 -11.51 -32.63 -5.25
CA LYS A 274 -12.51 -32.80 -6.30
C LYS A 274 -13.67 -33.77 -5.96
N SER A 275 -14.21 -33.63 -4.77
CA SER A 275 -15.31 -34.48 -4.32
C SER A 275 -16.68 -33.84 -4.62
N GLU A 276 -17.73 -34.63 -4.44
CA GLU A 276 -19.10 -34.19 -4.65
C GLU A 276 -19.97 -34.26 -3.39
N LEU A 277 -19.37 -34.66 -2.27
CA LEU A 277 -20.04 -34.64 -0.97
C LEU A 277 -20.08 -33.21 -0.48
N GLU A 278 -21.12 -32.86 0.27
CA GLU A 278 -21.18 -31.59 1.02
C GLU A 278 -20.83 -31.83 2.50
N TYR A 279 -20.64 -30.73 3.22
CA TYR A 279 -20.09 -30.75 4.60
C TYR A 279 -20.90 -31.62 5.55
N GLY A 280 -20.22 -32.20 6.54
CA GLY A 280 -20.86 -32.99 7.61
C GLY A 280 -20.44 -32.63 9.03
N ASN A 281 -20.01 -31.37 9.21
CA ASN A 281 -19.77 -30.75 10.54
C ASN A 281 -18.82 -31.47 11.50
N CYS A 282 -18.08 -32.45 10.99
CA CYS A 282 -17.09 -33.19 11.75
C CYS A 282 -15.75 -32.43 11.76
N ASN A 283 -14.77 -33.02 12.45
CA ASN A 283 -13.37 -32.58 12.36
C ASN A 283 -12.45 -33.80 12.25
N THR A 284 -11.46 -33.73 11.37
CA THR A 284 -10.47 -34.82 11.23
C THR A 284 -9.03 -34.33 11.37
N LYS A 285 -8.10 -35.23 11.09
CA LYS A 285 -6.73 -34.88 10.74
C LYS A 285 -6.34 -35.48 9.38
N CYS A 286 -7.25 -36.26 8.81
CA CYS A 286 -7.04 -36.87 7.51
C CYS A 286 -8.28 -36.75 6.67
N GLN A 287 -8.14 -36.24 5.45
CA GLN A 287 -9.28 -36.12 4.57
C GLN A 287 -8.99 -36.68 3.21
N THR A 288 -10.00 -37.34 2.64
CA THR A 288 -9.93 -37.91 1.30
C THR A 288 -11.26 -37.63 0.65
N PRO A 289 -11.28 -37.50 -0.67
CA PRO A 289 -12.55 -37.19 -1.36
C PRO A 289 -13.75 -38.14 -1.13
N MET A 290 -13.53 -39.30 -0.53
CA MET A 290 -14.67 -40.18 -0.19
C MET A 290 -15.01 -40.18 1.31
N GLY A 291 -14.15 -39.56 2.13
CA GLY A 291 -14.41 -39.34 3.56
C GLY A 291 -13.18 -39.01 4.41
N ALA A 292 -13.40 -38.62 5.66
CA ALA A 292 -12.32 -38.40 6.60
C ALA A 292 -11.88 -39.77 7.10
N ILE A 293 -10.57 -39.99 7.19
CA ILE A 293 -10.04 -41.27 7.67
C ILE A 293 -9.51 -41.07 9.07
N ASN A 294 -9.58 -42.14 9.83
CA ASN A 294 -9.67 -42.10 11.28
C ASN A 294 -8.39 -42.47 12.01
N SER A 295 -7.42 -43.02 11.30
CA SER A 295 -6.67 -44.13 11.88
C SER A 295 -5.22 -43.95 12.34
N SER A 296 -4.80 -44.99 13.06
CA SER A 296 -3.44 -45.18 13.56
C SER A 296 -2.66 -46.11 12.64
N MET A 297 -3.38 -46.91 11.87
CA MET A 297 -2.76 -47.91 10.99
C MET A 297 -1.75 -47.23 10.07
N PRO A 298 -0.65 -47.90 9.78
CA PRO A 298 0.32 -47.33 8.85
C PRO A 298 -0.24 -47.05 7.46
N PHE A 299 -1.16 -47.89 7.01
CA PHE A 299 -1.65 -47.84 5.64
C PHE A 299 -3.15 -47.67 5.58
N HIS A 300 -3.62 -47.19 4.43
CA HIS A 300 -5.04 -47.23 4.11
C HIS A 300 -5.22 -47.55 2.63
N ASN A 301 -6.45 -47.77 2.22
CA ASN A 301 -6.71 -48.04 0.81
C ASN A 301 -7.96 -47.36 0.28
N ILE A 302 -8.30 -46.23 0.88
CA ILE A 302 -9.51 -45.52 0.53
C ILE A 302 -9.37 -44.78 -0.79
N HIS A 303 -8.36 -43.95 -0.92
CA HIS A 303 -8.26 -43.12 -2.10
C HIS A 303 -6.90 -42.51 -2.14
N PRO A 304 -6.30 -42.41 -3.33
CA PRO A 304 -4.87 -41.97 -3.33
C PRO A 304 -4.61 -40.51 -2.90
N LEU A 305 -5.40 -39.57 -3.40
CA LEU A 305 -5.22 -38.13 -3.10
C LEU A 305 -5.78 -37.67 -1.75
N THR A 306 -4.94 -37.75 -0.72
CA THR A 306 -5.30 -37.42 0.66
C THR A 306 -5.04 -35.92 0.89
N ILE A 307 -5.31 -35.41 2.09
CA ILE A 307 -4.55 -34.26 2.61
C ILE A 307 -4.55 -34.21 4.13
N GLY A 308 -3.41 -33.81 4.66
CA GLY A 308 -3.16 -33.82 6.09
C GLY A 308 -2.17 -34.90 6.47
N GLU A 309 -2.12 -35.17 7.78
CA GLU A 309 -1.23 -36.16 8.36
C GLU A 309 -1.97 -37.48 8.34
N CYS A 310 -1.75 -38.25 7.28
CA CYS A 310 -2.51 -39.47 7.07
C CYS A 310 -1.68 -40.75 7.02
N PRO A 311 -2.35 -41.89 7.21
CA PRO A 311 -1.87 -43.21 6.80
C PRO A 311 -1.52 -43.20 5.34
N LYS A 312 -0.83 -44.23 4.88
CA LYS A 312 -0.23 -44.18 3.57
C LYS A 312 -0.89 -45.11 2.56
N TYR A 313 -1.37 -44.54 1.45
CA TYR A 313 -2.14 -45.29 0.47
C TYR A 313 -1.36 -46.44 -0.09
N VAL A 314 -2.01 -47.60 -0.10
CA VAL A 314 -1.55 -48.78 -0.82
C VAL A 314 -2.75 -49.34 -1.58
N LYS A 315 -2.52 -50.19 -2.57
CA LYS A 315 -3.62 -50.63 -3.40
C LYS A 315 -4.12 -52.02 -3.02
N SER A 316 -3.93 -52.42 -1.77
CA SER A 316 -4.29 -53.78 -1.37
C SER A 316 -5.63 -53.85 -0.67
N ASN A 317 -6.18 -55.06 -0.60
CA ASN A 317 -7.49 -55.34 -0.01
C ASN A 317 -7.43 -55.91 1.42
N ARG A 318 -6.20 -56.22 1.84
CA ARG A 318 -5.99 -57.05 3.01
C ARG A 318 -4.48 -57.08 3.22
N LEU A 319 -4.07 -56.95 4.48
CA LEU A 319 -2.67 -56.71 4.82
C LEU A 319 -2.48 -56.96 6.31
N VAL A 320 -2.24 -58.22 6.66
CA VAL A 320 -2.16 -58.62 8.07
C VAL A 320 -0.79 -59.18 8.42
N LEU A 321 -0.17 -58.62 9.45
CA LEU A 321 1.03 -59.18 10.04
C LEU A 321 0.67 -60.33 10.97
N ALA A 322 1.52 -61.35 10.98
CA ALA A 322 1.47 -62.38 12.01
C ALA A 322 2.30 -61.92 13.23
N THR A 323 1.86 -62.29 14.44
CA THR A 323 2.58 -61.99 15.68
C THR A 323 2.75 -63.24 16.57
N GLY A 324 1.84 -64.20 16.39
CA GLY A 324 1.76 -65.39 17.25
C GLY A 324 2.36 -66.62 16.62
N LEU A 325 2.15 -67.75 17.28
CA LEU A 325 2.69 -69.01 16.81
C LEU A 325 1.75 -69.65 15.76
N ARG A 326 2.30 -70.59 14.99
CA ARG A 326 1.47 -71.47 14.17
C ARG A 326 0.42 -72.09 15.06
N ASN A 327 -0.85 -72.05 14.66
CA ASN A 327 -1.92 -72.51 15.53
C ASN A 327 -2.45 -73.88 15.17
N SER A 328 -1.54 -74.79 14.88
CA SER A 328 -1.90 -76.16 14.57
C SER A 328 -1.92 -76.91 15.93
N PRO A 329 -3.13 -77.08 16.52
CA PRO A 329 -3.22 -77.53 17.92
C PRO A 329 -2.98 -79.03 18.19
N GLN A 330 -3.28 -79.46 19.42
CA GLN A 330 -3.15 -80.86 19.87
C GLN A 330 -1.71 -81.38 19.80
N GLY B 1 8.69 -75.94 11.86
CA GLY B 1 9.15 -75.02 10.78
C GLY B 1 10.63 -75.20 10.49
N LEU B 2 11.36 -74.08 10.40
CA LEU B 2 12.82 -74.12 10.21
C LEU B 2 13.52 -74.80 11.39
N PHE B 3 13.27 -74.29 12.59
CA PHE B 3 13.91 -74.79 13.82
C PHE B 3 13.33 -76.12 14.36
N GLY B 4 12.19 -76.54 13.82
CA GLY B 4 11.66 -77.89 14.09
C GLY B 4 11.02 -78.17 15.43
N ALA B 5 10.60 -77.11 16.14
CA ALA B 5 9.88 -77.26 17.41
C ALA B 5 8.37 -77.20 17.19
N ILE B 6 7.86 -76.03 16.84
CA ILE B 6 6.43 -75.84 16.63
C ILE B 6 6.03 -76.62 15.38
N ALA B 7 5.02 -77.49 15.50
CA ALA B 7 4.65 -78.44 14.45
C ALA B 7 5.81 -79.39 14.13
N GLY B 8 6.62 -79.72 15.15
CA GLY B 8 7.74 -80.66 15.05
C GLY B 8 7.63 -81.70 16.16
N PHE B 9 8.74 -82.05 16.80
CA PHE B 9 8.72 -83.05 17.88
C PHE B 9 7.66 -82.71 18.93
N ILE B 10 7.53 -81.43 19.26
CA ILE B 10 6.46 -80.96 20.15
C ILE B 10 5.21 -80.86 19.30
N GLU B 11 4.48 -81.97 19.19
CA GLU B 11 3.37 -82.10 18.25
C GLU B 11 2.17 -81.33 18.74
N GLY B 12 1.91 -80.18 18.12
CA GLY B 12 0.76 -79.34 18.47
C GLY B 12 0.93 -78.58 19.76
N GLY B 13 0.13 -77.52 19.92
CA GLY B 13 0.18 -76.66 21.11
C GLY B 13 -0.75 -77.14 22.19
N TRP B 14 -0.53 -76.68 23.43
CA TRP B 14 -1.52 -76.95 24.48
C TRP B 14 -2.47 -75.78 24.62
N GLN B 15 -3.75 -76.12 24.57
CA GLN B 15 -4.83 -75.18 24.74
C GLN B 15 -4.90 -74.81 26.21
N GLY B 16 -4.52 -75.75 27.06
CA GLY B 16 -4.55 -75.53 28.50
C GLY B 16 -3.63 -74.41 28.99
N MET B 17 -2.66 -74.04 28.17
CA MET B 17 -1.79 -72.95 28.51
C MET B 17 -2.33 -71.62 27.97
N VAL B 18 -2.77 -70.75 28.86
CA VAL B 18 -3.41 -69.49 28.47
C VAL B 18 -2.57 -68.26 28.85
N ASP B 19 -1.75 -68.37 29.91
CA ASP B 19 -1.02 -67.23 30.50
C ASP B 19 0.03 -66.66 29.54
N GLY B 20 0.44 -67.41 28.52
CA GLY B 20 1.57 -66.98 27.68
C GLY B 20 1.83 -67.84 26.44
N TRP B 21 2.81 -67.44 25.64
CA TRP B 21 3.05 -68.13 24.38
C TRP B 21 3.87 -69.41 24.51
N TYR B 22 4.73 -69.54 25.53
CA TYR B 22 5.51 -70.77 25.70
C TYR B 22 5.63 -71.21 27.14
N GLY B 23 5.73 -72.50 27.39
CA GLY B 23 5.81 -72.95 28.76
C GLY B 23 6.02 -74.43 28.98
N TYR B 24 5.78 -74.83 30.24
CA TYR B 24 6.06 -76.14 30.75
C TYR B 24 4.78 -76.74 31.31
N HIS B 25 4.57 -78.03 31.11
CA HIS B 25 3.58 -78.76 31.85
C HIS B 25 4.38 -79.68 32.71
N HIS B 26 3.87 -80.08 33.85
CA HIS B 26 4.60 -81.08 34.63
C HIS B 26 3.68 -82.15 35.18
N SER B 27 4.30 -83.13 35.84
CA SER B 27 3.58 -84.11 36.61
C SER B 27 4.51 -84.60 37.69
N ASN B 28 3.99 -84.67 38.92
CA ASN B 28 4.67 -85.30 40.04
C ASN B 28 3.66 -85.73 41.08
N GLU B 29 4.12 -86.32 42.18
CA GLU B 29 3.20 -86.98 43.13
C GLU B 29 2.12 -86.06 43.66
N GLN B 30 2.46 -84.78 43.77
CA GLN B 30 1.52 -83.77 44.24
C GLN B 30 0.87 -83.08 43.08
N GLY B 31 1.69 -82.66 42.14
CA GLY B 31 1.24 -81.76 41.11
C GLY B 31 0.84 -82.44 39.82
N SER B 32 0.47 -81.57 38.91
CA SER B 32 0.30 -81.83 37.50
C SER B 32 -0.32 -80.53 37.04
N GLY B 33 0.24 -79.93 35.99
CA GLY B 33 -0.35 -78.69 35.48
C GLY B 33 0.61 -77.81 34.70
N TYR B 34 0.00 -76.91 33.95
CA TYR B 34 0.71 -75.98 33.06
C TYR B 34 1.26 -74.74 33.80
N ALA B 35 2.15 -74.02 33.13
CA ALA B 35 2.71 -72.80 33.68
C ALA B 35 3.59 -72.12 32.63
N ALA B 36 3.14 -70.96 32.14
CA ALA B 36 3.81 -70.27 31.04
C ALA B 36 5.14 -69.67 31.49
N ASP B 37 6.12 -69.66 30.59
CA ASP B 37 7.45 -69.08 30.83
C ASP B 37 7.42 -67.59 30.54
N LYS B 38 6.70 -66.82 31.35
CA LYS B 38 6.42 -65.41 31.03
C LYS B 38 7.69 -64.67 30.60
N GLU B 39 8.74 -64.72 31.40
CA GLU B 39 9.96 -63.96 31.12
C GLU B 39 10.44 -64.08 29.68
N SER B 40 10.18 -65.20 29.02
CA SER B 40 10.65 -65.36 27.63
C SER B 40 9.53 -65.21 26.61
N THR B 41 8.29 -65.52 27.00
CA THR B 41 7.12 -64.96 26.29
C THR B 41 7.22 -63.46 26.27
N GLN B 42 7.74 -62.88 27.34
CA GLN B 42 7.84 -61.44 27.44
C GLN B 42 8.91 -60.93 26.51
N LYS B 43 10.05 -61.62 26.46
CA LYS B 43 11.12 -61.20 25.59
C LYS B 43 10.64 -61.29 24.15
N ALA B 44 9.87 -62.33 23.83
CA ALA B 44 9.37 -62.53 22.46
C ALA B 44 8.48 -61.37 22.06
N ILE B 45 7.50 -61.04 22.91
CA ILE B 45 6.63 -59.87 22.67
C ILE B 45 7.41 -58.54 22.45
N ASP B 46 8.42 -58.26 23.29
CA ASP B 46 9.27 -57.09 23.08
C ASP B 46 9.78 -57.05 21.63
N GLY B 47 9.98 -58.23 21.04
CA GLY B 47 10.45 -58.32 19.67
C GLY B 47 9.38 -57.97 18.68
N VAL B 48 8.38 -58.84 18.61
CA VAL B 48 7.25 -58.67 17.70
C VAL B 48 6.69 -57.24 17.81
N THR B 49 6.64 -56.67 19.03
CA THR B 49 6.18 -55.29 19.16
C THR B 49 7.14 -54.33 18.45
N ASN B 50 8.44 -54.47 18.69
CA ASN B 50 9.41 -53.60 18.01
C ASN B 50 9.29 -53.71 16.51
N LYS B 51 9.03 -54.92 16.04
CA LYS B 51 8.85 -55.15 14.62
C LYS B 51 7.72 -54.28 14.08
N VAL B 52 6.53 -54.33 14.66
CA VAL B 52 5.45 -53.42 14.20
C VAL B 52 5.86 -51.96 14.25
N ASN B 53 6.41 -51.53 15.36
CA ASN B 53 6.84 -50.16 15.46
C ASN B 53 7.97 -49.78 14.47
N SER B 54 8.75 -50.75 14.00
CA SER B 54 9.79 -50.47 12.99
C SER B 54 9.19 -50.17 11.62
N ILE B 55 8.12 -50.88 11.28
CA ILE B 55 7.49 -50.76 9.98
C ILE B 55 6.70 -49.45 9.93
N ILE B 56 6.00 -49.08 11.00
CA ILE B 56 5.31 -47.79 11.00
C ILE B 56 6.34 -46.70 10.80
N ASP B 57 7.48 -46.82 11.49
CA ASP B 57 8.54 -45.80 11.42
C ASP B 57 9.26 -45.72 10.08
N LYS B 58 9.07 -46.72 9.22
CA LYS B 58 9.63 -46.67 7.89
C LYS B 58 8.64 -46.07 6.96
N MET B 59 7.35 -46.13 7.32
CA MET B 59 6.27 -45.66 6.44
C MET B 59 5.68 -44.29 6.88
N ASN B 60 6.54 -43.30 7.10
CA ASN B 60 6.09 -41.91 7.20
C ASN B 60 6.74 -41.04 6.15
N THR B 61 7.89 -41.52 5.66
CA THR B 61 8.57 -40.96 4.49
C THR B 61 8.40 -41.88 3.24
N GLN B 62 7.16 -42.31 2.97
CA GLN B 62 6.72 -42.83 1.65
C GLN B 62 6.79 -41.68 0.63
N PHE B 63 6.41 -41.95 -0.62
CA PHE B 63 6.20 -40.86 -1.59
C PHE B 63 4.86 -40.17 -1.26
N GLU B 64 4.92 -38.86 -0.96
CA GLU B 64 3.75 -38.03 -0.55
C GLU B 64 2.75 -37.79 -1.71
N ALA B 65 1.62 -37.15 -1.41
CA ALA B 65 0.58 -36.93 -2.44
C ALA B 65 -0.23 -35.62 -2.25
N VAL B 66 -0.14 -34.70 -3.21
CA VAL B 66 -1.07 -33.55 -3.33
C VAL B 66 -1.30 -33.23 -4.81
N GLY B 67 -2.35 -32.45 -5.08
CA GLY B 67 -3.09 -32.55 -6.36
C GLY B 67 -2.83 -31.54 -7.48
N ARG B 68 -3.07 -32.00 -8.72
CA ARG B 68 -2.78 -31.24 -9.94
C ARG B 68 -3.67 -31.55 -11.16
N GLU B 69 -3.78 -30.54 -12.01
CA GLU B 69 -4.92 -30.33 -12.87
C GLU B 69 -4.46 -30.02 -14.29
N PHE B 70 -5.18 -30.47 -15.30
CA PHE B 70 -4.69 -30.40 -16.68
C PHE B 70 -5.71 -30.08 -17.74
N ASN B 71 -5.27 -29.13 -18.56
CA ASN B 71 -5.85 -28.68 -19.82
C ASN B 71 -6.17 -29.86 -20.74
N ASN B 72 -7.14 -29.65 -21.63
CA ASN B 72 -7.55 -30.65 -22.62
C ASN B 72 -6.51 -30.89 -23.72
N LEU B 73 -5.71 -29.88 -24.04
CA LEU B 73 -4.67 -30.02 -25.06
C LEU B 73 -3.28 -30.25 -24.45
N GLU B 74 -3.25 -30.57 -23.15
CA GLU B 74 -2.03 -31.01 -22.47
C GLU B 74 -2.14 -32.49 -22.10
N ARG B 75 -3.03 -33.17 -22.78
CA ARG B 75 -3.46 -34.52 -22.46
C ARG B 75 -2.28 -35.49 -22.20
N ARG B 76 -1.17 -35.30 -22.90
CA ARG B 76 -0.06 -36.27 -22.82
C ARG B 76 0.92 -35.99 -21.68
N ILE B 77 0.88 -34.78 -21.12
CA ILE B 77 1.60 -34.49 -19.89
C ILE B 77 0.70 -34.85 -18.68
N GLU B 78 -0.61 -34.88 -18.90
CA GLU B 78 -1.60 -35.46 -17.96
C GLU B 78 -1.22 -36.91 -17.77
N ASN B 79 -1.07 -37.62 -18.89
CA ASN B 79 -0.67 -39.04 -18.90
C ASN B 79 0.56 -39.29 -18.07
N LEU B 80 1.60 -38.50 -18.32
CA LEU B 80 2.90 -38.60 -17.67
C LEU B 80 2.79 -38.42 -16.15
N ASN B 81 2.02 -37.41 -15.78
CA ASN B 81 1.56 -37.27 -14.42
C ASN B 81 0.92 -38.57 -13.91
N LYS B 82 0.00 -39.17 -14.66
CA LYS B 82 -0.65 -40.42 -14.21
C LYS B 82 0.28 -41.60 -14.16
N LYS B 83 1.02 -41.87 -15.23
CA LYS B 83 1.99 -42.97 -15.17
C LYS B 83 2.87 -42.82 -13.91
N MET B 84 3.26 -41.60 -13.60
CA MET B 84 4.05 -41.34 -12.41
C MET B 84 3.37 -41.82 -11.13
N GLU B 85 2.28 -41.21 -10.71
CA GLU B 85 1.66 -41.65 -9.45
C GLU B 85 1.41 -43.16 -9.45
N ASP B 86 0.82 -43.65 -10.55
CA ASP B 86 0.57 -45.08 -10.72
C ASP B 86 1.81 -45.94 -10.86
N GLY B 87 2.96 -45.31 -11.07
CA GLY B 87 4.23 -45.97 -10.92
C GLY B 87 4.56 -46.09 -9.45
N PHE B 88 4.38 -45.00 -8.72
CA PHE B 88 4.83 -44.96 -7.33
C PHE B 88 3.93 -45.79 -6.42
N LEU B 89 2.62 -45.79 -6.72
CA LEU B 89 1.69 -46.62 -5.92
C LEU B 89 1.73 -48.10 -6.30
N ASP B 90 2.22 -48.43 -7.50
CA ASP B 90 2.60 -49.81 -7.83
C ASP B 90 3.79 -50.28 -6.97
N VAL B 91 4.68 -49.33 -6.63
CA VAL B 91 5.95 -49.65 -5.98
C VAL B 91 5.83 -49.72 -4.47
N TRP B 92 5.02 -48.86 -3.86
CA TRP B 92 4.84 -48.93 -2.42
C TRP B 92 3.87 -50.01 -2.04
N THR B 93 2.98 -50.38 -2.95
CA THR B 93 2.18 -51.57 -2.70
C THR B 93 3.07 -52.82 -2.66
N TYR B 94 3.93 -53.00 -3.66
CA TYR B 94 4.80 -54.16 -3.66
C TYR B 94 5.62 -54.15 -2.39
N ASN B 95 6.19 -53.02 -2.03
CA ASN B 95 7.05 -52.97 -0.83
C ASN B 95 6.31 -53.32 0.44
N ALA B 96 5.09 -52.80 0.58
CA ALA B 96 4.24 -53.22 1.68
C ALA B 96 3.94 -54.72 1.58
N GLU B 97 3.32 -55.16 0.50
CA GLU B 97 2.93 -56.56 0.36
C GLU B 97 4.08 -57.50 0.67
N LEU B 98 5.26 -57.22 0.12
CA LEU B 98 6.38 -58.13 0.23
C LEU B 98 7.02 -58.03 1.61
N LEU B 99 7.09 -56.84 2.17
CA LEU B 99 7.68 -56.70 3.48
C LEU B 99 6.87 -57.55 4.45
N VAL B 100 5.54 -57.41 4.41
CA VAL B 100 4.68 -58.17 5.33
C VAL B 100 4.86 -59.68 5.15
N LEU B 101 4.78 -60.13 3.90
CA LEU B 101 4.98 -61.55 3.57
C LEU B 101 6.31 -62.13 4.07
N MET B 102 7.37 -61.34 3.99
CA MET B 102 8.69 -61.76 4.45
C MET B 102 8.83 -61.72 5.94
N GLU B 103 8.50 -60.58 6.53
CA GLU B 103 8.54 -60.44 7.97
C GLU B 103 7.54 -61.36 8.68
N ASN B 104 6.48 -61.77 7.97
CA ASN B 104 5.61 -62.85 8.43
C ASN B 104 6.33 -64.19 8.49
N GLU B 105 7.09 -64.54 7.46
CA GLU B 105 7.78 -65.81 7.45
C GLU B 105 8.82 -65.87 8.55
N ARG B 106 9.58 -64.79 8.71
CA ARG B 106 10.57 -64.71 9.79
C ARG B 106 9.93 -64.75 11.20
N THR B 107 8.86 -63.99 11.42
CA THR B 107 8.19 -64.00 12.71
C THR B 107 7.73 -65.40 13.12
N LEU B 108 7.19 -66.17 12.18
CA LEU B 108 6.74 -67.55 12.48
C LEU B 108 7.92 -68.47 12.79
N ASP B 109 9.00 -68.33 12.03
CA ASP B 109 10.19 -69.12 12.30
C ASP B 109 11.04 -68.60 13.47
N PHE B 110 10.60 -67.50 14.08
CA PHE B 110 11.20 -66.94 15.29
C PHE B 110 10.63 -67.66 16.49
N HIS B 111 9.31 -67.76 16.51
CA HIS B 111 8.65 -68.54 17.52
C HIS B 111 9.16 -69.98 17.56
N ASP B 112 9.56 -70.50 16.41
CA ASP B 112 10.02 -71.88 16.34
C ASP B 112 11.37 -72.14 17.00
N SER B 113 12.11 -71.09 17.35
CA SER B 113 13.35 -71.24 18.09
C SER B 113 13.04 -70.94 19.52
N ASN B 114 12.38 -69.81 19.75
CA ASN B 114 11.98 -69.49 21.12
C ASN B 114 11.67 -70.79 21.90
N VAL B 115 10.93 -71.70 21.25
CA VAL B 115 10.51 -72.98 21.81
C VAL B 115 11.58 -74.05 21.81
N LYS B 116 12.40 -74.11 20.76
CA LYS B 116 13.51 -75.08 20.69
C LYS B 116 14.53 -74.77 21.75
N ASN B 117 14.94 -73.52 21.79
CA ASN B 117 15.94 -73.04 22.74
C ASN B 117 15.47 -73.11 24.20
N LEU B 118 14.16 -73.08 24.43
CA LEU B 118 13.66 -73.25 25.78
C LEU B 118 13.86 -74.70 26.18
N TYR B 119 13.46 -75.59 25.28
CA TYR B 119 13.73 -77.02 25.42
C TYR B 119 15.19 -77.36 25.63
N ASP B 120 16.09 -76.62 25.00
CA ASP B 120 17.51 -76.90 25.15
C ASP B 120 18.06 -76.39 26.48
N LYS B 121 17.44 -75.36 27.07
CA LYS B 121 17.91 -74.89 28.37
C LYS B 121 17.59 -75.93 29.45
N VAL B 122 16.32 -76.33 29.52
CA VAL B 122 15.89 -77.41 30.41
C VAL B 122 16.86 -78.57 30.26
N ARG B 123 17.10 -78.98 29.02
CA ARG B 123 18.02 -80.08 28.74
C ARG B 123 19.38 -79.84 29.38
N LEU B 124 20.09 -78.80 28.97
CA LEU B 124 21.46 -78.63 29.44
C LEU B 124 21.57 -78.62 30.96
N GLN B 125 20.55 -78.13 31.67
CA GLN B 125 20.57 -78.14 33.14
C GLN B 125 20.50 -79.56 33.68
N LEU B 126 19.34 -80.18 33.55
CA LEU B 126 19.20 -81.64 33.68
C LEU B 126 20.11 -82.32 32.67
N ARG B 127 21.05 -83.12 33.12
CA ARG B 127 21.77 -83.92 32.16
C ARG B 127 21.26 -85.29 32.42
N ASP B 128 22.15 -86.26 32.52
CA ASP B 128 21.77 -87.59 32.99
C ASP B 128 21.16 -87.67 34.38
N ASN B 129 20.50 -86.62 34.87
CA ASN B 129 19.53 -86.76 36.00
C ASN B 129 18.14 -87.08 35.46
N ALA B 130 17.97 -86.99 34.14
CA ALA B 130 16.66 -87.17 33.49
C ALA B 130 16.77 -87.76 32.09
N LYS B 131 15.70 -88.44 31.69
CA LYS B 131 15.66 -89.22 30.47
C LYS B 131 14.89 -88.40 29.49
N GLU B 132 15.58 -87.99 28.43
CA GLU B 132 14.96 -87.27 27.31
C GLU B 132 14.14 -88.29 26.56
N LEU B 133 12.85 -88.02 26.44
CA LEU B 133 11.85 -89.02 26.07
C LEU B 133 11.52 -88.85 24.60
N GLY B 134 11.72 -87.64 24.09
CA GLY B 134 11.80 -87.40 22.66
C GLY B 134 10.57 -86.78 22.03
N ASN B 135 9.45 -86.72 22.77
CA ASN B 135 8.23 -86.06 22.24
C ASN B 135 8.07 -84.65 22.81
N GLY B 136 9.19 -84.02 23.07
CA GLY B 136 9.24 -82.69 23.65
C GLY B 136 9.51 -82.74 25.13
N CYS B 137 9.81 -83.92 25.65
CA CYS B 137 9.57 -84.14 27.07
C CYS B 137 10.63 -84.96 27.81
N PHE B 138 10.91 -84.56 29.05
CA PHE B 138 11.88 -85.21 29.91
C PHE B 138 11.21 -85.93 31.07
N GLU B 139 11.68 -87.12 31.44
CA GLU B 139 11.27 -87.70 32.73
C GLU B 139 12.47 -88.00 33.62
N PHE B 140 12.28 -87.78 34.90
CA PHE B 140 13.40 -87.71 35.81
C PHE B 140 13.78 -89.06 36.32
N TYR B 141 15.05 -89.22 36.64
CA TYR B 141 15.51 -90.41 37.34
C TYR B 141 15.34 -90.27 38.85
N HIS B 142 15.45 -89.04 39.32
CA HIS B 142 15.20 -88.75 40.70
C HIS B 142 13.81 -88.10 40.80
N LYS B 143 13.02 -88.42 41.83
CA LYS B 143 11.74 -87.70 41.99
C LYS B 143 12.00 -86.25 42.34
N CYS B 144 11.17 -85.37 41.80
CA CYS B 144 11.44 -83.94 41.78
C CYS B 144 10.16 -83.16 41.99
N ASP B 145 9.99 -82.63 43.20
CA ASP B 145 8.73 -82.05 43.63
C ASP B 145 8.49 -80.64 43.07
N ASN B 146 7.34 -80.06 43.40
CA ASN B 146 6.93 -78.76 42.95
C ASN B 146 7.98 -77.69 43.20
N GLU B 147 8.72 -77.81 44.29
CA GLU B 147 9.71 -76.79 44.61
C GLU B 147 10.94 -76.91 43.71
N CYS B 148 11.15 -78.12 43.20
CA CYS B 148 12.26 -78.45 42.29
C CYS B 148 11.89 -78.13 40.83
N MET B 149 10.61 -78.17 40.52
CA MET B 149 10.13 -77.83 39.20
C MET B 149 10.41 -76.35 38.94
N GLU B 150 9.96 -75.48 39.85
CA GLU B 150 10.29 -74.05 39.71
C GLU B 150 11.76 -73.92 39.39
N SER B 151 12.59 -74.61 40.16
CA SER B 151 14.04 -74.51 39.97
C SER B 151 14.45 -74.80 38.55
N VAL B 152 13.80 -75.79 37.93
CA VAL B 152 14.04 -76.10 36.51
C VAL B 152 13.46 -75.01 35.63
N ARG B 153 12.26 -74.60 36.03
CA ARG B 153 11.49 -73.60 35.31
C ARG B 153 12.17 -72.26 35.35
N ASN B 154 12.62 -71.83 36.53
CA ASN B 154 13.35 -70.56 36.64
C ASN B 154 14.86 -70.72 36.40
N GLY B 155 15.26 -71.91 35.94
CA GLY B 155 16.60 -72.14 35.42
C GLY B 155 17.73 -72.14 36.41
N THR B 156 17.50 -72.71 37.58
CA THR B 156 18.55 -72.86 38.59
C THR B 156 18.36 -74.20 39.26
N TYR B 157 18.30 -75.24 38.46
CA TYR B 157 18.29 -76.61 38.95
C TYR B 157 19.70 -76.87 39.50
N ASP B 158 19.89 -77.90 40.29
CA ASP B 158 21.19 -78.15 40.91
C ASP B 158 21.65 -79.60 40.72
N TYR B 159 22.31 -79.87 39.61
CA TYR B 159 22.74 -81.22 39.28
C TYR B 159 23.29 -81.97 40.50
N PRO B 160 24.36 -81.45 41.14
CA PRO B 160 24.99 -82.31 42.17
C PRO B 160 24.07 -82.72 43.32
N GLN B 161 22.98 -81.99 43.49
CA GLN B 161 22.08 -82.20 44.60
C GLN B 161 21.33 -83.52 44.50
N TYR B 162 20.92 -83.89 43.30
CA TYR B 162 20.18 -85.13 43.10
C TYR B 162 20.99 -86.21 42.39
N SER B 163 22.31 -86.00 42.28
CA SER B 163 23.15 -86.87 41.46
C SER B 163 23.05 -88.33 41.90
N GLU B 164 23.42 -88.63 43.16
CA GLU B 164 23.37 -90.03 43.70
C GLU B 164 21.97 -90.61 43.85
N GLU B 165 20.96 -89.79 44.03
CA GLU B 165 19.59 -90.26 43.93
C GLU B 165 19.40 -90.80 42.51
N ALA B 166 19.67 -89.96 41.52
CA ALA B 166 19.47 -90.28 40.10
C ALA B 166 20.29 -91.48 39.68
N ARG B 167 21.59 -91.44 39.97
CA ARG B 167 22.44 -92.51 39.50
C ARG B 167 22.32 -93.78 40.28
N LEU B 168 21.59 -93.79 41.39
CA LEU B 168 21.20 -95.07 41.96
C LEU B 168 20.20 -95.71 41.00
N LYS B 169 19.30 -94.90 40.45
CA LYS B 169 18.28 -95.42 39.57
C LYS B 169 18.89 -95.87 38.24
N ARG B 170 19.58 -94.96 37.54
CA ARG B 170 20.32 -95.33 36.32
C ARG B 170 21.09 -96.62 36.51
N GLU B 171 21.78 -96.72 37.65
CA GLU B 171 22.58 -97.89 37.98
C GLU B 171 21.75 -99.16 38.04
N GLU B 172 20.48 -99.06 38.39
CA GLU B 172 19.67 -100.26 38.55
C GLU B 172 18.76 -100.59 37.35
N ILE B 173 18.31 -99.58 36.61
CA ILE B 173 17.63 -99.86 35.33
C ILE B 173 18.65 -100.19 34.24
N SER B 174 19.91 -100.34 34.63
CA SER B 174 20.94 -100.92 33.78
C SER B 174 21.11 -102.36 34.15
N GLY B 175 20.32 -102.81 35.13
CA GLY B 175 20.34 -104.17 35.61
C GLY B 175 21.73 -104.67 35.95
N VAL B 176 22.65 -103.75 36.29
CA VAL B 176 24.02 -104.15 36.58
C VAL B 176 24.04 -104.81 37.95
N ARG B 177 23.07 -104.45 38.79
CA ARG B 177 22.85 -105.12 40.07
C ARG B 177 22.33 -106.54 39.90
N SER B 178 21.65 -106.82 38.78
CA SER B 178 21.10 -108.16 38.52
C SER B 178 22.13 -109.29 38.47
N LEU B 179 23.35 -109.04 38.95
CA LEU B 179 24.44 -109.98 38.80
C LEU B 179 24.88 -110.50 40.18
N VAL B 180 23.95 -110.66 41.12
CA VAL B 180 24.32 -111.14 42.47
C VAL B 180 23.20 -111.92 43.18
N GLU C 8 38.81 -83.10 35.22
CA GLU C 8 39.80 -82.08 35.59
C GLU C 8 40.37 -81.36 34.36
N ASP C 9 40.79 -82.11 33.34
CA ASP C 9 41.18 -81.50 32.06
C ASP C 9 39.90 -81.08 31.34
N GLN C 10 39.86 -79.90 30.74
CA GLN C 10 38.67 -79.47 29.98
C GLN C 10 38.89 -78.46 28.84
N ILE C 11 37.86 -78.24 28.03
CA ILE C 11 37.92 -77.36 26.85
C ILE C 11 36.59 -76.69 26.61
N CYS C 12 36.59 -75.38 26.31
CA CYS C 12 35.34 -74.72 25.94
C CYS C 12 35.37 -74.10 24.56
N ILE C 13 34.16 -73.78 24.11
CA ILE C 13 33.88 -73.10 22.85
C ILE C 13 33.39 -71.72 23.24
N GLY C 14 33.86 -70.69 22.56
CA GLY C 14 33.58 -69.30 22.97
C GLY C 14 33.56 -68.30 21.83
N TYR C 15 33.21 -67.05 22.16
CA TYR C 15 33.16 -65.97 21.17
C TYR C 15 33.78 -64.70 21.71
N HIS C 16 33.93 -63.73 20.83
CA HIS C 16 34.74 -62.55 21.08
C HIS C 16 34.13 -61.49 21.99
N ALA C 17 34.99 -60.69 22.57
CA ALA C 17 34.58 -59.51 23.27
C ALA C 17 35.68 -58.47 23.10
N ASN C 18 35.27 -57.24 22.85
CA ASN C 18 36.18 -56.14 22.99
C ASN C 18 35.40 -54.97 23.52
N ASN C 19 36.11 -53.95 23.95
CA ASN C 19 35.53 -52.65 24.21
C ASN C 19 35.10 -51.99 22.91
N SER C 20 33.82 -52.10 22.58
CA SER C 20 33.25 -51.33 21.51
C SER C 20 31.99 -50.73 22.03
N THR C 21 31.85 -49.43 21.80
CA THR C 21 30.62 -48.73 22.02
C THR C 21 29.84 -48.66 20.72
N GLU C 22 30.39 -49.23 19.64
CA GLU C 22 29.74 -49.22 18.32
C GLU C 22 28.47 -50.01 18.34
N GLN C 23 27.36 -49.37 17.97
CA GLN C 23 26.07 -50.01 17.98
C GLN C 23 25.36 -49.81 16.65
N VAL C 24 24.51 -50.78 16.35
CA VAL C 24 23.71 -50.84 15.14
C VAL C 24 22.28 -51.12 15.57
N ASP C 25 21.37 -51.26 14.59
CA ASP C 25 19.96 -51.57 14.86
C ASP C 25 19.55 -52.74 13.97
N THR C 26 18.40 -53.33 14.27
CA THR C 26 17.79 -54.36 13.43
C THR C 26 16.27 -54.18 13.47
N ILE C 27 15.52 -54.95 12.68
CA ILE C 27 14.05 -54.85 12.68
C ILE C 27 13.43 -55.00 14.06
N MET C 28 14.05 -55.83 14.89
CA MET C 28 13.48 -56.21 16.17
C MET C 28 14.18 -55.63 17.36
N GLU C 29 15.30 -54.97 17.17
CA GLU C 29 16.11 -54.57 18.32
C GLU C 29 16.85 -53.32 17.94
N LYS C 30 16.73 -52.27 18.76
CA LYS C 30 17.50 -51.06 18.52
C LYS C 30 18.73 -50.98 19.45
N ASN C 31 19.78 -50.33 18.95
CA ASN C 31 21.03 -50.06 19.66
C ASN C 31 21.67 -51.30 20.24
N VAL C 32 21.86 -52.32 19.42
CA VAL C 32 22.60 -53.50 19.84
C VAL C 32 24.10 -53.26 19.68
N THR C 33 24.79 -53.06 20.79
CA THR C 33 26.25 -52.92 20.74
C THR C 33 26.86 -54.14 20.08
N VAL C 34 27.88 -53.88 19.27
CA VAL C 34 28.61 -54.94 18.61
C VAL C 34 30.14 -54.67 18.56
N THR C 35 30.86 -55.78 18.48
CA THR C 35 32.32 -55.78 18.54
C THR C 35 32.96 -55.07 17.36
N HIS C 36 32.25 -55.03 16.23
CA HIS C 36 32.83 -54.48 15.00
C HIS C 36 31.71 -54.04 14.09
N ALA C 37 31.95 -53.00 13.30
CA ALA C 37 30.89 -52.43 12.46
C ALA C 37 31.45 -51.64 11.30
N GLN C 38 30.66 -51.51 10.26
CA GLN C 38 30.99 -50.69 9.12
C GLN C 38 29.98 -49.58 9.04
N ASP C 39 30.46 -48.36 8.86
CA ASP C 39 29.56 -47.27 8.55
C ASP C 39 29.69 -47.18 7.05
N ILE C 40 28.58 -46.94 6.36
CA ILE C 40 28.64 -46.85 4.91
C ILE C 40 28.08 -45.54 4.35
N LEU C 41 27.95 -44.52 5.20
CA LEU C 41 27.38 -43.21 4.81
C LEU C 41 28.43 -42.12 4.80
N GLU C 42 28.73 -41.58 3.61
CA GLU C 42 29.65 -40.44 3.50
C GLU C 42 28.87 -39.22 3.83
N LYS C 43 29.39 -38.35 4.70
CA LYS C 43 28.62 -37.19 5.16
C LYS C 43 29.38 -35.87 5.10
N LYS C 44 30.47 -35.88 4.33
CA LYS C 44 31.53 -34.88 4.41
C LYS C 44 32.00 -34.33 3.03
N HIS C 45 32.10 -33.01 2.95
CA HIS C 45 32.54 -32.32 1.74
C HIS C 45 33.68 -31.34 2.02
N ASN C 46 34.25 -30.75 0.96
CA ASN C 46 35.33 -29.76 1.08
C ASN C 46 34.91 -28.34 0.71
N GLY C 47 33.61 -28.05 0.81
CA GLY C 47 33.09 -26.69 0.63
C GLY C 47 33.60 -25.88 -0.55
N LYS C 48 34.17 -26.55 -1.55
CA LYS C 48 34.86 -25.87 -2.66
C LYS C 48 34.36 -26.35 -4.01
N LEU C 49 34.49 -25.48 -5.00
CA LEU C 49 34.25 -25.82 -6.39
C LEU C 49 35.55 -26.28 -7.02
N CYS C 50 35.57 -27.55 -7.42
CA CYS C 50 36.75 -28.18 -7.93
C CYS C 50 36.61 -28.53 -9.42
N ASP C 51 37.74 -28.84 -10.06
CA ASP C 51 37.74 -29.41 -11.41
C ASP C 51 37.15 -30.80 -11.34
N LEU C 52 36.43 -31.20 -12.37
CA LEU C 52 35.96 -32.58 -12.47
C LEU C 52 36.85 -33.38 -13.44
N ASP C 53 37.82 -34.11 -12.86
CA ASP C 53 38.73 -35.02 -13.60
C ASP C 53 39.77 -34.30 -14.46
N GLY C 54 40.45 -33.33 -13.87
CA GLY C 54 41.48 -32.55 -14.58
C GLY C 54 40.91 -31.56 -15.60
N VAL C 55 39.63 -31.19 -15.40
CA VAL C 55 38.87 -30.34 -16.33
C VAL C 55 38.13 -29.25 -15.55
N LYS C 56 38.49 -27.99 -15.82
CA LYS C 56 37.98 -26.86 -15.06
C LYS C 56 36.51 -26.60 -15.38
N PRO C 57 35.69 -26.30 -14.34
CA PRO C 57 34.30 -25.98 -14.59
C PRO C 57 34.20 -24.58 -15.19
N LEU C 58 32.99 -24.13 -15.48
CA LEU C 58 32.78 -22.78 -15.97
C LEU C 58 32.03 -22.00 -14.92
N ILE C 59 32.78 -21.37 -14.04
CA ILE C 59 32.21 -20.51 -13.02
C ILE C 59 31.93 -19.15 -13.66
N LEU C 60 30.64 -18.89 -13.89
CA LEU C 60 30.16 -17.63 -14.43
C LEU C 60 30.11 -16.48 -13.38
N ARG C 61 30.65 -16.73 -12.20
CA ARG C 61 30.68 -15.73 -11.13
C ARG C 61 29.34 -15.02 -11.09
N ASP C 62 29.30 -13.74 -11.46
CA ASP C 62 28.09 -12.93 -11.24
C ASP C 62 27.23 -12.71 -12.48
N CYS C 63 27.46 -13.53 -13.51
CA CYS C 63 26.64 -13.50 -14.72
C CYS C 63 25.59 -14.59 -14.75
N SER C 64 24.60 -14.40 -15.62
CA SER C 64 23.71 -15.47 -16.02
C SER C 64 24.17 -16.03 -17.38
N VAL C 65 23.64 -17.19 -17.73
CA VAL C 65 23.90 -17.78 -19.05
C VAL C 65 23.46 -16.85 -20.20
N ALA C 66 22.42 -16.03 -19.96
CA ALA C 66 21.97 -15.04 -20.94
C ALA C 66 22.94 -13.88 -20.96
N GLY C 67 23.40 -13.48 -19.78
CA GLY C 67 24.39 -12.41 -19.66
C GLY C 67 25.62 -12.79 -20.44
N TRP C 68 26.10 -14.00 -20.20
CA TRP C 68 27.23 -14.57 -20.92
C TRP C 68 27.07 -14.56 -22.44
N LEU C 69 26.06 -15.26 -22.94
CA LEU C 69 25.93 -15.55 -24.37
C LEU C 69 25.66 -14.33 -25.22
N LEU C 70 24.94 -13.35 -24.67
CA LEU C 70 24.66 -12.10 -25.40
C LEU C 70 25.81 -11.11 -25.33
N GLY C 71 26.81 -11.38 -24.50
CA GLY C 71 27.99 -10.53 -24.37
C GLY C 71 27.69 -9.23 -23.64
N ASN C 72 27.13 -9.36 -22.44
CA ASN C 72 26.95 -8.22 -21.54
C ASN C 72 28.34 -7.65 -21.21
N PRO C 73 28.48 -6.31 -21.25
CA PRO C 73 29.77 -5.66 -21.00
C PRO C 73 30.37 -5.87 -19.62
N MET C 74 29.57 -6.31 -18.66
CA MET C 74 30.10 -6.71 -17.35
C MET C 74 30.65 -8.14 -17.43
N CYS C 75 30.03 -8.97 -18.27
CA CYS C 75 30.42 -10.38 -18.45
C CYS C 75 31.61 -10.56 -19.40
N ASP C 76 32.50 -9.58 -19.41
CA ASP C 76 33.55 -9.50 -20.44
C ASP C 76 34.59 -10.60 -20.36
N GLU C 77 34.96 -11.01 -19.15
CA GLU C 77 36.00 -12.02 -19.01
C GLU C 77 35.58 -13.36 -19.60
N PHE C 78 34.29 -13.55 -19.87
CA PHE C 78 33.82 -14.81 -20.44
C PHE C 78 33.69 -14.84 -21.97
N ILE C 79 33.97 -13.73 -22.66
CA ILE C 79 33.75 -13.67 -24.12
C ILE C 79 34.80 -14.41 -24.98
N ASN C 80 35.53 -15.34 -24.37
CA ASN C 80 36.13 -16.46 -25.10
C ASN C 80 36.68 -17.50 -24.14
N VAL C 81 35.79 -18.40 -23.75
CA VAL C 81 36.04 -19.33 -22.66
C VAL C 81 36.27 -20.73 -23.17
N PRO C 82 37.28 -21.42 -22.60
CA PRO C 82 37.72 -22.71 -23.11
C PRO C 82 36.81 -23.84 -22.68
N GLU C 83 37.12 -25.04 -23.16
CA GLU C 83 36.45 -26.29 -22.75
C GLU C 83 36.08 -26.19 -21.28
N TRP C 84 34.81 -26.46 -20.98
CA TRP C 84 34.37 -26.53 -19.59
C TRP C 84 33.73 -27.86 -19.29
N SER C 85 33.77 -28.21 -18.01
CA SER C 85 33.33 -29.51 -17.53
C SER C 85 31.88 -29.46 -17.08
N TYR C 86 31.54 -28.39 -16.37
CA TYR C 86 30.18 -28.06 -16.00
C TYR C 86 30.15 -26.57 -15.63
N ILE C 87 28.96 -25.97 -15.69
CA ILE C 87 28.77 -24.53 -15.46
C ILE C 87 28.20 -24.24 -14.06
N VAL C 88 28.80 -23.29 -13.35
CA VAL C 88 28.28 -22.85 -12.06
C VAL C 88 27.73 -21.43 -12.17
N GLU C 89 26.41 -21.32 -11.99
CA GLU C 89 25.68 -20.05 -12.00
C GLU C 89 25.13 -19.79 -10.59
N LYS C 90 25.00 -18.53 -10.20
CA LYS C 90 24.51 -18.19 -8.86
C LYS C 90 22.99 -18.14 -8.82
N ALA C 91 22.42 -18.06 -7.61
CA ALA C 91 20.97 -18.07 -7.40
C ALA C 91 20.26 -16.90 -8.06
N ASN C 92 20.88 -15.73 -8.05
CA ASN C 92 20.30 -14.53 -8.64
C ASN C 92 21.37 -13.64 -9.25
N PRO C 93 21.97 -14.08 -10.37
CA PRO C 93 23.12 -13.34 -10.88
C PRO C 93 22.75 -11.88 -11.08
N VAL C 94 23.52 -10.98 -10.47
CA VAL C 94 23.20 -9.55 -10.53
C VAL C 94 23.34 -8.96 -11.95
N ASN C 95 24.16 -9.60 -12.80
CA ASN C 95 24.31 -9.21 -14.22
C ASN C 95 23.66 -10.20 -15.20
N ASP C 96 22.37 -10.04 -15.45
CA ASP C 96 21.63 -10.82 -16.45
C ASP C 96 21.35 -9.85 -17.59
N LEU C 97 20.08 -9.63 -17.94
CA LEU C 97 19.70 -8.57 -18.85
C LEU C 97 19.81 -7.26 -18.10
N CYS C 98 20.75 -6.41 -18.54
CA CYS C 98 20.95 -5.10 -17.92
C CYS C 98 19.91 -4.12 -18.46
N TYR C 99 19.77 -4.08 -19.79
CA TYR C 99 18.64 -3.42 -20.42
C TYR C 99 17.45 -4.32 -20.13
N PRO C 100 16.30 -3.74 -19.81
CA PRO C 100 15.20 -4.62 -19.45
C PRO C 100 14.72 -5.39 -20.65
N GLY C 101 14.25 -6.62 -20.45
CA GLY C 101 13.68 -7.37 -21.54
C GLY C 101 13.14 -8.72 -21.15
N ASP C 102 13.27 -9.68 -22.07
CA ASP C 102 12.96 -11.07 -21.80
C ASP C 102 13.64 -12.00 -22.82
N PHE C 103 14.23 -13.08 -22.32
CA PHE C 103 14.85 -14.11 -23.16
C PHE C 103 13.82 -15.21 -23.45
N ASN C 104 13.36 -15.27 -24.69
CA ASN C 104 12.33 -16.23 -25.07
C ASN C 104 12.85 -17.66 -25.05
N ASP C 105 12.03 -18.57 -24.51
CA ASP C 105 12.41 -20.00 -24.34
C ASP C 105 13.79 -20.16 -23.68
N TYR C 106 14.02 -19.40 -22.62
CA TYR C 106 15.31 -19.38 -21.98
C TYR C 106 15.65 -20.74 -21.40
N GLU C 107 14.71 -21.36 -20.69
CA GLU C 107 15.02 -22.58 -19.92
C GLU C 107 15.33 -23.74 -20.86
N GLU C 108 14.59 -23.82 -21.95
CA GLU C 108 14.84 -24.82 -22.99
C GLU C 108 16.21 -24.65 -23.61
N LEU C 109 16.78 -23.45 -23.49
CA LEU C 109 18.13 -23.17 -24.00
C LEU C 109 19.12 -23.72 -23.01
N LYS C 110 18.96 -23.30 -21.77
CA LYS C 110 19.77 -23.80 -20.70
C LYS C 110 19.78 -25.35 -20.71
N HIS C 111 18.69 -25.98 -21.14
CA HIS C 111 18.68 -27.44 -21.24
C HIS C 111 19.67 -27.94 -22.26
N LEU C 112 19.60 -27.40 -23.47
CA LEU C 112 20.57 -27.72 -24.52
C LEU C 112 21.99 -27.44 -24.04
N LEU C 113 22.14 -26.37 -23.27
CA LEU C 113 23.45 -25.85 -22.82
C LEU C 113 24.14 -26.77 -21.84
N SER C 114 23.32 -27.46 -21.05
CA SER C 114 23.79 -28.54 -20.20
C SER C 114 24.54 -29.61 -20.99
N ARG C 115 24.08 -29.93 -22.20
CA ARG C 115 24.68 -31.01 -23.00
C ARG C 115 25.80 -30.55 -23.94
N ILE C 116 26.38 -29.38 -23.68
CA ILE C 116 27.48 -28.82 -24.46
C ILE C 116 28.70 -28.61 -23.58
N ASN C 117 29.88 -28.87 -24.14
CA ASN C 117 31.14 -28.70 -23.41
C ASN C 117 32.01 -27.56 -23.92
N HIS C 118 31.94 -27.26 -25.22
CA HIS C 118 32.74 -26.19 -25.78
C HIS C 118 32.08 -25.46 -26.94
N PHE C 119 32.16 -24.13 -26.88
CA PHE C 119 31.74 -23.26 -27.96
C PHE C 119 32.94 -22.72 -28.72
N GLU C 120 32.73 -22.41 -29.99
CA GLU C 120 33.67 -21.61 -30.77
C GLU C 120 32.86 -20.48 -31.41
N LYS C 121 32.91 -19.30 -30.77
CA LYS C 121 32.31 -18.07 -31.30
C LYS C 121 32.81 -17.79 -32.72
N ILE C 122 31.91 -17.53 -33.67
CA ILE C 122 32.34 -17.10 -35.02
C ILE C 122 31.52 -15.92 -35.57
N GLN C 123 32.09 -15.20 -36.54
CA GLN C 123 31.41 -14.05 -37.11
C GLN C 123 30.55 -14.42 -38.31
N ILE C 124 29.28 -14.01 -38.27
CA ILE C 124 28.32 -14.32 -39.32
C ILE C 124 27.82 -13.07 -40.05
N ILE C 125 27.62 -11.98 -39.33
CA ILE C 125 27.11 -10.74 -39.93
C ILE C 125 27.98 -9.61 -39.47
N PRO C 126 29.10 -9.39 -40.18
CA PRO C 126 30.03 -8.33 -39.83
C PRO C 126 29.34 -7.00 -39.52
N LYS C 127 29.61 -6.45 -38.33
CA LYS C 127 29.07 -5.14 -37.94
C LYS C 127 29.45 -4.05 -38.95
N SER C 128 30.70 -4.08 -39.38
CA SER C 128 31.19 -3.18 -40.41
C SER C 128 30.22 -3.04 -41.57
N SER C 129 29.67 -4.17 -42.02
CA SER C 129 28.94 -4.23 -43.30
C SER C 129 27.47 -3.77 -43.26
N TRP C 130 27.01 -3.22 -42.13
CA TRP C 130 25.68 -2.59 -42.07
C TRP C 130 25.76 -1.20 -42.69
N SER C 131 25.87 -1.14 -44.02
CA SER C 131 26.19 0.12 -44.71
C SER C 131 25.06 1.17 -44.68
N SER C 132 23.86 0.76 -45.12
CA SER C 132 22.70 1.66 -45.15
C SER C 132 22.37 2.26 -43.79
N HIS C 133 22.38 1.41 -42.78
CA HIS C 133 21.89 1.78 -41.47
C HIS C 133 23.08 2.08 -40.56
N GLU C 134 22.81 2.50 -39.33
CA GLU C 134 23.86 2.79 -38.34
C GLU C 134 23.81 1.85 -37.08
N ALA C 135 24.92 1.16 -36.81
CA ALA C 135 25.03 0.26 -35.66
C ALA C 135 25.73 0.93 -34.47
N SER C 136 26.79 1.70 -34.76
CA SER C 136 27.59 2.38 -33.73
C SER C 136 26.77 3.16 -32.71
N LEU C 137 25.66 3.73 -33.15
CA LEU C 137 24.80 4.54 -32.31
C LEU C 137 23.70 3.65 -31.74
N GLY C 138 24.11 2.67 -30.93
CA GLY C 138 23.19 1.64 -30.45
C GLY C 138 23.46 1.22 -29.01
N VAL C 139 23.45 2.19 -28.11
CA VAL C 139 23.88 1.99 -26.73
C VAL C 139 22.82 2.41 -25.71
N SER C 140 23.12 2.24 -24.42
CA SER C 140 22.20 2.63 -23.35
C SER C 140 22.89 2.77 -21.99
N SER C 141 22.44 3.79 -21.25
CA SER C 141 22.88 4.00 -19.87
C SER C 141 22.60 2.80 -18.96
N ALA C 142 21.57 2.02 -19.30
CA ALA C 142 21.21 0.83 -18.53
C ALA C 142 22.23 -0.29 -18.70
N CYS C 143 22.99 -0.23 -19.78
CA CYS C 143 24.06 -1.19 -20.03
C CYS C 143 25.37 -0.47 -20.27
N PRO C 144 25.97 0.07 -19.18
CA PRO C 144 27.16 0.92 -19.27
C PRO C 144 28.47 0.16 -19.18
N TYR C 145 29.56 0.86 -19.46
CA TYR C 145 30.87 0.25 -19.53
C TYR C 145 31.88 1.35 -19.34
N GLN C 146 32.54 1.33 -18.18
CA GLN C 146 33.41 2.45 -17.77
C GLN C 146 32.69 3.79 -17.98
N GLY C 147 31.47 3.88 -17.44
CA GLY C 147 30.68 5.11 -17.48
C GLY C 147 29.91 5.30 -18.77
N LYS C 148 30.62 5.25 -19.88
CA LYS C 148 30.00 5.52 -21.17
C LYS C 148 28.98 4.43 -21.50
N SER C 149 27.94 4.83 -22.24
CA SER C 149 26.84 3.94 -22.57
C SER C 149 27.30 2.91 -23.58
N SER C 150 27.13 1.65 -23.19
CA SER C 150 27.61 0.52 -23.95
C SER C 150 26.39 -0.27 -24.43
N PHE C 151 26.58 -1.53 -24.76
CA PHE C 151 25.49 -2.43 -25.12
C PHE C 151 26.00 -3.88 -25.11
N PHE C 152 25.09 -4.82 -25.38
CA PHE C 152 25.45 -6.22 -25.59
C PHE C 152 26.46 -6.35 -26.75
N ARG C 153 27.45 -7.22 -26.57
CA ARG C 153 28.63 -7.27 -27.45
C ARG C 153 28.56 -8.24 -28.60
N ASN C 154 27.67 -9.22 -28.51
CA ASN C 154 27.54 -10.22 -29.55
C ASN C 154 26.38 -9.98 -30.50
N VAL C 155 25.53 -8.99 -30.22
CA VAL C 155 24.44 -8.59 -31.13
C VAL C 155 24.39 -7.08 -31.31
N VAL C 156 23.96 -6.63 -32.49
CA VAL C 156 24.02 -5.20 -32.85
C VAL C 156 22.63 -4.55 -32.87
N TRP C 157 22.58 -3.29 -32.42
CA TRP C 157 21.35 -2.50 -32.46
C TRP C 157 21.32 -1.52 -33.67
N LEU C 158 20.48 -1.86 -34.65
CA LEU C 158 20.41 -1.10 -35.91
C LEU C 158 19.48 0.08 -35.80
N ILE C 159 20.00 1.24 -36.17
CA ILE C 159 19.26 2.50 -36.20
C ILE C 159 19.31 3.10 -37.60
N LYS C 160 18.19 3.68 -38.02
CA LYS C 160 18.08 4.36 -39.31
C LYS C 160 19.22 5.35 -39.57
N LYS C 161 19.49 5.62 -40.85
CA LYS C 161 20.40 6.71 -41.24
C LYS C 161 19.67 7.74 -42.09
N ASN C 162 20.13 8.99 -41.99
CA ASN C 162 19.26 10.17 -42.17
C ASN C 162 18.00 9.89 -41.34
N SER C 163 16.80 10.08 -41.88
CA SER C 163 15.59 9.59 -41.20
C SER C 163 14.92 8.55 -42.10
N THR C 164 15.67 7.48 -42.41
CA THR C 164 15.24 6.44 -43.33
C THR C 164 15.80 5.08 -42.90
N TYR C 165 14.93 4.06 -42.86
CA TYR C 165 15.29 2.71 -42.42
C TYR C 165 14.91 1.71 -43.51
N PRO C 166 15.74 1.59 -44.57
CA PRO C 166 15.45 0.70 -45.70
C PRO C 166 15.34 -0.78 -45.32
N THR C 167 14.49 -1.52 -46.02
CA THR C 167 14.15 -2.89 -45.62
C THR C 167 15.37 -3.83 -45.66
N ILE C 168 15.76 -4.28 -44.47
CA ILE C 168 16.88 -5.21 -44.27
C ILE C 168 16.52 -6.60 -44.80
N LYS C 169 17.48 -7.23 -45.49
CA LYS C 169 17.16 -8.40 -46.29
C LYS C 169 18.37 -9.33 -46.42
N ARG C 170 19.08 -9.59 -45.31
CA ARG C 170 20.29 -10.45 -45.35
C ARG C 170 20.16 -11.79 -44.65
N SER C 171 21.20 -12.61 -44.76
CA SER C 171 21.07 -14.04 -44.57
C SER C 171 22.43 -14.73 -44.49
N TYR C 172 22.52 -15.80 -43.72
CA TYR C 172 23.77 -16.54 -43.53
C TYR C 172 23.58 -18.03 -43.74
N ASN C 173 24.43 -18.62 -44.57
CA ASN C 173 24.39 -20.06 -44.80
C ASN C 173 25.37 -20.78 -43.85
N ASN C 174 24.91 -21.81 -43.14
CA ASN C 174 25.76 -22.54 -42.20
C ASN C 174 26.69 -23.52 -42.90
N THR C 175 27.80 -22.99 -43.44
CA THR C 175 28.77 -23.82 -44.18
C THR C 175 29.65 -24.71 -43.28
N ASN C 176 29.59 -24.51 -41.97
CA ASN C 176 30.34 -25.36 -41.03
C ASN C 176 29.70 -26.75 -40.97
N GLN C 177 30.40 -27.70 -40.35
CA GLN C 177 29.84 -29.03 -40.13
C GLN C 177 29.29 -29.16 -38.71
N GLU C 178 28.96 -28.02 -38.10
CA GLU C 178 28.52 -27.94 -36.73
C GLU C 178 27.16 -27.27 -36.62
N ASP C 179 26.44 -27.62 -35.56
CA ASP C 179 25.28 -26.88 -35.16
C ASP C 179 25.71 -25.48 -34.75
N LEU C 180 25.03 -24.48 -35.31
CA LEU C 180 25.28 -23.12 -34.96
C LEU C 180 24.11 -22.68 -34.08
N LEU C 181 24.38 -22.20 -32.87
CA LEU C 181 23.35 -21.50 -32.09
C LEU C 181 23.41 -20.06 -32.50
N VAL C 182 22.29 -19.49 -32.94
CA VAL C 182 22.31 -18.07 -33.36
C VAL C 182 21.16 -17.28 -32.73
N LEU C 183 21.49 -16.01 -32.39
CA LEU C 183 20.67 -15.18 -31.51
C LEU C 183 20.43 -13.81 -32.10
N TRP C 184 19.23 -13.30 -31.89
CA TRP C 184 18.83 -11.96 -32.30
C TRP C 184 17.78 -11.43 -31.34
N GLY C 185 17.21 -10.27 -31.63
CA GLY C 185 16.16 -9.75 -30.78
C GLY C 185 15.36 -8.66 -31.44
N ILE C 186 14.16 -8.45 -30.91
CA ILE C 186 13.33 -7.32 -31.27
C ILE C 186 13.33 -6.37 -30.07
N HIS C 187 13.29 -5.06 -30.35
CA HIS C 187 13.06 -4.05 -29.33
C HIS C 187 11.60 -3.61 -29.31
N HIS C 188 11.06 -3.33 -28.11
CA HIS C 188 9.68 -2.83 -27.92
C HIS C 188 9.72 -1.42 -27.33
N PRO C 189 9.48 -0.40 -28.15
CA PRO C 189 9.44 0.94 -27.58
C PRO C 189 8.14 1.22 -26.82
N ASN C 190 8.17 2.24 -25.97
CA ASN C 190 7.05 2.52 -25.08
C ASN C 190 5.99 3.48 -25.62
N ASP C 191 6.24 4.15 -26.75
CA ASP C 191 5.19 4.95 -27.40
C ASP C 191 5.47 5.30 -28.87
N ALA C 192 4.47 5.92 -29.50
CA ALA C 192 4.58 6.35 -30.89
C ALA C 192 5.70 7.37 -31.10
N ALA C 193 5.88 8.26 -30.11
CA ALA C 193 6.95 9.25 -30.15
C ALA C 193 8.28 8.55 -30.37
N GLU C 194 8.47 7.46 -29.63
CA GLU C 194 9.74 6.73 -29.65
C GLU C 194 10.05 5.97 -30.94
N GLN C 195 9.04 5.54 -31.68
CA GLN C 195 9.33 4.72 -32.86
C GLN C 195 9.79 5.53 -34.07
N THR C 196 9.32 6.75 -34.21
CA THR C 196 9.79 7.61 -35.30
C THR C 196 11.23 7.97 -35.02
N LYS C 197 11.48 8.46 -33.81
CA LYS C 197 12.81 8.80 -33.35
C LYS C 197 13.85 7.84 -33.87
N LEU C 198 13.59 6.55 -33.68
CA LEU C 198 14.61 5.49 -33.77
C LEU C 198 14.62 4.67 -35.07
N TYR C 199 13.46 4.51 -35.71
CA TYR C 199 13.33 3.61 -36.88
C TYR C 199 12.50 4.11 -38.06
N GLN C 200 11.99 5.34 -37.99
CA GLN C 200 11.19 5.93 -39.07
C GLN C 200 9.86 5.22 -39.29
N ASN C 201 9.89 4.02 -39.87
CA ASN C 201 8.66 3.31 -40.27
C ASN C 201 7.65 3.22 -39.13
N PRO C 202 6.37 3.46 -39.42
CA PRO C 202 5.41 3.32 -38.35
C PRO C 202 5.16 1.84 -38.08
N THR C 203 4.63 1.13 -39.08
CA THR C 203 4.38 -0.31 -38.96
C THR C 203 5.67 -1.06 -39.30
N THR C 204 5.97 -2.08 -38.51
CA THR C 204 7.25 -2.77 -38.63
C THR C 204 7.15 -4.25 -38.26
N TYR C 205 8.10 -5.03 -38.78
CA TYR C 205 8.16 -6.46 -38.50
C TYR C 205 9.58 -7.01 -38.56
N ILE C 206 9.71 -8.27 -38.20
CA ILE C 206 10.94 -9.05 -38.36
C ILE C 206 10.52 -10.40 -38.91
N SER C 207 11.25 -10.91 -39.89
CA SER C 207 10.97 -12.24 -40.39
C SER C 207 12.24 -13.08 -40.57
N VAL C 208 12.47 -13.95 -39.58
CA VAL C 208 13.55 -14.93 -39.56
C VAL C 208 13.09 -16.26 -40.18
N GLY C 209 13.86 -16.82 -41.11
CA GLY C 209 13.42 -18.01 -41.86
C GLY C 209 14.50 -19.05 -42.17
N THR C 210 14.17 -20.34 -41.99
CA THR C 210 15.07 -21.46 -42.32
C THR C 210 14.28 -22.66 -42.89
N SER C 211 14.84 -23.87 -42.73
CA SER C 211 14.15 -25.11 -43.07
C SER C 211 12.90 -25.27 -42.22
N THR C 212 13.07 -25.24 -40.91
CA THR C 212 11.98 -25.44 -39.98
C THR C 212 11.34 -24.11 -39.63
N LEU C 213 12.14 -23.15 -39.16
CA LEU C 213 11.59 -21.90 -38.60
C LEU C 213 10.88 -21.00 -39.63
N ASN C 214 9.76 -20.43 -39.19
CA ASN C 214 8.91 -19.58 -40.01
C ASN C 214 8.26 -18.56 -39.08
N GLN C 215 9.05 -17.56 -38.71
CA GLN C 215 8.70 -16.61 -37.67
C GLN C 215 8.53 -15.23 -38.25
N ARG C 216 7.64 -14.43 -37.65
CA ARG C 216 7.45 -13.05 -38.04
C ARG C 216 6.99 -12.21 -36.84
N LEU C 217 7.83 -11.27 -36.39
CA LEU C 217 7.62 -10.58 -35.11
C LEU C 217 7.13 -9.13 -35.28
N VAL C 218 6.34 -8.68 -34.30
CA VAL C 218 5.64 -7.40 -34.33
C VAL C 218 5.82 -6.71 -32.98
N PRO C 219 6.35 -5.49 -32.95
CA PRO C 219 6.67 -4.89 -31.65
C PRO C 219 5.46 -4.29 -30.93
N ARG C 220 5.24 -4.71 -29.68
CA ARG C 220 4.09 -4.26 -28.90
C ARG C 220 4.44 -3.00 -28.11
N ILE C 221 3.78 -1.90 -28.46
CA ILE C 221 3.92 -0.68 -27.67
C ILE C 221 2.92 -0.74 -26.52
N ALA C 222 3.39 -0.42 -25.33
CA ALA C 222 2.61 -0.56 -24.11
C ALA C 222 3.21 0.32 -23.04
N THR C 223 2.35 0.87 -22.19
CA THR C 223 2.80 1.67 -21.06
C THR C 223 3.19 0.71 -19.91
N ARG C 224 4.39 0.88 -19.35
CA ARG C 224 4.95 -0.09 -18.40
C ARG C 224 6.05 0.51 -17.51
N SER C 225 6.18 -0.05 -16.31
CA SER C 225 7.04 0.52 -15.26
C SER C 225 8.54 0.41 -15.55
N LYS C 226 9.29 1.39 -15.03
CA LYS C 226 10.70 1.62 -15.41
C LYS C 226 11.74 0.78 -14.62
N VAL C 227 12.49 -0.05 -15.35
CA VAL C 227 13.61 -0.83 -14.81
C VAL C 227 14.95 -0.32 -15.35
N ASN C 228 15.97 -0.22 -14.50
CA ASN C 228 17.29 0.25 -14.95
C ASN C 228 17.26 1.58 -15.72
N GLY C 229 16.59 2.58 -15.16
CA GLY C 229 16.42 3.88 -15.82
C GLY C 229 15.77 3.78 -17.19
N GLN C 230 15.10 2.66 -17.45
CA GLN C 230 14.67 2.29 -18.80
C GLN C 230 13.22 1.77 -18.81
N SER C 231 12.51 1.98 -19.92
CA SER C 231 11.08 1.63 -20.04
C SER C 231 10.84 0.53 -21.05
N GLY C 232 11.08 0.85 -22.32
CA GLY C 232 10.98 -0.12 -23.40
C GLY C 232 11.73 -1.38 -23.07
N ARG C 233 11.26 -2.50 -23.61
CA ARG C 233 11.86 -3.81 -23.37
C ARG C 233 12.43 -4.36 -24.66
N MET C 234 13.42 -5.23 -24.54
CA MET C 234 13.91 -5.98 -25.68
C MET C 234 13.74 -7.48 -25.42
N GLU C 235 12.95 -8.13 -26.27
CA GLU C 235 12.65 -9.57 -26.17
C GLU C 235 13.49 -10.37 -27.17
N PHE C 236 14.41 -11.21 -26.67
CA PHE C 236 15.31 -11.96 -27.56
C PHE C 236 14.77 -13.32 -27.93
N PHE C 237 15.28 -13.86 -29.04
CA PHE C 237 14.94 -15.20 -29.53
C PHE C 237 16.21 -15.94 -29.94
N TRP C 238 16.08 -17.22 -30.31
CA TRP C 238 17.26 -17.99 -30.68
C TRP C 238 16.92 -19.18 -31.56
N THR C 239 17.95 -19.89 -32.01
CA THR C 239 17.77 -21.08 -32.83
C THR C 239 19.09 -21.77 -33.15
N ILE C 240 19.00 -23.06 -33.46
CA ILE C 240 20.15 -23.84 -33.84
C ILE C 240 20.07 -24.12 -35.32
N LEU C 241 20.95 -23.49 -36.08
CA LEU C 241 20.98 -23.67 -37.52
C LEU C 241 21.77 -24.92 -37.87
N LYS C 242 21.07 -25.90 -38.43
CA LYS C 242 21.67 -27.18 -38.80
C LYS C 242 22.60 -26.95 -40.00
N PRO C 243 23.73 -27.67 -40.05
CA PRO C 243 24.73 -27.47 -41.12
C PRO C 243 24.22 -27.57 -42.56
N ASN C 244 24.43 -26.49 -43.31
CA ASN C 244 24.03 -26.34 -44.70
C ASN C 244 22.73 -25.61 -44.82
N ASP C 245 22.16 -25.19 -43.70
CA ASP C 245 20.90 -24.45 -43.77
C ASP C 245 21.16 -22.94 -43.65
N ALA C 246 20.44 -22.19 -44.47
CA ALA C 246 20.51 -20.74 -44.45
C ALA C 246 19.59 -20.21 -43.36
N ILE C 247 19.73 -18.92 -43.06
CA ILE C 247 18.85 -18.24 -42.12
C ILE C 247 18.66 -16.82 -42.62
N ASN C 248 17.46 -16.50 -43.11
CA ASN C 248 17.22 -15.18 -43.74
C ASN C 248 16.32 -14.28 -42.89
N PHE C 249 16.86 -13.11 -42.53
CA PHE C 249 16.10 -12.10 -41.79
C PHE C 249 15.56 -11.07 -42.76
N GLU C 250 14.43 -10.46 -42.42
CA GLU C 250 13.94 -9.32 -43.17
C GLU C 250 13.14 -8.43 -42.25
N SER C 251 13.45 -7.14 -42.26
CA SER C 251 12.87 -6.22 -41.31
C SER C 251 12.87 -4.78 -41.79
N ASN C 252 11.81 -4.06 -41.46
CA ASN C 252 11.69 -2.63 -41.74
C ASN C 252 11.58 -1.82 -40.45
N GLY C 253 12.04 -2.40 -39.34
CA GLY C 253 12.10 -1.68 -38.06
C GLY C 253 12.44 -2.55 -36.84
N ASN C 254 13.07 -1.94 -35.84
CA ASN C 254 13.24 -2.50 -34.47
C ASN C 254 13.99 -3.84 -34.32
N PHE C 255 15.02 -4.02 -35.14
CA PHE C 255 15.82 -5.22 -35.20
C PHE C 255 16.99 -5.18 -34.19
N ILE C 256 17.44 -6.35 -33.76
CA ILE C 256 18.72 -6.48 -33.05
C ILE C 256 19.46 -7.63 -33.73
N ALA C 257 20.16 -7.30 -34.81
CA ALA C 257 20.78 -8.29 -35.66
C ALA C 257 21.88 -9.07 -34.95
N PRO C 258 22.16 -10.28 -35.42
CA PRO C 258 23.35 -10.97 -34.95
C PRO C 258 24.61 -10.23 -35.36
N GLU C 259 25.68 -10.40 -34.60
CA GLU C 259 27.01 -10.26 -35.16
C GLU C 259 27.68 -11.64 -35.12
N TYR C 260 27.73 -12.22 -33.92
CA TYR C 260 28.34 -13.53 -33.70
C TYR C 260 27.29 -14.62 -33.37
N ALA C 261 27.61 -15.83 -33.81
CA ALA C 261 26.89 -17.05 -33.46
C ALA C 261 27.85 -17.95 -32.67
N TYR C 262 27.35 -19.11 -32.22
CA TYR C 262 28.16 -20.02 -31.42
C TYR C 262 28.17 -21.39 -32.06
N LYS C 263 29.35 -21.99 -32.10
CA LYS C 263 29.59 -23.21 -32.85
C LYS C 263 29.65 -24.29 -31.80
N ILE C 264 28.74 -25.24 -31.87
CA ILE C 264 28.67 -26.33 -30.89
C ILE C 264 29.71 -27.41 -31.20
N VAL C 265 30.93 -27.32 -30.64
CA VAL C 265 31.96 -28.31 -31.00
C VAL C 265 31.96 -29.59 -30.12
N LYS C 266 32.51 -29.56 -28.90
CA LYS C 266 32.39 -30.73 -28.01
C LYS C 266 31.04 -30.76 -27.36
N LYS C 267 30.38 -31.91 -27.41
CA LYS C 267 29.04 -32.10 -26.83
C LYS C 267 29.10 -32.97 -25.57
N GLY C 268 27.94 -33.34 -25.06
CA GLY C 268 27.87 -34.39 -24.08
C GLY C 268 27.40 -33.97 -22.71
N ASP C 269 28.35 -33.80 -21.80
CA ASP C 269 28.08 -33.99 -20.36
C ASP C 269 28.42 -32.81 -19.47
N SER C 270 27.43 -32.36 -18.72
CA SER C 270 27.55 -31.22 -17.84
C SER C 270 26.17 -30.88 -17.29
N THR C 271 26.12 -30.21 -16.15
CA THR C 271 24.91 -29.46 -15.81
C THR C 271 25.29 -28.03 -15.58
N ILE C 272 24.33 -27.14 -15.77
CA ILE C 272 24.40 -25.82 -15.18
C ILE C 272 23.98 -26.06 -13.73
N MET C 273 24.93 -25.89 -12.82
CA MET C 273 24.71 -26.12 -11.40
C MET C 273 24.57 -24.79 -10.66
N LYS C 274 23.68 -24.75 -9.68
CA LYS C 274 23.28 -23.52 -9.03
C LYS C 274 23.90 -23.30 -7.65
N SER C 275 25.24 -23.18 -7.59
CA SER C 275 25.96 -22.95 -6.32
C SER C 275 26.36 -21.49 -6.16
N GLU C 276 26.63 -21.11 -4.92
CA GLU C 276 27.06 -19.76 -4.58
C GLU C 276 28.59 -19.64 -4.40
N LEU C 277 29.28 -20.77 -4.42
CA LEU C 277 30.71 -20.86 -4.05
C LEU C 277 31.64 -20.29 -5.12
N GLU C 278 32.95 -20.36 -4.85
CA GLU C 278 33.99 -19.94 -5.80
C GLU C 278 35.04 -21.04 -5.94
N TYR C 279 35.84 -20.93 -7.01
CA TYR C 279 36.82 -21.95 -7.39
C TYR C 279 37.87 -22.17 -6.30
N GLY C 280 37.95 -23.41 -5.81
CA GLY C 280 38.82 -23.74 -4.69
C GLY C 280 40.11 -24.46 -5.05
N ASN C 281 40.52 -24.35 -6.33
CA ASN C 281 41.82 -24.87 -6.84
C ASN C 281 42.06 -26.37 -6.78
N CYS C 282 41.05 -27.14 -6.38
CA CYS C 282 41.15 -28.59 -6.22
C CYS C 282 40.78 -29.34 -7.51
N ASN C 283 40.91 -30.67 -7.46
CA ASN C 283 40.34 -31.57 -8.47
C ASN C 283 39.40 -32.53 -7.72
N THR C 284 38.56 -33.26 -8.42
CA THR C 284 37.66 -34.23 -7.77
C THR C 284 37.22 -35.33 -8.75
N LYS C 285 36.29 -36.16 -8.30
CA LYS C 285 35.59 -37.13 -9.17
C LYS C 285 34.08 -37.05 -8.99
N CYS C 286 33.65 -36.29 -7.99
CA CYS C 286 32.22 -36.08 -7.77
C CYS C 286 31.99 -34.72 -7.08
N GLN C 287 31.51 -33.75 -7.85
CA GLN C 287 31.15 -32.46 -7.32
C GLN C 287 29.68 -32.43 -6.89
N THR C 288 29.38 -31.60 -5.91
CA THR C 288 28.02 -31.23 -5.56
C THR C 288 28.05 -29.73 -5.39
N PRO C 289 26.88 -29.08 -5.27
CA PRO C 289 26.87 -27.62 -5.11
C PRO C 289 27.52 -27.10 -3.82
N MET C 290 27.36 -27.84 -2.72
CA MET C 290 27.88 -27.44 -1.42
C MET C 290 29.37 -27.82 -1.21
N GLY C 291 29.91 -28.62 -2.12
CA GLY C 291 31.29 -29.06 -2.05
C GLY C 291 31.46 -30.35 -2.83
N ALA C 292 32.68 -30.64 -3.26
CA ALA C 292 32.99 -31.91 -3.91
C ALA C 292 33.06 -32.96 -2.84
N ILE C 293 32.92 -34.22 -3.23
CA ILE C 293 33.08 -35.35 -2.32
C ILE C 293 34.12 -36.33 -2.86
N ASN C 294 34.98 -36.78 -1.96
CA ASN C 294 36.06 -37.72 -2.24
C ASN C 294 35.75 -38.91 -1.38
N SER C 295 35.09 -39.90 -1.97
CA SER C 295 34.59 -41.01 -1.17
C SER C 295 34.35 -42.29 -1.93
N SER C 296 34.39 -43.37 -1.14
CA SER C 296 34.19 -44.72 -1.63
C SER C 296 32.99 -45.39 -0.95
N MET C 297 32.45 -44.73 0.07
CA MET C 297 31.19 -45.15 0.64
C MET C 297 30.16 -45.22 -0.47
N PRO C 298 29.20 -46.14 -0.37
CA PRO C 298 28.15 -46.18 -1.37
C PRO C 298 27.05 -45.12 -1.22
N PHE C 299 27.06 -44.32 -0.17
CA PHE C 299 25.97 -43.38 0.03
C PHE C 299 26.44 -42.08 0.62
N HIS C 300 25.64 -41.04 0.38
CA HIS C 300 25.86 -39.78 1.08
C HIS C 300 24.57 -39.04 1.35
N ASN C 301 24.72 -37.92 2.03
CA ASN C 301 23.57 -37.10 2.43
C ASN C 301 23.88 -35.58 2.38
N ILE C 302 24.72 -35.21 1.42
CA ILE C 302 25.09 -33.82 1.24
C ILE C 302 24.07 -33.17 0.36
N HIS C 303 24.03 -33.57 -0.89
CA HIS C 303 23.16 -32.89 -1.83
C HIS C 303 22.74 -33.80 -3.00
N PRO C 304 21.43 -33.90 -3.23
CA PRO C 304 20.79 -34.70 -4.27
C PRO C 304 21.25 -34.46 -5.70
N LEU C 305 21.53 -33.21 -6.04
CA LEU C 305 21.98 -32.79 -7.40
C LEU C 305 23.50 -32.78 -7.56
N THR C 306 24.13 -33.90 -7.23
CA THR C 306 25.50 -34.23 -7.62
C THR C 306 25.74 -34.19 -9.13
N ILE C 307 27.00 -34.05 -9.52
CA ILE C 307 27.47 -34.50 -10.83
C ILE C 307 28.86 -35.15 -10.67
N GLY C 308 29.14 -36.15 -11.50
CA GLY C 308 30.40 -36.87 -11.44
C GLY C 308 30.15 -38.32 -11.07
N GLU C 309 31.21 -39.04 -10.71
CA GLU C 309 31.12 -40.46 -10.39
C GLU C 309 30.91 -40.64 -8.88
N CYS C 310 29.66 -40.78 -8.47
CA CYS C 310 29.29 -40.58 -7.07
C CYS C 310 28.85 -41.82 -6.31
N PRO C 311 28.77 -41.68 -4.98
CA PRO C 311 27.86 -42.44 -4.12
C PRO C 311 26.47 -42.00 -4.46
N LYS C 312 25.47 -42.62 -3.87
CA LYS C 312 24.12 -42.36 -4.32
C LYS C 312 23.27 -41.75 -3.20
N TYR C 313 22.82 -40.51 -3.39
CA TYR C 313 22.14 -39.74 -2.36
C TYR C 313 21.10 -40.55 -1.61
N VAL C 314 21.05 -40.37 -0.29
CA VAL C 314 19.96 -40.92 0.53
C VAL C 314 19.57 -39.99 1.65
N LYS C 315 18.27 -39.88 1.86
CA LYS C 315 17.74 -38.90 2.77
C LYS C 315 18.04 -39.27 4.24
N SER C 316 19.01 -40.15 4.44
CA SER C 316 19.30 -40.63 5.79
C SER C 316 20.50 -39.89 6.37
N ASN C 317 20.68 -40.05 7.67
CA ASN C 317 21.74 -39.39 8.43
C ASN C 317 22.58 -40.36 9.28
N ARG C 318 22.39 -41.66 9.06
CA ARG C 318 23.11 -42.70 9.77
C ARG C 318 22.80 -44.03 9.09
N LEU C 319 23.86 -44.78 8.81
CA LEU C 319 23.74 -45.96 7.96
C LEU C 319 24.93 -46.84 8.30
N VAL C 320 24.72 -47.77 9.23
CA VAL C 320 25.81 -48.55 9.77
C VAL C 320 25.43 -50.02 9.85
N LEU C 321 26.02 -50.83 8.95
CA LEU C 321 26.02 -52.30 9.00
C LEU C 321 26.72 -52.89 10.24
N ALA C 322 26.32 -54.08 10.66
CA ALA C 322 27.12 -54.84 11.65
C ALA C 322 28.03 -55.76 10.87
N THR C 323 29.27 -55.91 11.30
CA THR C 323 30.14 -56.95 10.77
C THR C 323 30.42 -58.02 11.84
N GLY C 324 30.52 -57.60 13.09
CA GLY C 324 30.86 -58.50 14.19
C GLY C 324 29.72 -59.03 15.02
N LEU C 325 30.05 -59.71 16.11
CA LEU C 325 29.05 -60.34 16.96
C LEU C 325 28.60 -59.33 17.99
N ARG C 326 27.50 -59.68 18.67
CA ARG C 326 26.93 -58.92 19.76
C ARG C 326 27.94 -58.87 20.87
N ASN C 327 28.18 -57.70 21.44
CA ASN C 327 29.27 -57.48 22.38
C ASN C 327 28.76 -57.63 23.82
N SER C 328 29.64 -57.57 24.80
CA SER C 328 29.29 -57.85 26.20
C SER C 328 30.47 -57.64 27.18
N PRO C 329 30.17 -57.44 28.48
CA PRO C 329 31.11 -57.86 29.55
C PRO C 329 30.80 -59.28 30.12
N GLN C 330 31.84 -60.05 30.48
CA GLN C 330 31.68 -61.30 31.25
C GLN C 330 32.36 -61.13 32.61
N GLY D 1 19.56 -64.67 20.46
CA GLY D 1 18.38 -64.66 19.54
C GLY D 1 18.10 -66.03 18.98
N LEU D 2 18.08 -66.15 17.65
CA LEU D 2 17.57 -67.35 16.97
C LEU D 2 18.30 -68.66 17.33
N PHE D 3 19.60 -68.70 17.11
CA PHE D 3 20.32 -69.97 17.12
C PHE D 3 20.72 -70.58 18.47
N GLY D 4 20.67 -69.79 19.54
CA GLY D 4 20.85 -70.31 20.93
C GLY D 4 22.15 -69.99 21.65
N ALA D 5 23.20 -69.61 20.89
CA ALA D 5 24.58 -69.49 21.40
C ALA D 5 24.98 -68.11 21.96
N ILE D 6 25.43 -67.21 21.08
CA ILE D 6 25.84 -65.84 21.47
C ILE D 6 24.74 -65.25 22.37
N ALA D 7 25.11 -64.83 23.58
CA ALA D 7 24.15 -64.29 24.55
C ALA D 7 23.13 -65.37 24.90
N GLY D 8 23.59 -66.62 24.91
CA GLY D 8 22.72 -67.77 25.18
C GLY D 8 23.28 -68.64 26.29
N PHE D 9 23.57 -69.90 25.98
CA PHE D 9 24.14 -70.86 26.95
C PHE D 9 25.61 -70.57 27.20
N ILE D 10 26.30 -70.11 26.17
CA ILE D 10 27.64 -69.57 26.33
C ILE D 10 27.40 -68.15 26.78
N GLU D 11 27.24 -68.00 28.09
CA GLU D 11 27.01 -66.69 28.68
C GLU D 11 28.26 -65.81 28.52
N GLY D 12 28.16 -64.81 27.66
CA GLY D 12 29.20 -63.79 27.51
C GLY D 12 30.37 -64.26 26.69
N GLY D 13 30.97 -63.34 25.95
CA GLY D 13 32.17 -63.64 25.19
C GLY D 13 33.38 -63.36 26.05
N TRP D 14 34.55 -63.70 25.54
CA TRP D 14 35.77 -63.49 26.27
C TRP D 14 36.52 -62.32 25.68
N GLN D 15 37.12 -61.52 26.55
CA GLN D 15 37.97 -60.41 26.14
C GLN D 15 39.37 -60.91 25.83
N GLY D 16 39.73 -62.06 26.40
CA GLY D 16 41.06 -62.66 26.24
C GLY D 16 41.32 -63.26 24.87
N MET D 17 40.26 -63.62 24.16
CA MET D 17 40.39 -64.14 22.82
C MET D 17 40.45 -62.93 21.88
N VAL D 18 41.66 -62.46 21.63
CA VAL D 18 41.87 -61.23 20.89
C VAL D 18 42.05 -61.45 19.40
N ASP D 19 42.59 -62.60 19.01
CA ASP D 19 43.02 -62.83 17.62
C ASP D 19 41.90 -63.15 16.62
N GLY D 20 40.66 -63.37 17.07
CA GLY D 20 39.62 -63.82 16.14
C GLY D 20 38.23 -63.89 16.74
N TRP D 21 37.26 -64.27 15.93
CA TRP D 21 35.87 -64.05 16.30
C TRP D 21 35.32 -65.14 17.17
N TYR D 22 35.52 -66.39 16.78
CA TYR D 22 35.15 -67.54 17.62
C TYR D 22 36.41 -68.30 17.97
N GLY D 23 36.37 -69.15 18.98
CA GLY D 23 37.53 -69.98 19.32
C GLY D 23 37.42 -70.87 20.54
N TYR D 24 38.57 -71.26 21.07
CA TYR D 24 38.62 -72.27 22.10
C TYR D 24 39.31 -71.75 23.33
N HIS D 25 39.03 -72.38 24.48
CA HIS D 25 39.79 -72.16 25.70
C HIS D 25 39.92 -73.50 26.30
N HIS D 26 41.11 -73.82 26.78
CA HIS D 26 41.33 -75.13 27.34
C HIS D 26 41.91 -75.03 28.71
N SER D 27 42.09 -76.18 29.35
CA SER D 27 42.62 -76.23 30.69
C SER D 27 43.10 -77.63 30.95
N ASN D 28 44.40 -77.79 31.19
CA ASN D 28 44.97 -79.11 31.46
C ASN D 28 46.26 -79.08 32.30
N GLU D 29 46.82 -80.27 32.56
CA GLU D 29 48.04 -80.41 33.36
C GLU D 29 49.16 -79.43 33.01
N GLN D 30 49.26 -79.07 31.73
CA GLN D 30 50.37 -78.26 31.23
C GLN D 30 50.13 -76.78 31.24
N GLY D 31 48.89 -76.37 30.99
CA GLY D 31 48.59 -74.97 30.89
C GLY D 31 47.11 -74.70 30.97
N SER D 32 46.77 -73.42 30.87
CA SER D 32 45.43 -72.98 30.56
C SER D 32 45.65 -72.07 29.35
N GLY D 33 44.61 -71.73 28.61
CA GLY D 33 44.79 -70.80 27.51
C GLY D 33 43.71 -70.70 26.46
N TYR D 34 43.64 -69.53 25.83
CA TYR D 34 42.72 -69.22 24.75
C TYR D 34 43.37 -69.49 23.40
N ALA D 35 42.56 -69.70 22.37
CA ALA D 35 43.08 -69.89 21.00
C ALA D 35 41.97 -69.74 19.96
N ALA D 36 42.00 -68.64 19.19
CA ALA D 36 40.95 -68.35 18.20
C ALA D 36 40.91 -69.42 17.14
N ASP D 37 39.71 -69.76 16.66
CA ASP D 37 39.56 -70.63 15.50
C ASP D 37 39.63 -69.73 14.27
N LYS D 38 40.75 -69.76 13.56
CA LYS D 38 40.92 -68.87 12.39
C LYS D 38 40.10 -69.37 11.19
N GLU D 39 40.33 -70.61 10.79
CA GLU D 39 39.51 -71.30 9.80
C GLU D 39 38.10 -70.75 9.71
N SER D 40 37.35 -70.83 10.81
CA SER D 40 35.94 -70.50 10.75
C SER D 40 35.58 -69.01 10.97
N THR D 41 36.51 -68.24 11.56
CA THR D 41 36.43 -66.76 11.52
C THR D 41 36.67 -66.31 10.10
N GLN D 42 37.73 -66.85 9.49
CA GLN D 42 38.08 -66.47 8.13
C GLN D 42 36.96 -66.79 7.15
N LYS D 43 36.27 -67.92 7.36
CA LYS D 43 35.07 -68.19 6.59
C LYS D 43 33.92 -67.18 6.87
N ALA D 44 33.76 -66.74 8.13
CA ALA D 44 32.71 -65.74 8.47
C ALA D 44 33.03 -64.40 7.86
N ILE D 45 34.30 -64.01 7.89
CA ILE D 45 34.72 -62.75 7.24
C ILE D 45 34.47 -62.78 5.74
N ASP D 46 34.88 -63.86 5.09
CA ASP D 46 34.55 -64.07 3.67
C ASP D 46 33.09 -63.67 3.42
N GLY D 47 32.19 -64.17 4.26
CA GLY D 47 30.75 -63.96 4.07
C GLY D 47 30.23 -62.57 4.38
N VAL D 48 30.83 -61.91 5.35
CA VAL D 48 30.49 -60.52 5.65
C VAL D 48 31.10 -59.60 4.59
N THR D 49 32.33 -59.90 4.17
CA THR D 49 33.04 -59.07 3.20
C THR D 49 32.25 -59.07 1.91
N ASN D 50 31.76 -60.27 1.57
CA ASN D 50 30.91 -60.47 0.40
C ASN D 50 29.57 -59.75 0.51
N LYS D 51 28.96 -59.77 1.69
CA LYS D 51 27.77 -58.99 1.96
C LYS D 51 28.00 -57.50 1.71
N VAL D 52 29.12 -56.98 2.20
CA VAL D 52 29.35 -55.55 2.09
C VAL D 52 29.51 -55.16 0.64
N ASN D 53 30.30 -55.92 -0.10
CA ASN D 53 30.47 -55.63 -1.51
C ASN D 53 29.25 -55.99 -2.35
N SER D 54 28.40 -56.87 -1.82
CA SER D 54 27.09 -57.20 -2.42
C SER D 54 26.20 -55.95 -2.62
N ILE D 55 26.00 -55.20 -1.54
CA ILE D 55 25.28 -53.93 -1.55
C ILE D 55 25.95 -52.95 -2.51
N ILE D 56 27.20 -52.60 -2.24
CA ILE D 56 27.94 -51.67 -3.09
C ILE D 56 27.63 -51.89 -4.56
N ASP D 57 27.71 -53.15 -4.99
CA ASP D 57 27.44 -53.54 -6.39
C ASP D 57 25.99 -53.28 -6.78
N LYS D 58 25.07 -53.55 -5.86
CA LYS D 58 23.64 -53.44 -6.16
C LYS D 58 23.14 -52.02 -6.32
N MET D 59 23.93 -51.02 -5.93
CA MET D 59 23.51 -49.63 -6.05
C MET D 59 24.58 -48.80 -6.78
N ASN D 60 24.80 -49.21 -8.02
CA ASN D 60 25.52 -48.41 -9.05
C ASN D 60 24.60 -47.93 -10.18
N THR D 61 23.43 -48.56 -10.28
CA THR D 61 22.36 -48.15 -11.21
C THR D 61 21.29 -47.27 -10.48
N GLN D 62 21.36 -47.18 -9.14
CA GLN D 62 20.49 -46.30 -8.31
C GLN D 62 20.25 -44.91 -8.90
N PHE D 63 19.03 -44.38 -8.72
CA PHE D 63 18.54 -43.18 -9.46
C PHE D 63 19.32 -41.86 -9.28
N GLU D 64 19.98 -41.42 -10.36
CA GLU D 64 20.77 -40.17 -10.38
C GLU D 64 19.89 -39.05 -10.88
N ALA D 65 19.90 -37.92 -10.18
CA ALA D 65 19.04 -36.78 -10.53
C ALA D 65 19.86 -35.57 -10.98
N VAL D 66 19.93 -35.33 -12.30
CA VAL D 66 20.45 -34.06 -12.82
C VAL D 66 19.26 -33.10 -12.97
N GLY D 67 19.48 -31.84 -12.63
CA GLY D 67 18.41 -30.86 -12.49
C GLY D 67 17.93 -30.20 -13.77
N ARG D 68 16.72 -29.65 -13.68
CA ARG D 68 16.06 -28.92 -14.75
C ARG D 68 15.56 -27.57 -14.26
N GLU D 69 15.61 -26.60 -15.17
CA GLU D 69 15.29 -25.23 -14.83
C GLU D 69 13.86 -25.02 -15.26
N PHE D 70 13.12 -24.20 -14.54
CA PHE D 70 11.72 -24.03 -14.85
C PHE D 70 11.18 -22.63 -14.71
N ASN D 71 10.14 -22.38 -15.49
CA ASN D 71 9.61 -21.07 -15.74
C ASN D 71 8.68 -20.62 -14.62
N ASN D 72 8.17 -19.39 -14.75
CA ASN D 72 7.20 -18.82 -13.82
C ASN D 72 5.77 -19.36 -13.96
N LEU D 73 5.35 -19.63 -15.20
CA LEU D 73 4.00 -20.12 -15.53
C LEU D 73 4.06 -21.55 -15.98
N GLU D 74 5.15 -22.22 -15.67
CA GLU D 74 5.23 -23.64 -15.82
C GLU D 74 5.21 -24.26 -14.45
N ARG D 75 4.72 -23.50 -13.50
CA ARG D 75 4.83 -23.83 -12.11
C ARG D 75 4.41 -25.28 -11.81
N ARG D 76 3.36 -25.74 -12.47
CA ARG D 76 2.79 -27.03 -12.09
C ARG D 76 3.42 -28.26 -12.76
N ILE D 77 4.40 -28.09 -13.63
CA ILE D 77 5.27 -29.23 -14.04
C ILE D 77 6.63 -29.13 -13.33
N GLU D 78 7.05 -27.92 -12.99
CA GLU D 78 8.14 -27.70 -12.04
C GLU D 78 7.84 -28.55 -10.83
N ASN D 79 6.59 -28.51 -10.40
CA ASN D 79 6.17 -29.33 -9.29
C ASN D 79 6.24 -30.80 -9.58
N LEU D 80 5.81 -31.18 -10.77
CA LEU D 80 5.78 -32.57 -11.17
C LEU D 80 7.20 -33.10 -11.14
N ASN D 81 8.14 -32.28 -11.57
CA ASN D 81 9.55 -32.61 -11.46
C ASN D 81 10.02 -32.78 -10.02
N LYS D 82 9.55 -31.91 -9.15
CA LYS D 82 9.91 -31.95 -7.76
C LYS D 82 9.26 -33.10 -7.07
N LYS D 83 8.02 -33.41 -7.40
CA LYS D 83 7.35 -34.59 -6.81
C LYS D 83 8.08 -35.88 -7.17
N MET D 84 8.62 -35.92 -8.39
CA MET D 84 9.28 -37.12 -8.86
C MET D 84 10.59 -37.33 -8.16
N GLU D 85 11.46 -36.35 -8.20
CA GLU D 85 12.76 -36.56 -7.60
C GLU D 85 12.65 -36.76 -6.11
N ASP D 86 11.77 -36.01 -5.44
CA ASP D 86 11.53 -36.27 -4.02
C ASP D 86 10.99 -37.66 -3.86
N GLY D 87 10.08 -38.07 -4.74
CA GLY D 87 9.60 -39.45 -4.80
C GLY D 87 10.69 -40.51 -4.82
N PHE D 88 11.58 -40.44 -5.81
CA PHE D 88 12.59 -41.49 -5.96
C PHE D 88 13.54 -41.49 -4.81
N LEU D 89 13.86 -40.28 -4.33
CA LEU D 89 14.83 -40.14 -3.24
C LEU D 89 14.24 -40.66 -1.93
N ASP D 90 12.91 -40.74 -1.86
CA ASP D 90 12.30 -41.40 -0.73
C ASP D 90 12.32 -42.91 -0.90
N VAL D 91 12.08 -43.37 -2.13
CA VAL D 91 12.01 -44.82 -2.39
C VAL D 91 13.36 -45.51 -2.23
N TRP D 92 14.42 -44.84 -2.65
CA TRP D 92 15.74 -45.40 -2.48
C TRP D 92 16.27 -45.21 -1.08
N THR D 93 15.92 -44.12 -0.40
CA THR D 93 16.30 -43.97 1.00
C THR D 93 15.65 -45.06 1.87
N TYR D 94 14.37 -45.34 1.62
CA TYR D 94 13.70 -46.46 2.27
C TYR D 94 14.48 -47.73 2.02
N ASN D 95 14.59 -48.14 0.75
CA ASN D 95 15.37 -49.31 0.36
C ASN D 95 16.71 -49.45 1.11
N ALA D 96 17.56 -48.43 1.02
CA ALA D 96 18.86 -48.47 1.66
C ALA D 96 18.76 -48.65 3.17
N GLU D 97 17.73 -48.09 3.80
CA GLU D 97 17.56 -48.32 5.24
C GLU D 97 17.10 -49.75 5.49
N LEU D 98 16.00 -50.12 4.87
CA LEU D 98 15.40 -51.39 5.15
C LEU D 98 16.39 -52.51 4.85
N LEU D 99 17.16 -52.40 3.78
CA LEU D 99 18.14 -53.45 3.48
C LEU D 99 19.14 -53.59 4.62
N VAL D 100 19.65 -52.47 5.12
CA VAL D 100 20.59 -52.56 6.22
C VAL D 100 19.87 -53.20 7.40
N LEU D 101 18.74 -52.64 7.82
CA LEU D 101 18.05 -53.22 8.98
C LEU D 101 17.88 -54.73 8.82
N MET D 102 17.60 -55.18 7.60
CA MET D 102 17.39 -56.60 7.33
C MET D 102 18.68 -57.39 7.32
N GLU D 103 19.72 -56.84 6.71
CA GLU D 103 21.00 -57.53 6.70
C GLU D 103 21.68 -57.57 8.05
N ASN D 104 21.36 -56.62 8.91
CA ASN D 104 21.96 -56.63 10.22
C ASN D 104 21.38 -57.74 11.03
N GLU D 105 20.09 -58.00 10.88
CA GLU D 105 19.49 -59.09 11.63
C GLU D 105 20.09 -60.40 11.17
N ARG D 106 20.13 -60.58 9.86
CA ARG D 106 20.72 -61.77 9.28
C ARG D 106 22.18 -61.98 9.74
N THR D 107 22.99 -60.91 9.75
CA THR D 107 24.41 -60.99 10.12
C THR D 107 24.61 -61.41 11.59
N LEU D 108 23.96 -60.73 12.55
CA LEU D 108 24.06 -61.11 13.98
C LEU D 108 23.63 -62.59 14.23
N ASP D 109 22.62 -63.06 13.49
CA ASP D 109 22.21 -64.48 13.53
C ASP D 109 23.16 -65.45 12.84
N PHE D 110 24.03 -64.89 12.01
CA PHE D 110 24.99 -65.68 11.23
C PHE D 110 26.13 -66.07 12.14
N HIS D 111 26.55 -65.12 12.94
CA HIS D 111 27.47 -65.42 14.03
C HIS D 111 26.87 -66.44 15.00
N ASP D 112 25.60 -66.24 15.35
CA ASP D 112 24.89 -67.07 16.33
C ASP D 112 24.92 -68.56 16.00
N SER D 113 24.87 -68.93 14.74
CA SER D 113 24.97 -70.33 14.35
C SER D 113 26.41 -70.66 14.20
N ASN D 114 27.20 -69.71 13.72
CA ASN D 114 28.62 -69.98 13.56
C ASN D 114 29.16 -70.59 14.84
N VAL D 115 28.91 -69.92 15.97
CA VAL D 115 29.36 -70.39 17.28
C VAL D 115 28.85 -71.77 17.66
N LYS D 116 27.53 -71.91 17.58
CA LYS D 116 26.85 -73.16 17.89
C LYS D 116 27.32 -74.33 17.01
N ASN D 117 27.41 -74.13 15.69
CA ASN D 117 27.92 -75.18 14.79
C ASN D 117 29.36 -75.60 15.11
N LEU D 118 30.11 -74.72 15.76
CA LEU D 118 31.47 -75.01 16.19
C LEU D 118 31.37 -75.97 17.33
N TYR D 119 30.60 -75.55 18.35
CA TYR D 119 30.34 -76.37 19.53
C TYR D 119 29.85 -77.75 19.18
N ASP D 120 28.85 -77.84 18.32
CA ASP D 120 28.30 -79.16 17.96
C ASP D 120 29.34 -79.98 17.20
N LYS D 121 30.24 -79.31 16.50
CA LYS D 121 31.38 -79.98 15.88
C LYS D 121 32.27 -80.64 16.94
N VAL D 122 32.68 -79.88 17.95
CA VAL D 122 33.48 -80.41 19.05
C VAL D 122 32.73 -81.57 19.66
N ARG D 123 31.47 -81.33 19.98
CA ARG D 123 30.60 -82.36 20.56
C ARG D 123 30.53 -83.67 19.77
N LEU D 124 30.32 -83.61 18.45
CA LEU D 124 30.21 -84.86 17.68
C LEU D 124 31.52 -85.71 17.65
N GLN D 125 32.68 -85.07 17.80
CA GLN D 125 33.94 -85.80 17.89
C GLN D 125 34.09 -86.50 19.25
N LEU D 126 34.38 -85.71 20.28
CA LEU D 126 34.37 -86.16 21.65
C LEU D 126 32.99 -86.69 21.97
N ARG D 127 32.77 -87.99 22.07
CA ARG D 127 31.43 -88.40 22.46
C ARG D 127 31.47 -88.83 23.90
N ASP D 128 31.00 -90.05 24.20
CA ASP D 128 31.23 -90.70 25.51
C ASP D 128 32.53 -90.32 26.20
N ASN D 129 33.59 -90.04 25.46
CA ASN D 129 34.87 -89.59 26.05
C ASN D 129 34.85 -88.30 26.87
N ALA D 130 33.78 -87.50 26.80
CA ALA D 130 33.75 -86.23 27.55
C ALA D 130 32.35 -85.93 28.11
N LYS D 131 32.28 -85.06 29.12
CA LYS D 131 31.01 -84.65 29.73
C LYS D 131 30.59 -83.38 29.09
N GLU D 132 29.32 -83.28 28.71
CA GLU D 132 28.77 -81.99 28.26
C GLU D 132 28.39 -81.25 29.53
N LEU D 133 29.17 -80.25 29.87
CA LEU D 133 29.08 -79.57 31.15
C LEU D 133 27.94 -78.54 31.15
N GLY D 134 27.48 -78.16 29.96
CA GLY D 134 26.22 -77.43 29.80
C GLY D 134 26.30 -75.91 29.83
N ASN D 135 27.51 -75.38 29.70
CA ASN D 135 27.72 -73.94 29.68
C ASN D 135 28.73 -73.54 28.62
N GLY D 136 28.83 -74.37 27.58
CA GLY D 136 29.77 -74.14 26.50
C GLY D 136 31.03 -74.96 26.64
N CYS D 137 31.12 -75.80 27.65
CA CYS D 137 32.40 -76.34 27.94
C CYS D 137 32.36 -77.84 28.20
N PHE D 138 33.40 -78.57 27.81
CA PHE D 138 33.50 -80.04 28.06
C PHE D 138 34.65 -80.41 28.97
N GLU D 139 34.40 -81.28 29.96
CA GLU D 139 35.53 -81.96 30.62
C GLU D 139 35.68 -83.41 30.14
N PHE D 140 36.91 -83.81 29.91
CA PHE D 140 37.18 -85.10 29.30
C PHE D 140 37.16 -86.10 30.43
N TYR D 141 36.94 -87.35 30.09
CA TYR D 141 37.25 -88.40 31.00
C TYR D 141 38.75 -88.55 30.90
N HIS D 142 39.25 -89.37 29.97
CA HIS D 142 40.69 -89.43 29.75
C HIS D 142 41.38 -88.06 29.85
N LYS D 143 42.55 -88.01 30.48
CA LYS D 143 43.22 -86.72 30.64
C LYS D 143 43.96 -86.36 29.35
N CYS D 144 43.61 -85.20 28.78
CA CYS D 144 44.04 -84.83 27.41
C CYS D 144 44.95 -83.59 27.33
N ASP D 145 46.19 -83.85 26.92
CA ASP D 145 47.27 -82.88 26.91
C ASP D 145 47.19 -81.95 25.71
N ASN D 146 48.17 -81.08 25.54
CA ASN D 146 48.17 -80.04 24.51
C ASN D 146 48.07 -80.58 23.07
N GLU D 147 48.85 -81.60 22.73
CA GLU D 147 48.87 -82.15 21.37
C GLU D 147 47.51 -82.73 20.96
N CYS D 148 46.82 -83.24 21.97
CA CYS D 148 45.51 -83.86 21.84
C CYS D 148 44.41 -82.81 21.81
N MET D 149 44.63 -81.67 22.45
CA MET D 149 43.69 -80.55 22.35
C MET D 149 43.60 -80.10 20.90
N GLU D 150 44.77 -79.84 20.31
CA GLU D 150 44.91 -79.47 18.91
C GLU D 150 43.98 -80.30 18.06
N SER D 151 44.01 -81.61 18.26
CA SER D 151 43.22 -82.46 17.39
C SER D 151 41.76 -82.05 17.47
N VAL D 152 41.29 -81.70 18.66
CA VAL D 152 39.88 -81.29 18.81
C VAL D 152 39.67 -79.93 18.16
N ARG D 153 40.65 -79.08 18.41
CA ARG D 153 40.73 -77.74 17.85
C ARG D 153 40.67 -77.77 16.32
N ASN D 154 41.48 -78.64 15.71
CA ASN D 154 41.55 -78.81 14.26
C ASN D 154 40.75 -80.04 13.78
N GLY D 155 39.76 -80.43 14.59
CA GLY D 155 38.77 -81.44 14.20
C GLY D 155 39.27 -82.78 13.68
N THR D 156 40.27 -83.36 14.33
CA THR D 156 40.77 -84.70 14.01
C THR D 156 41.11 -85.51 15.26
N TYR D 157 40.41 -85.22 16.36
CA TYR D 157 40.43 -86.04 17.57
C TYR D 157 40.20 -87.49 17.22
N ASP D 158 40.61 -88.39 18.09
CA ASP D 158 40.52 -89.81 17.83
C ASP D 158 39.81 -90.52 18.99
N TYR D 159 38.52 -90.80 18.81
CA TYR D 159 37.76 -91.46 19.87
C TYR D 159 38.44 -92.76 20.27
N PRO D 160 38.68 -93.68 19.32
CA PRO D 160 39.11 -95.03 19.68
C PRO D 160 40.58 -95.14 20.06
N GLN D 161 41.11 -94.12 20.73
CA GLN D 161 42.49 -94.08 21.15
C GLN D 161 42.52 -93.79 22.61
N TYR D 162 41.55 -93.01 23.06
CA TYR D 162 41.35 -92.77 24.47
C TYR D 162 40.11 -93.49 24.97
N SER D 163 39.58 -94.44 24.21
CA SER D 163 38.34 -95.05 24.66
C SER D 163 38.50 -95.67 26.05
N GLU D 164 39.22 -96.80 26.17
CA GLU D 164 39.46 -97.45 27.49
C GLU D 164 39.71 -96.43 28.58
N GLU D 165 40.76 -95.63 28.40
CA GLU D 165 41.12 -94.62 29.39
C GLU D 165 39.87 -93.94 29.92
N ALA D 166 39.07 -93.40 28.99
CA ALA D 166 37.87 -92.64 29.33
C ALA D 166 36.83 -93.53 29.97
N ARG D 167 36.47 -94.62 29.29
CA ARG D 167 35.47 -95.57 29.81
C ARG D 167 35.94 -96.46 30.93
N LEU D 168 37.15 -96.24 31.43
CA LEU D 168 37.53 -96.76 32.74
C LEU D 168 37.02 -95.76 33.79
N LYS D 169 36.98 -94.48 33.40
CA LYS D 169 36.52 -93.41 34.28
C LYS D 169 34.99 -93.38 34.37
N ARG D 170 34.35 -93.67 33.24
CA ARG D 170 32.91 -93.75 33.20
C ARG D 170 32.51 -94.93 34.03
N GLU D 171 33.26 -96.02 33.85
CA GLU D 171 33.01 -97.28 34.56
C GLU D 171 33.04 -97.10 36.08
N GLU D 172 33.79 -96.12 36.56
CA GLU D 172 33.98 -95.99 38.00
C GLU D 172 33.18 -94.85 38.62
N ILE D 173 33.11 -93.69 37.99
CA ILE D 173 32.22 -92.65 38.52
C ILE D 173 30.76 -93.00 38.21
N SER D 174 30.52 -94.27 37.93
CA SER D 174 29.18 -94.82 37.85
C SER D 174 28.94 -95.68 39.06
N GLY D 175 29.90 -95.67 39.99
CA GLY D 175 29.84 -96.44 41.25
C GLY D 175 29.67 -97.94 41.10
N VAL D 176 30.10 -98.47 39.95
CA VAL D 176 29.85 -99.86 39.57
C VAL D 176 30.86 -100.79 40.22
N ARG D 177 32.04 -100.28 40.53
CA ARG D 177 33.04 -101.06 41.24
C ARG D 177 32.58 -101.41 42.65
N SER D 178 31.72 -100.58 43.21
CA SER D 178 31.48 -100.56 44.65
C SER D 178 30.72 -101.77 45.19
N LEU D 179 30.79 -102.90 44.50
CA LEU D 179 30.08 -104.09 44.92
C LEU D 179 31.08 -105.25 45.11
N VAL D 180 32.30 -104.90 45.55
CA VAL D 180 33.38 -105.88 45.78
C VAL D 180 34.64 -105.32 46.50
N GLU E 8 26.72 -103.31 14.51
CA GLU E 8 27.29 -103.43 13.14
C GLU E 8 26.29 -103.11 12.01
N ASP E 9 24.99 -103.12 12.32
CA ASP E 9 23.94 -102.64 11.40
C ASP E 9 23.77 -101.14 11.58
N GLN E 10 23.55 -100.43 10.49
CA GLN E 10 23.46 -98.99 10.61
C GLN E 10 22.67 -98.27 9.53
N ILE E 11 22.37 -97.01 9.82
CA ILE E 11 21.46 -96.17 9.03
C ILE E 11 21.89 -94.72 9.12
N CYS E 12 22.00 -94.03 7.98
CA CYS E 12 22.32 -92.59 8.01
C CYS E 12 21.27 -91.69 7.40
N ILE E 13 21.49 -90.39 7.59
CA ILE E 13 20.78 -89.35 6.89
C ILE E 13 21.74 -88.66 5.91
N GLY E 14 21.21 -88.30 4.76
CA GLY E 14 22.01 -87.59 3.79
C GLY E 14 21.15 -86.75 2.89
N TYR E 15 21.81 -86.09 1.96
CA TYR E 15 21.12 -85.29 0.97
C TYR E 15 21.59 -85.67 -0.41
N HIS E 16 21.00 -85.00 -1.40
CA HIS E 16 21.11 -85.40 -2.79
C HIS E 16 22.20 -84.65 -3.54
N ALA E 17 22.72 -85.28 -4.58
CA ALA E 17 23.72 -84.66 -5.42
C ALA E 17 23.81 -85.34 -6.76
N ASN E 18 24.16 -84.55 -7.77
CA ASN E 18 24.17 -85.03 -9.13
C ASN E 18 25.18 -84.31 -9.99
N ASN E 19 25.25 -84.75 -11.25
CA ASN E 19 25.83 -84.02 -12.38
C ASN E 19 25.64 -82.49 -12.44
N SER E 20 24.53 -81.96 -11.94
CA SER E 20 24.18 -80.54 -12.15
C SER E 20 25.36 -79.59 -12.04
N THR E 21 25.48 -78.78 -13.08
CA THR E 21 26.54 -77.79 -13.15
C THR E 21 26.07 -76.35 -12.85
N GLU E 22 24.76 -76.13 -12.81
CA GLU E 22 24.24 -74.76 -12.85
C GLU E 22 24.31 -74.07 -11.52
N GLN E 23 24.79 -72.82 -11.54
CA GLN E 23 25.08 -72.08 -10.32
C GLN E 23 24.12 -70.92 -10.09
N VAL E 24 24.17 -70.39 -8.87
CA VAL E 24 23.31 -69.33 -8.42
C VAL E 24 24.11 -68.44 -7.48
N ASP E 25 23.53 -67.28 -7.14
CA ASP E 25 24.19 -66.34 -6.25
C ASP E 25 23.36 -66.10 -5.00
N THR E 26 24.05 -65.84 -3.88
CA THR E 26 23.41 -65.44 -2.63
C THR E 26 24.01 -64.08 -2.31
N ILE E 27 23.74 -63.57 -1.11
CA ILE E 27 24.36 -62.30 -0.71
C ILE E 27 25.81 -62.50 -0.25
N MET E 28 26.13 -63.69 0.22
CA MET E 28 27.50 -63.97 0.63
C MET E 28 28.27 -64.78 -0.44
N GLU E 29 27.73 -65.89 -0.90
CA GLU E 29 28.48 -66.67 -1.86
C GLU E 29 28.02 -66.30 -3.23
N LYS E 30 28.95 -66.12 -4.16
CA LYS E 30 28.61 -66.08 -5.57
C LYS E 30 28.97 -67.39 -6.24
N ASN E 31 28.19 -67.76 -7.24
CA ASN E 31 28.44 -68.96 -8.04
C ASN E 31 28.36 -70.24 -7.23
N VAL E 32 27.51 -70.29 -6.21
CA VAL E 32 27.25 -71.56 -5.51
C VAL E 32 26.68 -72.57 -6.47
N THR E 33 27.23 -73.76 -6.57
CA THR E 33 26.63 -74.77 -7.46
C THR E 33 25.47 -75.48 -6.80
N VAL E 34 24.39 -75.68 -7.55
CA VAL E 34 23.16 -76.27 -6.98
C VAL E 34 22.67 -77.41 -7.85
N THR E 35 21.82 -78.26 -7.27
CA THR E 35 21.33 -79.47 -7.97
C THR E 35 20.18 -79.18 -8.94
N HIS E 36 19.56 -78.01 -8.78
CA HIS E 36 18.27 -77.72 -9.37
C HIS E 36 18.00 -76.21 -9.30
N ALA E 37 18.04 -75.51 -10.43
CA ALA E 37 17.72 -74.07 -10.47
C ALA E 37 16.58 -73.77 -11.46
N GLN E 38 16.02 -72.56 -11.41
CA GLN E 38 14.94 -72.12 -12.35
C GLN E 38 15.15 -70.71 -12.89
N ASP E 39 15.48 -70.58 -14.16
CA ASP E 39 15.66 -69.26 -14.77
C ASP E 39 14.29 -68.60 -14.80
N ILE E 40 14.25 -67.29 -14.64
CA ILE E 40 13.00 -66.58 -14.65
C ILE E 40 13.07 -65.34 -15.51
N LEU E 41 13.93 -65.37 -16.53
CA LEU E 41 14.13 -64.22 -17.41
C LEU E 41 14.04 -64.68 -18.85
N GLU E 42 12.90 -64.42 -19.49
CA GLU E 42 12.75 -64.65 -20.93
C GLU E 42 13.67 -63.66 -21.59
N LYS E 43 14.54 -64.13 -22.48
CA LYS E 43 15.52 -63.23 -23.13
C LYS E 43 15.50 -63.24 -24.67
N LYS E 44 14.71 -64.15 -25.24
CA LYS E 44 14.65 -64.33 -26.69
C LYS E 44 13.32 -63.85 -27.23
N HIS E 45 13.35 -63.34 -28.47
CA HIS E 45 12.15 -62.98 -29.21
C HIS E 45 12.11 -63.72 -30.55
N ASN E 46 11.18 -63.34 -31.43
CA ASN E 46 11.13 -63.87 -32.81
C ASN E 46 11.45 -62.86 -33.89
N GLY E 47 11.70 -61.60 -33.50
CA GLY E 47 12.12 -60.55 -34.43
C GLY E 47 11.13 -60.10 -35.49
N LYS E 48 9.84 -60.44 -35.33
CA LYS E 48 8.81 -60.12 -36.32
C LYS E 48 7.71 -59.30 -35.71
N LEU E 49 7.02 -58.54 -36.55
CA LEU E 49 5.86 -57.77 -36.14
C LEU E 49 4.58 -58.59 -36.32
N CYS E 50 3.98 -58.99 -35.21
CA CYS E 50 2.88 -59.97 -35.20
C CYS E 50 1.53 -59.35 -34.91
N ASP E 51 0.47 -60.11 -35.18
CA ASP E 51 -0.88 -59.77 -34.72
C ASP E 51 -0.93 -59.64 -33.20
N LEU E 52 -2.01 -59.06 -32.69
CA LEU E 52 -2.26 -59.07 -31.25
C LEU E 52 -3.63 -59.64 -30.94
N ASP E 53 -3.66 -60.96 -30.69
CA ASP E 53 -4.91 -61.70 -30.47
C ASP E 53 -5.80 -61.63 -31.71
N GLY E 54 -5.26 -62.07 -32.83
CA GLY E 54 -5.98 -62.07 -34.10
C GLY E 54 -6.32 -60.70 -34.68
N VAL E 55 -5.75 -59.62 -34.13
CA VAL E 55 -6.05 -58.27 -34.58
C VAL E 55 -4.83 -57.69 -35.31
N LYS E 56 -4.74 -57.94 -36.62
CA LYS E 56 -3.62 -57.43 -37.42
C LYS E 56 -3.43 -55.96 -37.10
N PRO E 57 -2.17 -55.53 -36.93
CA PRO E 57 -1.89 -54.13 -36.63
C PRO E 57 -1.98 -53.21 -37.83
N LEU E 58 -1.58 -51.96 -37.64
CA LEU E 58 -1.36 -51.05 -38.74
C LEU E 58 0.13 -50.81 -38.89
N ILE E 59 0.69 -51.36 -39.97
CA ILE E 59 2.04 -51.03 -40.43
C ILE E 59 1.95 -49.95 -41.49
N LEU E 60 2.17 -48.70 -41.08
CA LEU E 60 2.22 -47.58 -42.03
C LEU E 60 3.46 -47.63 -42.92
N ARG E 61 4.37 -48.56 -42.64
CA ARG E 61 5.57 -48.74 -43.46
C ARG E 61 6.31 -47.41 -43.58
N ASP E 62 6.35 -46.83 -44.77
CA ASP E 62 7.14 -45.63 -45.01
C ASP E 62 6.32 -44.35 -44.99
N CYS E 63 5.24 -44.34 -44.21
CA CYS E 63 4.42 -43.13 -44.01
C CYS E 63 4.51 -42.56 -42.60
N SER E 64 4.33 -41.25 -42.53
CA SER E 64 4.06 -40.55 -41.29
C SER E 64 2.57 -40.73 -40.98
N VAL E 65 2.18 -40.48 -39.72
CA VAL E 65 0.77 -40.37 -39.37
C VAL E 65 0.15 -39.15 -40.06
N ALA E 66 0.96 -38.11 -40.28
CA ALA E 66 0.47 -36.92 -40.95
C ALA E 66 0.18 -37.21 -42.42
N GLY E 67 1.02 -38.05 -43.04
CA GLY E 67 0.86 -38.35 -44.45
C GLY E 67 -0.24 -39.36 -44.69
N TRP E 68 -0.97 -39.71 -43.65
CA TRP E 68 -2.01 -40.72 -43.74
C TRP E 68 -3.36 -40.10 -43.47
N LEU E 69 -3.44 -39.37 -42.37
CA LEU E 69 -4.63 -38.62 -42.01
C LEU E 69 -4.90 -37.51 -43.03
N LEU E 70 -3.85 -37.00 -43.68
CA LEU E 70 -4.03 -35.95 -44.69
C LEU E 70 -4.28 -36.47 -46.10
N GLY E 71 -3.92 -37.73 -46.36
CA GLY E 71 -4.10 -38.33 -47.69
C GLY E 71 -2.97 -37.99 -48.67
N ASN E 72 -1.74 -38.26 -48.25
CA ASN E 72 -0.58 -38.14 -49.12
C ASN E 72 -0.73 -39.15 -50.23
N PRO E 73 -0.59 -38.71 -51.49
CA PRO E 73 -0.59 -39.59 -52.66
C PRO E 73 0.28 -40.82 -52.49
N MET E 74 1.45 -40.62 -51.88
CA MET E 74 2.43 -41.68 -51.71
C MET E 74 1.87 -42.74 -50.76
N CYS E 75 0.95 -42.34 -49.87
CA CYS E 75 0.35 -43.21 -48.84
C CYS E 75 -1.04 -43.73 -49.21
N ASP E 76 -1.25 -44.03 -50.49
CA ASP E 76 -2.57 -44.44 -50.99
C ASP E 76 -3.10 -45.70 -50.34
N GLU E 77 -2.34 -46.78 -50.46
CA GLU E 77 -2.73 -48.06 -49.91
C GLU E 77 -3.48 -48.03 -48.56
N PHE E 78 -3.41 -46.90 -47.83
CA PHE E 78 -4.13 -46.75 -46.57
C PHE E 78 -5.40 -45.86 -46.62
N ILE E 79 -6.08 -45.78 -47.77
CA ILE E 79 -7.22 -44.85 -47.88
C ILE E 79 -8.32 -45.15 -46.84
N ASN E 80 -8.91 -46.35 -46.88
CA ASN E 80 -9.92 -46.76 -45.89
C ASN E 80 -9.47 -47.99 -45.14
N VAL E 81 -8.86 -47.77 -43.99
CA VAL E 81 -8.19 -48.84 -43.25
C VAL E 81 -9.17 -49.69 -42.48
N PRO E 82 -8.88 -50.99 -42.36
CA PRO E 82 -9.65 -51.84 -41.44
C PRO E 82 -9.24 -51.55 -39.99
N GLU E 83 -9.95 -52.13 -39.01
CA GLU E 83 -9.63 -51.88 -37.60
C GLU E 83 -8.25 -52.36 -37.25
N TRP E 84 -7.56 -51.61 -36.40
CA TRP E 84 -6.25 -52.00 -35.94
C TRP E 84 -6.20 -52.34 -34.46
N SER E 85 -5.06 -52.91 -34.10
CA SER E 85 -4.70 -53.26 -32.75
C SER E 85 -3.68 -52.24 -32.17
N TYR E 86 -2.66 -51.93 -32.95
CA TYR E 86 -1.65 -50.94 -32.58
C TYR E 86 -0.93 -50.54 -33.86
N ILE E 87 -0.35 -49.34 -33.87
CA ILE E 87 0.32 -48.79 -35.05
C ILE E 87 1.84 -49.00 -35.00
N VAL E 88 2.43 -49.14 -36.18
CA VAL E 88 3.88 -49.17 -36.34
C VAL E 88 4.25 -48.01 -37.25
N GLU E 89 5.25 -47.23 -36.85
CA GLU E 89 5.68 -46.07 -37.62
C GLU E 89 7.22 -46.03 -37.63
N LYS E 90 7.80 -45.91 -38.82
CA LYS E 90 9.24 -46.04 -38.97
C LYS E 90 9.96 -44.92 -38.22
N ALA E 91 11.28 -45.06 -38.09
CA ALA E 91 12.12 -44.05 -37.43
C ALA E 91 11.97 -42.69 -38.11
N ASN E 92 12.04 -42.69 -39.44
CA ASN E 92 11.92 -41.46 -40.23
C ASN E 92 11.13 -41.68 -41.53
N PRO E 93 9.80 -41.65 -41.42
CA PRO E 93 9.00 -41.91 -42.60
C PRO E 93 9.43 -41.04 -43.78
N VAL E 94 9.69 -41.66 -44.94
CA VAL E 94 10.08 -40.91 -46.14
C VAL E 94 8.91 -40.06 -46.63
N ASN E 95 7.69 -40.54 -46.41
CA ASN E 95 6.49 -39.84 -46.83
C ASN E 95 5.74 -39.18 -45.67
N ASP E 96 6.26 -38.06 -45.19
CA ASP E 96 5.53 -37.24 -44.22
C ASP E 96 4.74 -36.20 -45.01
N LEU E 97 5.00 -34.91 -44.80
CA LEU E 97 4.41 -33.87 -45.64
C LEU E 97 5.28 -33.78 -46.88
N CYS E 98 4.68 -34.08 -48.02
CA CYS E 98 5.35 -33.98 -49.32
C CYS E 98 5.51 -32.50 -49.72
N TYR E 99 4.44 -31.72 -49.58
CA TYR E 99 4.55 -30.26 -49.62
C TYR E 99 5.10 -29.85 -48.26
N PRO E 100 6.15 -29.03 -48.25
CA PRO E 100 6.75 -28.70 -46.98
C PRO E 100 5.86 -27.84 -46.10
N GLY E 101 5.73 -28.22 -44.85
CA GLY E 101 4.96 -27.44 -43.92
C GLY E 101 5.07 -27.97 -42.51
N ASP E 102 4.05 -27.69 -41.70
CA ASP E 102 4.05 -27.98 -40.26
C ASP E 102 2.65 -28.41 -39.80
N PHE E 103 2.61 -29.42 -38.95
CA PHE E 103 1.36 -29.91 -38.38
C PHE E 103 1.23 -29.44 -36.94
N ASN E 104 0.80 -28.20 -36.77
CA ASN E 104 0.54 -27.63 -35.45
C ASN E 104 -0.05 -28.63 -34.45
N ASP E 105 0.59 -28.75 -33.29
CA ASP E 105 0.13 -29.68 -32.24
C ASP E 105 0.16 -31.15 -32.62
N TYR E 106 1.09 -31.52 -33.50
CA TYR E 106 1.17 -32.88 -34.04
C TYR E 106 1.15 -33.94 -32.94
N GLU E 107 2.05 -33.80 -31.99
CA GLU E 107 2.25 -34.83 -30.99
C GLU E 107 0.96 -35.10 -30.24
N GLU E 108 0.25 -34.04 -29.86
CA GLU E 108 -0.95 -34.18 -29.05
C GLU E 108 -1.99 -35.04 -29.75
N LEU E 109 -2.12 -34.85 -31.06
CA LEU E 109 -3.01 -35.67 -31.91
C LEU E 109 -2.62 -37.13 -31.91
N LYS E 110 -1.32 -37.39 -31.88
CA LYS E 110 -0.82 -38.74 -31.80
C LYS E 110 -1.23 -39.41 -30.49
N HIS E 111 -1.11 -38.70 -29.38
CA HIS E 111 -1.49 -39.26 -28.10
C HIS E 111 -3.01 -39.43 -27.93
N LEU E 112 -3.79 -38.71 -28.73
CA LEU E 112 -5.22 -39.04 -28.89
C LEU E 112 -5.31 -40.28 -29.75
N LEU E 113 -4.48 -40.33 -30.78
CA LEU E 113 -4.51 -41.40 -31.76
C LEU E 113 -4.02 -42.73 -31.21
N SER E 114 -3.25 -42.68 -30.14
CA SER E 114 -2.84 -43.89 -29.43
C SER E 114 -4.04 -44.61 -28.79
N ARG E 115 -5.10 -43.87 -28.45
CA ARG E 115 -6.26 -44.44 -27.78
C ARG E 115 -7.40 -44.88 -28.73
N ILE E 116 -7.19 -44.76 -30.04
CA ILE E 116 -8.23 -45.12 -31.02
C ILE E 116 -7.86 -46.40 -31.74
N ASN E 117 -8.83 -47.27 -31.96
CA ASN E 117 -8.59 -48.56 -32.62
C ASN E 117 -9.05 -48.62 -34.07
N HIS E 118 -10.08 -47.85 -34.41
CA HIS E 118 -10.68 -47.91 -35.75
C HIS E 118 -11.34 -46.58 -36.12
N PHE E 119 -11.16 -46.20 -37.39
CA PHE E 119 -11.81 -45.04 -37.95
C PHE E 119 -12.87 -45.42 -38.97
N GLU E 120 -13.75 -44.46 -39.23
CA GLU E 120 -14.56 -44.45 -40.44
C GLU E 120 -14.43 -43.05 -41.03
N LYS E 121 -13.79 -42.95 -42.19
CA LYS E 121 -13.64 -41.66 -42.86
C LYS E 121 -14.95 -41.31 -43.56
N ILE E 122 -15.35 -40.05 -43.46
CA ILE E 122 -16.62 -39.57 -44.02
C ILE E 122 -16.39 -38.28 -44.79
N GLN E 123 -17.32 -37.93 -45.66
CA GLN E 123 -17.25 -36.64 -46.35
C GLN E 123 -18.12 -35.58 -45.67
N ILE E 124 -17.64 -34.34 -45.67
CA ILE E 124 -18.36 -33.23 -45.08
C ILE E 124 -18.38 -32.00 -45.99
N ILE E 125 -17.35 -31.84 -46.82
CA ILE E 125 -17.37 -30.80 -47.82
C ILE E 125 -16.95 -31.43 -49.13
N PRO E 126 -17.92 -31.75 -50.01
CA PRO E 126 -17.57 -32.29 -51.33
C PRO E 126 -16.74 -31.31 -52.15
N LYS E 127 -15.70 -31.81 -52.81
CA LYS E 127 -14.89 -30.99 -53.68
C LYS E 127 -15.76 -30.38 -54.80
N SER E 128 -16.69 -31.19 -55.33
CA SER E 128 -17.59 -30.76 -56.41
C SER E 128 -18.57 -29.68 -55.95
N SER E 129 -18.69 -29.56 -54.62
CA SER E 129 -19.58 -28.59 -54.01
C SER E 129 -18.99 -27.19 -53.98
N TRP E 130 -17.77 -27.00 -54.52
CA TRP E 130 -17.05 -25.73 -54.36
C TRP E 130 -17.40 -24.60 -55.34
N SER E 131 -18.67 -24.19 -55.27
CA SER E 131 -19.08 -22.79 -55.39
C SER E 131 -18.48 -22.00 -56.55
N SER E 132 -17.85 -20.89 -56.18
CA SER E 132 -17.28 -19.91 -57.06
C SER E 132 -15.79 -19.80 -56.72
N HIS E 133 -15.17 -20.94 -56.45
CA HIS E 133 -13.72 -21.04 -56.41
C HIS E 133 -13.36 -22.31 -57.17
N GLU E 134 -12.18 -22.34 -57.79
CA GLU E 134 -11.75 -23.55 -58.49
C GLU E 134 -11.01 -24.54 -57.57
N ALA E 135 -11.71 -25.61 -57.16
CA ALA E 135 -11.19 -26.58 -56.19
C ALA E 135 -10.14 -27.50 -56.79
N SER E 136 -10.36 -27.90 -58.03
CA SER E 136 -9.49 -28.88 -58.67
C SER E 136 -8.17 -28.29 -59.19
N LEU E 137 -7.95 -26.98 -59.05
CA LEU E 137 -6.68 -26.39 -59.48
C LEU E 137 -5.67 -26.32 -58.33
N GLY E 138 -6.00 -26.94 -57.21
CA GLY E 138 -5.09 -27.01 -56.07
C GLY E 138 -4.11 -28.15 -56.18
N VAL E 139 -2.93 -27.88 -56.75
CA VAL E 139 -1.96 -28.93 -57.04
C VAL E 139 -0.50 -28.47 -57.00
N SER E 140 0.42 -29.44 -56.93
CA SER E 140 1.86 -29.14 -56.85
C SER E 140 2.77 -30.25 -57.39
N SER E 141 3.96 -29.83 -57.81
CA SER E 141 5.03 -30.73 -58.21
C SER E 141 5.64 -31.42 -57.00
N ALA E 142 5.58 -30.76 -55.83
CA ALA E 142 6.14 -31.29 -54.58
C ALA E 142 5.43 -32.56 -54.13
N CYS E 143 4.16 -32.69 -54.52
CA CYS E 143 3.34 -33.82 -54.15
C CYS E 143 2.82 -34.58 -55.36
N PRO E 144 3.71 -35.29 -56.07
CA PRO E 144 3.38 -35.94 -57.34
C PRO E 144 2.72 -37.30 -57.18
N TYR E 145 1.78 -37.60 -58.05
CA TYR E 145 1.13 -38.90 -58.08
C TYR E 145 1.18 -39.43 -59.49
N GLN E 146 1.88 -40.55 -59.69
CA GLN E 146 2.08 -41.12 -61.02
C GLN E 146 2.57 -40.06 -62.02
N GLY E 147 3.75 -39.51 -61.76
CA GLY E 147 4.35 -38.51 -62.64
C GLY E 147 3.71 -37.14 -62.52
N LYS E 148 2.42 -37.05 -62.83
CA LYS E 148 1.71 -35.77 -62.82
C LYS E 148 1.56 -35.19 -61.43
N SER E 149 1.40 -33.87 -61.39
CA SER E 149 1.34 -33.10 -60.15
C SER E 149 0.00 -33.29 -59.48
N SER E 150 0.04 -33.42 -58.16
CA SER E 150 -1.14 -33.75 -57.39
C SER E 150 -1.12 -32.97 -56.05
N PHE E 151 -1.60 -33.61 -54.98
CA PHE E 151 -1.74 -32.97 -53.66
C PHE E 151 -2.25 -34.00 -52.66
N PHE E 152 -2.42 -33.60 -51.40
CA PHE E 152 -3.15 -34.39 -50.40
C PHE E 152 -4.59 -34.65 -50.85
N ARG E 153 -5.12 -35.84 -50.53
CA ARG E 153 -6.43 -36.27 -51.04
C ARG E 153 -7.60 -36.12 -50.10
N ASN E 154 -7.34 -35.77 -48.84
CA ASN E 154 -8.41 -35.58 -47.87
C ASN E 154 -8.60 -34.09 -47.54
N VAL E 155 -7.83 -33.24 -48.21
CA VAL E 155 -7.98 -31.79 -48.07
C VAL E 155 -7.86 -31.15 -49.43
N VAL E 156 -8.40 -29.96 -49.58
CA VAL E 156 -8.45 -29.31 -50.90
C VAL E 156 -7.77 -27.95 -50.86
N TRP E 157 -7.23 -27.53 -52.00
CA TRP E 157 -6.51 -26.27 -52.10
C TRP E 157 -7.28 -25.29 -53.00
N LEU E 158 -8.19 -24.53 -52.38
CA LEU E 158 -9.07 -23.63 -53.09
C LEU E 158 -8.31 -22.46 -53.68
N ILE E 159 -8.38 -22.37 -55.01
CA ILE E 159 -7.84 -21.27 -55.81
C ILE E 159 -8.96 -20.42 -56.42
N LYS E 160 -8.70 -19.12 -56.55
CA LYS E 160 -9.65 -18.13 -57.09
C LYS E 160 -10.35 -18.52 -58.40
N LYS E 161 -11.51 -17.89 -58.65
CA LYS E 161 -12.34 -18.10 -59.84
C LYS E 161 -12.28 -16.87 -60.75
N ASN E 162 -12.13 -17.07 -62.06
CA ASN E 162 -11.76 -15.98 -62.99
C ASN E 162 -10.51 -15.30 -62.43
N SER E 163 -10.67 -14.15 -61.78
CA SER E 163 -9.59 -13.60 -60.94
C SER E 163 -10.14 -12.99 -59.64
N THR E 164 -11.00 -13.75 -58.95
CA THR E 164 -11.55 -13.34 -57.66
C THR E 164 -11.76 -14.52 -56.71
N TYR E 165 -11.44 -14.28 -55.44
CA TYR E 165 -11.63 -15.23 -54.37
C TYR E 165 -12.58 -14.56 -53.39
N PRO E 166 -13.89 -14.91 -53.49
CA PRO E 166 -14.91 -14.33 -52.63
C PRO E 166 -14.94 -14.99 -51.26
N THR E 167 -15.44 -14.28 -50.26
CA THR E 167 -15.41 -14.78 -48.89
C THR E 167 -16.10 -16.13 -48.82
N ILE E 168 -15.43 -17.10 -48.20
CA ILE E 168 -15.99 -18.41 -48.01
C ILE E 168 -16.66 -18.42 -46.64
N LYS E 169 -17.76 -19.15 -46.53
CA LYS E 169 -18.62 -19.09 -45.35
C LYS E 169 -19.34 -20.43 -45.19
N ARG E 170 -18.61 -21.45 -44.77
CA ARG E 170 -19.15 -22.81 -44.77
C ARG E 170 -18.98 -23.48 -43.42
N SER E 171 -19.84 -24.46 -43.17
CA SER E 171 -20.07 -24.99 -41.85
C SER E 171 -20.52 -26.45 -41.94
N TYR E 172 -20.40 -27.20 -40.84
CA TYR E 172 -20.84 -28.60 -40.82
C TYR E 172 -21.40 -29.00 -39.46
N ASN E 173 -22.57 -29.64 -39.45
CA ASN E 173 -23.17 -30.10 -38.20
C ASN E 173 -22.91 -31.60 -37.94
N ASN E 174 -22.47 -31.92 -36.72
CA ASN E 174 -22.10 -33.30 -36.35
C ASN E 174 -23.30 -34.04 -35.80
N THR E 175 -24.21 -34.44 -36.69
CA THR E 175 -25.39 -35.21 -36.28
C THR E 175 -25.09 -36.69 -36.04
N ASN E 176 -23.81 -37.07 -36.12
CA ASN E 176 -23.41 -38.40 -35.69
C ASN E 176 -23.45 -38.48 -34.17
N GLN E 177 -23.36 -39.69 -33.63
CA GLN E 177 -23.26 -39.90 -32.20
C GLN E 177 -21.81 -40.16 -31.79
N GLU E 178 -20.87 -39.93 -32.71
CA GLU E 178 -19.44 -40.18 -32.46
C GLU E 178 -18.64 -38.86 -32.44
N ASP E 179 -17.46 -38.90 -31.81
CA ASP E 179 -16.48 -37.83 -31.94
C ASP E 179 -15.95 -37.85 -33.36
N LEU E 180 -16.14 -36.74 -34.06
CA LEU E 180 -15.60 -36.58 -35.40
C LEU E 180 -14.32 -35.76 -35.29
N LEU E 181 -13.23 -36.27 -35.88
CA LEU E 181 -11.97 -35.51 -35.98
C LEU E 181 -11.92 -34.79 -37.32
N VAL E 182 -11.66 -33.47 -37.31
CA VAL E 182 -11.51 -32.73 -38.57
C VAL E 182 -10.21 -31.91 -38.66
N LEU E 183 -9.54 -32.00 -39.82
CA LEU E 183 -8.32 -31.24 -40.09
C LEU E 183 -8.59 -30.24 -41.20
N TRP E 184 -7.80 -29.17 -41.23
CA TRP E 184 -7.88 -28.17 -42.28
C TRP E 184 -6.52 -27.51 -42.31
N GLY E 185 -6.37 -26.39 -43.01
CA GLY E 185 -5.05 -25.78 -43.05
C GLY E 185 -4.93 -24.45 -43.74
N ILE E 186 -3.72 -23.91 -43.72
CA ILE E 186 -3.39 -22.60 -44.25
C ILE E 186 -2.04 -22.63 -44.96
N HIS E 187 -1.99 -21.95 -46.12
CA HIS E 187 -0.77 -21.87 -46.94
C HIS E 187 -0.03 -20.57 -46.66
N HIS E 188 1.27 -20.68 -46.43
CA HIS E 188 2.14 -19.51 -46.25
C HIS E 188 2.91 -19.21 -47.53
N PRO E 189 2.52 -18.14 -48.23
CA PRO E 189 3.19 -17.91 -49.49
C PRO E 189 4.57 -17.33 -49.27
N ASN E 190 5.30 -17.13 -50.37
CA ASN E 190 6.67 -16.66 -50.32
C ASN E 190 6.80 -15.15 -50.55
N ASP E 191 5.92 -14.56 -51.36
CA ASP E 191 5.99 -13.12 -51.66
C ASP E 191 4.66 -12.44 -52.04
N ALA E 192 4.73 -11.12 -52.21
CA ALA E 192 3.56 -10.29 -52.56
C ALA E 192 2.85 -10.75 -53.82
N ALA E 193 3.62 -11.20 -54.80
CA ALA E 193 3.05 -11.69 -56.05
C ALA E 193 2.33 -13.02 -55.83
N GLU E 194 3.07 -14.01 -55.32
CA GLU E 194 2.51 -15.34 -55.06
C GLU E 194 1.09 -15.31 -54.49
N GLN E 195 0.79 -14.34 -53.62
CA GLN E 195 -0.54 -14.30 -52.99
C GLN E 195 -1.64 -13.76 -53.91
N THR E 196 -1.35 -12.70 -54.66
CA THR E 196 -2.31 -12.16 -55.61
C THR E 196 -2.50 -13.17 -56.73
N LYS E 197 -1.39 -13.78 -57.14
CA LYS E 197 -1.41 -14.88 -58.07
C LYS E 197 -2.52 -15.86 -57.70
N LEU E 198 -2.37 -16.51 -56.56
CA LEU E 198 -3.23 -17.66 -56.17
C LEU E 198 -4.54 -17.28 -55.49
N TYR E 199 -4.50 -16.30 -54.61
CA TYR E 199 -5.66 -15.95 -53.78
C TYR E 199 -6.29 -14.60 -54.08
N GLN E 200 -5.65 -13.79 -54.92
CA GLN E 200 -6.17 -12.48 -55.33
C GLN E 200 -6.14 -11.41 -54.24
N ASN E 201 -6.73 -11.67 -53.08
CA ASN E 201 -6.91 -10.66 -52.04
C ASN E 201 -5.63 -10.55 -51.20
N PRO E 202 -5.15 -9.31 -50.95
CA PRO E 202 -3.80 -9.19 -50.40
C PRO E 202 -3.67 -9.46 -48.90
N THR E 203 -4.63 -9.02 -48.08
CA THR E 203 -4.61 -9.30 -46.61
C THR E 203 -5.70 -10.34 -46.24
N THR E 204 -5.30 -11.51 -45.77
CA THR E 204 -6.24 -12.60 -45.57
C THR E 204 -6.22 -13.19 -44.15
N TYR E 205 -7.28 -13.96 -43.85
CA TYR E 205 -7.46 -14.59 -42.56
C TYR E 205 -8.27 -15.87 -42.71
N ILE E 206 -8.26 -16.70 -41.66
CA ILE E 206 -9.09 -17.93 -41.61
C ILE E 206 -9.75 -18.07 -40.24
N SER E 207 -11.03 -17.69 -40.14
CA SER E 207 -11.76 -17.84 -38.88
C SER E 207 -12.47 -19.19 -38.82
N VAL E 208 -12.13 -19.99 -37.81
CA VAL E 208 -12.78 -21.29 -37.60
C VAL E 208 -13.34 -21.35 -36.19
N GLY E 209 -14.54 -21.88 -36.06
CA GLY E 209 -15.27 -21.77 -34.82
C GLY E 209 -16.27 -22.87 -34.56
N THR E 210 -16.08 -23.55 -33.43
CA THR E 210 -17.04 -24.51 -32.94
C THR E 210 -17.55 -24.02 -31.59
N SER E 211 -18.28 -24.89 -30.90
CA SER E 211 -18.67 -24.66 -29.53
C SER E 211 -17.54 -24.10 -28.66
N THR E 212 -16.30 -24.56 -28.87
CA THR E 212 -15.18 -24.12 -28.04
C THR E 212 -14.11 -23.31 -28.80
N LEU E 213 -13.88 -23.63 -30.07
CA LEU E 213 -12.80 -22.97 -30.83
C LEU E 213 -13.02 -21.47 -31.12
N ASN E 214 -11.90 -20.78 -31.32
CA ASN E 214 -11.87 -19.37 -31.70
C ASN E 214 -10.49 -19.10 -32.29
N GLN E 215 -10.40 -19.26 -33.59
CA GLN E 215 -9.14 -19.13 -34.28
C GLN E 215 -9.28 -18.11 -35.42
N ARG E 216 -8.22 -17.35 -35.65
CA ARG E 216 -8.14 -16.40 -36.73
C ARG E 216 -6.67 -16.34 -37.10
N LEU E 217 -6.22 -17.20 -38.00
CA LEU E 217 -4.80 -17.24 -38.35
C LEU E 217 -4.52 -16.58 -39.71
N VAL E 218 -3.73 -15.51 -39.68
CA VAL E 218 -3.31 -14.81 -40.86
C VAL E 218 -1.99 -15.42 -41.29
N PRO E 219 -1.78 -15.66 -42.60
CA PRO E 219 -0.52 -16.25 -43.08
C PRO E 219 0.66 -15.27 -43.09
N ARG E 220 1.88 -15.80 -43.13
CA ARG E 220 3.10 -14.99 -42.98
C ARG E 220 4.05 -15.14 -44.15
N ILE E 221 4.17 -14.08 -44.94
CA ILE E 221 5.02 -14.06 -46.12
C ILE E 221 6.45 -13.76 -45.69
N ALA E 222 7.33 -14.75 -45.81
CA ALA E 222 8.74 -14.59 -45.51
C ALA E 222 9.58 -15.43 -46.45
N THR E 223 10.77 -14.94 -46.79
CA THR E 223 11.73 -15.71 -47.59
C THR E 223 12.34 -16.83 -46.75
N ARG E 224 12.61 -17.95 -47.40
CA ARG E 224 13.15 -19.12 -46.70
C ARG E 224 13.70 -20.16 -47.68
N SER E 225 14.28 -21.23 -47.13
CA SER E 225 14.89 -22.30 -47.91
C SER E 225 13.86 -23.06 -48.72
N LYS E 226 14.27 -24.12 -49.39
CA LYS E 226 13.38 -24.91 -50.24
C LYS E 226 13.50 -26.41 -49.97
N VAL E 227 12.42 -27.14 -50.23
CA VAL E 227 12.39 -28.58 -50.01
C VAL E 227 11.28 -29.22 -50.86
N ASN E 228 11.59 -30.35 -51.49
CA ASN E 228 10.73 -30.97 -52.52
C ASN E 228 10.24 -29.95 -53.57
N GLY E 229 11.04 -28.92 -53.80
CA GLY E 229 10.71 -27.90 -54.80
C GLY E 229 10.28 -26.55 -54.24
N GLN E 230 9.53 -26.55 -53.13
CA GLN E 230 8.77 -25.36 -52.72
C GLN E 230 9.40 -24.55 -51.59
N SER E 231 9.21 -23.23 -51.66
CA SER E 231 9.70 -22.27 -50.64
C SER E 231 8.61 -21.71 -49.73
N GLY E 232 7.34 -21.79 -50.16
CA GLY E 232 6.21 -21.52 -49.28
C GLY E 232 5.99 -22.70 -48.35
N ARG E 233 5.08 -22.56 -47.38
CA ARG E 233 4.77 -23.66 -46.44
C ARG E 233 3.26 -23.83 -46.18
N MET E 234 2.88 -25.03 -45.77
CA MET E 234 1.51 -25.34 -45.39
C MET E 234 1.44 -25.66 -43.91
N GLU E 235 0.72 -24.83 -43.15
CA GLU E 235 0.49 -25.09 -41.72
C GLU E 235 -0.88 -25.71 -41.53
N PHE E 236 -0.89 -26.92 -41.03
CA PHE E 236 -2.11 -27.68 -40.89
C PHE E 236 -2.61 -27.67 -39.45
N PHE E 237 -3.91 -27.78 -39.29
CA PHE E 237 -4.53 -27.65 -37.99
C PHE E 237 -5.50 -28.78 -37.73
N TRP E 238 -5.94 -28.94 -36.49
CA TRP E 238 -6.95 -29.95 -36.19
C TRP E 238 -7.80 -29.70 -34.94
N THR E 239 -8.99 -30.28 -34.96
CA THR E 239 -9.88 -30.30 -33.80
C THR E 239 -10.76 -31.55 -33.80
N ILE E 240 -11.30 -31.89 -32.63
CA ILE E 240 -12.29 -32.96 -32.49
C ILE E 240 -13.67 -32.37 -32.26
N LEU E 241 -14.54 -32.45 -33.26
CA LEU E 241 -15.90 -31.91 -33.16
C LEU E 241 -16.78 -32.91 -32.42
N LYS E 242 -17.40 -32.45 -31.34
CA LYS E 242 -18.19 -33.32 -30.47
C LYS E 242 -19.62 -33.42 -31.03
N PRO E 243 -20.32 -34.55 -30.80
CA PRO E 243 -21.70 -34.73 -31.24
C PRO E 243 -22.59 -33.51 -31.02
N ASN E 244 -23.46 -33.24 -31.99
CA ASN E 244 -24.42 -32.13 -31.93
C ASN E 244 -23.79 -30.76 -32.18
N ASP E 245 -22.50 -30.73 -32.54
CA ASP E 245 -21.79 -29.47 -32.66
C ASP E 245 -21.34 -29.14 -34.09
N ALA E 246 -21.53 -27.88 -34.47
CA ALA E 246 -21.11 -27.38 -35.76
C ALA E 246 -19.67 -26.86 -35.69
N ILE E 247 -19.14 -26.44 -36.85
CA ILE E 247 -17.77 -25.92 -36.98
C ILE E 247 -17.79 -24.97 -38.17
N ASN E 248 -17.65 -23.66 -37.94
CA ASN E 248 -18.00 -22.66 -38.96
C ASN E 248 -16.79 -21.92 -39.57
N PHE E 249 -16.45 -22.25 -40.82
CA PHE E 249 -15.29 -21.67 -41.49
C PHE E 249 -15.63 -20.34 -42.16
N GLU E 250 -14.62 -19.48 -42.29
CA GLU E 250 -14.75 -18.24 -43.04
C GLU E 250 -13.37 -17.67 -43.36
N SER E 251 -13.04 -17.58 -44.64
CA SER E 251 -11.73 -17.10 -45.02
C SER E 251 -11.71 -16.48 -46.40
N ASN E 252 -10.99 -15.37 -46.54
CA ASN E 252 -10.85 -14.67 -47.83
C ASN E 252 -9.52 -14.97 -48.51
N GLY E 253 -8.94 -16.13 -48.22
CA GLY E 253 -7.71 -16.55 -48.89
C GLY E 253 -6.89 -17.56 -48.12
N ASN E 254 -5.92 -18.16 -48.82
CA ASN E 254 -4.90 -19.05 -48.25
C ASN E 254 -5.44 -20.27 -47.48
N PHE E 255 -6.66 -20.69 -47.80
CA PHE E 255 -7.38 -21.71 -47.03
C PHE E 255 -7.31 -23.07 -47.69
N ILE E 256 -6.79 -24.06 -46.97
CA ILE E 256 -6.76 -25.45 -47.43
C ILE E 256 -7.89 -26.25 -46.76
N ALA E 257 -9.02 -26.35 -47.45
CA ALA E 257 -10.25 -26.84 -46.86
C ALA E 257 -10.29 -28.36 -46.79
N PRO E 258 -11.11 -28.91 -45.88
CA PRO E 258 -11.27 -30.35 -45.80
C PRO E 258 -12.26 -30.86 -46.83
N GLU E 259 -12.08 -32.09 -47.26
CA GLU E 259 -13.18 -32.84 -47.88
C GLU E 259 -13.72 -33.84 -46.85
N TYR E 260 -12.80 -34.47 -46.10
CA TYR E 260 -13.15 -35.53 -45.17
C TYR E 260 -12.80 -35.21 -43.73
N ALA E 261 -13.50 -35.89 -42.82
CA ALA E 261 -13.14 -35.95 -41.42
C ALA E 261 -13.05 -37.44 -41.06
N TYR E 262 -12.81 -37.76 -39.79
CA TYR E 262 -12.73 -39.14 -39.35
C TYR E 262 -13.67 -39.40 -38.18
N LYS E 263 -14.60 -40.32 -38.37
CA LYS E 263 -15.46 -40.75 -37.27
C LYS E 263 -14.69 -41.71 -36.37
N ILE E 264 -14.47 -41.30 -35.12
CA ILE E 264 -13.91 -42.18 -34.10
C ILE E 264 -14.97 -43.24 -33.78
N VAL E 265 -14.62 -44.50 -34.02
CA VAL E 265 -15.61 -45.59 -34.10
C VAL E 265 -15.22 -46.83 -33.28
N LYS E 266 -14.06 -46.79 -32.62
CA LYS E 266 -13.61 -47.87 -31.74
C LYS E 266 -12.45 -47.36 -30.90
N LYS E 267 -12.62 -47.34 -29.58
CA LYS E 267 -11.57 -46.82 -28.68
C LYS E 267 -10.91 -47.93 -27.85
N GLY E 268 -10.38 -47.54 -26.70
CA GLY E 268 -9.59 -48.42 -25.87
C GLY E 268 -8.11 -48.20 -26.14
N ASP E 269 -7.45 -49.25 -26.63
CA ASP E 269 -6.00 -49.31 -26.54
C ASP E 269 -5.28 -49.56 -27.85
N SER E 270 -4.10 -48.97 -27.93
CA SER E 270 -3.23 -49.10 -29.06
C SER E 270 -1.99 -48.34 -28.66
N THR E 271 -0.95 -48.41 -29.48
CA THR E 271 0.16 -47.47 -29.37
C THR E 271 0.59 -47.11 -30.76
N ILE E 272 1.40 -46.07 -30.84
CA ILE E 272 2.17 -45.83 -32.03
C ILE E 272 3.56 -46.35 -31.72
N MET E 273 3.84 -47.54 -32.24
CA MET E 273 5.08 -48.26 -31.98
C MET E 273 6.08 -47.88 -33.06
N LYS E 274 7.37 -47.95 -32.74
CA LYS E 274 8.40 -47.40 -33.62
C LYS E 274 9.46 -48.41 -34.06
N SER E 275 9.04 -49.46 -34.76
CA SER E 275 9.95 -50.47 -35.25
C SER E 275 10.27 -50.33 -36.75
N GLU E 276 11.38 -50.94 -37.16
CA GLU E 276 11.83 -50.93 -38.56
C GLU E 276 11.38 -52.20 -39.33
N LEU E 277 10.81 -53.15 -38.61
CA LEU E 277 10.41 -54.44 -39.21
C LEU E 277 9.23 -54.32 -40.18
N GLU E 278 8.94 -55.43 -40.87
CA GLU E 278 7.70 -55.61 -41.64
C GLU E 278 6.90 -56.79 -41.09
N TYR E 279 5.75 -57.03 -41.69
CA TYR E 279 4.82 -58.04 -41.20
C TYR E 279 5.36 -59.46 -41.38
N GLY E 280 5.28 -60.27 -40.33
CA GLY E 280 5.81 -61.63 -40.37
C GLY E 280 4.75 -62.72 -40.37
N ASN E 281 3.48 -62.33 -40.49
CA ASN E 281 2.35 -63.27 -40.47
C ASN E 281 2.43 -64.31 -39.37
N CYS E 282 1.99 -63.89 -38.19
CA CYS E 282 2.03 -64.68 -36.97
C CYS E 282 0.98 -64.09 -36.06
N ASN E 283 0.83 -64.65 -34.86
CA ASN E 283 -0.01 -64.04 -33.83
C ASN E 283 0.78 -64.07 -32.53
N THR E 284 0.42 -63.19 -31.60
CA THR E 284 1.09 -63.17 -30.32
C THR E 284 0.22 -62.47 -29.30
N LYS E 285 0.47 -62.78 -28.03
CA LYS E 285 -0.22 -62.15 -26.92
C LYS E 285 0.65 -61.04 -26.31
N CYS E 286 1.79 -60.80 -26.91
CA CYS E 286 2.68 -59.78 -26.43
C CYS E 286 3.60 -59.35 -27.55
N GLN E 287 3.86 -58.06 -27.66
CA GLN E 287 4.68 -57.57 -28.77
C GLN E 287 5.63 -56.46 -28.33
N THR E 288 6.80 -56.42 -28.94
CA THR E 288 7.75 -55.34 -28.73
C THR E 288 8.41 -54.95 -30.04
N PRO E 289 8.90 -53.71 -30.10
CA PRO E 289 9.54 -53.18 -31.29
C PRO E 289 10.62 -54.07 -31.89
N MET E 290 11.21 -54.97 -31.11
CA MET E 290 12.22 -55.87 -31.63
C MET E 290 11.72 -57.28 -31.90
N GLY E 291 10.39 -57.47 -31.84
CA GLY E 291 9.77 -58.77 -32.08
C GLY E 291 8.80 -59.14 -30.98
N ALA E 292 7.92 -60.09 -31.28
CA ALA E 292 6.94 -60.55 -30.30
C ALA E 292 7.60 -61.49 -29.31
N ILE E 293 7.04 -61.63 -28.12
CA ILE E 293 7.56 -62.57 -27.13
C ILE E 293 6.62 -63.76 -26.87
N ASN E 294 7.25 -64.92 -26.70
CA ASN E 294 6.63 -66.24 -26.59
C ASN E 294 6.71 -66.62 -25.12
N SER E 295 6.20 -65.74 -24.27
CA SER E 295 6.60 -65.71 -22.87
C SER E 295 5.73 -66.54 -21.93
N SER E 296 6.38 -67.24 -21.01
CA SER E 296 5.73 -67.82 -19.84
C SER E 296 6.28 -67.20 -18.55
N MET E 297 7.46 -66.61 -18.66
CA MET E 297 8.28 -66.24 -17.52
C MET E 297 7.86 -64.89 -16.96
N PRO E 298 8.18 -64.64 -15.70
CA PRO E 298 7.74 -63.41 -15.06
C PRO E 298 8.47 -62.14 -15.50
N PHE E 299 9.59 -62.29 -16.23
CA PHE E 299 10.44 -61.17 -16.60
C PHE E 299 10.99 -61.37 -17.98
N HIS E 300 11.44 -60.26 -18.57
CA HIS E 300 12.23 -60.30 -19.79
C HIS E 300 13.14 -59.10 -19.84
N ASN E 301 14.05 -59.12 -20.81
CA ASN E 301 15.04 -58.06 -20.96
C ASN E 301 15.22 -57.60 -22.41
N ILE E 302 14.17 -57.76 -23.20
CA ILE E 302 14.23 -57.52 -24.65
C ILE E 302 14.15 -56.05 -25.03
N HIS E 303 13.22 -55.33 -24.42
CA HIS E 303 13.02 -53.90 -24.67
C HIS E 303 11.84 -53.37 -23.81
N PRO E 304 11.97 -52.17 -23.21
CA PRO E 304 10.97 -51.62 -22.29
C PRO E 304 9.56 -51.38 -22.81
N LEU E 305 9.43 -50.67 -23.93
CA LEU E 305 8.09 -50.30 -24.48
C LEU E 305 7.33 -51.48 -25.15
N THR E 306 6.56 -52.15 -24.31
CA THR E 306 5.84 -53.37 -24.65
C THR E 306 4.36 -53.05 -24.89
N ILE E 307 3.65 -53.95 -25.57
CA ILE E 307 2.21 -54.02 -25.38
C ILE E 307 1.71 -55.44 -25.48
N GLY E 308 0.61 -55.69 -24.78
CA GLY E 308 0.02 -57.01 -24.63
C GLY E 308 0.09 -57.37 -23.17
N GLU E 309 -0.40 -58.55 -22.86
CA GLU E 309 -0.26 -59.13 -21.53
C GLU E 309 1.10 -59.78 -21.49
N CYS E 310 2.10 -58.98 -21.13
CA CYS E 310 3.49 -59.39 -21.23
C CYS E 310 4.10 -59.67 -19.89
N PRO E 311 5.27 -60.33 -19.90
CA PRO E 311 6.18 -60.32 -18.78
C PRO E 311 6.45 -58.89 -18.40
N LYS E 312 7.19 -58.73 -17.32
CA LYS E 312 7.46 -57.42 -16.81
C LYS E 312 8.97 -57.19 -16.92
N TYR E 313 9.36 -56.01 -17.37
CA TYR E 313 10.68 -55.78 -17.93
C TYR E 313 11.74 -55.34 -16.91
N VAL E 314 12.87 -56.02 -16.91
CA VAL E 314 14.03 -55.59 -16.10
C VAL E 314 15.34 -55.51 -16.92
N LYS E 315 16.34 -54.83 -16.38
CA LYS E 315 17.56 -54.53 -17.14
C LYS E 315 18.67 -55.56 -16.90
N SER E 316 18.27 -56.80 -16.68
CA SER E 316 19.18 -57.78 -16.11
C SER E 316 19.69 -58.80 -17.14
N ASN E 317 20.88 -59.33 -16.88
CA ASN E 317 21.50 -60.32 -17.76
C ASN E 317 21.12 -61.73 -17.39
N ARG E 318 20.72 -61.88 -16.15
CA ARG E 318 20.78 -63.15 -15.48
C ARG E 318 19.98 -63.03 -14.18
N LEU E 319 18.97 -63.85 -14.09
CA LEU E 319 18.08 -63.85 -12.95
C LEU E 319 17.74 -65.33 -12.85
N VAL E 320 18.43 -66.04 -11.98
CA VAL E 320 18.21 -67.46 -11.81
C VAL E 320 18.09 -67.79 -10.36
N LEU E 321 17.09 -68.59 -10.05
CA LEU E 321 16.58 -68.76 -8.71
C LEU E 321 16.87 -70.18 -8.27
N ALA E 322 17.68 -70.36 -7.25
CA ALA E 322 18.00 -71.71 -6.74
C ALA E 322 16.77 -72.39 -6.16
N THR E 323 16.53 -73.64 -6.57
CA THR E 323 15.40 -74.40 -6.03
C THR E 323 15.77 -75.74 -5.37
N GLY E 324 16.97 -76.24 -5.64
CA GLY E 324 17.52 -77.42 -4.94
C GLY E 324 18.73 -77.14 -4.05
N LEU E 325 19.58 -78.15 -3.90
CA LEU E 325 20.61 -78.17 -2.86
C LEU E 325 22.01 -77.83 -3.37
N ARG E 326 22.86 -77.36 -2.45
CA ARG E 326 24.29 -77.22 -2.75
C ARG E 326 24.81 -78.53 -3.32
N ASN E 327 25.62 -78.47 -4.37
CA ASN E 327 26.01 -79.69 -5.09
C ASN E 327 27.42 -80.16 -4.77
N SER E 328 27.90 -81.13 -5.57
CA SER E 328 28.63 -82.30 -5.06
C SER E 328 29.99 -82.07 -4.40
N PRO E 329 30.10 -82.47 -3.10
CA PRO E 329 31.34 -82.96 -2.49
C PRO E 329 31.74 -84.39 -2.91
N GLN E 330 32.87 -84.88 -2.34
CA GLN E 330 33.55 -86.12 -2.76
C GLN E 330 34.25 -85.95 -4.12
N GLY F 1 25.24 -74.77 5.92
CA GLY F 1 24.72 -73.37 5.94
C GLY F 1 24.57 -72.87 7.36
N LEU F 2 23.49 -72.14 7.63
CA LEU F 2 23.21 -71.67 8.99
C LEU F 2 23.00 -72.85 9.96
N PHE F 3 22.36 -73.91 9.47
CA PHE F 3 22.01 -75.08 10.29
C PHE F 3 23.06 -76.20 10.31
N GLY F 4 24.04 -76.11 9.40
CA GLY F 4 25.21 -76.99 9.43
C GLY F 4 24.99 -78.47 9.14
N ALA F 5 23.99 -78.78 8.32
CA ALA F 5 23.73 -80.16 7.88
C ALA F 5 24.39 -80.45 6.52
N ILE F 6 24.02 -79.70 5.48
CA ILE F 6 24.70 -79.76 4.17
C ILE F 6 26.12 -79.18 4.29
N ALA F 7 27.09 -79.84 3.66
CA ALA F 7 28.51 -79.47 3.73
C ALA F 7 28.97 -79.26 5.18
N GLY F 8 28.56 -80.18 6.07
CA GLY F 8 28.71 -80.00 7.52
C GLY F 8 29.30 -81.19 8.27
N PHE F 9 28.43 -81.93 8.96
CA PHE F 9 28.82 -83.20 9.60
C PHE F 9 28.42 -84.32 8.65
N ILE F 10 27.30 -84.13 7.97
CA ILE F 10 27.03 -84.91 6.77
C ILE F 10 27.97 -84.32 5.75
N GLU F 11 28.91 -85.15 5.30
CA GLU F 11 30.11 -84.70 4.60
C GLU F 11 29.97 -84.79 3.08
N GLY F 12 28.94 -84.16 2.55
CA GLY F 12 28.62 -84.31 1.14
C GLY F 12 27.38 -85.15 0.92
N GLY F 13 26.70 -84.92 -0.18
CA GLY F 13 25.49 -85.64 -0.51
C GLY F 13 25.84 -86.92 -1.25
N TRP F 14 24.88 -87.84 -1.29
CA TRP F 14 25.07 -89.08 -2.03
C TRP F 14 24.48 -88.99 -3.44
N GLN F 15 25.38 -89.14 -4.40
CA GLN F 15 25.08 -89.36 -5.79
C GLN F 15 24.00 -90.42 -5.98
N GLY F 16 24.23 -91.59 -5.36
CA GLY F 16 23.36 -92.76 -5.52
C GLY F 16 21.87 -92.63 -5.15
N MET F 17 21.51 -91.53 -4.49
CA MET F 17 20.12 -91.27 -4.12
C MET F 17 19.52 -90.35 -5.17
N VAL F 18 18.89 -90.97 -6.17
CA VAL F 18 18.50 -90.27 -7.37
C VAL F 18 17.07 -89.74 -7.31
N ASP F 19 16.27 -90.32 -6.43
CA ASP F 19 14.80 -90.19 -6.51
C ASP F 19 14.20 -89.12 -5.60
N GLY F 20 15.04 -88.27 -5.00
CA GLY F 20 14.55 -87.30 -4.01
C GLY F 20 15.67 -86.49 -3.39
N TRP F 21 15.32 -85.42 -2.68
CA TRP F 21 16.33 -84.48 -2.15
C TRP F 21 16.96 -84.93 -0.85
N TYR F 22 16.18 -85.48 0.06
CA TYR F 22 16.72 -85.95 1.33
C TYR F 22 16.44 -87.41 1.57
N GLY F 23 17.25 -88.08 2.38
CA GLY F 23 16.94 -89.46 2.72
C GLY F 23 17.89 -90.30 3.55
N TYR F 24 17.70 -91.62 3.47
CA TYR F 24 18.40 -92.60 4.29
C TYR F 24 19.29 -93.50 3.44
N HIS F 25 20.34 -94.04 4.07
CA HIS F 25 21.11 -95.15 3.53
C HIS F 25 21.35 -96.04 4.71
N HIS F 26 21.41 -97.35 4.47
CA HIS F 26 21.56 -98.30 5.55
C HIS F 26 22.28 -99.58 5.16
N SER F 27 22.81 -100.27 6.18
CA SER F 27 23.39 -101.62 6.03
C SER F 27 22.90 -102.54 7.14
N ASN F 28 22.46 -103.73 6.77
CA ASN F 28 22.11 -104.76 7.75
C ASN F 28 22.54 -106.13 7.27
N GLU F 29 22.29 -107.17 8.06
CA GLU F 29 22.67 -108.54 7.65
C GLU F 29 21.97 -108.92 6.36
N GLN F 30 20.80 -108.32 6.15
CA GLN F 30 19.99 -108.53 4.96
C GLN F 30 20.60 -107.90 3.72
N GLY F 31 20.95 -106.63 3.82
CA GLY F 31 21.25 -105.85 2.64
C GLY F 31 21.74 -104.45 2.93
N SER F 32 21.46 -103.56 2.02
CA SER F 32 22.15 -102.29 1.96
C SER F 32 21.46 -101.48 0.88
N GLY F 33 21.40 -100.15 1.02
CA GLY F 33 20.80 -99.32 -0.02
C GLY F 33 20.34 -97.95 0.41
N TYR F 34 19.80 -97.21 -0.57
CA TYR F 34 19.31 -95.85 -0.40
C TYR F 34 17.81 -95.75 -0.54
N ALA F 35 17.21 -94.81 0.19
CA ALA F 35 15.77 -94.62 0.19
C ALA F 35 15.40 -93.15 0.47
N ALA F 36 14.82 -92.46 -0.52
CA ALA F 36 14.55 -91.04 -0.38
C ALA F 36 13.38 -90.81 0.56
N ASP F 37 13.49 -89.83 1.46
CA ASP F 37 12.32 -89.42 2.23
C ASP F 37 11.42 -88.62 1.30
N LYS F 38 10.61 -89.34 0.53
CA LYS F 38 9.73 -88.76 -0.51
C LYS F 38 8.80 -87.73 0.12
N GLU F 39 8.13 -88.18 1.16
CA GLU F 39 7.37 -87.37 2.10
C GLU F 39 7.96 -85.98 2.31
N SER F 40 9.21 -85.93 2.73
CA SER F 40 9.74 -84.68 3.21
C SER F 40 10.50 -83.89 2.10
N THR F 41 10.78 -84.57 0.98
CA THR F 41 11.16 -83.89 -0.27
C THR F 41 9.95 -83.20 -0.85
N GLN F 42 8.78 -83.76 -0.58
CA GLN F 42 7.55 -83.25 -1.17
C GLN F 42 7.13 -81.99 -0.43
N LYS F 43 7.30 -81.99 0.89
CA LYS F 43 7.06 -80.77 1.67
C LYS F 43 8.09 -79.70 1.28
N ALA F 44 9.26 -80.11 0.85
CA ALA F 44 10.22 -79.15 0.35
C ALA F 44 9.69 -78.63 -0.99
N ILE F 45 9.43 -79.52 -1.94
CA ILE F 45 9.04 -79.05 -3.26
C ILE F 45 7.88 -78.07 -3.18
N ASP F 46 6.89 -78.42 -2.37
CA ASP F 46 5.66 -77.61 -2.25
C ASP F 46 5.94 -76.18 -1.74
N GLY F 47 6.91 -76.04 -0.85
CA GLY F 47 7.34 -74.73 -0.38
C GLY F 47 8.21 -73.96 -1.36
N VAL F 48 9.15 -74.63 -2.03
CA VAL F 48 9.96 -73.95 -3.04
C VAL F 48 9.08 -73.56 -4.22
N THR F 49 7.97 -74.30 -4.40
CA THR F 49 7.02 -73.99 -5.47
C THR F 49 6.17 -72.75 -5.16
N ASN F 50 5.64 -72.70 -3.95
CA ASN F 50 4.87 -71.55 -3.53
C ASN F 50 5.71 -70.32 -3.68
N LYS F 51 7.01 -70.46 -3.40
CA LYS F 51 7.96 -69.37 -3.55
C LYS F 51 8.01 -68.79 -4.98
N VAL F 52 8.17 -69.63 -5.99
CA VAL F 52 8.28 -69.08 -7.35
C VAL F 52 6.94 -68.54 -7.80
N ASN F 53 5.86 -69.14 -7.33
CA ASN F 53 4.53 -68.60 -7.62
C ASN F 53 4.22 -67.36 -6.80
N SER F 54 4.72 -67.31 -5.57
CA SER F 54 4.61 -66.07 -4.80
C SER F 54 5.22 -64.91 -5.57
N ILE F 55 6.43 -65.11 -6.09
CA ILE F 55 7.07 -64.03 -6.87
C ILE F 55 6.18 -63.63 -8.02
N ILE F 56 5.96 -64.55 -8.95
CA ILE F 56 5.24 -64.25 -10.18
C ILE F 56 4.02 -63.37 -9.88
N ASP F 57 3.16 -63.85 -8.98
CA ASP F 57 1.91 -63.15 -8.65
C ASP F 57 2.11 -61.74 -8.08
N LYS F 58 3.24 -61.50 -7.43
CA LYS F 58 3.59 -60.15 -7.01
C LYS F 58 4.00 -59.30 -8.20
N MET F 59 4.67 -59.90 -9.17
CA MET F 59 5.18 -59.18 -10.33
C MET F 59 4.20 -59.16 -11.51
N ASN F 60 2.98 -58.69 -11.27
CA ASN F 60 2.15 -58.13 -12.34
C ASN F 60 1.42 -56.86 -11.89
N THR F 61 1.82 -56.38 -10.70
CA THR F 61 1.64 -55.01 -10.26
C THR F 61 2.94 -54.24 -10.54
N GLN F 62 3.69 -54.69 -11.55
CA GLN F 62 4.90 -53.99 -12.02
C GLN F 62 4.50 -52.81 -12.91
N PHE F 63 5.30 -51.75 -12.84
CA PHE F 63 5.03 -50.49 -13.55
C PHE F 63 4.84 -50.71 -15.05
N GLU F 64 3.60 -50.50 -15.52
CA GLU F 64 3.19 -50.76 -16.91
C GLU F 64 3.75 -49.64 -17.83
N ALA F 65 4.53 -50.00 -18.85
CA ALA F 65 5.24 -49.00 -19.68
C ALA F 65 4.59 -48.73 -21.07
N VAL F 66 4.04 -47.52 -21.26
CA VAL F 66 3.62 -47.02 -22.60
C VAL F 66 4.38 -45.73 -22.94
N GLY F 67 4.45 -45.41 -24.23
CA GLY F 67 5.39 -44.39 -24.75
C GLY F 67 4.73 -43.11 -25.21
N ARG F 68 5.49 -42.02 -25.08
CA ARG F 68 5.01 -40.67 -25.39
C ARG F 68 5.94 -39.89 -26.29
N GLU F 69 5.42 -38.80 -26.85
CA GLU F 69 6.06 -38.18 -27.98
C GLU F 69 6.32 -36.73 -27.70
N PHE F 70 7.48 -36.22 -28.10
CA PHE F 70 7.80 -34.81 -27.83
C PHE F 70 8.58 -34.18 -28.94
N ASN F 71 8.28 -32.91 -29.20
CA ASN F 71 8.91 -32.20 -30.28
C ASN F 71 10.28 -31.66 -29.84
N ASN F 72 10.83 -30.76 -30.65
CA ASN F 72 12.21 -30.30 -30.51
C ASN F 72 12.40 -29.17 -29.48
N LEU F 73 11.31 -28.51 -29.08
CA LEU F 73 11.36 -27.42 -28.09
C LEU F 73 10.62 -27.77 -26.79
N GLU F 74 10.25 -29.04 -26.64
CA GLU F 74 9.82 -29.60 -25.37
C GLU F 74 10.92 -30.52 -24.86
N ARG F 75 12.09 -30.44 -25.48
CA ARG F 75 13.26 -31.19 -25.09
C ARG F 75 13.34 -31.53 -23.58
N ARG F 76 13.19 -30.54 -22.72
CA ARG F 76 13.48 -30.79 -21.32
C ARG F 76 12.38 -31.54 -20.57
N ILE F 77 11.13 -31.48 -21.03
CA ILE F 77 10.12 -32.40 -20.49
C ILE F 77 10.12 -33.75 -21.20
N GLU F 78 10.88 -33.86 -22.28
CA GLU F 78 11.22 -35.17 -22.83
C GLU F 78 12.23 -35.87 -21.90
N ASN F 79 13.16 -35.11 -21.34
CA ASN F 79 14.14 -35.63 -20.39
C ASN F 79 13.46 -36.10 -19.13
N LEU F 80 12.55 -35.29 -18.62
CA LEU F 80 11.82 -35.60 -17.41
C LEU F 80 11.12 -36.92 -17.60
N ASN F 81 10.51 -37.08 -18.77
CA ASN F 81 9.92 -38.34 -19.17
C ASN F 81 10.89 -39.52 -19.18
N LYS F 82 12.15 -39.29 -19.49
CA LYS F 82 13.14 -40.35 -19.51
C LYS F 82 13.73 -40.57 -18.14
N LYS F 83 14.13 -39.50 -17.45
CA LYS F 83 14.61 -39.64 -16.08
C LYS F 83 13.60 -40.39 -15.21
N MET F 84 12.32 -40.29 -15.54
CA MET F 84 11.31 -41.06 -14.84
C MET F 84 11.38 -42.53 -15.23
N GLU F 85 11.27 -42.82 -16.52
CA GLU F 85 11.14 -44.20 -16.96
C GLU F 85 12.40 -45.02 -16.70
N ASP F 86 13.59 -44.43 -16.86
CA ASP F 86 14.81 -45.09 -16.40
C ASP F 86 14.63 -45.28 -14.91
N GLY F 87 14.60 -44.17 -14.18
CA GLY F 87 14.37 -44.19 -12.74
C GLY F 87 13.60 -45.38 -12.20
N PHE F 88 12.46 -45.71 -12.83
CA PHE F 88 11.63 -46.82 -12.36
C PHE F 88 12.21 -48.16 -12.69
N LEU F 89 12.75 -48.28 -13.91
CA LEU F 89 13.28 -49.56 -14.38
C LEU F 89 14.49 -49.92 -13.54
N ASP F 90 15.11 -48.93 -12.94
CA ASP F 90 16.10 -49.17 -11.90
C ASP F 90 15.46 -49.68 -10.61
N VAL F 91 14.37 -49.04 -10.18
CA VAL F 91 13.71 -49.44 -8.93
C VAL F 91 13.21 -50.86 -9.04
N TRP F 92 12.60 -51.22 -10.15
CA TRP F 92 12.16 -52.60 -10.33
C TRP F 92 13.24 -53.60 -10.70
N THR F 93 14.31 -53.16 -11.36
CA THR F 93 15.40 -54.09 -11.66
C THR F 93 16.07 -54.43 -10.36
N TYR F 94 16.40 -53.42 -9.56
CA TYR F 94 16.99 -53.65 -8.23
C TYR F 94 16.15 -54.63 -7.43
N ASN F 95 14.82 -54.47 -7.52
CA ASN F 95 13.88 -55.28 -6.77
C ASN F 95 13.82 -56.74 -7.22
N ALA F 96 13.74 -56.99 -8.51
CA ALA F 96 13.84 -58.36 -8.98
C ALA F 96 15.23 -58.92 -8.63
N GLU F 97 16.27 -58.12 -8.81
CA GLU F 97 17.65 -58.62 -8.75
C GLU F 97 18.00 -59.05 -7.33
N LEU F 98 17.56 -58.24 -6.38
CA LEU F 98 17.78 -58.52 -4.97
C LEU F 98 16.81 -59.60 -4.44
N LEU F 99 15.54 -59.52 -4.76
CA LEU F 99 14.59 -60.53 -4.28
C LEU F 99 15.01 -61.95 -4.71
N VAL F 100 15.52 -62.12 -5.93
CA VAL F 100 16.09 -63.42 -6.30
C VAL F 100 17.27 -63.74 -5.38
N LEU F 101 18.13 -62.76 -5.18
CA LEU F 101 19.32 -62.93 -4.35
C LEU F 101 19.02 -63.31 -2.91
N MET F 102 17.92 -62.82 -2.37
CA MET F 102 17.62 -63.02 -0.97
C MET F 102 16.87 -64.30 -0.74
N GLU F 103 16.12 -64.74 -1.75
CA GLU F 103 15.38 -65.99 -1.65
C GLU F 103 16.19 -67.16 -2.16
N ASN F 104 17.34 -66.85 -2.72
CA ASN F 104 18.36 -67.86 -2.93
C ASN F 104 19.02 -68.18 -1.59
N GLU F 105 19.41 -67.17 -0.81
CA GLU F 105 20.02 -67.47 0.46
C GLU F 105 19.10 -68.31 1.32
N ARG F 106 17.84 -67.89 1.40
CA ARG F 106 16.85 -68.57 2.22
C ARG F 106 16.64 -70.01 1.76
N THR F 107 16.36 -70.22 0.49
CA THR F 107 16.21 -71.59 -0.01
C THR F 107 17.34 -72.50 0.45
N LEU F 108 18.59 -72.20 0.11
CA LEU F 108 19.70 -73.09 0.46
C LEU F 108 19.76 -73.37 1.98
N ASP F 109 19.42 -72.39 2.81
CA ASP F 109 19.42 -72.57 4.27
C ASP F 109 18.18 -73.35 4.73
N PHE F 110 17.12 -73.26 3.94
CA PHE F 110 15.91 -74.03 4.17
C PHE F 110 16.21 -75.52 4.01
N HIS F 111 16.95 -75.87 2.97
CA HIS F 111 17.36 -77.23 2.78
C HIS F 111 18.23 -77.69 3.93
N ASP F 112 19.23 -76.88 4.23
CA ASP F 112 20.16 -77.15 5.32
C ASP F 112 19.42 -77.42 6.65
N SER F 113 18.23 -76.86 6.80
CA SER F 113 17.39 -77.20 7.91
C SER F 113 16.75 -78.56 7.67
N ASN F 114 15.92 -78.68 6.65
CA ASN F 114 15.15 -79.90 6.39
C ASN F 114 15.92 -81.19 6.74
N VAL F 115 17.19 -81.23 6.32
CA VAL F 115 18.15 -82.30 6.66
C VAL F 115 18.43 -82.43 8.18
N LYS F 116 18.99 -81.39 8.81
CA LYS F 116 19.18 -81.36 10.29
C LYS F 116 17.93 -81.85 11.01
N ASN F 117 16.79 -81.32 10.62
CA ASN F 117 15.53 -81.67 11.26
C ASN F 117 15.04 -83.08 10.87
N LEU F 118 15.80 -83.77 10.02
CA LEU F 118 15.50 -85.16 9.69
C LEU F 118 16.39 -86.04 10.51
N TYR F 119 17.66 -85.66 10.57
CA TYR F 119 18.60 -86.31 11.42
C TYR F 119 18.06 -86.37 12.84
N ASP F 120 17.60 -85.22 13.33
CA ASP F 120 17.19 -85.14 14.72
C ASP F 120 15.94 -85.96 14.96
N LYS F 121 15.00 -85.97 14.01
CA LYS F 121 13.81 -86.82 14.12
C LYS F 121 14.18 -88.27 14.42
N VAL F 122 15.08 -88.83 13.62
CA VAL F 122 15.52 -90.21 13.84
C VAL F 122 16.17 -90.35 15.18
N ARG F 123 17.07 -89.42 15.50
CA ARG F 123 17.80 -89.45 16.76
C ARG F 123 16.88 -89.56 17.99
N LEU F 124 15.76 -88.84 18.00
CA LEU F 124 14.86 -88.91 19.13
C LEU F 124 14.10 -90.22 19.19
N GLN F 125 13.91 -90.87 18.05
CA GLN F 125 13.18 -92.16 18.00
C GLN F 125 14.00 -93.32 18.59
N LEU F 126 15.03 -93.77 17.87
CA LEU F 126 16.13 -94.54 18.45
C LEU F 126 16.73 -93.59 19.46
N ARG F 127 16.88 -93.98 20.71
CA ARG F 127 17.63 -93.12 21.60
C ARG F 127 18.94 -93.81 21.85
N ASP F 128 19.10 -94.33 23.05
CA ASP F 128 20.25 -95.09 23.42
C ASP F 128 20.13 -96.54 22.96
N ASN F 129 19.23 -96.80 22.00
CA ASN F 129 19.25 -98.10 21.30
C ASN F 129 20.21 -98.03 20.09
N ALA F 130 20.79 -96.84 19.82
CA ALA F 130 21.89 -96.71 18.84
C ALA F 130 23.00 -95.73 19.28
N LYS F 131 24.08 -95.73 18.50
CA LYS F 131 25.22 -94.85 18.72
C LYS F 131 25.12 -93.68 17.79
N GLU F 132 25.38 -92.48 18.29
CA GLU F 132 25.59 -91.35 17.39
C GLU F 132 27.03 -91.47 16.90
N LEU F 133 27.20 -91.91 15.66
CA LEU F 133 28.55 -92.10 15.11
C LEU F 133 29.14 -90.74 14.83
N GLY F 134 28.27 -89.74 14.66
CA GLY F 134 28.70 -88.34 14.62
C GLY F 134 29.20 -87.85 13.26
N ASN F 135 28.83 -88.59 12.20
CA ASN F 135 29.12 -88.20 10.83
C ASN F 135 27.85 -88.22 10.01
N GLY F 136 26.72 -88.08 10.70
CA GLY F 136 25.42 -88.18 10.07
C GLY F 136 24.79 -89.56 10.20
N CYS F 137 25.57 -90.50 10.67
CA CYS F 137 25.14 -91.85 10.58
C CYS F 137 25.04 -92.55 11.96
N PHE F 138 23.91 -93.19 12.25
CA PHE F 138 23.71 -93.93 13.50
C PHE F 138 24.04 -95.39 13.30
N GLU F 139 24.29 -96.09 14.41
CA GLU F 139 24.55 -97.53 14.38
C GLU F 139 23.98 -98.24 15.60
N PHE F 140 23.23 -99.30 15.33
CA PHE F 140 22.36 -99.91 16.31
C PHE F 140 23.02 -100.88 17.28
N TYR F 141 22.65 -100.82 18.55
CA TYR F 141 23.05 -101.86 19.46
C TYR F 141 22.30 -103.12 19.07
N HIS F 142 20.98 -103.11 19.19
CA HIS F 142 20.17 -104.23 18.71
C HIS F 142 20.27 -104.39 17.19
N LYS F 143 20.18 -105.61 16.67
CA LYS F 143 20.22 -105.81 15.22
C LYS F 143 18.95 -105.22 14.67
N CYS F 144 19.06 -104.56 13.52
CA CYS F 144 17.90 -103.91 12.92
C CYS F 144 17.74 -104.34 11.46
N ASP F 145 16.76 -105.22 11.23
CA ASP F 145 16.48 -105.80 9.91
C ASP F 145 15.70 -104.82 9.02
N ASN F 146 15.39 -105.22 7.79
CA ASN F 146 14.70 -104.33 6.84
C ASN F 146 13.30 -103.82 7.24
N GLU F 147 12.58 -104.56 8.06
CA GLU F 147 11.24 -104.13 8.53
C GLU F 147 11.41 -103.04 9.59
N CYS F 148 12.24 -103.34 10.57
CA CYS F 148 12.75 -102.36 11.53
C CYS F 148 13.18 -101.06 10.85
N MET F 149 13.89 -101.15 9.73
CA MET F 149 14.38 -99.96 9.05
C MET F 149 13.21 -99.07 8.62
N GLU F 150 12.27 -99.67 7.86
CA GLU F 150 11.08 -98.97 7.43
C GLU F 150 10.48 -98.22 8.60
N SER F 151 10.44 -98.84 9.77
CA SER F 151 9.88 -98.18 10.94
C SER F 151 10.59 -96.87 11.21
N VAL F 152 11.92 -96.92 11.29
CA VAL F 152 12.71 -95.73 11.56
C VAL F 152 12.54 -94.75 10.42
N ARG F 153 12.47 -95.31 9.23
CA ARG F 153 12.35 -94.51 8.03
C ARG F 153 11.02 -93.78 8.07
N ASN F 154 9.91 -94.51 8.14
CA ASN F 154 8.58 -93.90 8.09
C ASN F 154 8.15 -93.31 9.44
N GLY F 155 8.97 -93.52 10.47
CA GLY F 155 8.88 -92.76 11.72
C GLY F 155 8.01 -93.39 12.80
N THR F 156 7.87 -94.71 12.75
CA THR F 156 7.10 -95.45 13.72
C THR F 156 7.97 -96.56 14.33
N TYR F 157 9.23 -96.25 14.64
CA TYR F 157 10.12 -97.13 15.40
C TYR F 157 9.56 -97.28 16.77
N ASP F 158 9.74 -98.41 17.44
CA ASP F 158 9.45 -98.43 18.89
C ASP F 158 10.57 -99.00 19.80
N TYR F 159 11.26 -98.05 20.42
CA TYR F 159 12.20 -98.28 21.48
C TYR F 159 11.92 -99.56 22.25
N PRO F 160 10.75 -99.66 22.90
CA PRO F 160 10.69 -100.61 24.02
C PRO F 160 10.82 -102.07 23.57
N GLN F 161 10.56 -102.31 22.30
CA GLN F 161 10.67 -103.64 21.73
C GLN F 161 12.10 -104.15 21.75
N TYR F 162 13.05 -103.24 21.66
CA TYR F 162 14.44 -103.62 21.50
C TYR F 162 15.33 -103.21 22.67
N SER F 163 14.77 -102.65 23.74
CA SER F 163 15.63 -102.21 24.84
C SER F 163 16.46 -103.39 25.40
N GLU F 164 15.83 -104.41 25.95
CA GLU F 164 16.56 -105.60 26.48
C GLU F 164 17.71 -106.09 25.57
N GLU F 165 17.39 -106.27 24.30
CA GLU F 165 18.36 -106.64 23.27
C GLU F 165 19.52 -105.65 23.22
N ALA F 166 19.15 -104.37 23.30
CA ALA F 166 20.08 -103.23 23.23
C ALA F 166 20.91 -103.09 24.49
N ARG F 167 20.28 -103.08 25.66
CA ARG F 167 21.06 -102.97 26.88
C ARG F 167 21.63 -104.28 27.33
N LEU F 168 21.71 -105.26 26.45
CA LEU F 168 22.67 -106.32 26.70
C LEU F 168 23.95 -105.89 26.01
N LYS F 169 23.83 -105.35 24.79
CA LYS F 169 25.01 -104.86 24.08
C LYS F 169 25.65 -103.69 24.82
N ARG F 170 24.85 -102.68 25.16
CA ARG F 170 25.34 -101.54 25.96
C ARG F 170 25.96 -102.02 27.23
N GLU F 171 25.28 -102.94 27.91
CA GLU F 171 25.78 -103.53 29.16
C GLU F 171 27.18 -104.11 28.99
N GLU F 172 27.42 -104.76 27.87
CA GLU F 172 28.65 -105.51 27.74
C GLU F 172 29.79 -104.77 27.04
N ILE F 173 29.52 -103.72 26.25
CA ILE F 173 30.66 -102.94 25.73
C ILE F 173 31.34 -102.31 26.91
N SER F 174 30.55 -102.04 27.95
CA SER F 174 31.06 -101.41 29.14
C SER F 174 31.73 -102.38 30.06
N GLY F 175 32.04 -103.57 29.56
CA GLY F 175 32.82 -104.56 30.28
C GLY F 175 32.52 -104.66 31.76
N VAL F 176 31.26 -104.51 32.11
CA VAL F 176 30.82 -104.66 33.48
C VAL F 176 30.86 -106.14 33.73
N ARG F 177 30.24 -106.87 32.81
CA ARG F 177 30.22 -108.33 32.79
C ARG F 177 31.60 -108.92 33.01
N SER F 178 32.62 -108.17 32.57
CA SER F 178 34.02 -108.58 32.65
C SER F 178 34.57 -108.59 34.07
N LEU F 179 33.79 -109.15 35.00
CA LEU F 179 34.16 -109.24 36.42
C LEU F 179 33.66 -110.60 36.92
N VAL F 180 34.18 -111.65 36.27
CA VAL F 180 33.75 -113.03 36.46
C VAL F 180 34.83 -113.82 37.21
N GLU G 8 -38.57 78.25 -41.03
CA GLU G 8 -37.59 78.45 -39.92
C GLU G 8 -36.14 78.41 -40.42
N ASP G 9 -35.24 78.96 -39.61
CA ASP G 9 -33.79 78.86 -39.83
C ASP G 9 -33.11 78.71 -38.46
N GLN G 10 -32.86 77.47 -38.06
CA GLN G 10 -32.29 77.18 -36.75
C GLN G 10 -31.24 76.06 -36.78
N ILE G 11 -30.50 75.92 -35.68
CA ILE G 11 -29.63 74.77 -35.43
C ILE G 11 -29.66 74.49 -33.94
N CYS G 12 -29.86 73.24 -33.58
CA CYS G 12 -30.08 72.85 -32.19
C CYS G 12 -28.85 72.22 -31.53
N ILE G 13 -28.85 72.22 -30.20
CA ILE G 13 -27.88 71.45 -29.41
C ILE G 13 -28.66 70.78 -28.30
N GLY G 14 -28.96 69.49 -28.49
CA GLY G 14 -29.76 68.74 -27.52
C GLY G 14 -29.37 67.26 -27.48
N TYR G 15 -29.96 66.55 -26.52
CA TYR G 15 -29.44 65.27 -26.09
C TYR G 15 -30.45 64.11 -26.23
N HIS G 16 -30.12 62.95 -25.65
CA HIS G 16 -30.89 61.72 -25.86
C HIS G 16 -31.85 61.41 -24.70
N ALA G 17 -32.98 60.81 -25.07
CA ALA G 17 -33.93 60.25 -24.12
C ALA G 17 -34.69 59.13 -24.83
N ASN G 18 -35.27 58.23 -24.07
CA ASN G 18 -35.74 56.98 -24.65
C ASN G 18 -36.59 56.13 -23.73
N ASN G 19 -36.99 54.96 -24.25
CA ASN G 19 -37.66 53.92 -23.47
C ASN G 19 -36.75 53.29 -22.42
N SER G 20 -36.16 54.12 -21.55
CA SER G 20 -35.38 53.60 -20.45
C SER G 20 -36.34 53.16 -19.38
N THR G 21 -36.12 51.97 -18.85
CA THR G 21 -36.85 51.48 -17.70
C THR G 21 -36.07 51.83 -16.41
N GLU G 22 -34.75 52.00 -16.55
CA GLU G 22 -33.81 51.73 -15.47
C GLU G 22 -33.19 52.92 -14.75
N GLN G 23 -32.88 52.69 -13.47
CA GLN G 23 -32.56 53.76 -12.53
C GLN G 23 -31.40 53.45 -11.59
N VAL G 24 -30.44 54.37 -11.56
CA VAL G 24 -29.28 54.33 -10.65
C VAL G 24 -29.51 55.21 -9.40
N ASP G 25 -28.52 55.29 -8.51
CA ASP G 25 -28.60 56.11 -7.29
C ASP G 25 -27.32 56.91 -7.08
N THR G 26 -27.46 58.18 -6.72
CA THR G 26 -26.32 59.02 -6.34
C THR G 26 -26.43 59.38 -4.86
N ILE G 27 -25.41 60.05 -4.34
CA ILE G 27 -25.45 60.67 -3.00
C ILE G 27 -26.67 61.60 -2.71
N MET G 28 -26.92 62.57 -3.59
CA MET G 28 -27.98 63.55 -3.35
C MET G 28 -29.35 63.13 -3.91
N GLU G 29 -29.39 62.06 -4.68
CA GLU G 29 -30.65 61.65 -5.32
C GLU G 29 -30.79 60.15 -5.45
N LYS G 30 -32.04 59.72 -5.43
CA LYS G 30 -32.38 58.31 -5.39
C LYS G 30 -33.48 58.03 -6.42
N ASN G 31 -33.40 56.87 -7.07
CA ASN G 31 -34.27 56.52 -8.21
C ASN G 31 -34.19 57.56 -9.30
N VAL G 32 -33.05 57.58 -9.99
CA VAL G 32 -32.80 58.48 -11.10
C VAL G 32 -32.74 57.64 -12.38
N THR G 33 -33.91 57.44 -13.01
CA THR G 33 -34.00 56.74 -14.30
C THR G 33 -33.11 57.40 -15.34
N VAL G 34 -32.02 56.72 -15.66
CA VAL G 34 -31.07 57.18 -16.68
C VAL G 34 -31.25 56.36 -17.94
N THR G 35 -30.81 56.92 -19.07
CA THR G 35 -31.10 56.31 -20.37
C THR G 35 -30.40 55.00 -20.55
N HIS G 36 -29.25 54.84 -19.88
CA HIS G 36 -28.46 53.62 -19.93
C HIS G 36 -27.85 53.33 -18.55
N ALA G 37 -27.59 52.05 -18.29
CA ALA G 37 -26.95 51.62 -17.04
C ALA G 37 -26.39 50.17 -17.14
N GLN G 38 -25.47 49.86 -16.21
CA GLN G 38 -24.71 48.60 -16.20
C GLN G 38 -24.67 47.97 -14.80
N ASP G 39 -25.28 46.80 -14.68
CA ASP G 39 -25.28 46.01 -13.43
C ASP G 39 -23.89 45.41 -13.24
N ILE G 40 -23.37 45.49 -12.02
CA ILE G 40 -22.06 44.93 -11.73
C ILE G 40 -22.12 43.88 -10.62
N LEU G 41 -23.31 43.35 -10.32
CA LEU G 41 -23.50 42.40 -9.22
C LEU G 41 -24.28 41.17 -9.62
N GLU G 42 -23.59 40.04 -9.70
CA GLU G 42 -24.21 38.75 -10.06
C GLU G 42 -24.99 38.16 -8.89
N LYS G 43 -26.24 37.78 -9.14
CA LYS G 43 -27.12 37.30 -8.09
C LYS G 43 -27.63 35.86 -8.29
N LYS G 44 -27.27 35.24 -9.40
CA LYS G 44 -27.87 33.96 -9.75
C LYS G 44 -26.89 32.79 -9.61
N HIS G 45 -27.37 31.69 -9.02
CA HIS G 45 -26.61 30.43 -8.94
C HIS G 45 -27.45 29.20 -9.30
N ASN G 46 -26.81 28.19 -9.87
CA ASN G 46 -27.51 26.98 -10.30
C ASN G 46 -27.75 25.97 -9.20
N GLY G 47 -27.43 26.34 -7.96
CA GLY G 47 -27.83 25.60 -6.77
C GLY G 47 -27.30 24.18 -6.61
N LYS G 48 -26.21 23.87 -7.30
CA LYS G 48 -25.63 22.51 -7.29
C LYS G 48 -24.13 22.53 -6.95
N LEU G 49 -23.59 21.34 -6.75
CA LEU G 49 -22.16 21.16 -6.48
C LEU G 49 -21.48 20.59 -7.73
N CYS G 50 -20.47 21.30 -8.21
CA CYS G 50 -19.91 21.06 -9.53
C CYS G 50 -18.44 20.68 -9.50
N ASP G 51 -17.92 20.43 -10.69
CA ASP G 51 -16.49 20.23 -10.90
C ASP G 51 -15.87 21.58 -11.08
N LEU G 52 -14.76 21.80 -10.41
CA LEU G 52 -14.02 23.05 -10.52
C LEU G 52 -12.95 22.82 -11.57
N ASP G 53 -13.21 23.33 -12.78
CA ASP G 53 -12.35 23.19 -13.96
C ASP G 53 -12.13 21.74 -14.37
N GLY G 54 -13.21 21.04 -14.71
CA GLY G 54 -13.13 19.64 -15.14
C GLY G 54 -12.34 18.77 -14.17
N VAL G 55 -12.50 19.07 -12.88
CA VAL G 55 -11.89 18.31 -11.78
C VAL G 55 -12.95 18.22 -10.67
N LYS G 56 -13.39 17.00 -10.39
CA LYS G 56 -14.52 16.74 -9.50
C LYS G 56 -14.12 16.90 -8.02
N PRO G 57 -15.07 17.35 -7.17
CA PRO G 57 -14.85 17.38 -5.72
C PRO G 57 -14.94 16.02 -5.04
N LEU G 58 -14.88 16.04 -3.70
CA LEU G 58 -15.05 14.87 -2.85
C LEU G 58 -16.23 15.11 -1.91
N ILE G 59 -17.38 14.54 -2.24
CA ILE G 59 -18.58 14.74 -1.45
C ILE G 59 -18.74 13.63 -0.40
N LEU G 60 -18.32 13.89 0.82
CA LEU G 60 -18.32 12.87 1.89
C LEU G 60 -19.72 12.40 2.35
N ARG G 61 -20.77 12.95 1.74
CA ARG G 61 -22.16 12.61 2.07
C ARG G 61 -22.44 12.67 3.57
N ASP G 62 -22.74 11.53 4.19
CA ASP G 62 -23.01 11.44 5.63
C ASP G 62 -21.75 11.06 6.43
N CYS G 63 -20.58 11.14 5.80
CA CYS G 63 -19.32 10.93 6.49
C CYS G 63 -18.68 12.21 6.99
N SER G 64 -18.13 12.11 8.18
CA SER G 64 -17.22 13.12 8.67
C SER G 64 -15.93 12.97 7.90
N VAL G 65 -14.97 13.85 8.17
CA VAL G 65 -13.62 13.68 7.68
C VAL G 65 -12.99 12.57 8.50
N ALA G 66 -13.27 12.55 9.79
CA ALA G 66 -12.67 11.55 10.67
C ALA G 66 -13.03 10.11 10.27
N GLY G 67 -14.33 9.83 10.14
CA GLY G 67 -14.82 8.50 9.78
C GLY G 67 -14.35 8.05 8.42
N TRP G 68 -13.92 8.99 7.58
CA TRP G 68 -13.34 8.68 6.30
C TRP G 68 -11.92 8.27 6.48
N LEU G 69 -11.09 9.16 7.00
CA LEU G 69 -9.68 8.87 7.24
C LEU G 69 -9.48 7.58 8.05
N LEU G 70 -10.24 7.44 9.13
CA LEU G 70 -10.11 6.29 10.02
C LEU G 70 -10.76 5.01 9.45
N GLY G 71 -11.65 5.19 8.49
CA GLY G 71 -12.27 4.06 7.84
C GLY G 71 -13.40 3.52 8.68
N ASN G 72 -14.43 4.33 8.88
CA ASN G 72 -15.75 3.85 9.30
C ASN G 72 -16.22 2.78 8.28
N PRO G 73 -16.64 1.58 8.75
CA PRO G 73 -17.28 0.65 7.82
C PRO G 73 -18.45 1.29 7.05
N MET G 74 -19.22 2.12 7.74
CA MET G 74 -20.33 2.85 7.11
C MET G 74 -19.88 3.72 5.90
N CYS G 75 -18.63 4.17 5.92
CA CYS G 75 -18.12 5.06 4.86
C CYS G 75 -17.29 4.34 3.82
N ASP G 76 -17.61 3.07 3.56
CA ASP G 76 -16.78 2.25 2.68
C ASP G 76 -16.68 2.77 1.25
N GLU G 77 -17.59 3.64 0.83
CA GLU G 77 -17.53 4.19 -0.53
C GLU G 77 -16.36 5.17 -0.80
N PHE G 78 -15.50 5.37 0.21
CA PHE G 78 -14.35 6.29 0.08
C PHE G 78 -12.99 5.63 0.32
N ILE G 79 -12.94 4.30 0.40
CA ILE G 79 -11.66 3.63 0.73
C ILE G 79 -10.53 3.84 -0.33
N ASN G 80 -10.89 4.18 -1.57
CA ASN G 80 -9.87 4.68 -2.53
C ASN G 80 -10.44 5.81 -3.37
N VAL G 81 -10.36 7.01 -2.80
CA VAL G 81 -10.84 8.22 -3.44
C VAL G 81 -9.86 8.76 -4.49
N PRO G 82 -10.32 8.86 -5.75
CA PRO G 82 -9.46 9.52 -6.71
C PRO G 82 -9.23 10.95 -6.27
N GLU G 83 -8.33 11.64 -6.93
CA GLU G 83 -7.98 13.01 -6.54
C GLU G 83 -9.20 13.92 -6.60
N TRP G 84 -9.16 15.03 -5.87
CA TRP G 84 -10.29 15.95 -5.81
C TRP G 84 -9.90 17.41 -6.06
N SER G 85 -10.95 18.23 -6.21
CA SER G 85 -10.84 19.66 -6.38
C SER G 85 -11.15 20.41 -5.08
N TYR G 86 -12.15 19.92 -4.34
CA TYR G 86 -12.46 20.43 -3.02
C TYR G 86 -13.34 19.41 -2.31
N ILE G 87 -13.28 19.39 -0.99
CA ILE G 87 -14.06 18.45 -0.20
C ILE G 87 -15.34 19.13 0.22
N VAL G 88 -16.45 18.41 0.22
CA VAL G 88 -17.71 18.89 0.81
C VAL G 88 -18.15 17.98 1.95
N GLU G 89 -17.97 18.47 3.17
CA GLU G 89 -18.45 17.77 4.37
C GLU G 89 -19.86 18.25 4.64
N LYS G 90 -20.61 17.47 5.39
CA LYS G 90 -21.92 17.90 5.85
C LYS G 90 -21.75 18.76 7.10
N ALA G 91 -22.80 19.52 7.42
CA ALA G 91 -22.87 20.29 8.65
C ALA G 91 -22.63 19.37 9.84
N ASN G 92 -23.47 18.33 9.93
CA ASN G 92 -23.36 17.29 10.96
C ASN G 92 -23.51 15.90 10.35
N PRO G 93 -22.41 15.36 9.81
CA PRO G 93 -22.48 14.02 9.22
C PRO G 93 -22.85 13.00 10.28
N VAL G 94 -23.72 12.05 9.94
CA VAL G 94 -24.16 11.05 10.91
C VAL G 94 -23.06 10.00 11.18
N ASN G 95 -22.34 9.58 10.14
CA ASN G 95 -21.28 8.59 10.27
C ASN G 95 -19.93 9.23 10.59
N ASP G 96 -19.50 9.15 11.85
CA ASP G 96 -18.26 9.83 12.34
C ASP G 96 -17.33 8.90 13.15
N LEU G 97 -17.41 8.96 14.49
CA LEU G 97 -16.79 7.98 15.36
C LEU G 97 -17.94 7.13 15.87
N CYS G 98 -18.08 5.95 15.27
CA CYS G 98 -19.09 4.98 15.67
C CYS G 98 -18.84 4.50 17.10
N TYR G 99 -17.57 4.25 17.42
CA TYR G 99 -17.15 4.05 18.80
C TYR G 99 -16.79 5.43 19.33
N PRO G 100 -17.52 5.92 20.33
CA PRO G 100 -17.39 7.33 20.69
C PRO G 100 -15.99 7.65 21.22
N GLY G 101 -15.59 8.92 21.13
CA GLY G 101 -14.26 9.33 21.56
C GLY G 101 -13.86 10.60 20.85
N ASP G 102 -12.61 11.03 20.99
CA ASP G 102 -12.16 12.18 20.21
C ASP G 102 -10.99 11.84 19.28
N PHE G 103 -10.86 12.70 18.26
CA PHE G 103 -9.77 12.68 17.33
C PHE G 103 -8.93 13.86 17.74
N ASN G 104 -7.71 13.61 18.21
CA ASN G 104 -6.91 14.64 18.86
C ASN G 104 -6.28 15.57 17.86
N ASP G 105 -6.32 16.87 18.18
CA ASP G 105 -5.92 17.95 17.25
C ASP G 105 -6.63 17.82 15.91
N TYR G 106 -7.91 17.52 15.97
CA TYR G 106 -8.68 17.25 14.77
C TYR G 106 -8.68 18.43 13.82
N GLU G 107 -8.90 19.64 14.34
CA GLU G 107 -9.10 20.81 13.49
C GLU G 107 -7.83 21.11 12.72
N GLU G 108 -6.71 21.12 13.45
CA GLU G 108 -5.42 21.28 12.81
C GLU G 108 -5.25 20.31 11.63
N LEU G 109 -5.78 19.10 11.77
CA LEU G 109 -5.64 18.08 10.73
C LEU G 109 -6.44 18.46 9.52
N LYS G 110 -7.65 18.95 9.76
CA LYS G 110 -8.50 19.37 8.66
C LYS G 110 -7.88 20.58 7.96
N HIS G 111 -7.12 21.38 8.68
CA HIS G 111 -6.51 22.53 8.07
C HIS G 111 -5.50 22.12 7.02
N LEU G 112 -4.81 21.01 7.23
CA LEU G 112 -3.83 20.52 6.25
C LEU G 112 -4.53 20.02 4.97
N LEU G 113 -5.54 19.17 5.16
CA LEU G 113 -6.43 18.73 4.07
C LEU G 113 -6.73 19.82 3.06
N SER G 114 -6.93 21.03 3.54
CA SER G 114 -7.17 22.16 2.67
C SER G 114 -6.02 22.52 1.70
N ARG G 115 -4.84 21.92 1.89
CA ARG G 115 -3.72 22.06 0.93
C ARG G 115 -3.51 20.82 0.08
N ILE G 116 -4.07 19.69 0.50
CA ILE G 116 -3.85 18.41 -0.19
C ILE G 116 -5.00 18.12 -1.16
N ASN G 117 -4.65 17.59 -2.34
CA ASN G 117 -5.67 17.24 -3.36
C ASN G 117 -5.78 15.75 -3.64
N HIS G 118 -4.77 14.96 -3.27
CA HIS G 118 -4.82 13.51 -3.42
C HIS G 118 -3.96 12.77 -2.38
N PHE G 119 -4.57 11.77 -1.73
CA PHE G 119 -3.87 10.80 -0.90
C PHE G 119 -3.57 9.55 -1.72
N GLU G 120 -2.84 8.62 -1.11
CA GLU G 120 -2.65 7.29 -1.67
C GLU G 120 -2.43 6.40 -0.46
N LYS G 121 -3.43 5.62 -0.12
CA LYS G 121 -3.36 4.74 1.04
C LYS G 121 -2.21 3.74 0.87
N ILE G 122 -1.37 3.55 1.89
CA ILE G 122 -0.35 2.49 1.85
C ILE G 122 -0.25 1.76 3.15
N GLN G 123 0.26 0.53 3.09
CA GLN G 123 0.17 -0.40 4.22
C GLN G 123 1.48 -0.46 5.01
N ILE G 124 1.58 0.37 6.03
CA ILE G 124 2.80 0.46 6.83
C ILE G 124 3.01 -0.83 7.64
N ILE G 125 1.96 -1.28 8.35
CA ILE G 125 2.00 -2.48 9.23
C ILE G 125 0.86 -3.44 8.87
N PRO G 126 1.20 -4.63 8.31
CA PRO G 126 0.10 -5.53 7.94
C PRO G 126 -0.59 -6.14 9.16
N LYS G 127 -1.88 -6.42 9.03
CA LYS G 127 -2.65 -7.03 10.09
C LYS G 127 -2.33 -8.50 10.20
N SER G 128 -1.89 -9.09 9.08
CA SER G 128 -1.41 -10.48 9.05
C SER G 128 -0.16 -10.68 9.89
N SER G 129 0.48 -9.60 10.28
CA SER G 129 1.79 -9.64 10.90
C SER G 129 1.79 -9.66 12.43
N TRP G 130 0.62 -9.68 13.07
CA TRP G 130 0.51 -9.58 14.56
C TRP G 130 0.56 -10.93 15.27
N SER G 131 1.75 -11.52 15.33
CA SER G 131 1.94 -12.92 15.77
C SER G 131 1.48 -13.23 17.19
N SER G 132 1.79 -12.31 18.11
CA SER G 132 1.67 -12.57 19.55
C SER G 132 0.50 -11.88 20.22
N HIS G 133 -0.27 -11.11 19.45
CA HIS G 133 -1.50 -10.47 19.94
C HIS G 133 -2.59 -10.72 18.91
N GLU G 134 -3.81 -10.99 19.35
CA GLU G 134 -4.91 -11.28 18.42
C GLU G 134 -5.46 -10.00 17.75
N ALA G 135 -5.44 -9.97 16.42
CA ALA G 135 -5.87 -8.80 15.64
C ALA G 135 -7.38 -8.83 15.35
N SER G 136 -7.81 -9.90 14.66
CA SER G 136 -9.18 -10.05 14.14
C SER G 136 -10.31 -10.00 15.15
N LEU G 137 -10.02 -10.37 16.39
CA LEU G 137 -11.03 -10.44 17.45
C LEU G 137 -11.47 -9.05 17.92
N GLY G 138 -10.73 -8.00 17.55
CA GLY G 138 -11.04 -6.63 17.97
C GLY G 138 -12.14 -5.88 17.21
N VAL G 139 -13.40 -6.24 17.46
CA VAL G 139 -14.56 -5.57 16.85
C VAL G 139 -15.52 -4.99 17.91
N SER G 140 -16.73 -4.60 17.52
CA SER G 140 -17.70 -4.03 18.47
C SER G 140 -19.05 -3.70 17.84
N SER G 141 -20.10 -4.01 18.59
CA SER G 141 -21.46 -3.77 18.14
C SER G 141 -21.70 -2.31 17.82
N ALA G 142 -20.92 -1.40 18.42
CA ALA G 142 -21.05 0.03 18.15
C ALA G 142 -20.60 0.44 16.74
N CYS G 143 -19.85 -0.43 16.06
CA CYS G 143 -19.48 -0.20 14.66
C CYS G 143 -19.94 -1.33 13.76
N PRO G 144 -21.26 -1.44 13.54
CA PRO G 144 -21.78 -2.54 12.76
C PRO G 144 -21.53 -2.36 11.27
N TYR G 145 -21.81 -3.41 10.52
CA TYR G 145 -21.53 -3.48 9.10
C TYR G 145 -22.19 -4.74 8.59
N GLN G 146 -23.35 -4.57 7.97
CA GLN G 146 -24.18 -5.68 7.52
C GLN G 146 -24.67 -6.54 8.70
N GLY G 147 -25.04 -5.88 9.79
CA GLY G 147 -25.65 -6.55 10.95
C GLY G 147 -24.65 -7.08 11.95
N LYS G 148 -23.59 -7.72 11.45
CA LYS G 148 -22.47 -8.15 12.27
C LYS G 148 -21.70 -6.95 12.82
N SER G 149 -21.01 -7.15 13.92
CA SER G 149 -20.16 -6.12 14.51
C SER G 149 -18.86 -6.02 13.74
N SER G 150 -18.24 -4.85 13.78
CA SER G 150 -16.99 -4.60 13.08
C SER G 150 -16.20 -3.54 13.81
N PHE G 151 -15.39 -2.77 13.09
CA PHE G 151 -14.52 -1.75 13.67
C PHE G 151 -13.78 -1.00 12.57
N PHE G 152 -13.33 0.21 12.88
CA PHE G 152 -12.54 1.03 11.93
C PHE G 152 -11.53 0.22 11.11
N ARG G 153 -11.61 0.36 9.79
CA ARG G 153 -10.89 -0.50 8.87
C ARG G 153 -9.44 -0.10 8.56
N ASN G 154 -9.05 1.13 8.86
CA ASN G 154 -7.65 1.55 8.70
C ASN G 154 -6.81 1.32 9.95
N VAL G 155 -7.42 1.39 11.13
CA VAL G 155 -6.72 0.98 12.34
C VAL G 155 -6.99 -0.50 12.59
N VAL G 156 -6.36 -1.06 13.61
CA VAL G 156 -6.67 -2.42 14.09
C VAL G 156 -6.59 -2.46 15.63
N TRP G 157 -7.62 -3.03 16.25
CA TRP G 157 -7.73 -3.11 17.72
C TRP G 157 -7.01 -4.36 18.22
N LEU G 158 -5.89 -4.19 18.92
CA LEU G 158 -5.12 -5.35 19.37
C LEU G 158 -5.58 -5.87 20.73
N ILE G 159 -5.52 -7.18 20.91
CA ILE G 159 -6.09 -7.81 22.10
C ILE G 159 -5.22 -8.99 22.57
N LYS G 160 -5.27 -9.23 23.88
CA LYS G 160 -4.43 -10.24 24.54
C LYS G 160 -4.59 -11.64 23.96
N LYS G 161 -3.49 -12.38 23.96
CA LYS G 161 -3.40 -13.67 23.30
C LYS G 161 -3.10 -14.71 24.35
N ASN G 162 -3.86 -15.81 24.32
CA ASN G 162 -3.94 -16.75 25.43
C ASN G 162 -4.35 -15.90 26.65
N SER G 163 -3.40 -15.48 27.47
CA SER G 163 -3.68 -14.51 28.53
C SER G 163 -2.42 -13.68 28.82
N THR G 164 -1.99 -12.93 27.82
CA THR G 164 -0.73 -12.16 27.84
C THR G 164 -0.70 -11.04 26.78
N TYR G 165 -0.35 -9.83 27.20
CA TYR G 165 -0.04 -8.71 26.29
C TYR G 165 1.47 -8.40 26.40
N PRO G 166 2.32 -9.18 25.69
CA PRO G 166 3.73 -8.87 25.67
C PRO G 166 4.02 -7.57 24.93
N THR G 167 4.97 -6.81 25.44
CA THR G 167 5.26 -5.49 24.92
C THR G 167 5.48 -5.50 23.40
N ILE G 168 4.75 -4.63 22.71
CA ILE G 168 4.91 -4.39 21.27
C ILE G 168 6.04 -3.40 21.06
N LYS G 169 6.71 -3.52 19.92
CA LYS G 169 7.94 -2.79 19.67
C LYS G 169 8.12 -2.71 18.15
N ARG G 170 7.35 -1.84 17.51
CA ARG G 170 7.33 -1.79 16.05
C ARG G 170 7.78 -0.45 15.48
N SER G 171 8.15 -0.46 14.21
CA SER G 171 8.68 0.73 13.56
C SER G 171 8.36 0.79 12.06
N TYR G 172 8.49 1.98 11.48
CA TYR G 172 8.33 2.15 10.04
C TYR G 172 9.17 3.31 9.53
N ASN G 173 10.16 3.02 8.71
CA ASN G 173 10.94 4.08 8.11
C ASN G 173 10.32 4.47 6.77
N ASN G 174 9.99 5.75 6.63
CA ASN G 174 9.33 6.27 5.43
C ASN G 174 10.27 6.32 4.23
N THR G 175 10.51 5.16 3.64
CA THR G 175 11.40 5.01 2.51
C THR G 175 10.92 5.78 1.27
N ASN G 176 9.66 6.23 1.31
CA ASN G 176 9.07 7.01 0.22
C ASN G 176 9.65 8.40 0.06
N GLN G 177 9.30 9.03 -1.06
CA GLN G 177 9.65 10.42 -1.34
C GLN G 177 8.45 11.33 -1.06
N GLU G 178 7.38 10.80 -0.47
CA GLU G 178 6.21 11.58 -0.07
C GLU G 178 6.14 11.68 1.44
N ASP G 179 5.69 12.83 1.93
CA ASP G 179 5.23 12.93 3.33
C ASP G 179 4.15 11.88 3.54
N LEU G 180 3.92 11.54 4.80
CA LEU G 180 3.07 10.40 5.13
C LEU G 180 2.23 10.68 6.37
N LEU G 181 0.93 10.87 6.21
CA LEU G 181 0.06 11.08 7.36
C LEU G 181 -0.33 9.76 8.02
N VAL G 182 0.11 9.54 9.26
CA VAL G 182 -0.20 8.29 9.98
C VAL G 182 -1.20 8.53 11.13
N LEU G 183 -1.92 7.48 11.52
CA LEU G 183 -2.88 7.56 12.63
C LEU G 183 -2.75 6.35 13.54
N TRP G 184 -3.06 6.54 14.81
CA TRP G 184 -3.10 5.46 15.79
C TRP G 184 -4.02 5.83 16.93
N GLY G 185 -4.15 4.95 17.92
CA GLY G 185 -5.06 5.22 19.03
C GLY G 185 -4.87 4.53 20.36
N ILE G 186 -5.53 5.10 21.38
CA ILE G 186 -5.55 4.58 22.74
C ILE G 186 -6.99 4.25 23.10
N HIS G 187 -7.21 3.16 23.81
CA HIS G 187 -8.54 2.87 24.34
C HIS G 187 -8.64 3.06 25.87
N HIS G 188 -9.73 3.71 26.26
CA HIS G 188 -10.01 4.10 27.64
C HIS G 188 -11.11 3.19 28.13
N PRO G 189 -10.76 2.15 28.90
CA PRO G 189 -11.80 1.18 29.25
C PRO G 189 -12.63 1.65 30.44
N ASN G 190 -13.87 1.17 30.49
CA ASN G 190 -14.82 1.55 31.55
C ASN G 190 -14.35 1.22 32.98
N ASP G 191 -13.60 0.13 33.15
CA ASP G 191 -13.10 -0.29 34.48
C ASP G 191 -11.90 -1.26 34.44
N ALA G 192 -11.38 -1.60 35.62
CA ALA G 192 -10.25 -2.54 35.74
C ALA G 192 -10.56 -3.97 35.26
N ALA G 193 -11.82 -4.38 35.28
CA ALA G 193 -12.25 -5.70 34.77
C ALA G 193 -12.06 -5.83 33.26
N GLU G 194 -12.42 -4.78 32.53
CA GLU G 194 -12.18 -4.71 31.08
C GLU G 194 -10.70 -4.73 30.73
N GLN G 195 -9.93 -3.87 31.38
CA GLN G 195 -8.52 -3.73 31.07
C GLN G 195 -7.75 -5.02 31.31
N THR G 196 -8.20 -5.82 32.28
CA THR G 196 -7.67 -7.15 32.51
C THR G 196 -8.15 -8.09 31.43
N LYS G 197 -9.45 -7.99 31.14
CA LYS G 197 -10.13 -8.88 30.20
C LYS G 197 -9.57 -8.74 28.80
N LEU G 198 -9.31 -7.50 28.39
CA LEU G 198 -8.91 -7.18 27.01
C LEU G 198 -7.38 -7.11 26.80
N TYR G 199 -6.66 -6.57 27.80
CA TYR G 199 -5.20 -6.36 27.69
C TYR G 199 -4.30 -7.07 28.74
N GLN G 200 -4.89 -7.47 29.88
CA GLN G 200 -4.20 -8.22 30.95
C GLN G 200 -3.59 -7.33 32.03
N ASN G 201 -2.57 -6.55 31.66
CA ASN G 201 -1.72 -5.84 32.63
C ASN G 201 -2.47 -4.73 33.34
N PRO G 202 -2.13 -4.45 34.60
CA PRO G 202 -2.82 -3.42 35.38
C PRO G 202 -2.54 -2.02 34.87
N THR G 203 -1.26 -1.70 34.67
CA THR G 203 -0.87 -0.40 34.16
C THR G 203 -0.20 -0.57 32.79
N THR G 204 -0.62 0.28 31.83
CA THR G 204 -0.21 0.20 30.43
C THR G 204 0.22 1.57 29.90
N TYR G 205 0.74 1.59 28.68
CA TYR G 205 1.17 2.83 28.06
C TYR G 205 1.25 2.69 26.54
N ILE G 206 1.51 3.81 25.87
CA ILE G 206 1.90 3.78 24.47
C ILE G 206 3.03 4.77 24.27
N SER G 207 3.89 4.50 23.31
CA SER G 207 4.99 5.39 23.01
C SER G 207 5.29 5.40 21.54
N VAL G 208 4.81 6.45 20.87
CA VAL G 208 5.26 6.73 19.53
C VAL G 208 6.44 7.66 19.64
N GLY G 209 7.35 7.53 18.68
CA GLY G 209 8.55 8.33 18.67
C GLY G 209 9.06 8.50 17.26
N THR G 210 9.24 9.75 16.84
CA THR G 210 9.93 10.06 15.60
C THR G 210 11.01 11.07 15.93
N SER G 211 11.63 11.65 14.90
CA SER G 211 12.66 12.67 15.09
C SER G 211 12.08 13.98 15.65
N THR G 212 10.77 14.18 15.52
CA THR G 212 10.16 15.41 15.99
C THR G 212 8.85 15.09 16.73
N LEU G 213 8.87 14.00 17.50
CA LEU G 213 7.71 13.55 18.27
C LEU G 213 8.22 12.73 19.45
N ASN G 214 7.86 13.14 20.66
CA ASN G 214 8.29 12.43 21.87
C ASN G 214 7.10 12.02 22.73
N GLN G 215 6.13 11.33 22.12
CA GLN G 215 4.86 11.04 22.79
C GLN G 215 4.89 9.80 23.70
N ARG G 216 4.35 9.97 24.90
CA ARG G 216 4.06 8.88 25.85
C ARG G 216 2.62 9.03 26.28
N LEU G 217 1.89 7.93 26.21
CA LEU G 217 0.44 7.97 26.39
C LEU G 217 0.00 6.95 27.41
N VAL G 218 -0.83 7.37 28.37
CA VAL G 218 -1.35 6.49 29.42
C VAL G 218 -2.85 6.63 29.43
N PRO G 219 -3.59 5.50 29.51
CA PRO G 219 -5.04 5.57 29.35
C PRO G 219 -5.71 6.01 30.64
N ARG G 220 -7.02 6.24 30.58
CA ARG G 220 -7.71 6.89 31.67
C ARG G 220 -9.04 6.23 31.95
N ILE G 221 -9.15 5.60 33.11
CA ILE G 221 -10.37 4.93 33.50
C ILE G 221 -11.22 5.87 34.34
N ALA G 222 -12.53 5.69 34.23
CA ALA G 222 -13.55 6.55 34.86
C ALA G 222 -14.89 6.21 34.21
N THR G 223 -15.91 5.85 35.00
CA THR G 223 -17.21 5.50 34.41
C THR G 223 -17.95 6.77 34.00
N ARG G 224 -18.22 6.85 32.70
CA ARG G 224 -18.85 8.00 32.07
C ARG G 224 -20.03 7.48 31.26
N SER G 225 -20.86 8.38 30.74
CA SER G 225 -22.10 7.99 30.06
C SER G 225 -21.84 6.97 28.96
N LYS G 226 -22.81 6.11 28.70
CA LYS G 226 -22.74 5.21 27.55
C LYS G 226 -23.10 6.02 26.32
N VAL G 227 -22.48 5.70 25.19
CA VAL G 227 -22.76 6.38 23.92
C VAL G 227 -22.58 5.36 22.81
N ASN G 228 -23.56 5.27 21.91
CA ASN G 228 -23.64 4.19 20.92
C ASN G 228 -23.57 2.83 21.61
N GLY G 229 -24.25 2.72 22.75
CA GLY G 229 -24.23 1.53 23.58
C GLY G 229 -22.82 1.19 24.01
N GLN G 230 -22.14 2.17 24.60
CA GLN G 230 -20.72 2.03 24.86
C GLN G 230 -20.20 3.09 25.84
N SER G 231 -19.52 2.63 26.91
CA SER G 231 -18.90 3.51 27.92
C SER G 231 -17.40 3.76 27.69
N GLY G 232 -16.72 2.81 27.04
CA GLY G 232 -15.31 3.01 26.69
C GLY G 232 -15.17 4.13 25.69
N ARG G 233 -13.93 4.56 25.46
CA ARG G 233 -13.65 5.65 24.51
C ARG G 233 -12.33 5.48 23.74
N MET G 234 -12.38 5.64 22.43
CA MET G 234 -11.18 5.66 21.59
C MET G 234 -10.71 7.08 21.52
N GLU G 235 -9.40 7.28 21.58
CA GLU G 235 -8.84 8.60 21.34
C GLU G 235 -7.72 8.44 20.32
N PHE G 236 -7.85 9.11 19.20
CA PHE G 236 -6.90 8.93 18.12
C PHE G 236 -6.01 10.13 17.96
N PHE G 237 -4.85 9.88 17.40
CA PHE G 237 -3.85 10.91 17.21
C PHE G 237 -3.22 10.78 15.83
N TRP G 238 -2.39 11.74 15.47
CA TRP G 238 -1.76 11.70 14.16
C TRP G 238 -0.35 12.30 14.17
N THR G 239 0.31 12.25 13.01
CA THR G 239 1.57 12.96 12.79
C THR G 239 2.05 12.75 11.35
N ILE G 240 2.58 13.80 10.73
CA ILE G 240 3.13 13.65 9.38
C ILE G 240 4.56 13.11 9.51
N LEU G 241 4.89 12.09 8.71
CA LEU G 241 6.21 11.50 8.76
C LEU G 241 6.99 11.88 7.51
N LYS G 242 8.10 12.58 7.71
CA LYS G 242 8.98 13.02 6.62
C LYS G 242 9.71 11.85 5.96
N PRO G 243 10.06 12.00 4.68
CA PRO G 243 10.95 11.07 4.01
C PRO G 243 12.20 10.69 4.83
N ASN G 244 12.45 9.39 4.91
CA ASN G 244 13.60 8.81 5.60
C ASN G 244 13.62 8.96 7.12
N ASP G 245 12.43 8.96 7.72
CA ASP G 245 12.32 9.11 9.16
C ASP G 245 11.58 7.93 9.75
N ALA G 246 12.04 7.49 10.93
CA ALA G 246 11.41 6.40 11.66
C ALA G 246 10.22 6.91 12.50
N ILE G 247 9.15 6.11 12.57
CA ILE G 247 8.17 6.22 13.65
C ILE G 247 8.19 4.89 14.39
N ASN G 248 8.32 4.96 15.71
CA ASN G 248 8.48 3.77 16.55
C ASN G 248 7.40 3.72 17.63
N PHE G 249 6.57 2.68 17.60
CA PHE G 249 5.55 2.46 18.62
C PHE G 249 6.06 1.45 19.63
N GLU G 250 5.77 1.69 20.90
CA GLU G 250 5.92 0.66 21.93
C GLU G 250 4.68 0.66 22.80
N SER G 251 4.21 -0.51 23.20
CA SER G 251 3.01 -0.58 24.03
C SER G 251 2.83 -1.90 24.74
N ASN G 252 2.17 -1.88 25.90
CA ASN G 252 1.77 -3.11 26.62
C ASN G 252 0.27 -3.11 27.00
N GLY G 253 -0.53 -2.50 26.12
CA GLY G 253 -1.97 -2.41 26.31
C GLY G 253 -2.63 -1.27 25.55
N ASN G 254 -3.93 -1.42 25.29
CA ASN G 254 -4.80 -0.34 24.84
C ASN G 254 -4.42 0.29 23.49
N PHE G 255 -3.42 -0.30 22.82
CA PHE G 255 -2.91 0.21 21.55
C PHE G 255 -3.87 -0.11 20.40
N ILE G 256 -4.56 0.92 19.96
CA ILE G 256 -5.23 0.88 18.67
C ILE G 256 -4.15 1.17 17.63
N ALA G 257 -3.75 0.14 16.90
CA ALA G 257 -2.61 0.21 15.97
C ALA G 257 -3.03 0.69 14.59
N PRO G 258 -2.10 1.26 13.82
CA PRO G 258 -2.37 1.55 12.43
C PRO G 258 -2.21 0.32 11.58
N GLU G 259 -3.02 0.16 10.55
CA GLU G 259 -2.70 -0.76 9.46
C GLU G 259 -2.21 0.09 8.30
N TYR G 260 -2.98 1.11 7.97
CA TYR G 260 -2.71 2.00 6.82
C TYR G 260 -2.34 3.42 7.26
N ALA G 261 -1.45 4.05 6.48
CA ALA G 261 -1.17 5.50 6.52
C ALA G 261 -1.44 6.08 5.14
N TYR G 262 -1.21 7.38 4.95
CA TYR G 262 -1.56 8.06 3.68
C TYR G 262 -0.42 8.82 2.99
N LYS G 263 -0.05 8.40 1.78
CA LYS G 263 0.89 9.14 0.95
C LYS G 263 0.23 10.41 0.51
N ILE G 264 0.83 11.56 0.82
CA ILE G 264 0.33 12.84 0.32
C ILE G 264 0.87 13.06 -1.08
N VAL G 265 0.01 12.90 -2.09
CA VAL G 265 0.45 12.82 -3.49
C VAL G 265 0.63 14.22 -4.12
N LYS G 266 -0.41 14.81 -4.72
CA LYS G 266 -0.27 16.23 -5.06
C LYS G 266 -1.02 17.09 -4.06
N LYS G 267 -0.46 18.28 -3.83
CA LYS G 267 -0.98 19.20 -2.88
C LYS G 267 -1.46 20.40 -3.68
N GLY G 268 -1.61 21.53 -3.01
CA GLY G 268 -1.93 22.77 -3.64
C GLY G 268 -3.20 23.33 -3.08
N ASP G 269 -4.24 23.37 -3.91
CA ASP G 269 -5.41 24.17 -3.61
C ASP G 269 -6.72 23.42 -3.63
N SER G 270 -7.30 23.33 -2.44
CA SER G 270 -8.61 22.75 -2.21
C SER G 270 -9.20 23.37 -0.94
N THR G 271 -10.42 22.99 -0.58
CA THR G 271 -11.04 23.43 0.68
C THR G 271 -12.08 22.42 1.14
N ILE G 272 -12.29 22.36 2.45
CA ILE G 272 -13.42 21.63 3.01
C ILE G 272 -14.59 22.61 3.05
N MET G 273 -15.69 22.22 2.42
CA MET G 273 -16.85 23.08 2.21
C MET G 273 -18.10 22.51 2.88
N LYS G 274 -18.63 23.23 3.87
CA LYS G 274 -19.86 22.84 4.54
C LYS G 274 -21.05 23.16 3.64
N SER G 275 -21.54 22.15 2.95
CA SER G 275 -22.80 22.23 2.19
C SER G 275 -23.68 21.04 2.59
N GLU G 276 -24.94 21.07 2.15
CA GLU G 276 -25.84 19.92 2.27
C GLU G 276 -26.23 19.34 0.92
N LEU G 277 -25.99 20.08 -0.16
CA LEU G 277 -26.30 19.66 -1.53
C LEU G 277 -25.58 18.38 -1.91
N GLU G 278 -25.97 17.82 -3.05
CA GLU G 278 -25.23 16.73 -3.67
C GLU G 278 -24.73 17.14 -5.07
N TYR G 279 -23.97 16.24 -5.70
CA TYR G 279 -23.41 16.44 -7.06
C TYR G 279 -24.47 16.81 -8.11
N GLY G 280 -24.08 17.49 -9.19
CA GLY G 280 -25.01 17.87 -10.27
C GLY G 280 -24.54 17.72 -11.71
N ASN G 281 -23.49 16.92 -11.93
CA ASN G 281 -22.94 16.60 -13.27
C ASN G 281 -22.69 17.79 -14.23
N CYS G 282 -22.59 18.99 -13.66
CA CYS G 282 -22.27 20.23 -14.37
C CYS G 282 -20.74 20.33 -14.55
N ASN G 283 -20.28 21.54 -14.80
CA ASN G 283 -18.87 21.91 -14.58
C ASN G 283 -18.82 23.43 -14.47
N THR G 284 -18.07 23.97 -13.51
CA THR G 284 -17.99 25.43 -13.32
C THR G 284 -16.61 25.92 -12.91
N LYS G 285 -16.40 27.23 -13.05
CA LYS G 285 -15.12 27.86 -12.69
C LYS G 285 -15.20 28.57 -11.35
N CYS G 286 -16.38 28.54 -10.73
CA CYS G 286 -16.60 29.15 -9.42
C CYS G 286 -17.72 28.45 -8.67
N GLN G 287 -17.44 28.09 -7.42
CA GLN G 287 -18.35 27.28 -6.61
C GLN G 287 -18.51 27.85 -5.21
N THR G 288 -19.75 27.85 -4.72
CA THR G 288 -20.08 28.31 -3.36
C THR G 288 -21.02 27.29 -2.73
N PRO G 289 -21.00 27.15 -1.39
CA PRO G 289 -21.87 26.15 -0.75
C PRO G 289 -23.39 26.19 -1.08
N MET G 290 -23.87 27.20 -1.80
CA MET G 290 -25.25 27.20 -2.31
C MET G 290 -25.38 26.74 -3.78
N GLY G 291 -24.50 27.21 -4.66
CA GLY G 291 -24.50 26.82 -6.08
C GLY G 291 -23.26 27.28 -6.82
N ALA G 292 -23.14 26.92 -8.11
CA ALA G 292 -22.05 27.44 -8.95
C ALA G 292 -22.41 28.83 -9.46
N ILE G 293 -21.43 29.53 -10.04
CA ILE G 293 -21.63 30.91 -10.47
C ILE G 293 -21.11 31.18 -11.89
N ASN G 294 -21.95 31.83 -12.71
CA ASN G 294 -21.79 31.87 -14.16
C ASN G 294 -21.23 33.22 -14.61
N SER G 295 -20.25 33.73 -13.87
CA SER G 295 -20.05 35.19 -13.78
C SER G 295 -18.82 35.86 -14.42
N SER G 296 -19.11 36.85 -15.26
CA SER G 296 -18.17 37.91 -15.60
C SER G 296 -18.62 39.20 -14.93
N MET G 297 -19.40 39.07 -13.84
CA MET G 297 -19.69 40.22 -12.99
C MET G 297 -18.52 40.36 -12.02
N PRO G 298 -18.08 41.60 -11.76
CA PRO G 298 -17.00 41.78 -10.79
C PRO G 298 -17.39 41.44 -9.32
N PHE G 299 -18.69 41.47 -9.01
CA PHE G 299 -19.16 41.23 -7.66
C PHE G 299 -20.27 40.19 -7.61
N HIS G 300 -20.52 39.67 -6.40
CA HIS G 300 -21.65 38.76 -6.15
C HIS G 300 -22.04 38.77 -4.66
N ASN G 301 -23.32 38.55 -4.38
CA ASN G 301 -23.83 38.54 -3.00
C ASN G 301 -24.26 37.15 -2.51
N ILE G 302 -24.01 36.12 -3.30
CA ILE G 302 -24.46 34.76 -2.97
C ILE G 302 -23.95 34.19 -1.63
N HIS G 303 -22.65 33.96 -1.51
CA HIS G 303 -22.08 33.41 -0.28
C HIS G 303 -20.60 33.80 -0.07
N PRO G 304 -20.23 34.20 1.18
CA PRO G 304 -18.86 34.70 1.42
C PRO G 304 -17.78 33.72 0.97
N LEU G 305 -17.95 32.46 1.38
CA LEU G 305 -16.94 31.39 1.26
C LEU G 305 -16.97 30.65 -0.07
N THR G 306 -16.22 31.19 -1.02
CA THR G 306 -16.25 30.74 -2.39
C THR G 306 -14.91 30.06 -2.71
N ILE G 307 -14.89 29.16 -3.69
CA ILE G 307 -13.64 28.58 -4.17
C ILE G 307 -13.67 28.43 -5.68
N GLY G 308 -12.53 28.69 -6.32
CA GLY G 308 -12.43 28.76 -7.77
C GLY G 308 -11.88 30.12 -8.15
N GLU G 309 -12.03 30.50 -9.41
CA GLU G 309 -11.66 31.86 -9.83
C GLU G 309 -12.94 32.68 -9.84
N CYS G 310 -13.22 33.32 -8.71
CA CYS G 310 -14.53 33.90 -8.46
C CYS G 310 -14.53 35.43 -8.44
N PRO G 311 -15.72 36.03 -8.70
CA PRO G 311 -16.00 37.42 -8.39
C PRO G 311 -15.78 37.72 -6.93
N LYS G 312 -15.55 38.99 -6.60
CA LYS G 312 -15.42 39.39 -5.19
C LYS G 312 -16.77 39.66 -4.54
N TYR G 313 -16.91 39.16 -3.32
CA TYR G 313 -18.16 39.16 -2.60
C TYR G 313 -18.41 40.49 -1.95
N VAL G 314 -19.65 40.93 -1.97
CA VAL G 314 -20.11 42.09 -1.21
C VAL G 314 -21.50 41.75 -0.72
N LYS G 315 -21.88 42.25 0.46
CA LYS G 315 -23.22 41.98 0.98
C LYS G 315 -24.16 43.13 0.62
N SER G 316 -24.16 43.48 -0.67
CA SER G 316 -25.08 44.47 -1.22
C SER G 316 -26.19 43.79 -2.05
N ASN G 317 -27.40 44.34 -1.96
CA ASN G 317 -28.56 43.82 -2.72
C ASN G 317 -28.65 44.34 -4.14
N ARG G 318 -28.21 45.58 -4.34
CA ARG G 318 -28.32 46.29 -5.61
C ARG G 318 -27.00 47.02 -5.81
N LEU G 319 -26.26 46.73 -6.88
CA LEU G 319 -25.01 47.46 -7.16
C LEU G 319 -24.92 47.84 -8.66
N VAL G 320 -25.48 49.01 -9.00
CA VAL G 320 -25.56 49.44 -10.40
C VAL G 320 -24.82 50.77 -10.62
N LEU G 321 -24.21 50.88 -11.81
CA LEU G 321 -23.52 52.09 -12.26
C LEU G 321 -24.34 52.73 -13.36
N ALA G 322 -24.12 54.02 -13.60
CA ALA G 322 -24.78 54.74 -14.70
C ALA G 322 -23.77 54.92 -15.84
N THR G 323 -24.19 54.57 -17.05
CA THR G 323 -23.38 54.80 -18.24
C THR G 323 -23.87 56.07 -18.93
N GLY G 324 -25.18 56.11 -19.22
CA GLY G 324 -25.76 57.14 -20.09
C GLY G 324 -26.30 58.39 -19.41
N LEU G 325 -27.26 59.03 -20.06
CA LEU G 325 -27.77 60.31 -19.59
C LEU G 325 -28.95 60.17 -18.64
N ARG G 326 -29.08 61.17 -17.78
CA ARG G 326 -30.35 61.65 -17.28
C ARG G 326 -31.45 61.47 -18.31
N ASN G 327 -32.50 60.72 -17.98
CA ASN G 327 -33.60 60.51 -18.93
C ASN G 327 -34.70 61.55 -18.81
N SER G 328 -34.67 62.53 -19.72
CA SER G 328 -35.56 63.70 -19.65
C SER G 328 -36.11 64.08 -21.04
N PRO G 329 -37.09 63.29 -21.56
CA PRO G 329 -37.66 63.38 -22.95
C PRO G 329 -38.15 64.78 -23.45
N GLN G 330 -38.47 64.84 -24.74
CA GLN G 330 -38.77 66.10 -25.46
C GLN G 330 -39.10 67.27 -24.55
N GLY H 1 -28.03 69.56 -13.17
CA GLY H 1 -27.66 69.51 -11.73
C GLY H 1 -26.64 70.59 -11.39
N LEU H 2 -25.49 70.54 -12.08
CA LEU H 2 -24.39 71.48 -11.85
C LEU H 2 -24.20 72.42 -13.05
N PHE H 3 -23.73 71.88 -14.18
CA PHE H 3 -23.39 72.73 -15.35
C PHE H 3 -24.62 73.31 -16.09
N GLY H 4 -25.82 72.91 -15.67
CA GLY H 4 -27.03 73.67 -15.96
C GLY H 4 -27.71 73.51 -17.31
N ALA H 5 -27.27 72.54 -18.12
CA ALA H 5 -27.82 72.35 -19.48
C ALA H 5 -28.90 71.26 -19.55
N ILE H 6 -28.59 70.07 -19.05
CA ILE H 6 -29.50 68.92 -19.08
C ILE H 6 -30.67 69.11 -18.11
N ALA H 7 -31.89 68.95 -18.62
CA ALA H 7 -33.11 69.22 -17.85
C ALA H 7 -33.05 70.61 -17.20
N GLY H 8 -32.39 71.54 -17.90
CA GLY H 8 -32.17 72.90 -17.40
C GLY H 8 -32.56 73.89 -18.48
N PHE H 9 -31.57 74.56 -19.07
CA PHE H 9 -31.85 75.50 -20.16
C PHE H 9 -32.18 74.76 -21.46
N ILE H 10 -31.62 73.57 -21.65
CA ILE H 10 -32.08 72.67 -22.70
C ILE H 10 -33.18 71.81 -22.09
N GLU H 11 -34.43 72.22 -22.35
CA GLU H 11 -35.64 71.69 -21.69
C GLU H 11 -35.70 70.16 -21.62
N GLY H 12 -35.31 69.49 -22.70
CA GLY H 12 -35.31 68.03 -22.74
C GLY H 12 -34.62 67.39 -23.92
N GLY H 13 -34.11 66.18 -23.70
CA GLY H 13 -33.52 65.36 -24.76
C GLY H 13 -34.60 64.82 -25.68
N TRP H 14 -34.19 64.31 -26.83
CA TRP H 14 -35.15 63.94 -27.87
C TRP H 14 -35.27 62.44 -28.02
N GLN H 15 -36.47 61.94 -27.81
CA GLN H 15 -36.85 60.59 -28.19
C GLN H 15 -36.43 60.33 -29.64
N GLY H 16 -36.60 61.36 -30.49
CA GLY H 16 -36.33 61.28 -31.92
C GLY H 16 -34.90 60.97 -32.35
N MET H 17 -33.91 61.53 -31.67
CA MET H 17 -32.50 61.19 -31.91
C MET H 17 -32.18 59.84 -31.25
N VAL H 18 -31.49 58.94 -31.98
CA VAL H 18 -31.11 57.61 -31.44
C VAL H 18 -29.69 57.11 -31.81
N ASP H 19 -28.84 58.02 -32.28
CA ASP H 19 -27.48 57.69 -32.75
C ASP H 19 -26.49 57.75 -31.60
N GLY H 20 -26.58 58.81 -30.80
CA GLY H 20 -25.59 59.08 -29.76
C GLY H 20 -26.15 59.89 -28.61
N TRP H 21 -25.27 60.41 -27.77
CA TRP H 21 -25.66 61.10 -26.55
C TRP H 21 -26.03 62.55 -26.79
N TYR H 22 -25.29 63.23 -27.67
CA TYR H 22 -25.45 64.65 -27.94
C TYR H 22 -25.60 64.87 -29.45
N GLY H 23 -26.16 66.00 -29.84
CA GLY H 23 -26.37 66.26 -31.26
C GLY H 23 -26.98 67.58 -31.66
N TYR H 24 -27.69 67.56 -32.78
CA TYR H 24 -28.25 68.75 -33.41
C TYR H 24 -29.58 68.45 -34.15
N HIS H 25 -30.35 69.50 -34.42
CA HIS H 25 -31.61 69.42 -35.18
C HIS H 25 -31.74 70.68 -36.04
N HIS H 26 -31.38 70.55 -37.32
CA HIS H 26 -31.42 71.67 -38.24
C HIS H 26 -32.83 71.90 -38.81
N SER H 27 -32.97 72.99 -39.56
CA SER H 27 -34.20 73.31 -40.31
C SER H 27 -33.95 74.53 -41.20
N ASN H 28 -34.09 74.37 -42.52
CA ASN H 28 -34.00 75.50 -43.45
C ASN H 28 -35.07 75.39 -44.55
N GLU H 29 -34.80 75.93 -45.74
CA GLU H 29 -35.70 75.72 -46.88
C GLU H 29 -35.82 74.24 -47.26
N GLN H 30 -34.75 73.47 -47.06
CA GLN H 30 -34.71 72.07 -47.45
C GLN H 30 -35.00 71.14 -46.27
N GLY H 31 -33.99 70.90 -45.44
CA GLY H 31 -33.98 69.78 -44.51
C GLY H 31 -34.88 69.97 -43.33
N SER H 32 -34.97 68.93 -42.50
CA SER H 32 -35.81 68.92 -41.30
C SER H 32 -35.55 67.66 -40.46
N GLY H 33 -34.40 67.58 -39.77
CA GLY H 33 -34.05 66.33 -39.08
C GLY H 33 -32.96 66.32 -38.01
N TYR H 34 -32.94 65.21 -37.26
CA TYR H 34 -31.96 64.94 -36.21
C TYR H 34 -30.63 64.42 -36.78
N ALA H 35 -29.56 64.61 -36.03
CA ALA H 35 -28.22 64.22 -36.45
C ALA H 35 -27.22 64.36 -35.30
N ALA H 36 -26.81 63.23 -34.73
CA ALA H 36 -25.95 63.23 -33.55
C ALA H 36 -24.54 63.75 -33.83
N ASP H 37 -23.75 63.93 -32.77
CA ASP H 37 -22.32 64.22 -32.92
C ASP H 37 -21.50 63.02 -32.48
N LYS H 38 -20.94 62.33 -33.48
CA LYS H 38 -20.20 61.08 -33.25
C LYS H 38 -18.88 61.37 -32.52
N GLU H 39 -18.44 62.62 -32.52
CA GLU H 39 -17.10 63.01 -32.04
C GLU H 39 -17.12 63.33 -30.55
N SER H 40 -18.09 64.15 -30.13
CA SER H 40 -18.19 64.56 -28.73
C SER H 40 -18.79 63.46 -27.85
N THR H 41 -19.76 62.72 -28.39
CA THR H 41 -20.32 61.55 -27.69
C THR H 41 -19.25 60.50 -27.47
N GLN H 42 -18.49 60.18 -28.52
CA GLN H 42 -17.41 59.20 -28.43
C GLN H 42 -16.44 59.52 -27.30
N LYS H 43 -16.16 60.80 -27.09
CA LYS H 43 -15.27 61.20 -25.99
C LYS H 43 -15.88 60.85 -24.62
N ALA H 44 -17.21 60.88 -24.55
CA ALA H 44 -17.93 60.47 -23.33
C ALA H 44 -17.86 58.95 -23.13
N ILE H 45 -18.25 58.18 -24.14
CA ILE H 45 -18.21 56.72 -24.05
C ILE H 45 -16.81 56.19 -23.73
N ASP H 46 -15.78 56.83 -24.28
CA ASP H 46 -14.42 56.58 -23.83
C ASP H 46 -14.30 56.81 -22.32
N GLY H 47 -14.71 57.98 -21.85
CA GLY H 47 -14.52 58.36 -20.46
C GLY H 47 -15.26 57.51 -19.46
N VAL H 48 -16.42 57.00 -19.86
CA VAL H 48 -17.19 56.09 -19.03
C VAL H 48 -16.65 54.66 -19.16
N THR H 49 -16.45 54.17 -20.40
CA THR H 49 -15.82 52.86 -20.58
C THR H 49 -14.64 52.76 -19.64
N ASN H 50 -13.74 53.74 -19.72
CA ASN H 50 -12.53 53.74 -18.89
C ASN H 50 -12.78 53.91 -17.40
N LYS H 51 -13.91 54.48 -17.04
CA LYS H 51 -14.29 54.58 -15.63
C LYS H 51 -14.72 53.21 -15.07
N VAL H 52 -15.45 52.41 -15.84
CA VAL H 52 -15.97 51.12 -15.34
C VAL H 52 -14.98 49.98 -15.55
N ASN H 53 -13.99 50.19 -16.41
CA ASN H 53 -12.82 49.31 -16.46
C ASN H 53 -11.91 49.56 -15.26
N SER H 54 -12.00 50.77 -14.70
CA SER H 54 -11.14 51.19 -13.59
C SER H 54 -11.56 50.63 -12.24
N ILE H 55 -12.86 50.41 -12.04
CA ILE H 55 -13.36 49.92 -10.75
C ILE H 55 -13.38 48.39 -10.70
N ILE H 56 -13.59 47.76 -11.86
CA ILE H 56 -13.36 46.32 -11.99
C ILE H 56 -11.95 45.97 -11.54
N ASP H 57 -10.98 46.66 -12.13
CA ASP H 57 -9.54 46.48 -11.82
C ASP H 57 -9.15 46.73 -10.33
N LYS H 58 -9.95 47.55 -9.64
CA LYS H 58 -9.67 47.89 -8.24
C LYS H 58 -10.25 46.88 -7.24
N MET H 59 -10.88 45.82 -7.72
CA MET H 59 -11.40 44.79 -6.82
C MET H 59 -11.11 43.40 -7.39
N ASN H 60 -9.93 43.24 -7.99
CA ASN H 60 -9.36 41.93 -8.20
C ASN H 60 -8.37 41.69 -7.07
N THR H 61 -7.75 42.77 -6.59
CA THR H 61 -6.92 42.76 -5.38
C THR H 61 -7.76 43.18 -4.15
N GLN H 62 -8.90 42.50 -3.99
CA GLN H 62 -9.75 42.68 -2.82
C GLN H 62 -9.25 41.71 -1.74
N PHE H 63 -10.03 41.50 -0.68
CA PHE H 63 -9.65 40.55 0.38
C PHE H 63 -10.37 39.19 0.28
N GLU H 64 -9.56 38.13 0.28
CA GLU H 64 -10.02 36.74 0.13
C GLU H 64 -10.52 36.15 1.48
N ALA H 65 -11.78 35.72 1.54
CA ALA H 65 -12.36 35.19 2.80
C ALA H 65 -12.45 33.65 2.81
N VAL H 66 -11.49 32.99 3.46
CA VAL H 66 -11.43 31.52 3.50
C VAL H 66 -11.83 30.96 4.86
N GLY H 67 -12.40 29.76 4.85
CA GLY H 67 -12.99 29.16 6.05
C GLY H 67 -11.98 28.46 6.95
N ARG H 68 -12.21 28.59 8.25
CA ARG H 68 -11.40 27.91 9.25
C ARG H 68 -12.26 27.37 10.37
N GLU H 69 -11.95 26.14 10.79
CA GLU H 69 -12.82 25.34 11.67
C GLU H 69 -12.29 25.33 13.10
N PHE H 70 -13.17 25.60 14.07
CA PHE H 70 -12.74 25.69 15.47
C PHE H 70 -13.39 24.71 16.42
N ASN H 71 -12.61 24.46 17.45
CA ASN H 71 -12.94 23.61 18.56
C ASN H 71 -14.01 24.25 19.47
N ASN H 72 -14.57 23.43 20.35
CA ASN H 72 -15.62 23.83 21.29
C ASN H 72 -15.08 24.44 22.62
N LEU H 73 -13.77 24.42 22.78
CA LEU H 73 -13.10 25.14 23.86
C LEU H 73 -12.14 26.16 23.28
N GLU H 74 -12.26 26.41 21.98
CA GLU H 74 -11.54 27.49 21.33
C GLU H 74 -12.58 28.51 20.91
N ARG H 75 -13.62 28.58 21.71
CA ARG H 75 -14.79 29.32 21.33
C ARG H 75 -14.50 30.80 21.03
N ARG H 76 -13.49 31.39 21.69
CA ARG H 76 -13.28 32.83 21.55
C ARG H 76 -12.36 33.24 20.38
N ILE H 77 -11.40 32.41 20.04
CA ILE H 77 -10.73 32.62 18.77
C ILE H 77 -11.59 32.10 17.60
N GLU H 78 -12.63 31.31 17.87
CA GLU H 78 -13.67 31.07 16.85
C GLU H 78 -14.40 32.38 16.59
N ASN H 79 -14.66 33.13 17.66
CA ASN H 79 -15.36 34.39 17.57
C ASN H 79 -14.52 35.50 16.99
N LEU H 80 -13.26 35.56 17.37
CA LEU H 80 -12.34 36.56 16.85
C LEU H 80 -12.28 36.43 15.32
N ASN H 81 -12.14 35.19 14.87
CA ASN H 81 -12.20 34.83 13.47
C ASN H 81 -13.48 35.31 12.82
N LYS H 82 -14.61 35.11 13.49
CA LYS H 82 -15.92 35.51 12.96
C LYS H 82 -16.04 37.03 12.77
N LYS H 83 -15.83 37.80 13.83
CA LYS H 83 -15.93 39.24 13.72
C LYS H 83 -15.01 39.76 12.63
N MET H 84 -13.77 39.29 12.61
CA MET H 84 -12.83 39.77 11.61
C MET H 84 -13.42 39.69 10.20
N GLU H 85 -13.69 38.48 9.73
CA GLU H 85 -14.05 38.27 8.35
C GLU H 85 -15.32 39.00 7.96
N ASP H 86 -16.32 39.02 8.83
CA ASP H 86 -17.54 39.85 8.62
C ASP H 86 -17.26 41.36 8.79
N GLY H 87 -16.04 41.71 9.21
CA GLY H 87 -15.64 43.10 9.31
C GLY H 87 -15.03 43.59 8.02
N PHE H 88 -14.16 42.79 7.43
CA PHE H 88 -13.61 43.10 6.12
C PHE H 88 -14.71 43.03 5.09
N LEU H 89 -15.69 42.15 5.29
CA LEU H 89 -16.84 42.10 4.39
C LEU H 89 -17.70 43.35 4.53
N ASP H 90 -17.71 43.99 5.71
CA ASP H 90 -18.33 45.32 5.84
C ASP H 90 -17.46 46.35 5.15
N VAL H 91 -16.20 46.47 5.57
CA VAL H 91 -15.29 47.46 4.99
C VAL H 91 -15.39 47.47 3.46
N TRP H 92 -15.21 46.30 2.86
CA TRP H 92 -15.26 46.16 1.39
C TRP H 92 -16.64 46.37 0.76
N THR H 93 -17.71 46.20 1.53
CA THR H 93 -19.05 46.52 1.05
C THR H 93 -19.29 48.03 1.05
N TYR H 94 -18.96 48.68 2.16
CA TYR H 94 -19.07 50.13 2.25
C TYR H 94 -18.21 50.73 1.15
N ASN H 95 -16.92 50.43 1.16
CA ASN H 95 -16.05 50.89 0.09
C ASN H 95 -16.73 50.83 -1.31
N ALA H 96 -17.39 49.70 -1.61
CA ALA H 96 -18.00 49.49 -2.92
C ALA H 96 -19.27 50.31 -3.13
N GLU H 97 -20.18 50.26 -2.17
CA GLU H 97 -21.43 51.04 -2.29
C GLU H 97 -21.22 52.58 -2.33
N LEU H 98 -20.28 53.08 -1.53
CA LEU H 98 -19.95 54.49 -1.52
C LEU H 98 -19.37 54.82 -2.88
N LEU H 99 -18.46 53.98 -3.39
CA LEU H 99 -17.78 54.29 -4.65
C LEU H 99 -18.75 54.32 -5.84
N VAL H 100 -19.73 53.41 -5.89
CA VAL H 100 -20.75 53.46 -6.97
C VAL H 100 -21.62 54.74 -6.88
N LEU H 101 -22.07 55.06 -5.67
CA LEU H 101 -22.86 56.25 -5.44
C LEU H 101 -22.08 57.51 -5.81
N MET H 102 -20.87 57.66 -5.25
CA MET H 102 -20.07 58.87 -5.44
C MET H 102 -19.74 59.12 -6.92
N GLU H 103 -19.66 58.03 -7.68
CA GLU H 103 -19.29 58.10 -9.08
C GLU H 103 -20.50 58.16 -10.00
N ASN H 104 -21.58 57.47 -9.62
CA ASN H 104 -22.88 57.64 -10.30
C ASN H 104 -23.20 59.11 -10.41
N GLU H 105 -22.92 59.84 -9.33
CA GLU H 105 -23.04 61.30 -9.29
C GLU H 105 -22.10 62.00 -10.29
N ARG H 106 -20.81 61.68 -10.20
CA ARG H 106 -19.80 62.28 -11.07
C ARG H 106 -19.98 61.96 -12.56
N THR H 107 -20.76 60.93 -12.87
CA THR H 107 -21.11 60.59 -14.25
C THR H 107 -22.15 61.55 -14.82
N LEU H 108 -23.19 61.84 -14.05
CA LEU H 108 -24.31 62.64 -14.52
C LEU H 108 -23.99 64.12 -14.73
N ASP H 109 -22.81 64.56 -14.30
CA ASP H 109 -22.37 65.94 -14.53
C ASP H 109 -21.46 66.02 -15.76
N PHE H 110 -20.59 65.03 -15.87
CA PHE H 110 -19.76 64.85 -17.05
C PHE H 110 -20.62 65.02 -18.31
N HIS H 111 -21.77 64.33 -18.34
CA HIS H 111 -22.71 64.42 -19.48
C HIS H 111 -23.30 65.81 -19.65
N ASP H 112 -23.61 66.44 -18.52
CA ASP H 112 -24.07 67.83 -18.50
C ASP H 112 -23.00 68.80 -19.03
N SER H 113 -21.75 68.59 -18.61
CA SER H 113 -20.63 69.35 -19.14
C SER H 113 -20.46 69.15 -20.63
N ASN H 114 -20.69 67.92 -21.08
CA ASN H 114 -20.55 67.59 -22.49
C ASN H 114 -21.65 68.19 -23.38
N VAL H 115 -22.82 68.47 -22.79
CA VAL H 115 -23.90 69.20 -23.48
C VAL H 115 -23.55 70.68 -23.63
N LYS H 116 -23.08 71.26 -22.54
CA LYS H 116 -22.77 72.69 -22.47
C LYS H 116 -21.61 73.06 -23.40
N ASN H 117 -20.53 72.26 -23.35
CA ASN H 117 -19.32 72.57 -24.11
C ASN H 117 -19.49 72.37 -25.64
N LEU H 118 -20.21 71.32 -26.03
CA LEU H 118 -20.71 71.16 -27.41
C LEU H 118 -21.55 72.38 -27.82
N TYR H 119 -22.36 72.89 -26.89
CA TYR H 119 -23.16 74.08 -27.15
C TYR H 119 -22.28 75.33 -27.33
N ASP H 120 -21.22 75.45 -26.54
CA ASP H 120 -20.32 76.59 -26.67
C ASP H 120 -19.37 76.45 -27.86
N LYS H 121 -19.02 75.20 -28.20
CA LYS H 121 -18.30 74.91 -29.43
C LYS H 121 -19.10 75.43 -30.64
N VAL H 122 -20.41 75.19 -30.65
CA VAL H 122 -21.30 75.69 -31.71
C VAL H 122 -21.56 77.18 -31.53
N ARG H 123 -21.48 77.65 -30.29
CA ARG H 123 -21.63 79.08 -30.00
C ARG H 123 -20.41 79.90 -30.43
N LEU H 124 -19.22 79.29 -30.39
CA LEU H 124 -17.99 79.97 -30.81
C LEU H 124 -17.84 80.00 -32.34
N GLN H 125 -18.05 78.85 -33.00
CA GLN H 125 -18.10 78.78 -34.47
C GLN H 125 -18.93 79.93 -35.01
N LEU H 126 -20.18 79.99 -34.60
CA LEU H 126 -21.09 81.08 -34.95
C LEU H 126 -21.12 82.09 -33.81
N ARG H 127 -20.55 83.27 -34.05
CA ARG H 127 -20.54 84.33 -33.04
C ARG H 127 -21.72 85.27 -33.26
N ASP H 128 -21.75 85.93 -34.40
CA ASP H 128 -22.80 86.92 -34.70
C ASP H 128 -23.46 86.75 -36.09
N ASN H 129 -23.04 85.74 -36.84
CA ASN H 129 -23.76 85.30 -38.05
C ASN H 129 -25.20 84.88 -37.74
N ALA H 130 -25.46 84.51 -36.49
CA ALA H 130 -26.76 84.03 -36.06
C ALA H 130 -27.09 84.46 -34.63
N LYS H 131 -28.38 84.43 -34.30
CA LYS H 131 -28.87 84.83 -32.97
C LYS H 131 -28.69 83.72 -31.96
N GLU H 132 -29.17 83.97 -30.74
CA GLU H 132 -29.08 83.00 -29.64
C GLU H 132 -30.40 83.04 -28.84
N LEU H 133 -31.23 82.00 -28.98
CA LEU H 133 -32.63 82.05 -28.53
C LEU H 133 -32.82 81.96 -27.02
N GLY H 134 -32.13 81.03 -26.36
CA GLY H 134 -32.22 80.89 -24.89
C GLY H 134 -32.55 79.49 -24.36
N ASN H 135 -32.98 78.59 -25.24
CA ASN H 135 -33.27 77.20 -24.90
C ASN H 135 -32.35 76.22 -25.64
N GLY H 136 -31.11 76.65 -25.88
CA GLY H 136 -30.12 75.85 -26.62
C GLY H 136 -30.22 75.94 -28.13
N CYS H 137 -30.80 77.03 -28.63
CA CYS H 137 -31.03 77.24 -30.07
C CYS H 137 -30.35 78.48 -30.61
N PHE H 138 -29.67 78.34 -31.74
CA PHE H 138 -29.20 79.49 -32.51
C PHE H 138 -30.09 79.56 -33.74
N GLU H 139 -30.24 80.75 -34.33
CA GLU H 139 -30.98 80.92 -35.58
C GLU H 139 -30.15 81.73 -36.57
N PHE H 140 -30.14 81.29 -37.83
CA PHE H 140 -29.30 81.93 -38.84
C PHE H 140 -29.93 83.20 -39.40
N TYR H 141 -29.10 84.22 -39.58
CA TYR H 141 -29.47 85.37 -40.41
C TYR H 141 -29.24 85.01 -41.86
N HIS H 142 -28.17 84.26 -42.13
CA HIS H 142 -27.89 83.78 -43.49
C HIS H 142 -28.51 82.39 -43.74
N LYS H 143 -29.41 82.33 -44.72
CA LYS H 143 -30.20 81.13 -45.02
C LYS H 143 -29.32 79.93 -45.37
N CYS H 144 -28.89 79.21 -44.34
CA CYS H 144 -28.04 78.05 -44.52
C CYS H 144 -28.84 76.88 -45.12
N ASP H 145 -28.13 75.83 -45.52
CA ASP H 145 -28.75 74.68 -46.19
C ASP H 145 -28.01 73.37 -45.90
N ASN H 146 -28.50 72.27 -46.47
CA ASN H 146 -28.04 70.92 -46.12
C ASN H 146 -26.53 70.63 -46.19
N GLU H 147 -25.77 71.41 -46.96
CA GLU H 147 -24.31 71.24 -47.05
C GLU H 147 -23.57 72.14 -46.03
N CYS H 148 -24.14 73.32 -45.76
CA CYS H 148 -23.55 74.31 -44.85
C CYS H 148 -23.73 73.95 -43.37
N MET H 149 -24.81 73.23 -43.05
CA MET H 149 -25.02 72.70 -41.71
C MET H 149 -23.83 71.85 -41.32
N GLU H 150 -23.55 70.83 -42.14
CA GLU H 150 -22.41 69.92 -41.93
C GLU H 150 -21.06 70.65 -41.75
N SER H 151 -20.99 71.92 -42.11
CA SER H 151 -19.81 72.75 -41.81
C SER H 151 -19.78 73.10 -40.31
N VAL H 152 -20.93 73.48 -39.77
CA VAL H 152 -21.06 73.79 -38.33
C VAL H 152 -20.99 72.51 -37.49
N ARG H 153 -21.38 71.39 -38.09
CA ARG H 153 -21.51 70.11 -37.39
C ARG H 153 -20.15 69.40 -37.29
N ASN H 154 -19.44 69.29 -38.42
CA ASN H 154 -18.11 68.65 -38.46
C ASN H 154 -16.96 69.60 -38.04
N GLY H 155 -17.31 70.84 -37.67
CA GLY H 155 -16.31 71.79 -37.19
C GLY H 155 -15.84 72.76 -38.24
N THR H 156 -15.68 72.30 -39.48
CA THR H 156 -15.12 73.14 -40.55
C THR H 156 -16.10 74.21 -41.08
N TYR H 157 -16.54 75.09 -40.17
CA TYR H 157 -17.39 76.24 -40.55
C TYR H 157 -16.52 77.47 -40.80
N ASP H 158 -16.92 78.27 -41.77
CA ASP H 158 -16.19 79.46 -42.18
C ASP H 158 -17.03 80.70 -41.91
N TYR H 159 -16.38 81.74 -41.37
CA TYR H 159 -17.04 83.03 -41.13
C TYR H 159 -16.82 84.11 -42.21
N PRO H 160 -15.55 84.34 -42.68
CA PRO H 160 -15.29 85.38 -43.70
C PRO H 160 -16.12 85.30 -44.98
N GLN H 161 -17.02 84.32 -45.06
CA GLN H 161 -17.84 84.05 -46.23
C GLN H 161 -19.24 84.63 -46.02
N TYR H 162 -19.91 84.14 -44.98
CA TYR H 162 -21.31 84.49 -44.71
C TYR H 162 -21.44 85.81 -43.95
N SER H 163 -20.36 86.60 -43.88
CA SER H 163 -20.38 87.85 -43.14
C SER H 163 -21.29 88.89 -43.80
N GLU H 164 -20.95 89.33 -45.03
CA GLU H 164 -21.71 90.42 -45.68
C GLU H 164 -23.13 90.05 -46.19
N GLU H 165 -23.59 88.83 -45.88
CA GLU H 165 -25.01 88.47 -46.00
C GLU H 165 -25.67 88.55 -44.63
N ALA H 166 -25.07 87.88 -43.65
CA ALA H 166 -25.60 87.83 -42.29
C ALA H 166 -25.78 89.23 -41.70
N ARG H 167 -24.81 90.12 -41.94
CA ARG H 167 -24.94 91.51 -41.47
C ARG H 167 -25.64 92.45 -42.46
N LEU H 168 -25.84 92.02 -43.71
CA LEU H 168 -26.77 92.72 -44.62
C LEU H 168 -28.22 92.41 -44.20
N LYS H 169 -28.37 91.46 -43.27
CA LYS H 169 -29.62 91.22 -42.56
C LYS H 169 -29.65 92.06 -41.29
N ARG H 170 -28.59 91.99 -40.48
CA ARG H 170 -28.45 92.79 -39.25
C ARG H 170 -28.53 94.30 -39.49
N GLU H 171 -28.05 94.74 -40.65
CA GLU H 171 -27.98 96.17 -40.99
C GLU H 171 -29.34 96.86 -41.00
N GLU H 172 -30.40 96.13 -41.36
CA GLU H 172 -31.73 96.74 -41.58
C GLU H 172 -32.72 96.56 -40.42
N ILE H 173 -32.72 95.39 -39.77
CA ILE H 173 -33.58 95.17 -38.61
C ILE H 173 -33.35 96.24 -37.53
N SER H 174 -32.08 96.61 -37.32
CA SER H 174 -31.70 97.64 -36.36
C SER H 174 -31.29 98.94 -37.08
N GLU I 8 -6.70 96.47 -33.40
CA GLU I 8 -5.38 95.78 -33.37
C GLU I 8 -4.93 95.45 -31.94
N ASP I 9 -5.10 96.41 -31.03
CA ASP I 9 -4.71 96.23 -29.63
C ASP I 9 -5.54 95.15 -28.94
N GLN I 10 -4.90 94.30 -28.14
CA GLN I 10 -5.58 93.18 -27.46
C GLN I 10 -4.97 92.69 -26.13
N ILE I 11 -5.70 91.79 -25.46
CA ILE I 11 -5.26 91.12 -24.21
C ILE I 11 -5.72 89.66 -24.22
N CYS I 12 -4.86 88.75 -23.76
CA CYS I 12 -5.15 87.30 -23.81
C CYS I 12 -5.20 86.60 -22.43
N ILE I 13 -5.80 85.42 -22.39
CA ILE I 13 -5.90 84.62 -21.16
C ILE I 13 -5.52 83.17 -21.46
N GLY I 14 -4.39 82.70 -20.92
CA GLY I 14 -3.91 81.35 -21.21
C GLY I 14 -3.02 80.76 -20.15
N TYR I 15 -2.67 79.49 -20.31
CA TYR I 15 -2.00 78.74 -19.24
C TYR I 15 -0.57 78.32 -19.62
N HIS I 16 0.04 77.48 -18.77
CA HIS I 16 1.43 77.08 -18.90
C HIS I 16 1.59 75.72 -19.63
N ALA I 17 2.72 75.56 -20.31
CA ALA I 17 3.17 74.27 -20.87
C ALA I 17 4.69 74.17 -20.63
N ASN I 18 5.30 72.99 -20.77
CA ASN I 18 6.75 72.85 -20.46
C ASN I 18 7.44 71.59 -20.98
N ASN I 19 8.57 71.23 -20.35
CA ASN I 19 9.34 70.03 -20.71
C ASN I 19 8.86 68.77 -19.99
N SER I 20 7.90 68.90 -19.09
CA SER I 20 7.55 67.80 -18.17
C SER I 20 6.92 66.60 -18.85
N THR I 21 7.77 65.69 -19.27
CA THR I 21 7.33 64.45 -19.90
C THR I 21 6.40 63.61 -19.03
N GLU I 22 6.52 63.73 -17.71
CA GLU I 22 5.82 62.84 -16.77
C GLU I 22 4.29 62.96 -16.78
N GLN I 23 3.65 61.98 -16.13
CA GLN I 23 2.20 61.80 -16.23
C GLN I 23 1.56 61.32 -14.92
N VAL I 24 0.27 61.58 -14.81
CA VAL I 24 -0.55 61.11 -13.72
C VAL I 24 -1.67 60.29 -14.33
N ASP I 25 -2.58 59.82 -13.47
CA ASP I 25 -3.74 59.05 -13.88
C ASP I 25 -4.94 59.48 -13.07
N THR I 26 -6.13 59.45 -13.70
CA THR I 26 -7.40 59.79 -13.06
C THR I 26 -8.37 58.61 -13.16
N ILE I 27 -9.46 58.63 -12.41
CA ILE I 27 -10.51 57.61 -12.59
C ILE I 27 -10.91 57.52 -14.06
N MET I 28 -11.23 58.68 -14.65
CA MET I 28 -11.77 58.74 -16.01
C MET I 28 -10.73 58.60 -17.09
N GLU I 29 -9.50 59.04 -16.81
CA GLU I 29 -8.45 59.16 -17.82
C GLU I 29 -7.08 58.67 -17.29
N LYS I 30 -6.40 57.87 -18.11
CA LYS I 30 -5.09 57.31 -17.76
C LYS I 30 -4.02 57.98 -18.61
N ASN I 31 -2.78 58.02 -18.10
CA ASN I 31 -1.64 58.64 -18.77
C ASN I 31 -1.83 60.10 -19.16
N VAL I 32 -2.51 60.87 -18.32
CA VAL I 32 -2.66 62.30 -18.57
C VAL I 32 -1.35 62.99 -18.20
N THR I 33 -0.58 63.36 -19.22
CA THR I 33 0.71 64.02 -19.07
C THR I 33 0.59 65.46 -18.56
N VAL I 34 1.20 65.71 -17.41
CA VAL I 34 0.97 66.93 -16.62
C VAL I 34 2.24 67.75 -16.43
N THR I 35 2.07 69.03 -16.10
CA THR I 35 3.20 69.98 -16.01
C THR I 35 4.05 69.83 -14.72
N HIS I 36 3.42 69.44 -13.62
CA HIS I 36 4.15 69.18 -12.36
C HIS I 36 3.49 68.02 -11.59
N ALA I 37 4.32 67.23 -10.93
CA ALA I 37 3.86 66.02 -10.26
C ALA I 37 4.65 65.73 -8.98
N GLN I 38 4.39 64.59 -8.34
CA GLN I 38 4.97 64.26 -7.03
C GLN I 38 4.79 62.77 -6.67
N ASP I 39 5.83 61.97 -6.84
CA ASP I 39 5.80 60.59 -6.32
C ASP I 39 5.71 60.74 -4.81
N ILE I 40 4.86 59.93 -4.20
CA ILE I 40 4.69 59.95 -2.75
C ILE I 40 4.97 58.54 -2.21
N LEU I 41 5.72 57.76 -2.98
CA LEU I 41 5.98 56.37 -2.67
C LEU I 41 7.47 56.09 -2.81
N GLU I 42 8.17 55.98 -1.67
CA GLU I 42 9.60 55.65 -1.68
C GLU I 42 9.78 54.16 -1.99
N LYS I 43 10.50 53.87 -3.08
CA LYS I 43 10.72 52.49 -3.52
C LYS I 43 12.12 51.98 -3.21
N LYS I 44 13.00 52.85 -2.72
CA LYS I 44 14.44 52.53 -2.68
C LYS I 44 15.03 52.36 -1.27
N HIS I 45 15.92 51.36 -1.13
CA HIS I 45 16.62 51.06 0.13
C HIS I 45 18.10 50.70 -0.11
N ASN I 46 18.92 50.80 0.96
CA ASN I 46 20.37 50.61 0.85
C ASN I 46 20.83 49.14 0.89
N GLY I 47 20.07 48.29 1.56
CA GLY I 47 20.37 46.86 1.59
C GLY I 47 21.31 46.45 2.72
N LYS I 48 21.34 47.26 3.77
CA LYS I 48 22.15 46.98 4.94
C LYS I 48 21.27 47.09 6.17
N LEU I 49 21.64 46.33 7.20
CA LEU I 49 21.02 46.45 8.53
C LEU I 49 21.77 47.54 9.30
N CYS I 50 21.04 48.32 10.09
CA CYS I 50 21.59 49.55 10.64
C CYS I 50 21.19 49.83 12.07
N ASP I 51 21.96 50.69 12.72
CA ASP I 51 21.57 51.26 14.00
C ASP I 51 20.25 51.99 13.83
N LEU I 52 19.37 51.86 14.81
CA LEU I 52 18.14 52.61 14.84
C LEU I 52 18.33 53.78 15.81
N ASP I 53 18.68 54.94 15.24
CA ASP I 53 19.00 56.17 16.01
C ASP I 53 20.25 55.98 16.89
N GLY I 54 21.34 55.61 16.22
CA GLY I 54 22.61 55.32 16.88
C GLY I 54 22.47 54.28 17.96
N VAL I 55 21.73 53.20 17.70
CA VAL I 55 21.62 52.10 18.65
C VAL I 55 21.69 50.78 17.91
N LYS I 56 22.79 50.05 18.10
CA LYS I 56 23.03 48.85 17.30
C LYS I 56 22.01 47.77 17.58
N PRO I 57 21.58 47.06 16.53
CA PRO I 57 20.79 45.89 16.75
C PRO I 57 21.69 44.70 17.07
N LEU I 58 21.08 43.63 17.56
CA LEU I 58 21.80 42.39 17.84
C LEU I 58 21.61 41.36 16.72
N ILE I 59 22.62 41.22 15.88
CA ILE I 59 22.56 40.26 14.79
C ILE I 59 22.99 38.90 15.35
N LEU I 60 22.02 38.00 15.57
CA LEU I 60 22.32 36.65 16.08
C LEU I 60 23.12 35.76 15.09
N ARG I 61 23.23 36.21 13.84
CA ARG I 61 24.11 35.62 12.80
C ARG I 61 23.75 34.19 12.38
N ASP I 62 24.35 33.19 13.01
CA ASP I 62 23.96 31.82 12.77
C ASP I 62 23.57 31.13 14.06
N CYS I 63 22.99 31.91 14.97
CA CYS I 63 22.38 31.38 16.18
C CYS I 63 20.90 31.56 16.13
N SER I 64 20.21 30.65 16.78
CA SER I 64 18.82 30.87 17.11
C SER I 64 18.79 31.73 18.37
N VAL I 65 17.58 32.12 18.77
CA VAL I 65 17.38 32.85 20.01
C VAL I 65 17.48 31.90 21.18
N ALA I 66 17.10 30.64 20.98
CA ALA I 66 17.16 29.64 22.03
C ALA I 66 18.62 29.33 22.36
N GLY I 67 19.42 29.09 21.33
CA GLY I 67 20.86 28.90 21.46
C GLY I 67 21.53 30.05 22.18
N TRP I 68 21.13 31.26 21.85
CA TRP I 68 21.58 32.42 22.60
C TRP I 68 21.22 32.30 24.07
N LEU I 69 19.93 32.30 24.37
CA LEU I 69 19.45 32.32 25.77
C LEU I 69 19.93 31.12 26.60
N LEU I 70 20.12 29.96 25.97
CA LEU I 70 20.63 28.78 26.67
C LEU I 70 22.16 28.75 26.77
N GLY I 71 22.83 29.40 25.81
CA GLY I 71 24.28 29.40 25.77
C GLY I 71 24.82 28.16 25.09
N ASN I 72 24.65 28.11 23.78
CA ASN I 72 25.22 27.07 22.92
C ASN I 72 26.72 27.32 22.78
N PRO I 73 27.58 26.31 23.04
CA PRO I 73 29.03 26.55 22.95
C PRO I 73 29.43 27.36 21.70
N MET I 74 28.67 27.20 20.63
CA MET I 74 28.88 27.94 19.39
C MET I 74 28.56 29.45 19.50
N CYS I 75 27.55 29.80 20.28
CA CYS I 75 27.13 31.20 20.43
C CYS I 75 27.90 31.92 21.55
N ASP I 76 29.18 31.61 21.73
CA ASP I 76 29.98 32.21 22.79
C ASP I 76 30.18 33.72 22.63
N GLU I 77 30.26 34.17 21.39
CA GLU I 77 30.43 35.60 21.13
C GLU I 77 29.19 36.44 21.46
N PHE I 78 28.15 35.81 22.02
CA PHE I 78 26.94 36.52 22.40
C PHE I 78 26.72 36.59 23.92
N ILE I 79 27.60 36.02 24.72
CA ILE I 79 27.25 35.88 26.15
C ILE I 79 26.99 37.29 26.71
N ASN I 80 27.95 38.21 26.58
CA ASN I 80 27.72 39.56 27.09
C ASN I 80 27.26 40.52 26.01
N VAL I 81 25.97 40.40 25.71
CA VAL I 81 25.29 41.33 24.83
C VAL I 81 25.15 42.67 25.53
N PRO I 82 25.69 43.75 24.94
CA PRO I 82 25.28 45.07 25.42
C PRO I 82 23.83 45.30 25.01
N GLU I 83 23.26 46.43 25.39
CA GLU I 83 21.84 46.69 25.11
C GLU I 83 21.58 47.01 23.62
N TRP I 84 20.35 46.76 23.16
CA TRP I 84 20.03 46.80 21.72
C TRP I 84 18.80 47.63 21.35
N SER I 85 18.63 47.78 20.03
CA SER I 85 17.50 48.44 19.42
C SER I 85 16.50 47.43 18.81
N TYR I 86 17.04 46.41 18.15
CA TYR I 86 16.23 45.27 17.69
C TYR I 86 17.07 44.02 17.43
N ILE I 87 16.41 42.87 17.32
CA ILE I 87 17.07 41.59 17.16
C ILE I 87 16.89 41.12 15.73
N VAL I 88 17.95 40.60 15.11
CA VAL I 88 17.85 40.07 13.75
C VAL I 88 18.21 38.58 13.68
N GLU I 89 17.19 37.73 13.83
CA GLU I 89 17.37 36.28 13.68
C GLU I 89 17.48 35.92 12.22
N LYS I 90 18.17 34.83 11.89
CA LYS I 90 18.25 34.37 10.51
C LYS I 90 16.95 33.66 10.15
N ALA I 91 16.81 33.28 8.89
CA ALA I 91 15.64 32.55 8.43
C ALA I 91 15.45 31.24 9.20
N ASN I 92 16.51 30.42 9.20
CA ASN I 92 16.53 29.09 9.85
C ASN I 92 17.89 28.81 10.50
N PRO I 93 18.24 29.55 11.57
CA PRO I 93 19.59 29.52 12.16
C PRO I 93 20.13 28.11 12.38
N VAL I 94 21.40 27.88 12.06
CA VAL I 94 21.98 26.53 12.18
C VAL I 94 22.30 26.13 13.62
N ASN I 95 22.65 27.09 14.48
CA ASN I 95 23.06 26.82 15.86
C ASN I 95 21.96 27.11 16.89
N ASP I 96 21.18 26.06 17.16
CA ASP I 96 19.95 26.11 17.95
C ASP I 96 20.13 25.29 19.24
N LEU I 97 19.19 24.41 19.53
CA LEU I 97 19.38 23.32 20.46
C LEU I 97 20.29 22.28 19.78
N CYS I 98 21.56 22.25 20.19
CA CYS I 98 22.50 21.28 19.66
C CYS I 98 22.17 19.86 20.15
N TYR I 99 22.00 19.69 21.47
CA TYR I 99 21.37 18.47 21.99
C TYR I 99 19.87 18.71 21.75
N PRO I 100 19.20 17.79 21.04
CA PRO I 100 17.81 18.07 20.65
C PRO I 100 16.75 17.98 21.78
N GLY I 101 15.52 18.34 21.42
CA GLY I 101 14.38 18.46 22.36
C GLY I 101 13.62 19.70 21.95
N ASP I 102 12.51 20.00 22.61
CA ASP I 102 11.79 21.26 22.33
C ASP I 102 12.21 22.33 23.33
N PHE I 103 11.89 23.56 22.96
CA PHE I 103 11.86 24.68 23.87
C PHE I 103 10.37 24.98 24.08
N ASN I 104 9.92 24.88 25.33
CA ASN I 104 8.49 24.96 25.67
C ASN I 104 8.01 26.41 25.68
N ASP I 105 6.82 26.65 25.11
CA ASP I 105 6.27 27.99 24.95
C ASP I 105 7.27 28.92 24.27
N TYR I 106 7.97 28.38 23.28
CA TYR I 106 9.11 29.04 22.69
C TYR I 106 8.74 30.39 22.07
N GLU I 107 7.61 30.47 21.40
CA GLU I 107 7.19 31.69 20.73
C GLU I 107 6.72 32.71 21.75
N GLU I 108 5.95 32.23 22.74
CA GLU I 108 5.45 33.13 23.79
C GLU I 108 6.58 33.79 24.55
N LEU I 109 7.76 33.18 24.50
CA LEU I 109 8.98 33.82 24.99
C LEU I 109 9.47 34.86 23.99
N LYS I 110 9.46 34.49 22.71
CA LYS I 110 9.84 35.41 21.63
C LYS I 110 8.87 36.59 21.47
N HIS I 111 7.72 36.52 22.16
CA HIS I 111 6.84 37.67 22.25
C HIS I 111 7.26 38.64 23.35
N LEU I 112 7.69 38.12 24.49
CA LEU I 112 8.24 38.96 25.56
C LEU I 112 9.46 39.70 25.06
N LEU I 113 10.32 38.96 24.40
CA LEU I 113 11.61 39.44 23.95
C LEU I 113 11.50 40.65 23.02
N SER I 114 10.37 40.77 22.35
CA SER I 114 10.09 41.94 21.52
C SER I 114 10.02 43.25 22.31
N ARG I 115 9.69 43.17 23.59
CA ARG I 115 9.52 44.38 24.42
C ARG I 115 10.75 44.66 25.29
N ILE I 116 11.73 43.76 25.24
CA ILE I 116 12.97 43.89 26.01
C ILE I 116 14.08 44.49 25.15
N ASN I 117 14.87 45.37 25.75
CA ASN I 117 16.04 45.96 25.08
C ASN I 117 17.38 45.63 25.72
N HIS I 118 17.36 45.09 26.93
CA HIS I 118 18.61 44.66 27.58
C HIS I 118 18.42 43.60 28.66
N PHE I 119 19.31 42.60 28.60
CA PHE I 119 19.51 41.64 29.69
C PHE I 119 20.85 41.89 30.39
N GLU I 120 20.86 41.62 31.70
CA GLU I 120 22.11 41.51 32.46
C GLU I 120 22.10 40.11 33.06
N LYS I 121 23.14 39.32 32.77
CA LYS I 121 23.17 37.93 33.21
C LYS I 121 23.66 37.84 34.65
N ILE I 122 22.97 37.07 35.49
CA ILE I 122 23.27 37.03 36.93
C ILE I 122 23.28 35.61 37.45
N GLN I 123 24.37 35.19 38.07
CA GLN I 123 24.51 33.80 38.55
C GLN I 123 23.59 33.49 39.75
N ILE I 124 22.89 32.36 39.72
CA ILE I 124 21.89 32.05 40.76
C ILE I 124 21.91 30.64 41.40
N ILE I 125 22.62 29.69 40.78
CA ILE I 125 22.99 28.43 41.43
C ILE I 125 24.38 28.04 40.91
N PRO I 126 25.45 28.54 41.56
CA PRO I 126 26.81 28.33 41.12
C PRO I 126 27.10 26.86 40.87
N LYS I 127 27.80 26.59 39.78
CA LYS I 127 28.13 25.22 39.42
C LYS I 127 29.02 24.57 40.50
N SER I 128 29.93 25.35 41.08
CA SER I 128 30.88 24.77 42.04
C SER I 128 30.17 24.28 43.29
N SER I 129 29.04 24.88 43.61
CA SER I 129 28.31 24.58 44.84
C SER I 129 27.43 23.32 44.78
N TRP I 130 27.66 22.44 43.80
CA TRP I 130 26.95 21.18 43.74
C TRP I 130 27.63 20.09 44.60
N SER I 131 27.24 20.12 45.87
CA SER I 131 27.73 19.23 46.94
C SER I 131 27.84 17.77 46.53
N SER I 132 26.68 17.19 46.22
CA SER I 132 26.48 15.74 46.20
C SER I 132 26.03 15.22 44.83
N HIS I 133 26.29 15.99 43.78
CA HIS I 133 26.12 15.51 42.41
C HIS I 133 27.31 15.98 41.61
N GLU I 134 27.70 15.19 40.62
CA GLU I 134 28.84 15.55 39.80
C GLU I 134 28.42 16.62 38.78
N ALA I 135 28.90 17.84 38.99
CA ALA I 135 28.52 18.98 38.17
C ALA I 135 29.22 18.95 36.80
N SER I 136 30.54 18.98 36.81
CA SER I 136 31.32 19.24 35.59
C SER I 136 31.26 18.16 34.51
N LEU I 137 30.72 16.98 34.83
CA LEU I 137 30.70 15.85 33.90
C LEU I 137 29.42 15.76 33.04
N GLY I 138 28.79 16.89 32.76
CA GLY I 138 27.55 16.90 31.99
C GLY I 138 27.77 17.48 30.62
N VAL I 139 28.40 16.72 29.74
CA VAL I 139 28.72 17.19 28.39
C VAL I 139 28.35 16.14 27.35
N SER I 140 28.06 16.57 26.13
CA SER I 140 27.66 15.64 25.08
C SER I 140 28.48 15.79 23.80
N SER I 141 28.44 14.72 23.01
CA SER I 141 29.02 14.69 21.69
C SER I 141 28.33 15.70 20.79
N ALA I 142 27.00 15.81 20.90
CA ALA I 142 26.21 16.68 20.03
C ALA I 142 26.56 18.19 20.13
N CYS I 143 27.07 18.64 21.29
CA CYS I 143 27.43 20.06 21.50
C CYS I 143 28.92 20.23 21.72
N PRO I 144 29.72 20.18 20.64
CA PRO I 144 31.17 20.26 20.77
C PRO I 144 31.68 21.68 21.00
N TYR I 145 32.86 21.79 21.62
CA TYR I 145 33.54 23.08 21.77
C TYR I 145 35.05 22.85 21.59
N GLN I 146 35.59 23.39 20.49
CA GLN I 146 36.99 23.23 20.13
C GLN I 146 37.34 21.74 20.10
N GLY I 147 36.72 21.02 19.17
CA GLY I 147 36.90 19.57 19.08
C GLY I 147 36.16 18.82 20.17
N LYS I 148 36.57 19.01 21.42
CA LYS I 148 36.06 18.22 22.56
C LYS I 148 34.59 18.46 22.87
N SER I 149 34.00 17.49 23.58
CA SER I 149 32.57 17.50 23.92
C SER I 149 32.22 18.50 25.03
N SER I 150 31.06 19.13 24.89
CA SER I 150 30.66 20.23 25.78
C SER I 150 29.14 20.33 25.97
N PHE I 151 28.69 21.41 26.57
CA PHE I 151 27.28 21.59 26.82
C PHE I 151 26.88 23.06 26.93
N PHE I 152 25.58 23.30 27.02
CA PHE I 152 25.03 24.64 27.19
C PHE I 152 25.57 25.31 28.46
N ARG I 153 26.08 26.53 28.32
CA ARG I 153 26.86 27.15 29.40
C ARG I 153 26.06 27.87 30.50
N ASN I 154 24.76 28.06 30.30
CA ASN I 154 23.90 28.66 31.33
C ASN I 154 23.11 27.63 32.13
N VAL I 155 22.95 26.44 31.59
CA VAL I 155 22.44 25.33 32.38
C VAL I 155 23.56 24.37 32.71
N VAL I 156 23.35 23.58 33.77
CA VAL I 156 24.26 22.50 34.16
C VAL I 156 23.53 21.20 33.99
N TRP I 157 24.26 20.18 33.53
CA TRP I 157 23.70 18.85 33.43
C TRP I 157 24.18 18.01 34.61
N LEU I 158 23.30 17.86 35.61
CA LEU I 158 23.66 17.16 36.85
C LEU I 158 23.55 15.65 36.67
N ILE I 159 24.62 14.94 37.05
CA ILE I 159 24.76 13.50 36.87
C ILE I 159 25.03 12.84 38.21
N LYS I 160 24.68 11.56 38.34
CA LYS I 160 24.73 10.86 39.62
C LYS I 160 26.14 10.74 40.17
N LYS I 161 26.26 10.62 41.48
CA LYS I 161 27.53 10.80 42.22
C LYS I 161 27.89 9.58 43.10
N ASN I 162 29.11 9.09 42.94
CA ASN I 162 29.49 7.73 43.35
C ASN I 162 28.51 6.82 42.59
N SER I 163 27.45 6.34 43.23
CA SER I 163 26.35 5.74 42.50
C SER I 163 25.02 6.09 43.16
N THR I 164 24.71 7.39 43.20
CA THR I 164 23.56 7.90 43.95
C THR I 164 23.21 9.36 43.56
N TYR I 165 21.92 9.58 43.29
CA TYR I 165 21.35 10.91 43.06
C TYR I 165 20.42 11.23 44.25
N PRO I 166 20.95 11.91 45.28
CA PRO I 166 20.11 12.30 46.41
C PRO I 166 19.15 13.43 46.06
N THR I 167 17.91 13.34 46.53
CA THR I 167 16.93 14.39 46.25
C THR I 167 17.51 15.79 46.48
N ILE I 168 17.53 16.57 45.39
CA ILE I 168 17.89 17.98 45.37
C ILE I 168 16.74 18.78 45.97
N LYS I 169 17.08 19.88 46.66
CA LYS I 169 16.10 20.76 47.30
C LYS I 169 16.72 22.17 47.33
N ARG I 170 16.58 22.90 46.22
CA ARG I 170 17.28 24.19 46.02
C ARG I 170 16.33 25.31 45.59
N SER I 171 16.64 26.54 46.01
CA SER I 171 15.64 27.60 46.04
C SER I 171 16.26 29.01 46.10
N TYR I 172 15.91 29.86 45.13
CA TYR I 172 16.47 31.20 44.99
C TYR I 172 15.39 32.26 45.20
N ASN I 173 15.78 33.42 45.74
CA ASN I 173 14.86 34.54 45.99
C ASN I 173 15.31 35.80 45.27
N ASN I 174 14.48 36.29 44.35
CA ASN I 174 14.79 37.47 43.55
C ASN I 174 14.72 38.74 44.40
N THR I 175 15.79 39.01 45.14
CA THR I 175 15.88 40.20 45.98
C THR I 175 16.21 41.46 45.16
N ASN I 176 16.36 41.29 43.85
CA ASN I 176 16.76 42.37 42.95
C ASN I 176 15.51 43.13 42.55
N GLN I 177 15.70 44.31 41.98
CA GLN I 177 14.55 45.15 41.65
C GLN I 177 13.86 44.78 40.35
N GLU I 178 14.45 43.87 39.59
CA GLU I 178 13.95 43.58 38.23
C GLU I 178 13.34 42.18 38.11
N ASP I 179 12.35 42.05 37.24
CA ASP I 179 11.80 40.74 36.89
C ASP I 179 12.92 39.93 36.25
N LEU I 180 12.84 38.61 36.38
CA LEU I 180 13.98 37.78 36.08
C LEU I 180 13.60 36.59 35.22
N LEU I 181 14.16 36.51 34.01
CA LEU I 181 13.92 35.35 33.14
C LEU I 181 14.86 34.23 33.51
N VAL I 182 14.33 33.21 34.18
CA VAL I 182 15.11 32.04 34.54
C VAL I 182 14.60 30.86 33.74
N LEU I 183 15.55 30.12 33.14
CA LEU I 183 15.30 28.93 32.33
C LEU I 183 15.83 27.67 33.02
N TRP I 184 15.19 26.53 32.78
CA TRP I 184 15.70 25.25 33.29
C TRP I 184 15.38 24.13 32.31
N GLY I 185 15.75 22.89 32.62
CA GLY I 185 15.52 21.80 31.68
C GLY I 185 15.29 20.42 32.27
N ILE I 186 14.55 19.60 31.50
CA ILE I 186 14.39 18.16 31.74
C ILE I 186 15.18 17.41 30.66
N HIS I 187 15.73 16.24 30.99
CA HIS I 187 16.28 15.31 29.99
C HIS I 187 15.46 14.01 29.95
N HIS I 188 14.89 13.71 28.78
CA HIS I 188 14.22 12.44 28.55
C HIS I 188 15.27 11.44 28.10
N PRO I 189 15.53 10.41 28.91
CA PRO I 189 16.52 9.44 28.52
C PRO I 189 15.99 8.46 27.48
N ASN I 190 16.88 7.63 26.99
CA ASN I 190 16.64 6.79 25.81
C ASN I 190 16.09 5.40 26.17
N ASP I 191 16.42 4.91 27.37
CA ASP I 191 15.99 3.61 27.86
C ASP I 191 16.20 3.51 29.37
N ALA I 192 15.72 2.42 29.97
CA ALA I 192 15.86 2.21 31.42
C ALA I 192 17.33 2.12 31.87
N ALA I 193 18.15 1.37 31.13
CA ALA I 193 19.59 1.25 31.43
C ALA I 193 20.27 2.61 31.44
N GLU I 194 19.89 3.45 30.48
CA GLU I 194 20.46 4.78 30.34
C GLU I 194 19.95 5.75 31.41
N GLN I 195 18.94 5.36 32.20
CA GLN I 195 18.56 6.16 33.36
C GLN I 195 19.33 5.75 34.60
N THR I 196 19.46 4.43 34.82
CA THR I 196 20.29 3.95 35.92
C THR I 196 21.71 4.41 35.74
N LYS I 197 22.16 4.49 34.48
CA LYS I 197 23.52 4.90 34.20
C LYS I 197 23.71 6.35 34.61
N LEU I 198 22.86 7.23 34.07
CA LEU I 198 23.05 8.68 34.21
C LEU I 198 22.50 9.23 35.53
N TYR I 199 21.37 8.71 36.00
CA TYR I 199 20.68 9.32 37.14
C TYR I 199 20.29 8.38 38.29
N GLN I 200 20.45 7.08 38.11
CA GLN I 200 20.31 6.07 39.19
C GLN I 200 18.87 5.66 39.51
N ASN I 201 18.11 6.59 40.09
CA ASN I 201 16.79 6.29 40.66
C ASN I 201 15.80 5.82 39.57
N PRO I 202 15.10 4.70 39.82
CA PRO I 202 14.15 4.20 38.82
C PRO I 202 13.16 5.24 38.32
N THR I 203 12.45 5.90 39.24
CA THR I 203 11.45 6.91 38.85
C THR I 203 11.82 8.27 39.42
N THR I 204 11.86 9.27 38.54
CA THR I 204 12.28 10.62 38.89
C THR I 204 11.26 11.66 38.43
N TYR I 205 11.47 12.89 38.92
CA TYR I 205 10.57 14.00 38.68
C TYR I 205 11.31 15.33 38.86
N ILE I 206 10.63 16.42 38.53
CA ILE I 206 11.11 17.79 38.76
C ILE I 206 9.94 18.64 39.27
N SER I 207 10.21 19.62 40.13
CA SER I 207 9.13 20.38 40.78
C SER I 207 9.50 21.82 41.04
N VAL I 208 9.31 22.68 40.04
CA VAL I 208 9.56 24.09 40.24
C VAL I 208 8.33 24.76 40.88
N GLY I 209 8.57 25.75 41.72
CA GLY I 209 7.49 26.42 42.44
C GLY I 209 7.79 27.88 42.75
N THR I 210 6.99 28.77 42.17
CA THR I 210 6.97 30.18 42.53
C THR I 210 5.58 30.45 43.12
N SER I 211 5.18 31.72 43.22
CA SER I 211 3.82 32.02 43.70
C SER I 211 2.74 31.85 42.62
N THR I 212 3.16 31.82 41.35
CA THR I 212 2.25 31.59 40.23
C THR I 212 2.38 30.16 39.68
N LEU I 213 3.61 29.66 39.64
CA LEU I 213 3.92 28.37 39.01
C LEU I 213 3.53 27.23 39.94
N ASN I 214 3.38 26.03 39.37
CA ASN I 214 3.07 24.81 40.14
C ASN I 214 3.41 23.55 39.33
N GLN I 215 4.65 23.45 38.87
CA GLN I 215 5.01 22.48 37.86
C GLN I 215 5.54 21.21 38.50
N ARG I 216 5.06 20.07 38.01
CA ARG I 216 5.61 18.76 38.36
C ARG I 216 5.87 18.05 37.05
N LEU I 217 7.13 17.82 36.72
CA LEU I 217 7.50 17.23 35.43
C LEU I 217 8.01 15.80 35.60
N VAL I 218 7.90 15.01 34.53
CA VAL I 218 8.34 13.61 34.56
C VAL I 218 8.92 13.21 33.22
N PRO I 219 10.02 12.45 33.22
CA PRO I 219 10.66 12.11 31.96
C PRO I 219 9.94 10.99 31.21
N ARG I 220 10.06 11.00 29.89
CA ARG I 220 9.34 10.08 29.00
C ARG I 220 10.31 9.32 28.10
N ILE I 221 10.31 8.00 28.26
CA ILE I 221 11.27 7.14 27.64
C ILE I 221 10.64 6.59 26.38
N ALA I 222 11.40 6.56 25.29
CA ALA I 222 10.89 6.09 23.99
C ALA I 222 12.00 6.08 22.95
N THR I 223 12.10 5.00 22.19
CA THR I 223 13.11 4.95 21.13
C THR I 223 12.62 5.84 19.98
N ARG I 224 13.47 6.81 19.64
CA ARG I 224 13.16 7.78 18.59
C ARG I 224 14.31 7.79 17.59
N SER I 225 14.16 8.57 16.53
CA SER I 225 15.21 8.69 15.52
C SER I 225 16.47 9.26 16.18
N LYS I 226 17.64 8.95 15.63
CA LYS I 226 18.86 9.58 16.11
C LYS I 226 18.96 10.93 15.42
N VAL I 227 19.26 11.96 16.21
CA VAL I 227 19.36 13.34 15.72
C VAL I 227 20.57 14.01 16.37
N ASN I 228 21.41 14.62 15.55
CA ASN I 228 22.70 15.11 16.00
C ASN I 228 23.47 13.97 16.63
N GLY I 229 23.22 12.77 16.12
CA GLY I 229 23.76 11.53 16.69
C GLY I 229 23.21 11.19 18.07
N GLN I 230 21.99 11.62 18.35
CA GLN I 230 21.46 11.54 19.69
C GLN I 230 20.01 11.11 19.65
N SER I 231 19.65 10.19 20.54
CA SER I 231 18.27 9.74 20.62
C SER I 231 17.63 9.98 22.01
N GLY I 232 18.34 10.69 22.88
CA GLY I 232 17.72 11.30 24.06
C GLY I 232 17.21 12.65 23.63
N ARG I 233 16.39 13.29 24.47
CA ARG I 233 15.92 14.67 24.22
C ARG I 233 15.80 15.46 25.51
N MET I 234 16.04 16.77 25.42
CA MET I 234 15.93 17.67 26.56
C MET I 234 14.92 18.75 26.29
N GLU I 235 13.87 18.76 27.10
CA GLU I 235 12.77 19.69 26.93
C GLU I 235 12.98 20.84 27.89
N PHE I 236 13.08 22.06 27.38
CA PHE I 236 13.38 23.23 28.21
C PHE I 236 12.14 24.00 28.66
N PHE I 237 12.27 24.73 29.75
CA PHE I 237 11.15 25.48 30.32
C PHE I 237 11.65 26.79 30.91
N TRP I 238 10.72 27.73 31.09
CA TRP I 238 11.10 29.04 31.58
C TRP I 238 10.03 29.67 32.44
N THR I 239 10.41 30.72 33.15
CA THR I 239 9.45 31.58 33.79
C THR I 239 10.07 32.93 34.15
N ILE I 240 9.21 33.94 34.23
CA ILE I 240 9.62 35.23 34.74
C ILE I 240 9.33 35.25 36.23
N LEU I 241 10.37 35.45 37.02
CA LEU I 241 10.26 35.50 38.47
C LEU I 241 10.16 36.94 38.90
N LYS I 242 9.14 37.24 39.69
CA LYS I 242 8.88 38.58 40.21
C LYS I 242 9.87 38.95 41.31
N PRO I 243 10.04 40.28 41.56
CA PRO I 243 10.79 40.77 42.71
C PRO I 243 10.25 40.19 44.01
N ASN I 244 11.14 39.85 44.92
CA ASN I 244 10.78 39.33 46.23
C ASN I 244 9.89 38.08 46.16
N ASP I 245 9.97 37.36 45.03
CA ASP I 245 9.35 36.05 44.92
C ASP I 245 10.44 35.02 44.80
N ALA I 246 10.18 33.86 45.36
CA ALA I 246 11.09 32.73 45.30
C ALA I 246 10.71 31.80 44.15
N ILE I 247 11.71 31.08 43.66
CA ILE I 247 11.53 29.96 42.76
C ILE I 247 12.15 28.77 43.47
N ASN I 248 11.44 27.65 43.51
CA ASN I 248 11.87 26.49 44.29
C ASN I 248 11.98 25.24 43.42
N PHE I 249 13.06 24.49 43.58
CA PHE I 249 13.30 23.27 42.81
C PHE I 249 13.50 22.07 43.71
N GLU I 250 12.89 20.96 43.32
CA GLU I 250 13.17 19.66 43.89
C GLU I 250 13.33 18.70 42.72
N SER I 251 14.15 17.67 42.87
CA SER I 251 14.23 16.62 41.88
C SER I 251 15.15 15.53 42.32
N ASN I 252 14.97 14.34 41.74
CA ASN I 252 15.89 13.24 41.96
C ASN I 252 16.16 12.50 40.66
N GLY I 253 16.46 13.29 39.62
CA GLY I 253 16.85 12.74 38.33
C GLY I 253 16.52 13.64 37.15
N ASN I 254 17.34 13.55 36.11
CA ASN I 254 17.07 14.16 34.81
C ASN I 254 17.00 15.69 34.82
N PHE I 255 17.32 16.30 35.97
CA PHE I 255 17.05 17.71 36.19
C PHE I 255 18.17 18.53 35.61
N ILE I 256 18.00 18.99 34.38
CA ILE I 256 18.95 19.92 33.80
C ILE I 256 18.76 21.26 34.52
N ALA I 257 19.75 21.59 35.34
CA ALA I 257 19.63 22.66 36.31
C ALA I 257 20.19 23.94 35.72
N PRO I 258 19.75 25.11 36.22
CA PRO I 258 20.30 26.40 35.78
C PRO I 258 21.59 26.83 36.50
N GLU I 259 22.34 27.74 35.88
CA GLU I 259 23.47 28.40 36.53
C GLU I 259 23.21 29.90 36.59
N TYR I 260 22.96 30.49 35.43
CA TYR I 260 22.68 31.91 35.33
C TYR I 260 21.22 32.19 35.00
N ALA I 261 20.76 33.41 35.31
CA ALA I 261 19.42 33.88 34.98
C ALA I 261 19.56 35.18 34.19
N TYR I 262 18.47 35.94 34.04
CA TYR I 262 18.49 37.14 33.22
C TYR I 262 17.69 38.32 33.75
N LYS I 263 18.39 39.26 34.39
CA LYS I 263 17.80 40.52 34.78
C LYS I 263 17.23 41.21 33.54
N ILE I 264 15.91 41.35 33.53
CA ILE I 264 15.26 42.16 32.52
C ILE I 264 15.45 43.60 32.89
N VAL I 265 16.44 44.24 32.26
CA VAL I 265 16.79 45.62 32.56
C VAL I 265 15.93 46.60 31.75
N LYS I 266 16.45 47.13 30.63
CA LYS I 266 15.70 48.12 29.86
C LYS I 266 14.52 47.48 29.12
N LYS I 267 13.39 48.19 29.10
CA LYS I 267 12.20 47.77 28.33
C LYS I 267 11.88 48.81 27.25
N GLY I 268 10.80 48.60 26.51
CA GLY I 268 10.36 49.54 25.51
C GLY I 268 10.03 48.84 24.21
N ASP I 269 10.75 49.19 23.15
CA ASP I 269 10.41 48.77 21.79
C ASP I 269 11.51 47.95 21.13
N SER I 270 11.12 46.85 20.49
CA SER I 270 12.00 46.06 19.66
C SER I 270 11.14 45.07 18.87
N THR I 271 11.71 44.45 17.84
CA THR I 271 11.06 43.32 17.15
C THR I 271 12.10 42.28 16.82
N ILE I 272 11.66 41.04 16.70
CA ILE I 272 12.54 39.98 16.23
C ILE I 272 12.39 39.95 14.72
N MET I 273 13.44 40.38 14.04
CA MET I 273 13.40 40.60 12.60
C MET I 273 13.96 39.39 11.86
N LYS I 274 13.54 39.21 10.62
CA LYS I 274 13.93 38.05 9.82
C LYS I 274 14.70 38.46 8.57
N SER I 275 15.96 38.84 8.72
CA SER I 275 16.82 39.17 7.58
C SER I 275 17.97 38.18 7.46
N GLU I 276 18.59 38.18 6.27
CA GLU I 276 19.84 37.46 6.04
C GLU I 276 21.04 38.42 6.01
N LEU I 277 20.87 39.61 5.43
CA LEU I 277 21.97 40.59 5.33
C LEU I 277 22.51 41.00 6.69
N GLU I 278 23.84 41.07 6.79
CA GLU I 278 24.53 41.48 8.02
C GLU I 278 24.63 43.00 8.15
N TYR I 279 25.32 43.43 9.20
CA TYR I 279 25.55 44.85 9.53
C TYR I 279 26.28 45.60 8.40
N GLY I 280 26.12 46.93 8.34
CA GLY I 280 26.83 47.77 7.36
C GLY I 280 27.43 49.07 7.89
N ASN I 281 27.51 49.20 9.21
CA ASN I 281 27.97 50.42 9.91
C ASN I 281 27.32 51.73 9.44
N CYS I 282 25.99 51.71 9.42
CA CYS I 282 25.15 52.84 9.01
C CYS I 282 24.30 53.26 10.20
N ASN I 283 23.62 54.40 10.05
CA ASN I 283 22.60 54.82 11.01
C ASN I 283 21.31 55.14 10.27
N THR I 284 20.18 54.91 10.92
CA THR I 284 18.88 55.15 10.30
C THR I 284 17.76 55.43 11.29
N LYS I 285 16.74 56.10 10.79
CA LYS I 285 15.56 56.42 11.54
C LYS I 285 14.58 55.27 11.41
N CYS I 286 14.88 54.36 10.48
CA CYS I 286 13.90 53.39 10.00
C CYS I 286 14.52 52.22 9.23
N GLN I 287 14.16 51.00 9.62
CA GLN I 287 14.78 49.78 9.08
C GLN I 287 13.75 48.75 8.68
N THR I 288 14.15 47.89 7.75
CA THR I 288 13.34 46.78 7.29
C THR I 288 14.20 45.53 7.15
N PRO I 289 13.58 44.36 6.96
CA PRO I 289 14.25 43.10 6.58
C PRO I 289 15.04 43.10 5.28
N MET I 290 14.89 44.13 4.44
CA MET I 290 15.63 44.21 3.19
C MET I 290 16.61 45.40 3.06
N GLY I 291 16.50 46.36 3.99
CA GLY I 291 17.34 47.55 3.97
C GLY I 291 16.68 48.70 4.70
N ALA I 292 17.49 49.69 5.07
CA ALA I 292 16.98 50.91 5.70
C ALA I 292 16.36 51.84 4.66
N ILE I 293 15.63 52.85 5.14
CA ILE I 293 14.92 53.81 4.27
C ILE I 293 15.28 55.28 4.61
N ASN I 294 15.59 56.05 3.56
CA ASN I 294 16.06 57.45 3.65
C ASN I 294 15.03 58.48 4.13
N SER I 295 13.75 58.17 3.94
CA SER I 295 12.80 59.16 3.41
C SER I 295 11.74 59.86 4.29
N SER I 296 11.23 60.95 3.71
CA SER I 296 10.10 61.74 4.19
C SER I 296 8.84 61.51 3.34
N MET I 297 8.92 60.59 2.37
CA MET I 297 7.75 60.20 1.58
C MET I 297 6.70 59.65 2.53
N PRO I 298 5.42 59.92 2.24
CA PRO I 298 4.36 59.43 3.14
C PRO I 298 4.11 57.93 3.06
N PHE I 299 4.53 57.28 1.98
CA PHE I 299 4.36 55.84 1.81
C PHE I 299 5.63 55.17 1.34
N HIS I 300 5.60 53.83 1.36
CA HIS I 300 6.66 53.02 0.74
C HIS I 300 6.13 51.59 0.43
N ASN I 301 6.89 50.84 -0.37
CA ASN I 301 6.47 49.48 -0.76
C ASN I 301 7.57 48.41 -0.59
N ILE I 302 8.58 48.74 0.21
CA ILE I 302 9.75 47.89 0.38
C ILE I 302 9.44 46.59 1.12
N HIS I 303 8.83 46.69 2.30
CA HIS I 303 8.49 45.50 3.09
C HIS I 303 7.54 45.87 4.22
N PRO I 304 6.46 45.08 4.42
CA PRO I 304 5.49 45.39 5.49
C PRO I 304 6.08 45.32 6.90
N LEU I 305 6.84 44.27 7.21
CA LEU I 305 7.49 44.16 8.53
C LEU I 305 8.60 45.21 8.77
N THR I 306 8.17 46.43 9.10
CA THR I 306 9.03 47.60 9.26
C THR I 306 9.17 48.04 10.73
N ILE I 307 10.30 48.64 11.11
CA ILE I 307 10.43 49.29 12.43
C ILE I 307 11.20 50.61 12.38
N GLY I 308 10.88 51.52 13.31
CA GLY I 308 11.45 52.88 13.36
C GLY I 308 10.40 53.96 13.17
N GLU I 309 10.82 55.20 12.97
CA GLU I 309 9.87 56.25 12.58
C GLU I 309 9.71 56.24 11.05
N CYS I 310 8.77 55.43 10.56
CA CYS I 310 8.72 55.06 9.14
C CYS I 310 7.46 55.49 8.39
N PRO I 311 7.59 55.73 7.07
CA PRO I 311 6.43 55.82 6.18
C PRO I 311 5.56 54.58 6.22
N LYS I 312 4.31 54.70 5.81
CA LYS I 312 3.36 53.58 5.89
C LYS I 312 3.39 52.76 4.59
N TYR I 313 3.17 51.46 4.71
CA TYR I 313 3.28 50.54 3.59
C TYR I 313 2.10 50.70 2.62
N VAL I 314 2.31 50.27 1.38
CA VAL I 314 1.23 50.05 0.41
C VAL I 314 1.71 48.98 -0.56
N LYS I 315 0.80 48.14 -1.04
CA LYS I 315 1.20 47.09 -1.99
C LYS I 315 1.37 47.66 -3.41
N SER I 316 1.41 48.99 -3.54
CA SER I 316 1.47 49.62 -4.86
C SER I 316 2.88 49.74 -5.45
N ASN I 317 2.94 49.92 -6.77
CA ASN I 317 4.20 50.01 -7.54
C ASN I 317 4.57 51.44 -7.90
N ARG I 318 3.57 52.31 -7.91
CA ARG I 318 3.75 53.69 -8.31
C ARG I 318 2.57 54.49 -7.76
N LEU I 319 2.85 55.73 -7.36
CA LEU I 319 1.83 56.57 -6.73
C LEU I 319 2.15 58.07 -6.89
N VAL I 320 1.89 58.60 -8.07
CA VAL I 320 2.14 60.02 -8.35
C VAL I 320 0.89 60.87 -8.23
N LEU I 321 0.94 61.86 -7.33
CA LEU I 321 -0.08 62.92 -7.24
C LEU I 321 0.22 64.00 -8.27
N ALA I 322 -0.82 64.71 -8.68
CA ALA I 322 -0.67 65.79 -9.63
C ALA I 322 -0.80 67.11 -8.86
N THR I 323 0.26 67.91 -8.89
CA THR I 323 0.20 69.29 -8.40
C THR I 323 -0.18 70.26 -9.56
N GLY I 324 0.35 70.02 -10.76
CA GLY I 324 0.20 70.98 -11.89
C GLY I 324 -1.03 70.83 -12.77
N LEU I 325 -0.93 71.30 -14.03
CA LEU I 325 -2.02 71.26 -15.03
C LEU I 325 -1.83 70.20 -16.12
N ARG I 326 -2.95 69.86 -16.75
CA ARG I 326 -2.97 69.34 -18.11
C ARG I 326 -1.81 69.88 -18.95
N ASN I 327 -1.12 69.00 -19.68
CA ASN I 327 -0.07 69.44 -20.60
C ASN I 327 -0.33 68.96 -22.03
N SER I 328 -1.06 69.78 -22.80
CA SER I 328 -1.19 69.62 -24.26
C SER I 328 -0.38 70.74 -24.88
N PRO I 329 0.85 70.44 -25.34
CA PRO I 329 1.71 71.47 -25.97
C PRO I 329 1.11 72.18 -27.19
N GLN I 330 1.61 73.39 -27.47
CA GLN I 330 1.09 74.27 -28.52
C GLN I 330 -0.35 74.69 -28.23
N GLY J 1 -10.86 69.73 -18.92
CA GLY J 1 -11.57 68.58 -18.30
C GLY J 1 -13.08 68.73 -18.40
N LEU J 2 -13.69 69.31 -17.38
CA LEU J 2 -15.15 69.50 -17.31
C LEU J 2 -15.58 70.93 -17.64
N PHE J 3 -14.91 71.91 -17.04
CA PHE J 3 -15.29 73.33 -17.22
C PHE J 3 -15.08 73.93 -18.62
N GLY J 4 -14.41 73.19 -19.51
CA GLY J 4 -14.34 73.57 -20.91
C GLY J 4 -13.50 74.79 -21.22
N ALA J 5 -12.37 74.93 -20.52
CA ALA J 5 -11.43 76.03 -20.77
C ALA J 5 -10.08 75.50 -21.25
N ILE J 6 -9.43 74.70 -20.40
CA ILE J 6 -8.14 74.10 -20.72
C ILE J 6 -8.35 72.94 -21.71
N ALA J 7 -7.46 72.87 -22.71
CA ALA J 7 -7.66 72.01 -23.87
C ALA J 7 -9.09 72.18 -24.35
N GLY J 8 -9.49 73.44 -24.50
CA GLY J 8 -10.88 73.80 -24.77
C GLY J 8 -10.95 75.04 -25.64
N PHE J 9 -11.71 76.06 -25.21
CA PHE J 9 -11.78 77.32 -25.97
C PHE J 9 -10.42 78.02 -25.97
N ILE J 10 -9.68 77.88 -24.88
CA ILE J 10 -8.28 78.26 -24.85
C ILE J 10 -7.48 77.11 -25.46
N GLU J 11 -6.94 77.37 -26.65
CA GLU J 11 -6.36 76.36 -27.54
C GLU J 11 -4.93 75.95 -27.14
N GLY J 12 -4.79 74.83 -26.44
CA GLY J 12 -3.49 74.43 -25.93
C GLY J 12 -2.94 75.49 -24.98
N GLY J 13 -1.65 75.41 -24.69
CA GLY J 13 -1.04 76.27 -23.67
C GLY J 13 0.33 76.79 -24.05
N TRP J 14 0.91 77.61 -23.16
CA TRP J 14 2.09 78.42 -23.50
C TRP J 14 3.41 77.92 -22.88
N GLN J 15 4.38 77.66 -23.76
CA GLN J 15 5.77 77.44 -23.37
C GLN J 15 6.35 78.71 -22.74
N GLY J 16 6.05 79.84 -23.38
CA GLY J 16 6.67 81.13 -23.08
C GLY J 16 6.23 81.85 -21.81
N MET J 17 5.16 81.40 -21.18
CA MET J 17 4.83 81.87 -19.84
C MET J 17 5.56 80.98 -18.85
N VAL J 18 6.49 81.56 -18.07
CA VAL J 18 7.35 80.80 -17.14
C VAL J 18 7.08 81.09 -15.65
N ASP J 19 6.52 82.26 -15.35
CA ASP J 19 6.30 82.70 -13.96
C ASP J 19 5.30 81.86 -13.19
N GLY J 20 4.17 81.49 -13.82
CA GLY J 20 3.06 80.81 -13.12
C GLY J 20 2.16 79.94 -13.98
N TRP J 21 1.08 79.45 -13.38
CA TRP J 21 0.16 78.55 -14.09
C TRP J 21 -0.77 79.28 -15.03
N TYR J 22 -1.18 80.50 -14.65
CA TYR J 22 -2.14 81.29 -15.45
C TYR J 22 -1.68 82.74 -15.61
N GLY J 23 -1.95 83.32 -16.78
CA GLY J 23 -1.57 84.71 -17.01
C GLY J 23 -2.19 85.31 -18.25
N TYR J 24 -1.48 86.28 -18.84
CA TYR J 24 -1.98 87.05 -19.97
C TYR J 24 -0.97 87.15 -21.09
N HIS J 25 -1.44 87.63 -22.24
CA HIS J 25 -0.57 88.06 -23.34
C HIS J 25 -1.21 89.30 -23.96
N HIS J 26 -0.44 90.38 -24.04
CA HIS J 26 -0.96 91.62 -24.65
C HIS J 26 -0.42 91.84 -26.07
N SER J 27 -0.95 92.88 -26.71
CA SER J 27 -0.57 93.27 -28.04
C SER J 27 -1.06 94.71 -28.25
N ASN J 28 -0.13 95.63 -28.49
CA ASN J 28 -0.49 97.03 -28.69
C ASN J 28 0.58 97.77 -29.48
N GLU J 29 0.36 99.07 -29.71
CA GLU J 29 1.30 99.92 -30.43
C GLU J 29 2.66 100.14 -29.73
N GLN J 30 2.99 99.32 -28.72
CA GLN J 30 4.34 99.32 -28.13
C GLN J 30 4.88 97.98 -27.69
N GLY J 31 4.07 97.25 -26.93
CA GLY J 31 4.54 96.07 -26.22
C GLY J 31 3.83 94.80 -26.61
N SER J 32 4.47 93.68 -26.29
CA SER J 32 3.87 92.36 -26.46
C SER J 32 4.60 91.33 -25.60
N GLY J 33 3.90 90.27 -25.22
CA GLY J 33 4.49 89.18 -24.47
C GLY J 33 3.67 88.72 -23.28
N TYR J 34 4.27 87.80 -22.54
CA TYR J 34 3.59 87.14 -21.42
C TYR J 34 3.90 87.84 -20.10
N ALA J 35 2.91 87.87 -19.23
CA ALA J 35 3.05 88.43 -17.88
C ALA J 35 2.05 87.72 -17.00
N ALA J 36 2.52 86.66 -16.36
CA ALA J 36 1.68 85.75 -15.57
C ALA J 36 0.85 86.45 -14.47
N ASP J 37 -0.15 85.74 -13.97
CA ASP J 37 -1.02 86.25 -12.90
C ASP J 37 -0.55 85.70 -11.56
N LYS J 38 0.40 86.40 -10.95
CA LYS J 38 1.01 85.93 -9.68
C LYS J 38 -0.04 85.82 -8.55
N GLU J 39 -1.22 86.39 -8.78
CA GLU J 39 -2.29 86.49 -7.80
C GLU J 39 -3.04 85.18 -7.70
N SER J 40 -3.58 84.75 -8.84
CA SER J 40 -4.38 83.53 -8.87
C SER J 40 -3.46 82.31 -8.76
N THR J 41 -2.47 82.23 -9.65
CA THR J 41 -1.50 81.11 -9.63
C THR J 41 -1.12 80.76 -8.18
N GLN J 42 -0.92 81.79 -7.36
CA GLN J 42 -0.65 81.64 -5.93
C GLN J 42 -1.77 80.92 -5.17
N LYS J 43 -3.00 81.40 -5.36
CA LYS J 43 -4.17 80.85 -4.66
C LYS J 43 -4.42 79.40 -5.03
N ALA J 44 -4.18 79.06 -6.31
CA ALA J 44 -4.22 77.68 -6.77
C ALA J 44 -3.20 76.83 -5.99
N ILE J 45 -1.91 77.19 -6.09
CA ILE J 45 -0.84 76.47 -5.38
C ILE J 45 -1.24 76.18 -3.93
N ASP J 46 -1.82 77.18 -3.25
CA ASP J 46 -2.28 77.00 -1.88
C ASP J 46 -3.26 75.83 -1.75
N GLY J 47 -4.25 75.78 -2.63
CA GLY J 47 -5.22 74.69 -2.63
C GLY J 47 -4.59 73.30 -2.76
N VAL J 48 -3.56 73.18 -3.60
CA VAL J 48 -2.81 71.93 -3.72
C VAL J 48 -1.92 71.74 -2.48
N THR J 49 -1.00 72.66 -2.24
CA THR J 49 -0.17 72.61 -1.04
C THR J 49 -0.95 72.06 0.12
N ASN J 50 -2.16 72.59 0.29
CA ASN J 50 -3.00 72.22 1.41
C ASN J 50 -3.52 70.79 1.31
N LYS J 51 -3.91 70.40 0.10
CA LYS J 51 -4.39 69.04 -0.19
C LYS J 51 -3.33 67.98 0.08
N VAL J 52 -2.13 68.20 -0.41
CA VAL J 52 -1.03 67.26 -0.18
C VAL J 52 -0.88 67.09 1.34
N ASN J 53 -0.72 68.21 2.06
CA ASN J 53 -0.64 68.22 3.53
C ASN J 53 -1.91 67.77 4.25
N SER J 54 -2.97 67.51 3.49
CA SER J 54 -4.23 67.02 4.02
C SER J 54 -4.31 65.50 3.92
N ILE J 55 -3.75 64.94 2.85
CA ILE J 55 -3.68 63.50 2.68
C ILE J 55 -2.58 62.92 3.57
N ILE J 56 -1.38 63.49 3.46
CA ILE J 56 -0.24 63.05 4.25
C ILE J 56 -0.66 62.88 5.69
N ASP J 57 -1.35 63.88 6.24
CA ASP J 57 -1.72 63.86 7.66
C ASP J 57 -2.73 62.76 8.06
N LYS J 58 -3.48 62.24 7.08
CA LYS J 58 -4.39 61.13 7.33
C LYS J 58 -3.70 59.76 7.40
N MET J 59 -2.50 59.64 6.82
CA MET J 59 -1.72 58.40 6.90
C MET J 59 -0.57 58.49 7.91
N ASN J 60 -0.85 59.10 9.06
CA ASN J 60 0.01 58.98 10.23
C ASN J 60 -0.67 58.06 11.23
N THR J 61 -1.98 58.26 11.37
CA THR J 61 -2.86 57.35 12.10
C THR J 61 -3.18 56.09 11.29
N GLN J 62 -2.26 55.69 10.43
CA GLN J 62 -2.43 54.49 9.61
C GLN J 62 -2.03 53.27 10.44
N PHE J 63 -2.38 52.11 9.92
CA PHE J 63 -2.28 50.84 10.64
C PHE J 63 -0.85 50.28 10.61
N GLU J 64 -0.33 49.90 11.79
CA GLU J 64 0.99 49.28 11.96
C GLU J 64 0.89 47.75 11.78
N ALA J 65 2.01 47.06 11.56
CA ALA J 65 1.99 45.57 11.51
C ALA J 65 3.25 44.92 12.08
N VAL J 66 3.24 44.59 13.38
CA VAL J 66 4.37 43.87 14.03
C VAL J 66 4.43 42.42 13.54
N GLY J 67 5.63 41.83 13.56
CA GLY J 67 5.83 40.46 13.08
C GLY J 67 5.59 39.46 14.19
N ARG J 68 4.95 38.35 13.87
CA ARG J 68 4.56 37.37 14.90
C ARG J 68 4.83 35.92 14.51
N GLU J 69 5.35 35.17 15.47
CA GLU J 69 5.91 33.86 15.22
C GLU J 69 4.98 32.80 15.75
N PHE J 70 4.74 31.76 14.95
CA PHE J 70 3.82 30.70 15.34
C PHE J 70 4.40 29.31 15.27
N ASN J 71 3.72 28.41 15.96
CA ASN J 71 4.16 27.08 16.17
C ASN J 71 3.69 26.20 15.02
N ASN J 72 4.23 24.98 14.92
CA ASN J 72 3.85 24.03 13.86
C ASN J 72 2.43 23.37 14.03
N LEU J 73 1.88 23.38 15.24
CA LEU J 73 0.51 22.91 15.49
C LEU J 73 -0.36 24.10 15.90
N GLU J 74 0.11 25.30 15.56
CA GLU J 74 -0.70 26.50 15.61
C GLU J 74 -0.72 27.02 14.20
N ARG J 75 -0.85 26.09 13.28
CA ARG J 75 -0.77 26.36 11.86
C ARG J 75 -1.93 27.22 11.38
N ARG J 76 -3.06 27.17 12.08
CA ARG J 76 -4.26 27.85 11.59
C ARG J 76 -4.52 29.19 12.23
N ILE J 77 -3.95 29.47 13.39
CA ILE J 77 -3.94 30.86 13.87
C ILE J 77 -2.73 31.61 13.26
N GLU J 78 -1.70 30.87 12.86
CA GLU J 78 -0.63 31.42 12.02
C GLU J 78 -1.21 32.00 10.76
N ASN J 79 -2.35 31.46 10.36
CA ASN J 79 -3.06 31.85 9.15
C ASN J 79 -4.09 32.97 9.37
N LEU J 80 -4.88 32.86 10.43
CA LEU J 80 -5.84 33.90 10.79
C LEU J 80 -5.09 35.21 10.89
N ASN J 81 -3.88 35.17 11.44
CA ASN J 81 -2.95 36.30 11.49
C ASN J 81 -2.48 36.70 10.08
N LYS J 82 -1.92 35.76 9.33
CA LYS J 82 -1.48 36.03 7.95
C LYS J 82 -2.58 36.72 7.12
N LYS J 83 -3.83 36.28 7.26
CA LYS J 83 -4.91 36.81 6.43
C LYS J 83 -5.41 38.17 6.94
N MET J 84 -5.16 38.46 8.21
CA MET J 84 -5.53 39.77 8.74
C MET J 84 -4.51 40.82 8.27
N GLU J 85 -3.23 40.59 8.52
CA GLU J 85 -2.19 41.51 8.09
C GLU J 85 -2.25 41.70 6.57
N ASP J 86 -2.65 40.67 5.83
CA ASP J 86 -2.87 40.79 4.40
C ASP J 86 -4.30 41.25 4.06
N GLY J 87 -4.94 41.93 4.99
CA GLY J 87 -6.30 42.45 4.79
C GLY J 87 -6.34 43.95 4.90
N PHE J 88 -5.59 44.48 5.86
CA PHE J 88 -5.41 45.91 5.98
C PHE J 88 -4.46 46.43 4.90
N LEU J 89 -3.44 45.65 4.55
CA LEU J 89 -2.49 46.04 3.49
C LEU J 89 -3.12 46.11 2.12
N ASP J 90 -4.17 45.32 1.91
CA ASP J 90 -5.03 45.47 0.71
C ASP J 90 -5.95 46.69 0.79
N VAL J 91 -6.68 46.80 1.90
CA VAL J 91 -7.48 47.99 2.18
C VAL J 91 -6.66 49.27 2.00
N TRP J 92 -5.68 49.52 2.87
CA TRP J 92 -4.88 50.77 2.80
C TRP J 92 -4.25 51.01 1.42
N THR J 93 -3.81 49.94 0.78
CA THR J 93 -3.45 50.03 -0.61
C THR J 93 -4.62 50.61 -1.42
N TYR J 94 -5.78 49.95 -1.40
CA TYR J 94 -6.93 50.46 -2.15
C TYR J 94 -7.27 51.88 -1.72
N ASN J 95 -7.44 52.13 -0.42
CA ASN J 95 -7.78 53.47 0.08
C ASN J 95 -6.83 54.56 -0.41
N ALA J 96 -5.54 54.24 -0.53
CA ALA J 96 -4.57 55.21 -1.05
C ALA J 96 -4.75 55.39 -2.56
N GLU J 97 -4.54 54.33 -3.33
CA GLU J 97 -4.74 54.39 -4.78
C GLU J 97 -6.00 55.17 -5.19
N LEU J 98 -7.18 54.75 -4.73
CA LEU J 98 -8.42 55.41 -5.13
C LEU J 98 -8.47 56.84 -4.61
N LEU J 99 -7.83 57.13 -3.48
CA LEU J 99 -7.80 58.52 -3.05
C LEU J 99 -7.09 59.34 -4.12
N VAL J 100 -5.92 58.88 -4.54
CA VAL J 100 -5.12 59.63 -5.52
C VAL J 100 -5.94 59.83 -6.78
N LEU J 101 -6.40 58.73 -7.36
CA LEU J 101 -7.08 58.76 -8.67
C LEU J 101 -8.25 59.75 -8.72
N MET J 102 -8.98 59.84 -7.61
CA MET J 102 -10.13 60.74 -7.49
C MET J 102 -9.74 62.14 -7.11
N GLU J 103 -8.52 62.33 -6.60
CA GLU J 103 -8.03 63.66 -6.21
C GLU J 103 -7.02 64.27 -7.21
N ASN J 104 -6.40 63.44 -8.04
CA ASN J 104 -5.75 63.91 -9.24
C ASN J 104 -6.81 64.57 -10.10
N GLU J 105 -7.84 63.79 -10.42
CA GLU J 105 -8.95 64.24 -11.24
C GLU J 105 -9.58 65.54 -10.72
N ARG J 106 -9.73 65.64 -9.40
CA ARG J 106 -10.28 66.85 -8.79
C ARG J 106 -9.38 68.04 -9.08
N THR J 107 -8.07 67.87 -8.88
CA THR J 107 -7.08 68.94 -9.07
C THR J 107 -7.06 69.52 -10.48
N LEU J 108 -7.37 68.69 -11.48
CA LEU J 108 -7.34 69.15 -12.86
C LEU J 108 -8.56 70.02 -13.19
N ASP J 109 -9.76 69.56 -12.82
CA ASP J 109 -11.00 70.36 -12.96
C ASP J 109 -11.00 71.61 -12.03
N PHE J 110 -10.06 71.63 -11.10
CA PHE J 110 -9.72 72.85 -10.34
C PHE J 110 -8.99 73.83 -11.28
N HIS J 111 -7.83 73.42 -11.79
CA HIS J 111 -7.02 74.24 -12.72
C HIS J 111 -7.79 74.72 -13.96
N ASP J 112 -8.84 73.98 -14.30
CA ASP J 112 -9.73 74.29 -15.42
C ASP J 112 -10.64 75.48 -15.09
N SER J 113 -11.18 75.49 -13.87
CA SER J 113 -12.02 76.62 -13.40
C SER J 113 -11.17 77.85 -13.13
N ASN J 114 -10.11 77.69 -12.33
CA ASN J 114 -9.11 78.74 -12.08
C ASN J 114 -8.82 79.59 -13.33
N VAL J 115 -8.71 78.94 -14.49
CA VAL J 115 -8.56 79.59 -15.80
C VAL J 115 -9.86 80.19 -16.36
N LYS J 116 -10.94 79.42 -16.29
CA LYS J 116 -12.22 79.86 -16.85
C LYS J 116 -12.73 81.13 -16.15
N ASN J 117 -12.60 81.21 -14.83
CA ASN J 117 -12.98 82.41 -14.07
C ASN J 117 -12.03 83.59 -14.33
N LEU J 118 -10.73 83.33 -14.38
CA LEU J 118 -9.71 84.33 -14.75
C LEU J 118 -10.19 85.12 -15.94
N TYR J 119 -10.57 84.38 -16.98
CA TYR J 119 -11.13 84.92 -18.21
C TYR J 119 -12.39 85.77 -17.99
N ASP J 120 -13.23 85.39 -17.02
CA ASP J 120 -14.45 86.15 -16.71
C ASP J 120 -14.19 87.48 -15.98
N LYS J 121 -13.19 87.50 -15.10
CA LYS J 121 -12.83 88.73 -14.36
C LYS J 121 -12.35 89.84 -15.31
N VAL J 122 -11.62 89.43 -16.36
CA VAL J 122 -11.18 90.33 -17.41
C VAL J 122 -12.38 90.80 -18.23
N ARG J 123 -13.27 89.87 -18.57
CA ARG J 123 -14.47 90.21 -19.36
C ARG J 123 -15.45 91.08 -18.57
N LEU J 124 -15.55 90.84 -17.26
CA LEU J 124 -16.45 91.62 -16.41
C LEU J 124 -16.03 93.10 -16.36
N GLN J 125 -14.72 93.36 -16.19
CA GLN J 125 -14.18 94.73 -16.21
C GLN J 125 -14.44 95.36 -17.57
N LEU J 126 -13.90 94.72 -18.60
CA LEU J 126 -13.97 95.19 -19.98
C LEU J 126 -15.19 94.60 -20.65
N ARG J 127 -16.32 95.31 -20.57
CA ARG J 127 -17.59 94.83 -21.12
C ARG J 127 -17.61 95.00 -22.66
N ASP J 128 -18.41 95.93 -23.16
CA ASP J 128 -18.49 96.16 -24.60
C ASP J 128 -17.31 96.96 -25.17
N ASN J 129 -16.33 97.29 -24.33
CA ASN J 129 -15.11 98.00 -24.78
C ASN J 129 -14.23 97.15 -25.73
N ALA J 130 -14.34 95.81 -25.65
CA ALA J 130 -13.57 94.91 -26.52
C ALA J 130 -14.46 93.85 -27.17
N LYS J 131 -14.01 93.34 -28.30
CA LYS J 131 -14.70 92.26 -29.01
C LYS J 131 -14.13 90.91 -28.60
N GLU J 132 -14.81 90.24 -27.66
CA GLU J 132 -14.48 88.88 -27.23
C GLU J 132 -14.35 87.94 -28.43
N LEU J 133 -13.12 87.72 -28.91
CA LEU J 133 -12.92 87.04 -30.20
C LEU J 133 -13.35 85.56 -30.17
N GLY J 134 -13.29 84.94 -28.99
CA GLY J 134 -13.86 83.60 -28.77
C GLY J 134 -12.86 82.46 -28.62
N ASN J 135 -11.62 82.72 -29.02
CA ASN J 135 -10.50 81.79 -28.87
C ASN J 135 -9.82 81.91 -27.51
N GLY J 136 -10.37 82.75 -26.63
CA GLY J 136 -9.76 83.06 -25.33
C GLY J 136 -9.10 84.42 -25.28
N CYS J 137 -9.27 85.20 -26.35
CA CYS J 137 -8.61 86.50 -26.45
C CYS J 137 -9.59 87.63 -26.79
N PHE J 138 -9.33 88.80 -26.20
CA PHE J 138 -10.09 90.01 -26.46
C PHE J 138 -9.35 90.85 -27.49
N GLU J 139 -9.86 92.06 -27.74
CA GLU J 139 -9.16 93.05 -28.57
C GLU J 139 -9.78 94.44 -28.37
N PHE J 140 -9.09 95.26 -27.59
CA PHE J 140 -9.59 96.58 -27.19
C PHE J 140 -10.00 97.42 -28.40
N TYR J 141 -11.15 98.08 -28.31
CA TYR J 141 -11.49 99.13 -29.26
C TYR J 141 -10.50 100.25 -29.06
N HIS J 142 -10.56 100.90 -27.89
CA HIS J 142 -9.62 101.97 -27.57
C HIS J 142 -8.19 101.45 -27.65
N LYS J 143 -7.24 102.31 -28.04
CA LYS J 143 -5.83 101.93 -28.04
C LYS J 143 -5.31 102.01 -26.59
N CYS J 144 -4.70 100.93 -26.14
CA CYS J 144 -4.30 100.79 -24.74
C CYS J 144 -2.81 100.41 -24.66
N ASP J 145 -2.03 101.31 -24.08
CA ASP J 145 -0.58 101.16 -23.99
C ASP J 145 -0.19 100.15 -22.88
N ASN J 146 1.11 100.05 -22.58
CA ASN J 146 1.62 99.13 -21.56
C ASN J 146 1.24 99.51 -20.11
N GLU J 147 1.09 100.81 -19.82
CA GLU J 147 0.65 101.24 -18.48
C GLU J 147 -0.82 100.88 -18.25
N CYS J 148 -1.64 101.08 -19.27
CA CYS J 148 -3.08 100.76 -19.25
C CYS J 148 -3.35 99.25 -19.11
N MET J 149 -2.48 98.40 -19.67
CA MET J 149 -2.59 96.93 -19.57
C MET J 149 -2.54 96.49 -18.11
N GLU J 150 -1.49 96.94 -17.41
CA GLU J 150 -1.31 96.70 -15.98
C GLU J 150 -2.60 96.86 -15.17
N SER J 151 -3.36 97.92 -15.44
CA SER J 151 -4.61 98.20 -14.72
C SER J 151 -5.57 97.02 -14.86
N VAL J 152 -5.74 96.53 -16.09
CA VAL J 152 -6.57 95.36 -16.35
C VAL J 152 -5.96 94.10 -15.71
N ARG J 153 -4.64 93.99 -15.78
CA ARG J 153 -3.91 92.79 -15.34
C ARG J 153 -3.90 92.59 -13.81
N ASN J 154 -3.67 93.66 -13.07
CA ASN J 154 -3.72 93.62 -11.59
C ASN J 154 -5.14 93.84 -11.03
N GLY J 155 -6.12 94.05 -11.91
CA GLY J 155 -7.53 94.02 -11.52
C GLY J 155 -8.12 95.35 -11.08
N THR J 156 -7.57 96.45 -11.59
CA THR J 156 -8.11 97.80 -11.34
C THR J 156 -8.23 98.58 -12.64
N TYR J 157 -8.96 98.01 -13.59
CA TYR J 157 -9.21 98.67 -14.87
C TYR J 157 -10.32 99.73 -14.72
N ASP J 158 -10.19 100.81 -15.50
CA ASP J 158 -11.15 101.93 -15.45
C ASP J 158 -12.04 102.03 -16.69
N TYR J 159 -13.34 101.79 -16.50
CA TYR J 159 -14.33 101.91 -17.58
C TYR J 159 -14.79 103.36 -17.85
N PRO J 160 -15.17 104.12 -16.80
CA PRO J 160 -15.71 105.47 -17.05
C PRO J 160 -14.77 106.49 -17.73
N GLN J 161 -13.53 106.12 -18.02
CA GLN J 161 -12.59 106.99 -18.76
C GLN J 161 -12.39 106.51 -20.19
N TYR J 162 -12.10 105.22 -20.34
CA TYR J 162 -11.98 104.61 -21.67
C TYR J 162 -13.34 104.32 -22.31
N SER J 163 -14.42 104.76 -21.65
CA SER J 163 -15.77 104.53 -22.12
C SER J 163 -16.06 105.21 -23.45
N GLU J 164 -15.78 106.51 -23.57
CA GLU J 164 -16.17 107.25 -24.80
C GLU J 164 -15.26 106.92 -25.97
N GLU J 165 -13.97 106.68 -25.71
CA GLU J 165 -13.03 106.30 -26.77
C GLU J 165 -13.44 104.97 -27.42
N ALA J 166 -14.02 104.08 -26.61
CA ALA J 166 -14.47 102.77 -27.08
C ALA J 166 -15.74 102.87 -27.94
N ARG J 167 -16.74 103.64 -27.49
CA ARG J 167 -18.02 103.73 -28.21
C ARG J 167 -18.03 104.67 -29.42
N LEU J 168 -17.07 105.61 -29.48
CA LEU J 168 -16.90 106.49 -30.65
C LEU J 168 -16.34 105.70 -31.84
N LYS J 169 -15.64 104.60 -31.54
CA LYS J 169 -15.19 103.64 -32.53
C LYS J 169 -16.34 102.69 -32.88
N ARG J 170 -17.03 102.19 -31.84
CA ARG J 170 -18.26 101.40 -32.01
C ARG J 170 -19.27 102.13 -32.89
N GLU J 171 -19.37 103.43 -32.66
CA GLU J 171 -20.31 104.28 -33.36
C GLU J 171 -20.24 104.04 -34.87
N GLU J 172 -19.03 104.13 -35.44
CA GLU J 172 -18.88 104.14 -36.91
C GLU J 172 -18.58 102.77 -37.55
N ILE J 173 -18.34 101.73 -36.76
CA ILE J 173 -18.22 100.38 -37.34
C ILE J 173 -19.60 99.77 -37.59
N SER J 174 -20.49 99.88 -36.60
CA SER J 174 -21.83 99.28 -36.67
C SER J 174 -22.75 100.10 -37.55
N GLU K 8 -34.58 103.36 -14.66
CA GLU K 8 -33.58 103.29 -13.57
C GLU K 8 -33.94 102.17 -12.58
N ASP K 9 -34.46 101.07 -13.11
CA ASP K 9 -34.90 99.94 -12.30
C ASP K 9 -33.90 98.80 -12.42
N GLN K 10 -33.83 97.94 -11.39
CA GLN K 10 -32.99 96.72 -11.45
C GLN K 10 -33.35 95.58 -10.47
N ILE K 11 -33.31 94.34 -10.97
CA ILE K 11 -33.53 93.12 -10.14
C ILE K 11 -32.22 92.36 -9.91
N CYS K 12 -31.82 92.20 -8.65
CA CYS K 12 -30.56 91.54 -8.31
C CYS K 12 -30.67 90.04 -8.02
N ILE K 13 -29.54 89.34 -8.07
CA ILE K 13 -29.45 87.96 -7.59
C ILE K 13 -28.29 87.86 -6.62
N GLY K 14 -28.51 87.20 -5.50
CA GLY K 14 -27.47 87.05 -4.48
C GLY K 14 -27.76 85.91 -3.53
N TYR K 15 -27.03 85.87 -2.42
CA TYR K 15 -27.11 84.75 -1.50
C TYR K 15 -27.10 85.17 -0.03
N HIS K 16 -26.95 84.18 0.85
CA HIS K 16 -27.13 84.32 2.29
C HIS K 16 -25.80 84.40 3.07
N ALA K 17 -25.85 85.17 4.16
CA ALA K 17 -24.77 85.22 5.13
C ALA K 17 -25.38 85.65 6.46
N ASN K 18 -24.70 85.36 7.57
CA ASN K 18 -25.26 85.58 8.90
C ASN K 18 -24.22 85.61 10.02
N ASN K 19 -24.66 85.70 11.27
CA ASN K 19 -23.74 85.80 12.40
C ASN K 19 -23.16 84.44 12.80
N SER K 20 -23.16 83.48 11.86
CA SER K 20 -22.64 82.13 12.10
C SER K 20 -21.14 82.18 12.38
N THR K 21 -20.74 81.59 13.50
CA THR K 21 -19.35 81.60 13.94
C THR K 21 -18.64 80.24 13.65
N GLU K 22 -19.42 79.21 13.33
CA GLU K 22 -18.89 77.85 13.18
C GLU K 22 -18.37 77.53 11.77
N GLN K 23 -17.28 76.76 11.73
CA GLN K 23 -16.54 76.50 10.50
C GLN K 23 -16.29 75.00 10.22
N VAL K 24 -16.48 74.63 8.95
CA VAL K 24 -16.34 73.25 8.51
C VAL K 24 -15.13 73.12 7.60
N ASP K 25 -14.68 71.88 7.39
CA ASP K 25 -13.42 71.63 6.72
C ASP K 25 -13.60 70.81 5.45
N THR K 26 -12.80 71.14 4.43
CA THR K 26 -12.74 70.38 3.17
C THR K 26 -11.31 69.89 2.95
N ILE K 27 -11.05 69.26 1.80
CA ILE K 27 -9.70 68.75 1.49
C ILE K 27 -8.69 69.84 1.13
N MET K 28 -9.15 70.81 0.35
CA MET K 28 -8.29 71.90 -0.13
C MET K 28 -8.24 73.09 0.85
N GLU K 29 -9.38 73.43 1.42
CA GLU K 29 -9.48 74.56 2.35
C GLU K 29 -9.83 74.04 3.76
N LYS K 30 -9.16 74.61 4.74
CA LYS K 30 -9.38 74.26 6.15
C LYS K 30 -9.90 75.50 6.89
N ASN K 31 -10.80 75.30 7.85
CA ASN K 31 -11.43 76.40 8.61
C ASN K 31 -12.25 77.37 7.75
N VAL K 32 -13.28 76.85 7.09
CA VAL K 32 -14.20 77.65 6.30
C VAL K 32 -15.40 77.99 7.15
N THR K 33 -15.58 79.27 7.51
CA THR K 33 -16.80 79.66 8.23
C THR K 33 -17.98 79.66 7.29
N VAL K 34 -18.97 78.84 7.66
CA VAL K 34 -20.15 78.57 6.86
C VAL K 34 -21.37 79.00 7.65
N THR K 35 -22.46 79.22 6.93
CA THR K 35 -23.68 79.77 7.52
C THR K 35 -24.36 78.74 8.38
N HIS K 36 -24.31 77.48 7.96
CA HIS K 36 -24.92 76.38 8.73
C HIS K 36 -24.04 75.13 8.77
N ALA K 37 -24.01 74.49 9.94
CA ALA K 37 -23.35 73.20 10.09
C ALA K 37 -24.16 72.27 11.00
N GLN K 38 -23.72 71.00 11.04
CA GLN K 38 -24.35 69.90 11.80
C GLN K 38 -23.29 68.93 12.32
N ASP K 39 -23.01 69.00 13.63
CA ASP K 39 -22.12 68.04 14.30
C ASP K 39 -22.74 66.65 14.11
N ILE K 40 -21.91 65.66 13.88
CA ILE K 40 -22.40 64.29 13.71
C ILE K 40 -21.62 63.36 14.65
N LEU K 41 -21.20 63.90 15.79
CA LEU K 41 -20.32 63.20 16.73
C LEU K 41 -20.69 63.56 18.15
N GLU K 42 -21.12 62.56 18.91
CA GLU K 42 -21.38 62.74 20.33
C GLU K 42 -20.06 62.70 21.10
N LYS K 43 -19.85 63.66 21.99
CA LYS K 43 -18.62 63.75 22.76
C LYS K 43 -18.86 63.59 24.24
N LYS K 44 -20.13 63.45 24.65
CA LYS K 44 -20.49 63.53 26.07
C LYS K 44 -21.11 62.24 26.64
N HIS K 45 -20.76 61.94 27.90
CA HIS K 45 -21.35 60.85 28.68
C HIS K 45 -21.72 61.35 30.09
N ASN K 46 -22.55 60.58 30.80
CA ASN K 46 -22.97 60.91 32.17
C ASN K 46 -22.14 60.26 33.29
N GLY K 47 -21.12 59.48 32.93
CA GLY K 47 -20.15 58.96 33.90
C GLY K 47 -20.70 57.96 34.90
N LYS K 48 -21.82 57.33 34.54
CA LYS K 48 -22.54 56.39 35.43
C LYS K 48 -22.77 55.06 34.73
N LEU K 49 -23.05 54.02 35.52
CA LEU K 49 -23.49 52.74 34.98
C LEU K 49 -25.00 52.64 35.18
N CYS K 50 -25.72 52.39 34.09
CA CYS K 50 -27.18 52.49 34.10
C CYS K 50 -27.90 51.22 33.65
N ASP K 51 -29.21 51.20 33.88
CA ASP K 51 -30.07 50.16 33.34
C ASP K 51 -30.04 50.18 31.82
N LEU K 52 -30.01 48.99 31.22
CA LEU K 52 -30.16 48.87 29.78
C LEU K 52 -31.60 48.47 29.56
N ASP K 53 -32.38 49.40 29.01
CA ASP K 53 -33.84 49.24 28.82
C ASP K 53 -34.56 48.73 30.08
N GLY K 54 -34.26 49.37 31.21
CA GLY K 54 -34.88 49.04 32.49
C GLY K 54 -34.49 47.67 33.02
N VAL K 55 -33.24 47.27 32.81
CA VAL K 55 -32.72 46.00 33.35
C VAL K 55 -31.30 46.18 33.90
N LYS K 56 -31.23 46.20 35.23
CA LYS K 56 -30.00 46.49 35.98
C LYS K 56 -28.90 45.52 35.60
N PRO K 57 -27.65 46.02 35.50
CA PRO K 57 -26.52 45.13 35.35
C PRO K 57 -26.18 44.44 36.67
N LEU K 58 -25.11 43.65 36.66
CA LEU K 58 -24.62 43.01 37.86
C LEU K 58 -23.24 43.60 38.19
N ILE K 59 -23.22 44.63 39.03
CA ILE K 59 -21.95 45.21 39.45
C ILE K 59 -21.34 44.31 40.52
N LEU K 60 -20.27 43.59 40.18
CA LEU K 60 -19.59 42.69 41.13
C LEU K 60 -18.74 43.41 42.20
N ARG K 61 -18.65 44.74 42.13
CA ARG K 61 -17.97 45.55 43.14
C ARG K 61 -16.51 45.11 43.32
N ASP K 62 -16.15 44.58 44.48
CA ASP K 62 -14.77 44.18 44.75
C ASP K 62 -14.61 42.66 44.68
N CYS K 63 -15.39 42.03 43.81
CA CYS K 63 -15.28 40.60 43.55
C CYS K 63 -14.81 40.33 42.13
N SER K 64 -14.25 39.15 41.95
CA SER K 64 -14.01 38.59 40.65
C SER K 64 -15.23 37.75 40.27
N VAL K 65 -15.28 37.36 39.00
CA VAL K 65 -16.30 36.40 38.56
C VAL K 65 -16.07 35.08 39.27
N ALA K 66 -14.82 34.64 39.31
CA ALA K 66 -14.47 33.40 39.97
C ALA K 66 -15.01 33.34 41.42
N GLY K 67 -14.72 34.37 42.20
CA GLY K 67 -15.16 34.45 43.60
C GLY K 67 -16.65 34.74 43.78
N TRP K 68 -17.41 34.63 42.71
CA TRP K 68 -18.85 34.76 42.81
C TRP K 68 -19.48 33.44 42.42
N LEU K 69 -19.11 32.91 41.26
CA LEU K 69 -19.57 31.60 40.85
C LEU K 69 -19.21 30.59 41.94
N LEU K 70 -18.00 30.71 42.49
CA LEU K 70 -17.54 29.81 43.55
C LEU K 70 -18.04 30.21 44.92
N GLY K 71 -18.45 31.46 45.07
CA GLY K 71 -18.98 31.92 46.33
C GLY K 71 -17.91 32.06 47.38
N ASN K 72 -16.99 32.98 47.17
CA ASN K 72 -16.17 33.53 48.24
C ASN K 72 -17.10 34.14 49.29
N PRO K 73 -16.91 33.82 50.58
CA PRO K 73 -17.70 34.45 51.67
C PRO K 73 -17.88 35.97 51.59
N MET K 74 -16.80 36.67 51.22
CA MET K 74 -16.83 38.13 51.11
C MET K 74 -17.88 38.59 50.09
N CYS K 75 -18.11 37.78 49.06
CA CYS K 75 -19.08 38.06 48.00
C CYS K 75 -20.47 37.49 48.25
N ASP K 76 -20.86 37.35 49.51
CA ASP K 76 -22.19 36.81 49.82
C ASP K 76 -23.29 37.70 49.30
N GLU K 77 -23.03 39.00 49.20
CA GLU K 77 -24.01 39.91 48.63
C GLU K 77 -24.42 39.55 47.20
N PHE K 78 -23.84 38.50 46.62
CA PHE K 78 -24.31 37.97 45.34
C PHE K 78 -24.69 36.49 45.41
N ILE K 79 -24.92 35.94 46.60
CA ILE K 79 -25.32 34.52 46.66
C ILE K 79 -26.46 34.21 45.68
N ASN K 80 -27.44 35.13 45.55
CA ASN K 80 -28.62 34.86 44.71
C ASN K 80 -29.00 36.05 43.82
N VAL K 81 -28.42 36.11 42.62
CA VAL K 81 -28.55 37.32 41.76
C VAL K 81 -29.66 37.24 40.70
N PRO K 82 -30.48 38.31 40.58
CA PRO K 82 -31.56 38.31 39.60
C PRO K 82 -31.00 38.54 38.21
N GLU K 83 -31.80 38.28 37.19
CA GLU K 83 -31.26 38.35 35.83
C GLU K 83 -30.64 39.72 35.53
N TRP K 84 -29.81 39.77 34.51
CA TRP K 84 -29.06 40.98 34.26
C TRP K 84 -29.05 41.36 32.78
N SER K 85 -28.56 42.57 32.55
CA SER K 85 -28.36 43.09 31.23
C SER K 85 -26.90 42.84 30.82
N TYR K 86 -25.97 43.32 31.64
CA TYR K 86 -24.54 43.11 31.44
C TYR K 86 -23.83 43.06 32.78
N ILE K 87 -22.65 42.44 32.82
CA ILE K 87 -21.87 42.29 34.05
C ILE K 87 -20.77 43.34 34.08
N VAL K 88 -20.44 43.87 35.26
CA VAL K 88 -19.32 44.81 35.42
C VAL K 88 -18.25 44.37 36.42
N GLU K 89 -17.11 43.89 35.93
CA GLU K 89 -15.99 43.57 36.79
C GLU K 89 -15.01 44.76 36.86
N LYS K 90 -14.44 44.97 38.04
CA LYS K 90 -13.33 45.92 38.21
C LYS K 90 -12.11 45.37 37.51
N ALA K 91 -11.13 46.23 37.25
CA ALA K 91 -9.90 45.81 36.55
C ALA K 91 -9.11 44.78 37.38
N ASN K 92 -9.01 45.01 38.70
CA ASN K 92 -8.25 44.12 39.59
C ASN K 92 -8.93 43.83 40.94
N PRO K 93 -10.06 43.10 40.89
CA PRO K 93 -10.99 42.99 42.02
C PRO K 93 -10.44 42.20 43.21
N VAL K 94 -10.34 42.85 44.36
CA VAL K 94 -9.63 42.27 45.51
C VAL K 94 -10.03 40.82 45.84
N ASN K 95 -11.33 40.58 45.99
CA ASN K 95 -11.85 39.29 46.46
C ASN K 95 -11.96 38.31 45.31
N ASP K 96 -10.89 37.56 45.10
CA ASP K 96 -10.81 36.58 44.01
C ASP K 96 -10.85 35.16 44.62
N LEU K 97 -9.89 34.33 44.25
CA LEU K 97 -9.53 33.17 45.03
C LEU K 97 -8.88 33.65 46.34
N CYS K 98 -9.55 33.42 47.47
CA CYS K 98 -8.96 33.66 48.78
C CYS K 98 -7.87 32.61 49.00
N TYR K 99 -8.25 31.34 48.85
CA TYR K 99 -7.29 30.26 48.88
C TYR K 99 -6.65 30.21 47.51
N PRO K 100 -5.33 30.46 47.43
CA PRO K 100 -4.67 30.62 46.14
C PRO K 100 -4.73 29.37 45.27
N GLY K 101 -4.74 29.56 43.95
CA GLY K 101 -4.74 28.46 43.00
C GLY K 101 -4.93 28.96 41.58
N ASP K 102 -5.53 28.13 40.74
CA ASP K 102 -5.94 28.54 39.40
C ASP K 102 -7.39 28.15 39.14
N PHE K 103 -8.00 28.88 38.22
CA PHE K 103 -9.29 28.53 37.69
C PHE K 103 -9.10 28.06 36.24
N ASN K 104 -9.04 26.75 36.03
CA ASN K 104 -8.74 26.18 34.72
C ASN K 104 -9.71 26.72 33.69
N ASP K 105 -9.23 26.85 32.44
CA ASP K 105 -9.97 27.45 31.34
C ASP K 105 -10.89 28.56 31.81
N TYR K 106 -10.29 29.55 32.46
CA TYR K 106 -11.05 30.61 33.09
C TYR K 106 -11.66 31.59 32.09
N GLU K 107 -10.92 31.92 31.04
CA GLU K 107 -11.37 32.98 30.12
C GLU K 107 -12.47 32.46 29.21
N GLU K 108 -12.29 31.23 28.72
CA GLU K 108 -13.30 30.56 27.88
C GLU K 108 -14.64 30.45 28.60
N LEU K 109 -14.60 30.44 29.94
CA LEU K 109 -15.82 30.45 30.74
C LEU K 109 -16.33 31.86 30.88
N LYS K 110 -15.42 32.82 30.95
CA LYS K 110 -15.81 34.21 30.99
C LYS K 110 -16.48 34.60 29.67
N HIS K 111 -16.24 33.81 28.64
CA HIS K 111 -16.77 34.07 27.31
C HIS K 111 -18.17 33.57 27.11
N LEU K 112 -18.51 32.48 27.78
CA LEU K 112 -19.87 31.93 27.71
C LEU K 112 -20.84 32.85 28.43
N LEU K 113 -20.40 33.39 29.57
CA LEU K 113 -21.16 34.39 30.34
C LEU K 113 -21.72 35.52 29.46
N SER K 114 -21.05 35.74 28.34
CA SER K 114 -21.42 36.75 27.39
C SER K 114 -22.73 36.45 26.66
N ARG K 115 -23.14 35.17 26.61
CA ARG K 115 -24.47 34.80 26.07
C ARG K 115 -25.46 34.39 27.15
N ILE K 116 -25.09 34.53 28.42
CA ILE K 116 -26.01 34.22 29.52
C ILE K 116 -26.47 35.48 30.24
N ASN K 117 -27.77 35.53 30.52
CA ASN K 117 -28.36 36.69 31.16
C ASN K 117 -28.97 36.39 32.51
N HIS K 118 -29.19 35.11 32.81
CA HIS K 118 -29.63 34.70 34.15
C HIS K 118 -29.28 33.26 34.50
N PHE K 119 -28.82 33.07 35.74
CA PHE K 119 -28.71 31.74 36.37
C PHE K 119 -29.88 31.49 37.32
N GLU K 120 -30.12 30.21 37.63
CA GLU K 120 -30.87 29.81 38.83
C GLU K 120 -29.94 28.81 39.53
N LYS K 121 -29.32 29.21 40.64
CA LYS K 121 -28.44 28.30 41.42
C LYS K 121 -29.22 27.11 41.98
N ILE K 122 -28.66 25.89 41.90
CA ILE K 122 -29.36 24.71 42.44
C ILE K 122 -28.45 23.68 43.09
N GLN K 123 -29.00 22.91 44.02
CA GLN K 123 -28.20 21.97 44.83
C GLN K 123 -28.17 20.57 44.24
N ILE K 124 -26.97 20.12 43.86
CA ILE K 124 -26.78 18.80 43.21
C ILE K 124 -26.14 17.71 44.09
N ILE K 125 -25.18 18.05 44.96
CA ILE K 125 -24.63 17.10 45.98
C ILE K 125 -24.70 17.73 47.40
N PRO K 126 -25.82 17.50 48.12
CA PRO K 126 -26.03 18.11 49.44
C PRO K 126 -24.86 17.90 50.40
N LYS K 127 -24.51 18.93 51.16
CA LYS K 127 -23.43 18.82 52.15
C LYS K 127 -23.76 17.77 53.21
N SER K 128 -25.03 17.73 53.63
CA SER K 128 -25.50 16.77 54.62
C SER K 128 -25.22 15.35 54.18
N SER K 129 -25.11 15.15 52.88
CA SER K 129 -25.09 13.81 52.32
C SER K 129 -23.74 13.09 52.42
N TRP K 130 -22.68 13.82 52.79
CA TRP K 130 -21.32 13.24 52.82
C TRP K 130 -21.14 12.29 54.01
N SER K 131 -21.13 11.00 53.68
CA SER K 131 -21.49 9.92 54.63
C SER K 131 -20.31 9.27 55.34
N SER K 132 -19.22 9.05 54.61
CA SER K 132 -18.02 8.42 55.17
C SER K 132 -16.82 9.37 55.19
N HIS K 133 -17.09 10.65 54.91
CA HIS K 133 -16.08 11.70 55.02
C HIS K 133 -16.70 12.87 55.79
N GLU K 134 -15.88 13.72 56.41
CA GLU K 134 -16.39 14.96 56.98
C GLU K 134 -16.28 16.14 56.01
N ALA K 135 -17.39 16.87 55.88
CA ALA K 135 -17.52 18.01 54.97
C ALA K 135 -17.38 19.35 55.70
N SER K 136 -17.80 19.41 56.95
CA SER K 136 -17.83 20.67 57.70
C SER K 136 -16.49 21.07 58.33
N LEU K 137 -15.45 20.27 58.08
CA LEU K 137 -14.15 20.51 58.71
C LEU K 137 -13.27 21.37 57.81
N GLY K 138 -13.43 21.23 56.50
CA GLY K 138 -12.52 21.86 55.56
C GLY K 138 -12.74 23.34 55.42
N VAL K 139 -12.10 24.10 56.30
CA VAL K 139 -12.09 25.55 56.19
C VAL K 139 -10.69 26.09 56.42
N SER K 140 -10.46 27.30 55.92
CA SER K 140 -9.13 27.90 55.88
C SER K 140 -9.16 29.33 56.41
N SER K 141 -8.12 29.71 57.15
CA SER K 141 -7.96 31.10 57.57
C SER K 141 -7.83 32.03 56.37
N ALA K 142 -7.21 31.56 55.29
CA ALA K 142 -7.02 32.34 54.06
C ALA K 142 -8.33 32.81 53.46
N CYS K 143 -9.44 32.15 53.81
CA CYS K 143 -10.80 32.58 53.41
C CYS K 143 -11.62 33.01 54.61
N PRO K 144 -11.20 34.09 55.29
CA PRO K 144 -11.85 34.39 56.56
C PRO K 144 -13.25 34.96 56.36
N TYR K 145 -14.07 34.88 57.40
CA TYR K 145 -15.43 35.39 57.36
C TYR K 145 -15.87 35.70 58.79
N GLN K 146 -15.98 37.00 59.10
CA GLN K 146 -16.31 37.50 60.44
C GLN K 146 -15.31 36.99 61.48
N GLY K 147 -14.04 37.29 61.28
CA GLY K 147 -12.99 36.80 62.18
C GLY K 147 -12.59 35.35 61.93
N LYS K 148 -13.55 34.43 62.03
CA LYS K 148 -13.24 32.99 61.95
C LYS K 148 -12.80 32.48 60.58
N SER K 149 -12.29 31.24 60.57
CA SER K 149 -11.99 30.52 59.32
C SER K 149 -13.25 30.08 58.60
N SER K 150 -13.10 29.82 57.31
CA SER K 150 -14.22 29.53 56.43
C SER K 150 -13.67 29.11 55.05
N PHE K 151 -14.52 29.11 54.02
CA PHE K 151 -14.14 28.61 52.72
C PHE K 151 -15.21 28.93 51.66
N PHE K 152 -14.99 28.54 50.41
CA PHE K 152 -15.92 28.79 49.32
C PHE K 152 -17.25 28.11 49.55
N ARG K 153 -18.34 28.88 49.51
CA ARG K 153 -19.65 28.37 49.88
C ARG K 153 -20.38 27.45 48.87
N ASN K 154 -19.89 27.32 47.64
CA ASN K 154 -20.56 26.47 46.62
C ASN K 154 -19.85 25.15 46.28
N VAL K 155 -18.57 25.03 46.62
CA VAL K 155 -17.92 23.72 46.64
C VAL K 155 -17.79 23.35 48.11
N VAL K 156 -17.41 22.11 48.38
CA VAL K 156 -17.15 21.63 49.77
C VAL K 156 -15.86 20.76 49.83
N TRP K 157 -15.00 21.11 50.77
CA TRP K 157 -13.64 20.55 50.89
C TRP K 157 -13.63 19.27 51.74
N LEU K 158 -13.62 18.12 51.07
CA LEU K 158 -13.78 16.87 51.80
C LEU K 158 -12.46 16.47 52.44
N ILE K 159 -12.56 15.99 53.68
CA ILE K 159 -11.42 15.62 54.51
C ILE K 159 -11.67 14.22 55.09
N LYS K 160 -10.62 13.54 55.56
CA LYS K 160 -10.71 12.16 56.04
C LYS K 160 -11.45 11.99 57.36
N LYS K 161 -12.22 10.89 57.47
CA LYS K 161 -13.10 10.60 58.61
C LYS K 161 -12.51 9.49 59.49
N ASN K 162 -12.62 9.67 60.81
CA ASN K 162 -11.79 8.92 61.76
C ASN K 162 -10.37 8.95 61.18
N SER K 163 -9.88 7.88 60.54
CA SER K 163 -8.65 7.99 59.76
C SER K 163 -8.79 7.20 58.48
N THR K 164 -9.72 7.63 57.63
CA THR K 164 -10.07 6.92 56.41
C THR K 164 -10.60 7.88 55.34
N TYR K 165 -10.29 7.59 54.08
CA TYR K 165 -10.86 8.32 52.93
C TYR K 165 -11.32 7.31 51.89
N PRO K 166 -12.45 6.62 52.16
CA PRO K 166 -12.98 5.58 51.27
C PRO K 166 -13.46 6.15 49.94
N THR K 167 -13.02 5.53 48.85
CA THR K 167 -13.24 6.01 47.49
C THR K 167 -14.65 6.53 47.23
N ILE K 168 -14.75 7.80 46.85
CA ILE K 168 -16.03 8.45 46.59
C ILE K 168 -16.49 8.06 45.18
N LYS K 169 -17.80 7.87 45.01
CA LYS K 169 -18.38 7.29 43.80
C LYS K 169 -19.77 7.92 43.53
N ARG K 170 -19.78 9.16 43.07
CA ARG K 170 -21.03 9.94 42.94
C ARG K 170 -21.38 10.33 41.49
N SER K 171 -22.64 10.71 41.30
CA SER K 171 -23.22 10.78 39.97
C SER K 171 -24.47 11.68 39.92
N TYR K 172 -24.54 12.60 38.96
CA TYR K 172 -25.69 13.48 38.79
C TYR K 172 -26.25 13.42 37.36
N ASN K 173 -27.57 13.23 37.26
CA ASN K 173 -28.28 13.28 35.99
C ASN K 173 -29.11 14.54 35.95
N ASN K 174 -28.71 15.49 35.08
CA ASN K 174 -29.42 16.74 34.83
C ASN K 174 -30.79 16.47 34.24
N THR K 175 -31.77 16.26 35.12
CA THR K 175 -33.13 15.92 34.69
C THR K 175 -33.97 17.19 34.45
N ASN K 176 -33.31 18.35 34.48
CA ASN K 176 -33.93 19.63 34.11
C ASN K 176 -33.86 19.75 32.61
N GLN K 177 -34.44 20.80 32.05
CA GLN K 177 -34.38 21.01 30.61
C GLN K 177 -33.33 22.06 30.27
N GLU K 178 -32.56 22.47 31.26
CA GLU K 178 -31.54 23.49 31.07
C GLU K 178 -30.16 22.88 30.88
N ASP K 179 -29.28 23.64 30.26
CA ASP K 179 -27.85 23.34 30.33
C ASP K 179 -27.49 23.57 31.78
N LEU K 180 -26.40 22.95 32.22
CA LEU K 180 -25.99 23.08 33.60
C LEU K 180 -24.48 23.28 33.66
N LEU K 181 -24.05 24.46 34.09
CA LEU K 181 -22.63 24.71 34.34
C LEU K 181 -22.27 24.25 35.75
N VAL K 182 -21.40 23.24 35.84
CA VAL K 182 -21.01 22.67 37.14
C VAL K 182 -19.50 22.83 37.32
N LEU K 183 -19.08 23.07 38.57
CA LEU K 183 -17.67 23.33 38.92
C LEU K 183 -17.20 22.56 40.16
N TRP K 184 -15.98 22.03 40.07
CA TRP K 184 -15.36 21.21 41.10
C TRP K 184 -13.87 21.57 41.26
N GLY K 185 -13.15 20.84 42.11
CA GLY K 185 -11.82 21.27 42.47
C GLY K 185 -10.89 20.24 43.05
N ILE K 186 -9.64 20.28 42.58
CA ILE K 186 -8.54 19.48 43.09
C ILE K 186 -7.77 20.33 44.09
N HIS K 187 -7.19 19.68 45.10
CA HIS K 187 -6.28 20.35 46.04
C HIS K 187 -4.87 19.79 45.95
N HIS K 188 -3.92 20.67 45.62
CA HIS K 188 -2.50 20.38 45.65
C HIS K 188 -1.93 20.72 47.03
N PRO K 189 -1.55 19.70 47.80
CA PRO K 189 -1.05 19.95 49.13
C PRO K 189 0.41 20.35 49.15
N ASN K 190 0.85 20.92 50.27
CA ASN K 190 2.20 21.42 50.43
C ASN K 190 3.24 20.27 50.45
N ASP K 191 2.98 19.23 51.23
CA ASP K 191 3.96 18.14 51.39
C ASP K 191 3.35 16.76 51.69
N ALA K 192 4.21 15.74 51.65
CA ALA K 192 3.84 14.36 52.02
C ALA K 192 3.09 14.27 53.36
N ALA K 193 3.51 15.07 54.33
CA ALA K 193 2.87 15.13 55.64
C ALA K 193 1.41 15.61 55.53
N GLU K 194 1.21 16.73 54.84
CA GLU K 194 -0.14 17.29 54.68
C GLU K 194 -1.05 16.37 53.86
N GLN K 195 -0.52 15.80 52.80
CA GLN K 195 -1.26 14.80 52.03
C GLN K 195 -1.92 13.79 52.97
N THR K 196 -1.12 13.21 53.85
CA THR K 196 -1.62 12.24 54.81
C THR K 196 -2.63 12.85 55.77
N LYS K 197 -2.24 13.93 56.42
CA LYS K 197 -3.06 14.50 57.48
C LYS K 197 -4.50 14.75 57.01
N LEU K 198 -4.64 15.27 55.79
CA LEU K 198 -5.96 15.65 55.26
C LEU K 198 -6.71 14.48 54.56
N TYR K 199 -5.97 13.60 53.89
CA TYR K 199 -6.59 12.56 53.06
C TYR K 199 -6.11 11.11 53.33
N GLN K 200 -5.06 10.96 54.14
CA GLN K 200 -4.50 9.65 54.53
C GLN K 200 -3.68 9.01 53.43
N ASN K 201 -4.34 8.82 52.28
CA ASN K 201 -3.80 8.02 51.19
C ASN K 201 -2.56 8.65 50.57
N PRO K 202 -1.64 7.81 50.08
CA PRO K 202 -0.34 8.31 49.64
C PRO K 202 -0.45 8.95 48.27
N THR K 203 -0.88 8.15 47.30
CA THR K 203 -1.11 8.61 45.94
C THR K 203 -2.62 8.65 45.74
N THR K 204 -3.13 9.81 45.31
CA THR K 204 -4.58 10.06 45.19
C THR K 204 -4.95 10.48 43.76
N TYR K 205 -6.26 10.65 43.52
CA TYR K 205 -6.75 11.08 42.21
C TYR K 205 -8.21 11.57 42.21
N ILE K 206 -8.59 12.32 41.17
CA ILE K 206 -10.02 12.58 40.88
C ILE K 206 -10.33 12.07 39.47
N SER K 207 -11.60 11.76 39.25
CA SER K 207 -12.10 11.37 37.93
C SER K 207 -13.45 12.00 37.76
N VAL K 208 -13.59 12.89 36.77
CA VAL K 208 -14.93 13.28 36.34
C VAL K 208 -15.17 12.65 34.98
N GLY K 209 -16.43 12.53 34.63
CA GLY K 209 -16.82 11.83 33.40
C GLY K 209 -18.26 12.09 33.02
N THR K 210 -18.46 12.78 31.89
CA THR K 210 -19.79 12.97 31.29
C THR K 210 -19.77 12.29 29.93
N SER K 211 -20.81 12.52 29.13
CA SER K 211 -20.87 11.95 27.78
C SER K 211 -19.93 12.65 26.80
N THR K 212 -19.32 13.77 27.24
CA THR K 212 -18.35 14.51 26.42
C THR K 212 -17.19 15.03 27.28
N LEU K 213 -16.67 14.19 28.19
CA LEU K 213 -15.62 14.60 29.13
C LEU K 213 -14.97 13.42 29.85
N ASN K 214 -13.78 13.02 29.40
CA ASN K 214 -13.05 11.88 29.98
C ASN K 214 -11.87 12.39 30.83
N GLN K 215 -12.13 12.70 32.09
CA GLN K 215 -11.13 13.39 32.90
C GLN K 215 -10.58 12.55 34.05
N ARG K 216 -9.31 12.79 34.35
CA ARG K 216 -8.54 11.97 35.28
C ARG K 216 -7.40 12.82 35.89
N LEU K 217 -7.68 13.43 37.04
CA LEU K 217 -6.76 14.39 37.65
C LEU K 217 -5.96 13.77 38.78
N VAL K 218 -4.73 14.24 38.94
CA VAL K 218 -3.81 13.76 39.97
C VAL K 218 -3.01 14.95 40.49
N PRO K 219 -2.99 15.15 41.82
CA PRO K 219 -2.42 16.40 42.33
C PRO K 219 -0.90 16.44 42.20
N ARG K 220 -0.30 17.51 42.69
CA ARG K 220 1.10 17.77 42.41
C ARG K 220 1.78 18.46 43.58
N ILE K 221 2.71 17.76 44.20
CA ILE K 221 3.36 18.26 45.40
C ILE K 221 4.70 18.92 45.07
N ALA K 222 4.93 20.06 45.72
CA ALA K 222 6.08 20.92 45.47
C ALA K 222 6.15 21.96 46.59
N THR K 223 7.33 22.53 46.82
CA THR K 223 7.44 23.63 47.77
C THR K 223 7.36 24.93 47.01
N ARG K 224 6.41 25.79 47.40
CA ARG K 224 6.18 27.05 46.67
C ARG K 224 5.92 28.23 47.62
N SER K 225 6.02 29.43 47.06
CA SER K 225 5.90 30.66 47.85
C SER K 225 4.57 30.70 48.57
N LYS K 226 4.59 31.16 49.81
CA LYS K 226 3.36 31.29 50.57
C LYS K 226 2.61 32.52 50.07
N VAL K 227 1.35 32.34 49.73
CA VAL K 227 0.49 33.43 49.32
C VAL K 227 -0.76 33.36 50.17
N ASN K 228 -1.22 34.53 50.62
CA ASN K 228 -2.44 34.63 51.41
C ASN K 228 -2.41 33.64 52.58
N GLY K 229 -1.22 33.49 53.16
CA GLY K 229 -0.99 32.62 54.31
C GLY K 229 -0.80 31.16 53.97
N GLN K 230 -0.58 30.86 52.70
CA GLN K 230 -0.71 29.48 52.26
C GLN K 230 0.24 29.11 51.15
N SER K 231 0.79 27.90 51.28
CA SER K 231 1.66 27.32 50.29
C SER K 231 0.91 26.31 49.43
N GLY K 232 -0.25 25.85 49.89
CA GLY K 232 -1.07 24.92 49.08
C GLY K 232 -1.89 25.63 48.01
N ARG K 233 -2.41 24.87 47.04
CA ARG K 233 -3.27 25.44 45.97
C ARG K 233 -4.49 24.61 45.66
N MET K 234 -5.45 25.25 45.01
CA MET K 234 -6.70 24.62 44.59
C MET K 234 -6.89 24.88 43.10
N GLU K 235 -6.80 23.85 42.28
CA GLU K 235 -7.16 23.99 40.87
C GLU K 235 -8.66 23.70 40.73
N PHE K 236 -9.33 24.53 39.93
CA PHE K 236 -10.78 24.50 39.74
C PHE K 236 -11.12 24.31 38.30
N PHE K 237 -11.96 23.32 38.04
CA PHE K 237 -12.40 23.04 36.69
C PHE K 237 -13.91 23.22 36.58
N TRP K 238 -14.38 23.20 35.32
CA TRP K 238 -15.81 23.21 35.05
C TRP K 238 -16.14 22.40 33.83
N THR K 239 -17.44 22.20 33.63
CA THR K 239 -17.97 21.55 32.43
C THR K 239 -19.42 21.94 32.32
N ILE K 240 -19.94 22.02 31.10
CA ILE K 240 -21.38 22.19 30.93
C ILE K 240 -22.04 20.80 30.90
N LEU K 241 -23.25 20.72 31.44
CA LEU K 241 -23.97 19.48 31.54
C LEU K 241 -25.30 19.59 30.80
N LYS K 242 -25.48 18.72 29.81
CA LYS K 242 -26.66 18.74 28.96
C LYS K 242 -27.86 18.04 29.60
N PRO K 243 -29.08 18.42 29.19
CA PRO K 243 -30.29 17.67 29.53
C PRO K 243 -30.16 16.14 29.38
N ASN K 244 -30.46 15.41 30.47
CA ASN K 244 -30.37 13.94 30.57
C ASN K 244 -28.96 13.37 30.43
N ASP K 245 -28.00 14.09 30.99
CA ASP K 245 -26.60 13.67 30.92
C ASP K 245 -26.04 13.50 32.33
N ALA K 246 -25.24 12.45 32.51
CA ALA K 246 -24.65 12.10 33.78
C ALA K 246 -23.27 12.72 33.91
N ILE K 247 -23.01 13.46 34.98
CA ILE K 247 -21.64 13.78 35.40
C ILE K 247 -21.29 12.80 36.52
N ASN K 248 -20.18 12.09 36.37
CA ASN K 248 -19.84 11.00 37.29
C ASN K 248 -18.50 11.26 37.98
N PHE K 249 -18.53 11.51 39.29
CA PHE K 249 -17.32 11.82 40.05
C PHE K 249 -16.77 10.59 40.78
N GLU K 250 -15.44 10.38 40.71
CA GLU K 250 -14.76 9.39 41.58
C GLU K 250 -13.43 9.93 42.12
N SER K 251 -13.15 9.65 43.38
CA SER K 251 -11.91 10.13 44.02
C SER K 251 -11.59 9.43 45.32
N ASN K 252 -10.30 9.46 45.66
CA ASN K 252 -9.77 8.88 46.89
C ASN K 252 -8.84 9.87 47.64
N GLY K 253 -9.09 11.16 47.44
CA GLY K 253 -8.27 12.22 48.05
C GLY K 253 -8.26 13.53 47.26
N ASN K 254 -7.97 14.63 47.97
CA ASN K 254 -7.76 15.95 47.38
C ASN K 254 -9.01 16.58 46.69
N PHE K 255 -10.15 15.90 46.79
CA PHE K 255 -11.36 16.29 46.08
C PHE K 255 -12.11 17.40 46.80
N ILE K 256 -12.34 18.50 46.08
CA ILE K 256 -13.26 19.56 46.51
C ILE K 256 -14.57 19.40 45.74
N ALA K 257 -15.61 18.88 46.41
CA ALA K 257 -16.86 18.51 45.73
C ALA K 257 -17.73 19.71 45.46
N PRO K 258 -18.69 19.58 44.54
CA PRO K 258 -19.63 20.65 44.25
C PRO K 258 -20.95 20.48 44.98
N GLU K 259 -21.36 21.49 45.74
CA GLU K 259 -22.68 21.45 46.39
C GLU K 259 -23.75 22.04 45.49
N TYR K 260 -23.53 23.26 45.02
CA TYR K 260 -24.49 23.93 44.16
C TYR K 260 -23.98 24.03 42.72
N ALA K 261 -24.92 24.03 41.78
CA ALA K 261 -24.60 24.10 40.36
C ALA K 261 -25.22 25.40 39.81
N TYR K 262 -25.42 25.49 38.49
CA TYR K 262 -26.08 26.67 37.90
C TYR K 262 -26.94 26.34 36.69
N LYS K 263 -28.21 26.69 36.74
CA LYS K 263 -29.14 26.46 35.64
C LYS K 263 -29.08 27.63 34.67
N ILE K 264 -28.67 27.34 33.44
CA ILE K 264 -28.60 28.34 32.38
C ILE K 264 -30.02 28.58 31.88
N VAL K 265 -30.64 29.58 32.52
CA VAL K 265 -32.04 29.93 32.28
C VAL K 265 -32.11 30.77 31.00
N LYS K 266 -31.94 32.09 31.14
CA LYS K 266 -32.16 33.01 30.02
C LYS K 266 -30.89 33.26 29.24
N LYS K 267 -30.94 33.04 27.92
CA LYS K 267 -29.83 33.39 27.04
C LYS K 267 -30.21 34.62 26.23
N GLY K 268 -29.21 35.20 25.57
CA GLY K 268 -29.37 36.46 24.88
C GLY K 268 -28.04 37.14 24.66
N ASP K 269 -27.93 38.39 25.07
CA ASP K 269 -26.72 39.20 24.81
C ASP K 269 -26.21 39.88 26.07
N SER K 270 -24.90 39.79 26.31
CA SER K 270 -24.22 40.50 27.38
C SER K 270 -22.76 40.72 27.03
N THR K 271 -22.12 41.67 27.71
CA THR K 271 -20.66 41.77 27.76
C THR K 271 -20.25 41.72 29.22
N ILE K 272 -18.97 41.49 29.49
CA ILE K 272 -18.41 41.72 30.82
C ILE K 272 -17.59 43.00 30.77
N MET K 273 -18.28 44.11 31.01
CA MET K 273 -17.69 45.43 31.05
C MET K 273 -16.58 45.49 32.10
N LYS K 274 -15.56 46.30 31.86
CA LYS K 274 -14.40 46.37 32.74
C LYS K 274 -14.27 47.69 33.54
N SER K 275 -15.40 48.28 33.93
CA SER K 275 -15.44 49.62 34.55
C SER K 275 -15.14 49.60 36.05
N GLU K 276 -14.73 50.77 36.56
CA GLU K 276 -14.48 50.99 38.00
C GLU K 276 -15.60 51.71 38.75
N LEU K 277 -16.54 52.29 38.01
CA LEU K 277 -17.69 53.04 38.57
C LEU K 277 -18.70 52.13 39.26
N GLU K 278 -19.57 52.75 40.07
CA GLU K 278 -20.65 52.02 40.72
C GLU K 278 -21.96 52.29 39.97
N TYR K 279 -23.10 52.08 40.62
CA TYR K 279 -24.44 52.27 40.01
C TYR K 279 -24.95 53.68 40.23
N GLY K 280 -25.64 54.23 39.23
CA GLY K 280 -26.15 55.61 39.30
C GLY K 280 -27.65 55.79 39.24
N ASN K 281 -28.42 54.68 39.26
CA ASN K 281 -29.90 54.73 39.24
C ASN K 281 -30.51 55.47 38.04
N CYS K 282 -29.92 55.26 36.87
CA CYS K 282 -30.39 55.83 35.61
C CYS K 282 -30.91 54.70 34.69
N ASN K 283 -31.30 55.04 33.47
CA ASN K 283 -31.64 54.06 32.44
C ASN K 283 -31.33 54.63 31.06
N THR K 284 -30.64 53.84 30.24
CA THR K 284 -30.29 54.28 28.90
C THR K 284 -30.43 53.12 27.95
N LYS K 285 -30.36 53.45 26.68
CA LYS K 285 -30.42 52.45 25.63
C LYS K 285 -29.02 52.11 25.13
N CYS K 286 -28.00 52.76 25.67
CA CYS K 286 -26.62 52.56 25.25
C CYS K 286 -25.65 52.82 26.39
N GLN K 287 -24.61 51.98 26.51
CA GLN K 287 -23.68 52.04 27.63
C GLN K 287 -22.22 51.88 27.19
N THR K 288 -21.31 52.53 27.90
CA THR K 288 -19.87 52.37 27.71
C THR K 288 -19.24 52.40 29.08
N PRO K 289 -18.11 51.71 29.24
CA PRO K 289 -17.44 51.66 30.55
C PRO K 289 -17.18 53.04 31.18
N MET K 290 -16.89 54.05 30.37
CA MET K 290 -16.64 55.37 30.92
C MET K 290 -17.91 56.12 31.34
N GLY K 291 -19.06 55.67 30.85
CA GLY K 291 -20.37 56.28 31.19
C GLY K 291 -21.40 55.93 30.13
N ALA K 292 -22.67 56.21 30.40
CA ALA K 292 -23.76 55.96 29.42
C ALA K 292 -23.84 57.06 28.35
N ILE K 293 -24.47 56.75 27.21
CA ILE K 293 -24.58 57.70 26.10
C ILE K 293 -26.03 57.97 25.70
N ASN K 294 -26.30 59.24 25.44
CA ASN K 294 -27.65 59.78 25.25
C ASN K 294 -28.06 59.88 23.79
N SER K 295 -27.12 59.70 22.87
CA SER K 295 -27.17 60.43 21.59
C SER K 295 -27.99 59.84 20.45
N SER K 296 -28.63 60.76 19.71
CA SER K 296 -29.17 60.52 18.37
C SER K 296 -28.08 60.73 17.32
N MET K 297 -26.93 61.23 17.75
CA MET K 297 -25.76 61.38 16.88
C MET K 297 -25.40 60.05 16.23
N PRO K 298 -24.98 60.07 14.95
CA PRO K 298 -24.50 58.86 14.28
C PRO K 298 -23.14 58.30 14.77
N PHE K 299 -22.23 59.18 15.18
CA PHE K 299 -20.94 58.77 15.72
C PHE K 299 -20.74 59.23 17.16
N HIS K 300 -19.69 58.69 17.78
CA HIS K 300 -19.21 59.14 19.07
C HIS K 300 -17.80 58.64 19.28
N ASN K 301 -17.06 59.28 20.17
CA ASN K 301 -15.63 59.01 20.36
C ASN K 301 -15.23 58.70 21.81
N ILE K 302 -16.20 58.33 22.62
CA ILE K 302 -15.97 57.97 24.02
C ILE K 302 -15.14 56.69 24.21
N HIS K 303 -15.71 55.55 23.80
CA HIS K 303 -15.04 54.26 24.04
C HIS K 303 -15.43 53.22 22.98
N PRO K 304 -14.45 52.41 22.51
CA PRO K 304 -14.77 51.37 21.53
C PRO K 304 -15.73 50.32 22.07
N LEU K 305 -15.53 49.93 23.34
CA LEU K 305 -16.20 48.76 23.95
C LEU K 305 -17.55 49.14 24.58
N THR K 306 -18.60 49.00 23.79
CA THR K 306 -19.91 49.60 24.04
C THR K 306 -21.00 48.50 23.99
N ILE K 307 -22.11 48.67 24.71
CA ILE K 307 -23.30 47.82 24.51
C ILE K 307 -24.62 48.55 24.71
N GLY K 308 -25.62 48.10 23.94
CA GLY K 308 -26.92 48.77 23.80
C GLY K 308 -27.09 49.20 22.36
N GLU K 309 -28.20 49.88 22.06
CA GLU K 309 -28.45 50.45 20.73
C GLU K 309 -27.67 51.79 20.58
N CYS K 310 -26.51 51.76 19.90
CA CYS K 310 -25.55 52.91 19.94
C CYS K 310 -25.15 53.53 18.60
N PRO K 311 -24.67 54.80 18.65
CA PRO K 311 -23.89 55.35 17.55
C PRO K 311 -22.61 54.57 17.43
N LYS K 312 -21.95 54.66 16.28
CA LYS K 312 -20.69 53.94 16.05
C LYS K 312 -19.53 54.75 16.60
N TYR K 313 -18.44 54.07 16.92
CA TYR K 313 -17.29 54.71 17.53
C TYR K 313 -16.36 55.17 16.43
N VAL K 314 -15.75 56.33 16.62
CA VAL K 314 -14.56 56.71 15.87
C VAL K 314 -13.58 57.33 16.85
N LYS K 315 -12.30 57.33 16.48
CA LYS K 315 -11.27 57.87 17.35
C LYS K 315 -11.05 59.38 17.13
N SER K 316 -11.81 60.01 16.22
CA SER K 316 -11.60 61.42 15.86
C SER K 316 -12.22 62.41 16.84
N ASN K 317 -11.60 63.60 16.94
CA ASN K 317 -11.97 64.63 17.95
C ASN K 317 -13.08 65.58 17.54
N ARG K 318 -13.16 65.85 16.25
CA ARG K 318 -14.01 66.89 15.72
C ARG K 318 -14.63 66.35 14.44
N LEU K 319 -15.95 66.23 14.39
CA LEU K 319 -16.62 65.74 13.18
C LEU K 319 -17.91 66.49 12.89
N VAL K 320 -17.82 67.37 11.87
CA VAL K 320 -18.82 68.36 11.53
C VAL K 320 -19.06 68.36 10.02
N LEU K 321 -20.34 68.26 9.65
CA LEU K 321 -20.80 68.32 8.26
C LEU K 321 -21.28 69.73 7.88
N ALA K 322 -21.06 70.11 6.63
CA ALA K 322 -21.46 71.43 6.14
C ALA K 322 -22.76 71.35 5.34
N THR K 323 -23.80 72.04 5.81
CA THR K 323 -25.08 72.11 5.10
C THR K 323 -25.33 73.47 4.44
N GLY K 324 -24.89 74.54 5.11
CA GLY K 324 -25.18 75.90 4.66
C GLY K 324 -24.27 76.43 3.58
N LEU K 325 -24.37 77.73 3.33
CA LEU K 325 -23.57 78.41 2.34
C LEU K 325 -22.21 78.82 2.90
N ARG K 326 -21.27 79.02 1.98
CA ARG K 326 -20.09 79.85 2.22
C ARG K 326 -20.47 81.18 2.89
N ASN K 327 -20.13 81.32 4.17
CA ASN K 327 -20.41 82.56 4.85
C ASN K 327 -19.21 83.48 4.75
N SER K 328 -19.13 84.14 3.59
CA SER K 328 -18.35 85.36 3.43
C SER K 328 -19.35 86.49 3.64
N PRO K 329 -19.28 87.17 4.80
CA PRO K 329 -20.22 88.28 5.06
C PRO K 329 -20.14 89.44 4.04
N GLN K 330 -21.03 90.42 4.21
CA GLN K 330 -21.10 91.60 3.32
C GLN K 330 -21.13 91.23 1.84
N GLY L 1 -14.14 78.92 -4.80
CA GLY L 1 -15.34 78.34 -5.45
C GLY L 1 -15.07 77.97 -6.90
N LEU L 2 -15.74 76.91 -7.38
CA LEU L 2 -15.56 76.41 -8.75
C LEU L 2 -16.39 77.20 -9.76
N PHE L 3 -17.69 77.35 -9.51
CA PHE L 3 -18.61 77.93 -10.50
C PHE L 3 -18.60 79.46 -10.61
N GLY L 4 -18.02 80.14 -9.61
CA GLY L 4 -17.73 81.56 -9.72
C GLY L 4 -18.88 82.50 -9.41
N ALA L 5 -20.02 81.98 -8.96
CA ALA L 5 -21.13 82.80 -8.51
C ALA L 5 -20.79 83.31 -7.11
N ILE L 6 -20.70 82.39 -6.16
CA ILE L 6 -20.42 82.73 -4.77
C ILE L 6 -18.97 83.21 -4.61
N ALA L 7 -18.82 84.39 -3.99
CA ALA L 7 -17.52 85.03 -3.74
C ALA L 7 -16.73 85.33 -5.03
N GLY L 8 -17.43 85.37 -6.16
CA GLY L 8 -16.83 85.65 -7.46
C GLY L 8 -17.42 86.92 -8.04
N PHE L 9 -18.43 86.78 -8.90
CA PHE L 9 -19.13 87.95 -9.45
C PHE L 9 -20.29 88.41 -8.57
N ILE L 10 -20.65 87.60 -7.56
CA ILE L 10 -21.60 88.04 -6.53
C ILE L 10 -20.82 88.43 -5.27
N GLU L 11 -20.81 89.74 -5.03
CA GLU L 11 -19.83 90.37 -4.15
C GLU L 11 -20.23 90.23 -2.69
N GLY L 12 -19.94 89.05 -2.11
CA GLY L 12 -20.41 88.73 -0.77
C GLY L 12 -21.90 88.40 -0.78
N GLY L 13 -22.42 88.03 0.39
CA GLY L 13 -23.82 87.64 0.53
C GLY L 13 -24.59 88.58 1.43
N TRP L 14 -25.91 88.61 1.29
CA TRP L 14 -26.71 89.57 2.02
C TRP L 14 -27.10 89.07 3.40
N GLN L 15 -26.81 89.89 4.40
CA GLN L 15 -27.28 89.68 5.77
C GLN L 15 -28.80 89.82 5.79
N GLY L 16 -29.31 90.83 5.08
CA GLY L 16 -30.74 91.14 5.06
C GLY L 16 -31.65 90.07 4.49
N MET L 17 -31.14 89.22 3.58
CA MET L 17 -31.93 88.11 3.05
C MET L 17 -31.97 86.94 4.03
N VAL L 18 -33.05 86.87 4.82
CA VAL L 18 -33.15 85.95 5.96
C VAL L 18 -33.94 84.66 5.69
N ASP L 19 -34.73 84.67 4.62
CA ASP L 19 -35.72 83.60 4.38
C ASP L 19 -35.22 82.43 3.55
N GLY L 20 -33.99 82.49 3.04
CA GLY L 20 -33.45 81.40 2.22
C GLY L 20 -31.94 81.47 1.96
N TRP L 21 -31.49 80.68 0.97
CA TRP L 21 -30.08 80.65 0.59
C TRP L 21 -29.78 81.54 -0.62
N TYR L 22 -30.71 81.60 -1.57
CA TYR L 22 -30.55 82.46 -2.74
C TYR L 22 -31.84 83.21 -2.99
N GLY L 23 -31.71 84.48 -3.35
CA GLY L 23 -32.89 85.32 -3.59
C GLY L 23 -32.58 86.54 -4.42
N TYR L 24 -33.49 87.50 -4.37
CA TYR L 24 -33.40 88.72 -5.17
C TYR L 24 -33.54 89.99 -4.32
N HIS L 25 -33.18 91.12 -4.93
CA HIS L 25 -33.32 92.43 -4.33
C HIS L 25 -33.69 93.37 -5.47
N HIS L 26 -34.95 93.80 -5.52
CA HIS L 26 -35.37 94.74 -6.57
C HIS L 26 -34.87 96.16 -6.29
N SER L 27 -35.16 97.07 -7.22
CA SER L 27 -34.70 98.45 -7.10
C SER L 27 -35.52 99.35 -8.04
N ASN L 28 -36.84 99.40 -7.82
CA ASN L 28 -37.77 100.20 -8.65
C ASN L 28 -38.46 101.31 -7.85
N GLU L 29 -38.90 102.34 -8.57
CA GLU L 29 -39.52 103.53 -7.94
C GLU L 29 -40.18 103.27 -6.58
N GLN L 30 -41.16 102.37 -6.56
CA GLN L 30 -42.04 102.21 -5.39
C GLN L 30 -41.40 101.39 -4.26
N GLY L 31 -41.13 100.13 -4.56
CA GLY L 31 -40.66 99.15 -3.57
C GLY L 31 -39.16 99.00 -3.57
N SER L 32 -38.63 98.53 -2.44
CA SER L 32 -37.20 98.48 -2.24
C SER L 32 -36.87 97.47 -1.13
N GLY L 33 -36.52 96.24 -1.53
CA GLY L 33 -36.23 95.18 -0.56
C GLY L 33 -35.79 93.84 -1.13
N TYR L 34 -35.41 92.94 -0.23
CA TYR L 34 -35.00 91.58 -0.59
C TYR L 34 -36.24 90.71 -0.82
N ALA L 35 -36.05 89.48 -1.31
CA ALA L 35 -37.17 88.60 -1.66
C ALA L 35 -36.71 87.17 -2.00
N ALA L 36 -36.63 86.30 -0.99
CA ALA L 36 -36.04 84.94 -1.13
C ALA L 36 -36.69 84.10 -2.23
N ASP L 37 -35.90 83.27 -2.91
CA ASP L 37 -36.43 82.33 -3.92
C ASP L 37 -36.67 80.99 -3.29
N LYS L 38 -37.93 80.65 -3.03
CA LYS L 38 -38.27 79.48 -2.22
C LYS L 38 -38.01 78.18 -3.00
N GLU L 39 -38.44 78.14 -4.26
CA GLU L 39 -38.39 76.92 -5.07
C GLU L 39 -36.99 76.34 -5.24
N SER L 40 -36.02 77.23 -5.46
CA SER L 40 -34.62 76.81 -5.66
C SER L 40 -33.98 76.46 -4.33
N THR L 41 -34.05 77.42 -3.40
CA THR L 41 -33.52 77.28 -2.04
C THR L 41 -34.06 75.99 -1.40
N GLN L 42 -35.34 75.69 -1.67
CA GLN L 42 -35.94 74.42 -1.25
C GLN L 42 -35.31 73.24 -1.97
N LYS L 43 -35.11 73.37 -3.29
CA LYS L 43 -34.53 72.28 -4.08
C LYS L 43 -33.09 71.95 -3.67
N ALA L 44 -32.37 72.94 -3.14
CA ALA L 44 -31.03 72.72 -2.58
C ALA L 44 -31.12 71.97 -1.26
N ILE L 45 -32.13 72.28 -0.46
CA ILE L 45 -32.36 71.57 0.80
C ILE L 45 -32.66 70.09 0.55
N ASP L 46 -33.54 69.81 -0.40
CA ASP L 46 -33.80 68.43 -0.86
C ASP L 46 -32.50 67.61 -0.98
N GLY L 47 -31.48 68.18 -1.62
CA GLY L 47 -30.25 67.45 -1.93
C GLY L 47 -29.28 67.24 -0.77
N VAL L 48 -29.00 68.28 -0.01
CA VAL L 48 -28.09 68.15 1.11
C VAL L 48 -28.73 67.33 2.23
N THR L 49 -30.06 67.45 2.39
CA THR L 49 -30.83 66.61 3.32
C THR L 49 -30.67 65.12 2.98
N ASN L 50 -30.73 64.79 1.69
CA ASN L 50 -30.50 63.42 1.24
C ASN L 50 -29.05 63.00 1.49
N LYS L 51 -28.12 63.85 1.10
CA LYS L 51 -26.67 63.65 1.32
C LYS L 51 -26.30 63.30 2.76
N VAL L 52 -27.18 63.60 3.72
CA VAL L 52 -26.93 63.29 5.13
C VAL L 52 -27.88 62.20 5.67
N ASN L 53 -28.98 61.93 4.98
CA ASN L 53 -29.69 60.66 5.16
C ASN L 53 -29.04 59.58 4.28
N SER L 54 -27.87 59.91 3.71
CA SER L 54 -27.04 59.00 2.89
C SER L 54 -25.87 58.40 3.65
N ILE L 55 -25.23 59.19 4.52
CA ILE L 55 -24.08 58.71 5.28
C ILE L 55 -24.53 58.10 6.61
N ILE L 56 -25.54 58.68 7.26
CA ILE L 56 -26.22 58.04 8.38
C ILE L 56 -26.41 56.55 8.15
N ASP L 57 -26.88 56.20 6.95
CA ASP L 57 -27.29 54.83 6.63
C ASP L 57 -26.15 53.86 6.22
N LYS L 58 -25.00 54.40 5.81
CA LYS L 58 -23.82 53.57 5.50
C LYS L 58 -23.03 53.23 6.75
N MET L 59 -23.17 54.05 7.79
CA MET L 59 -22.56 53.76 9.08
C MET L 59 -23.65 53.18 10.01
N ASN L 60 -24.37 52.18 9.49
CA ASN L 60 -25.21 51.32 10.30
C ASN L 60 -24.78 49.85 10.23
N THR L 61 -23.83 49.56 9.34
CA THR L 61 -22.99 48.37 9.50
C THR L 61 -21.51 48.76 9.34
N GLN L 62 -21.09 49.68 10.21
CA GLN L 62 -19.70 49.82 10.63
C GLN L 62 -19.29 48.54 11.33
N PHE L 63 -18.01 48.41 11.63
CA PHE L 63 -17.50 47.23 12.34
C PHE L 63 -17.91 47.25 13.81
N GLU L 64 -18.69 46.23 14.20
CA GLU L 64 -19.19 46.06 15.57
C GLU L 64 -18.06 45.73 16.57
N ALA L 65 -17.99 46.49 17.66
CA ALA L 65 -16.97 46.24 18.69
C ALA L 65 -17.54 45.68 20.01
N VAL L 66 -17.19 44.42 20.32
CA VAL L 66 -17.38 43.79 21.66
C VAL L 66 -16.06 43.05 22.07
N GLY L 67 -15.87 42.89 23.38
CA GLY L 67 -14.56 42.51 23.95
C GLY L 67 -14.29 41.05 24.34
N ARG L 68 -13.00 40.72 24.34
CA ARG L 68 -12.52 39.38 24.65
C ARG L 68 -11.37 39.46 25.65
N GLU L 69 -11.03 38.32 26.22
CA GLU L 69 -10.31 38.28 27.50
C GLU L 69 -9.25 37.18 27.48
N PHE L 70 -7.99 37.56 27.69
CA PHE L 70 -6.88 36.67 27.41
C PHE L 70 -5.97 36.40 28.56
N ASN L 71 -5.07 35.45 28.34
CA ASN L 71 -4.26 34.82 29.36
C ASN L 71 -2.81 35.32 29.40
N ASN L 72 -2.13 35.02 30.50
CA ASN L 72 -0.71 35.34 30.66
C ASN L 72 0.20 34.61 29.65
N LEU L 73 -0.21 33.43 29.19
CA LEU L 73 0.55 32.67 28.19
C LEU L 73 -0.24 32.54 26.88
N GLU L 74 -1.08 33.53 26.64
CA GLU L 74 -1.69 33.72 25.34
C GLU L 74 -1.49 35.15 24.95
N ARG L 75 -0.34 35.68 25.37
CA ARG L 75 -0.03 37.08 25.24
C ARG L 75 0.04 37.56 23.79
N ARG L 76 0.27 36.64 22.85
CA ARG L 76 0.45 37.01 21.46
C ARG L 76 -0.80 36.82 20.59
N ILE L 77 -1.84 36.16 21.09
CA ILE L 77 -3.15 36.26 20.43
C ILE L 77 -4.04 37.23 21.20
N GLU L 78 -3.47 37.81 22.26
CA GLU L 78 -4.03 38.99 22.94
C GLU L 78 -3.62 40.22 22.15
N ASN L 79 -2.37 40.21 21.72
CA ASN L 79 -1.85 41.24 20.85
C ASN L 79 -2.37 41.10 19.41
N LEU L 80 -2.88 39.93 19.03
CA LEU L 80 -3.54 39.80 17.72
C LEU L 80 -4.89 40.48 17.81
N ASN L 81 -5.71 40.00 18.73
CA ASN L 81 -6.97 40.65 19.07
C ASN L 81 -6.84 42.17 19.06
N LYS L 82 -5.83 42.68 19.76
CA LYS L 82 -5.66 44.11 19.90
C LYS L 82 -5.53 44.79 18.57
N LYS L 83 -4.57 44.35 17.77
CA LYS L 83 -4.30 45.00 16.51
C LYS L 83 -5.48 44.90 15.53
N MET L 84 -6.37 43.93 15.72
CA MET L 84 -7.53 43.84 14.83
C MET L 84 -8.46 45.00 15.12
N GLU L 85 -9.03 45.02 16.32
CA GLU L 85 -9.93 46.11 16.70
C GLU L 85 -9.29 47.46 16.33
N ASP L 86 -8.04 47.66 16.75
CA ASP L 86 -7.30 48.88 16.43
C ASP L 86 -7.10 49.10 14.92
N GLY L 87 -7.18 48.03 14.14
CA GLY L 87 -7.10 48.11 12.68
C GLY L 87 -8.37 48.66 12.06
N PHE L 88 -9.53 48.15 12.51
CA PHE L 88 -10.83 48.59 11.99
C PHE L 88 -11.21 49.98 12.46
N LEU L 89 -11.03 50.23 13.75
CA LEU L 89 -11.33 51.56 14.28
C LEU L 89 -10.50 52.63 13.57
N ASP L 90 -9.23 52.34 13.29
CA ASP L 90 -8.40 53.22 12.46
C ASP L 90 -8.94 53.36 11.04
N VAL L 91 -9.42 52.27 10.47
CA VAL L 91 -9.90 52.28 9.11
C VAL L 91 -11.23 53.06 9.05
N TRP L 92 -12.16 52.74 9.93
CA TRP L 92 -13.45 53.44 9.96
C TRP L 92 -13.38 54.88 10.47
N THR L 93 -12.29 55.26 11.14
CA THR L 93 -12.09 56.69 11.40
C THR L 93 -11.77 57.37 10.08
N TYR L 94 -10.73 56.89 9.41
CA TYR L 94 -10.31 57.41 8.11
C TYR L 94 -11.52 57.53 7.18
N ASN L 95 -12.31 56.47 7.06
CA ASN L 95 -13.49 56.48 6.18
C ASN L 95 -14.53 57.56 6.54
N ALA L 96 -14.61 57.94 7.82
CA ALA L 96 -15.50 59.00 8.27
C ALA L 96 -14.87 60.39 8.07
N GLU L 97 -13.69 60.60 8.64
CA GLU L 97 -12.97 61.86 8.44
C GLU L 97 -12.82 62.26 6.95
N LEU L 98 -12.57 61.28 6.09
CA LEU L 98 -12.39 61.56 4.67
C LEU L 98 -13.75 61.84 4.04
N LEU L 99 -14.67 60.89 4.09
CA LEU L 99 -15.97 61.08 3.41
C LEU L 99 -16.58 62.44 3.71
N VAL L 100 -16.44 62.89 4.96
CA VAL L 100 -16.99 64.20 5.37
C VAL L 100 -16.20 65.33 4.68
N LEU L 101 -14.86 65.30 4.71
CA LEU L 101 -14.06 66.29 4.00
C LEU L 101 -14.51 66.39 2.54
N MET L 102 -14.62 65.25 1.86
CA MET L 102 -15.01 65.20 0.46
C MET L 102 -16.41 65.74 0.24
N GLU L 103 -17.36 65.28 1.05
CA GLU L 103 -18.77 65.66 0.89
C GLU L 103 -19.06 67.10 1.31
N ASN L 104 -18.19 67.65 2.15
CA ASN L 104 -18.22 69.07 2.44
C ASN L 104 -17.78 69.83 1.20
N GLU L 105 -16.60 69.49 0.70
CA GLU L 105 -16.09 70.11 -0.51
C GLU L 105 -17.16 70.18 -1.58
N ARG L 106 -17.83 69.06 -1.81
CA ARG L 106 -18.83 68.96 -2.86
C ARG L 106 -20.04 69.85 -2.59
N THR L 107 -20.51 69.90 -1.36
CA THR L 107 -21.69 70.73 -1.01
C THR L 107 -21.44 72.20 -1.24
N LEU L 108 -20.23 72.69 -0.94
CA LEU L 108 -19.91 74.11 -1.11
C LEU L 108 -19.95 74.56 -2.58
N ASP L 109 -19.65 73.64 -3.49
CA ASP L 109 -19.70 73.91 -4.93
C ASP L 109 -21.13 73.80 -5.42
N PHE L 110 -21.88 72.90 -4.80
CA PHE L 110 -23.30 72.70 -5.09
C PHE L 110 -24.11 74.00 -4.92
N HIS L 111 -23.87 74.74 -3.83
CA HIS L 111 -24.49 76.06 -3.64
C HIS L 111 -23.95 77.06 -4.63
N ASP L 112 -22.67 76.90 -4.99
CA ASP L 112 -22.08 77.74 -6.02
C ASP L 112 -22.86 77.59 -7.32
N SER L 113 -23.08 76.35 -7.74
CA SER L 113 -23.86 76.07 -8.94
C SER L 113 -25.27 76.61 -8.87
N ASN L 114 -25.95 76.37 -7.75
CA ASN L 114 -27.34 76.84 -7.56
C ASN L 114 -27.51 78.35 -7.71
N VAL L 115 -26.55 79.15 -7.22
CA VAL L 115 -26.61 80.63 -7.36
C VAL L 115 -26.34 81.12 -8.76
N LYS L 116 -25.40 80.43 -9.43
CA LYS L 116 -25.03 80.72 -10.80
C LYS L 116 -26.17 80.32 -11.74
N ASN L 117 -26.72 79.14 -11.51
CA ASN L 117 -27.83 78.61 -12.33
C ASN L 117 -29.17 79.34 -12.14
N LEU L 118 -29.35 79.99 -10.98
CA LEU L 118 -30.51 80.88 -10.73
C LEU L 118 -30.37 82.15 -11.57
N TYR L 119 -29.18 82.75 -11.47
CA TYR L 119 -28.83 83.93 -12.24
C TYR L 119 -29.11 83.79 -13.74
N ASP L 120 -29.02 82.56 -14.26
CA ASP L 120 -29.26 82.33 -15.69
C ASP L 120 -30.73 82.04 -16.05
N LYS L 121 -31.55 81.62 -15.09
CA LYS L 121 -33.00 81.53 -15.34
C LYS L 121 -33.60 82.93 -15.48
N VAL L 122 -33.05 83.91 -14.76
CA VAL L 122 -33.45 85.32 -14.88
C VAL L 122 -32.92 85.92 -16.18
N ARG L 123 -31.70 85.55 -16.58
CA ARG L 123 -31.11 86.07 -17.83
C ARG L 123 -31.78 85.53 -19.10
N LEU L 124 -32.15 84.25 -19.07
CA LEU L 124 -32.89 83.66 -20.19
C LEU L 124 -34.25 84.32 -20.33
N GLN L 125 -34.93 84.52 -19.19
CA GLN L 125 -36.25 85.22 -19.17
C GLN L 125 -36.15 86.66 -19.70
N LEU L 126 -35.27 87.47 -19.10
CA LEU L 126 -34.95 88.81 -19.58
C LEU L 126 -33.74 88.78 -20.52
N ARG L 127 -34.00 88.80 -21.83
CA ARG L 127 -32.92 88.78 -22.82
C ARG L 127 -32.30 90.16 -22.95
N ASP L 128 -32.79 90.97 -23.90
CA ASP L 128 -32.31 92.35 -24.06
C ASP L 128 -33.35 93.37 -23.60
N ASN L 129 -34.32 92.91 -22.79
CA ASN L 129 -35.22 93.82 -22.09
C ASN L 129 -34.49 94.53 -20.94
N ALA L 130 -33.45 93.89 -20.40
CA ALA L 130 -32.65 94.46 -19.32
C ALA L 130 -31.14 94.42 -19.62
N LYS L 131 -30.41 95.39 -19.05
CA LYS L 131 -28.96 95.55 -19.24
C LYS L 131 -28.23 94.79 -18.15
N GLU L 132 -27.27 93.96 -18.52
CA GLU L 132 -26.55 93.05 -17.59
C GLU L 132 -25.31 93.74 -17.01
N LEU L 133 -25.41 94.19 -15.76
CA LEU L 133 -24.41 95.10 -15.18
C LEU L 133 -23.05 94.44 -15.01
N GLY L 134 -23.04 93.25 -14.42
CA GLY L 134 -21.81 92.48 -14.21
C GLY L 134 -21.70 91.87 -12.83
N ASN L 135 -22.27 92.56 -11.83
CA ASN L 135 -22.13 92.19 -10.41
C ASN L 135 -23.22 91.25 -9.89
N GLY L 136 -23.94 90.63 -10.83
CA GLY L 136 -25.03 89.73 -10.51
C GLY L 136 -26.38 90.40 -10.62
N CYS L 137 -26.41 91.62 -11.17
CA CYS L 137 -27.65 92.41 -11.26
C CYS L 137 -28.03 92.72 -12.71
N PHE L 138 -29.33 92.97 -12.93
CA PHE L 138 -29.90 93.32 -14.23
C PHE L 138 -30.68 94.62 -14.09
N GLU L 139 -30.34 95.64 -14.89
CA GLU L 139 -31.15 96.87 -14.92
C GLU L 139 -32.14 96.86 -16.08
N PHE L 140 -33.40 97.19 -15.80
CA PHE L 140 -34.43 97.23 -16.83
C PHE L 140 -34.38 98.53 -17.65
N TYR L 141 -34.81 98.45 -18.90
CA TYR L 141 -35.05 99.62 -19.74
C TYR L 141 -36.49 100.11 -19.60
N HIS L 142 -37.42 99.17 -19.41
CA HIS L 142 -38.82 99.48 -19.11
C HIS L 142 -39.05 99.39 -17.60
N LYS L 143 -39.69 100.41 -17.02
CA LYS L 143 -39.87 100.45 -15.56
C LYS L 143 -40.82 99.33 -15.10
N CYS L 144 -40.24 98.31 -14.49
CA CYS L 144 -41.02 97.17 -14.03
C CYS L 144 -41.20 97.27 -12.52
N ASP L 145 -42.46 97.41 -12.10
CA ASP L 145 -42.81 97.66 -10.71
C ASP L 145 -43.05 96.35 -9.97
N ASN L 146 -43.50 96.44 -8.72
CA ASN L 146 -43.64 95.26 -7.84
C ASN L 146 -44.52 94.10 -8.36
N GLU L 147 -45.49 94.38 -9.24
CA GLU L 147 -46.38 93.32 -9.81
C GLU L 147 -45.71 92.57 -10.98
N CYS L 148 -44.99 93.34 -11.80
CA CYS L 148 -44.23 92.81 -12.93
C CYS L 148 -42.94 92.12 -12.45
N MET L 149 -42.38 92.61 -11.33
CA MET L 149 -41.20 92.01 -10.70
C MET L 149 -41.47 90.59 -10.24
N GLU L 150 -42.54 90.43 -9.47
CA GLU L 150 -42.97 89.14 -8.95
C GLU L 150 -43.09 88.11 -10.08
N SER L 151 -43.51 88.57 -11.26
CA SER L 151 -43.58 87.71 -12.46
C SER L 151 -42.18 87.29 -12.91
N VAL L 152 -41.23 88.24 -12.86
CA VAL L 152 -39.81 87.95 -13.11
C VAL L 152 -39.30 86.90 -12.14
N ARG L 153 -39.83 86.92 -10.92
CA ARG L 153 -39.31 86.16 -9.77
C ARG L 153 -39.82 84.71 -9.71
N ASN L 154 -41.14 84.53 -9.76
CA ASN L 154 -41.73 83.19 -9.70
C ASN L 154 -41.59 82.38 -11.00
N GLY L 155 -40.95 82.97 -12.02
CA GLY L 155 -40.64 82.27 -13.25
C GLY L 155 -41.75 82.30 -14.27
N THR L 156 -42.49 83.40 -14.31
CA THR L 156 -43.54 83.60 -15.30
C THR L 156 -43.49 85.02 -15.86
N TYR L 157 -42.29 85.44 -16.28
CA TYR L 157 -42.14 86.72 -16.96
C TYR L 157 -42.60 86.58 -18.41
N ASP L 158 -43.09 87.69 -18.98
CA ASP L 158 -43.63 87.72 -20.34
C ASP L 158 -42.90 88.76 -21.19
N TYR L 159 -42.20 88.31 -22.23
CA TYR L 159 -41.42 89.20 -23.10
C TYR L 159 -42.26 90.02 -24.08
N PRO L 160 -43.13 89.35 -24.88
CA PRO L 160 -43.83 90.06 -25.97
C PRO L 160 -44.50 91.37 -25.53
N GLN L 161 -44.79 91.46 -24.24
CA GLN L 161 -45.49 92.57 -23.61
C GLN L 161 -44.64 93.83 -23.44
N TYR L 162 -43.42 93.64 -22.94
CA TYR L 162 -42.50 94.75 -22.65
C TYR L 162 -41.36 94.81 -23.67
N SER L 163 -41.66 94.41 -24.91
CA SER L 163 -40.66 94.38 -25.98
C SER L 163 -40.54 95.76 -26.60
N GLU L 164 -41.65 96.26 -27.16
CA GLU L 164 -41.65 97.58 -27.81
C GLU L 164 -41.50 98.75 -26.81
N GLU L 165 -41.64 98.45 -25.53
CA GLU L 165 -41.31 99.41 -24.47
C GLU L 165 -39.81 99.41 -24.20
N ALA L 166 -39.22 98.21 -24.19
CA ALA L 166 -37.80 98.03 -23.91
C ALA L 166 -36.95 98.73 -24.96
N ARG L 167 -37.26 98.47 -26.23
CA ARG L 167 -36.52 99.10 -27.33
C ARG L 167 -37.09 100.46 -27.75
N LEU L 168 -38.03 100.98 -26.97
CA LEU L 168 -38.37 102.41 -27.02
C LEU L 168 -37.20 103.17 -26.39
N LYS L 169 -36.51 102.49 -25.47
CA LYS L 169 -35.31 103.03 -24.85
C LYS L 169 -34.07 102.57 -25.61
N ARG L 170 -33.98 101.28 -25.93
CA ARG L 170 -32.81 100.74 -26.65
C ARG L 170 -32.51 101.45 -27.96
N GLU L 171 -33.54 101.92 -28.65
CA GLU L 171 -33.38 102.58 -29.94
C GLU L 171 -32.72 103.96 -29.81
N GLU L 172 -33.02 104.67 -28.72
CA GLU L 172 -32.57 106.08 -28.57
C GLU L 172 -31.13 106.22 -28.04
N ILE L 173 -30.76 105.42 -27.05
CA ILE L 173 -29.38 105.39 -26.53
C ILE L 173 -28.35 105.09 -27.64
N SER L 174 -28.74 104.23 -28.59
CA SER L 174 -27.86 103.78 -29.68
C SER L 174 -27.57 104.87 -30.74
N GLN M 1 -5.97 -73.78 -15.13
CA GLN M 1 -5.11 -72.70 -15.70
C GLN M 1 -3.90 -73.31 -16.41
N VAL M 2 -3.41 -74.41 -15.87
CA VAL M 2 -2.39 -75.19 -16.56
C VAL M 2 -2.98 -75.63 -17.89
N GLN M 3 -2.09 -75.93 -18.83
CA GLN M 3 -2.50 -76.47 -20.10
C GLN M 3 -1.47 -77.44 -20.60
N LEU M 4 -1.90 -78.68 -20.72
CA LEU M 4 -1.08 -79.71 -21.28
C LEU M 4 -1.54 -79.76 -22.71
N VAL M 5 -0.61 -79.58 -23.63
CA VAL M 5 -0.88 -79.68 -25.05
C VAL M 5 -0.04 -80.81 -25.63
N GLN M 6 -0.71 -81.88 -26.02
CA GLN M 6 -0.06 -82.99 -26.71
C GLN M 6 0.03 -82.68 -28.23
N SER M 7 0.49 -83.66 -28.98
CA SER M 7 1.01 -83.47 -30.32
C SER M 7 0.03 -84.01 -31.37
N GLY M 8 0.45 -83.96 -32.64
CA GLY M 8 -0.36 -84.44 -33.76
C GLY M 8 -0.53 -85.94 -33.74
N ALA M 9 -1.44 -86.43 -34.59
CA ALA M 9 -1.91 -87.82 -34.52
C ALA M 9 -1.19 -88.76 -35.49
N GLU M 10 0.12 -88.95 -35.28
CA GLU M 10 0.92 -89.82 -36.16
C GLU M 10 0.28 -91.22 -36.32
N VAL M 11 0.44 -91.79 -37.52
CA VAL M 11 -0.13 -93.09 -37.89
C VAL M 11 0.93 -93.90 -38.62
N LYS M 12 1.16 -95.14 -38.19
CA LYS M 12 2.38 -95.87 -38.62
C LYS M 12 2.26 -97.38 -38.89
N LYS M 13 3.30 -97.89 -39.55
CA LYS M 13 3.45 -99.29 -39.93
C LYS M 13 3.92 -100.06 -38.69
N PRO M 14 3.68 -101.39 -38.62
CA PRO M 14 4.23 -102.22 -37.52
C PRO M 14 5.74 -102.19 -37.38
N GLY M 15 6.25 -102.61 -36.23
CA GLY M 15 7.68 -102.49 -35.93
C GLY M 15 8.13 -101.06 -35.62
N SER M 16 7.57 -100.09 -36.36
CA SER M 16 7.90 -98.65 -36.19
C SER M 16 7.68 -98.14 -34.76
N SER M 17 8.14 -96.93 -34.51
CA SER M 17 8.18 -96.37 -33.16
C SER M 17 7.79 -94.89 -33.15
N VAL M 18 7.16 -94.46 -32.06
CA VAL M 18 6.57 -93.12 -31.95
C VAL M 18 7.21 -92.30 -30.83
N LYS M 19 7.20 -90.98 -31.02
CA LYS M 19 7.73 -90.03 -30.06
C LYS M 19 6.74 -88.86 -29.85
N VAL M 20 5.72 -89.11 -29.04
CA VAL M 20 4.69 -88.10 -28.72
C VAL M 20 5.22 -87.16 -27.64
N SER M 21 4.78 -85.92 -27.65
CA SER M 21 5.27 -84.94 -26.67
C SER M 21 4.16 -84.07 -26.07
N CYS M 22 4.09 -84.09 -24.74
CA CYS M 22 3.21 -83.22 -24.00
C CYS M 22 4.03 -82.00 -23.58
N THR M 23 3.52 -80.80 -23.83
CA THR M 23 4.25 -79.59 -23.44
C THR M 23 3.45 -78.68 -22.51
N SER M 24 4.00 -78.47 -21.33
CA SER M 24 3.26 -77.91 -20.21
C SER M 24 3.32 -76.39 -20.24
N SER M 25 2.18 -75.79 -19.92
CA SER M 25 2.00 -74.33 -19.83
C SER M 25 2.87 -73.61 -18.81
N GLU M 26 3.13 -74.27 -17.70
CA GLU M 26 3.41 -73.64 -16.43
C GLU M 26 4.89 -73.62 -16.04
N VAL M 27 5.28 -72.60 -15.28
CA VAL M 27 6.70 -72.31 -14.97
C VAL M 27 7.34 -73.31 -14.00
N THR M 28 6.55 -73.78 -13.03
CA THR M 28 6.97 -74.82 -12.08
C THR M 28 6.71 -76.20 -12.70
N PHE M 29 7.45 -76.50 -13.75
CA PHE M 29 7.15 -77.66 -14.56
C PHE M 29 7.72 -78.89 -13.90
N SER M 30 8.90 -78.72 -13.34
CA SER M 30 9.67 -79.80 -12.82
C SER M 30 9.03 -80.40 -11.58
N SER M 31 8.38 -79.57 -10.79
CA SER M 31 7.88 -79.98 -9.48
C SER M 31 6.68 -80.93 -9.50
N PHE M 32 6.13 -81.20 -10.67
CA PHE M 32 4.96 -82.08 -10.78
C PHE M 32 5.22 -83.22 -11.76
N ALA M 33 4.96 -84.44 -11.31
CA ALA M 33 5.24 -85.63 -12.11
C ALA M 33 4.26 -85.77 -13.28
N ILE M 34 4.81 -86.17 -14.43
CA ILE M 34 4.01 -86.42 -15.64
C ILE M 34 3.92 -87.91 -16.00
N SER M 35 2.70 -88.40 -16.18
CA SER M 35 2.43 -89.78 -16.55
C SER M 35 1.84 -89.83 -17.96
N TRP M 36 1.92 -91.01 -18.58
CA TRP M 36 1.40 -91.28 -19.93
C TRP M 36 0.43 -92.45 -19.83
N VAL M 37 -0.74 -92.34 -20.45
CA VAL M 37 -1.87 -93.21 -20.04
C VAL M 37 -2.82 -93.58 -21.18
N ARG M 38 -2.42 -94.52 -22.02
CA ARG M 38 -3.18 -94.76 -23.24
C ARG M 38 -4.58 -95.31 -22.99
N GLN M 39 -5.43 -95.05 -23.98
CA GLN M 39 -6.80 -95.54 -24.04
C GLN M 39 -7.04 -96.02 -25.46
N ALA M 40 -7.06 -97.35 -25.62
CA ALA M 40 -7.40 -97.99 -26.88
C ALA M 40 -8.86 -97.66 -27.23
N PRO M 41 -9.24 -97.79 -28.52
CA PRO M 41 -10.60 -97.40 -28.90
C PRO M 41 -11.66 -98.24 -28.16
N GLY M 42 -12.56 -97.55 -27.47
CA GLY M 42 -13.68 -98.21 -26.79
C GLY M 42 -13.40 -98.70 -25.37
N GLN M 43 -12.18 -99.15 -25.11
CA GLN M 43 -11.85 -99.68 -23.79
C GLN M 43 -11.49 -98.56 -22.80
N GLY M 44 -11.13 -98.94 -21.59
CA GLY M 44 -10.76 -98.00 -20.54
C GLY M 44 -9.30 -97.60 -20.59
N LEU M 45 -8.74 -97.33 -19.41
CA LEU M 45 -7.44 -96.66 -19.30
C LEU M 45 -6.31 -97.61 -18.87
N GLU M 46 -5.11 -97.31 -19.36
CA GLU M 46 -3.91 -98.06 -19.02
C GLU M 46 -2.68 -97.14 -18.93
N TRP M 47 -2.02 -97.25 -17.78
CA TRP M 47 -0.81 -96.51 -17.52
C TRP M 47 0.32 -97.24 -18.20
N LEU M 48 1.13 -96.48 -18.92
CA LEU M 48 2.39 -96.98 -19.48
C LEU M 48 3.49 -96.72 -18.44
N GLY M 49 3.52 -95.46 -17.97
CA GLY M 49 4.58 -94.98 -17.09
C GLY M 49 4.49 -93.50 -16.75
N GLY M 50 5.60 -92.94 -16.31
CA GLY M 50 5.61 -91.55 -15.85
C GLY M 50 6.93 -91.20 -15.19
N ILE M 51 7.21 -89.90 -15.12
CA ILE M 51 8.51 -89.42 -14.70
C ILE M 51 8.42 -88.27 -13.71
N SER M 52 9.43 -88.17 -12.84
CA SER M 52 9.68 -86.93 -12.11
C SER M 52 10.57 -86.06 -12.95
N PRO M 53 10.01 -84.98 -13.51
CA PRO M 53 10.77 -84.14 -14.43
C PRO M 53 12.00 -83.53 -13.80
N MET M 54 11.93 -83.29 -12.50
CA MET M 54 12.99 -82.64 -11.74
C MET M 54 14.15 -83.53 -11.43
N PHE M 55 13.86 -84.79 -11.14
CA PHE M 55 14.87 -85.76 -10.78
C PHE M 55 15.29 -86.61 -11.97
N GLY M 56 14.41 -86.77 -12.95
CA GLY M 56 14.76 -87.51 -14.16
C GLY M 56 14.29 -88.94 -14.08
N THR M 57 14.67 -89.64 -13.02
CA THR M 57 14.24 -91.03 -12.80
C THR M 57 12.75 -91.29 -13.15
N PRO M 58 12.48 -92.29 -14.03
CA PRO M 58 11.15 -92.69 -14.49
C PRO M 58 10.62 -94.03 -13.98
N ASN M 59 9.29 -94.21 -14.05
CA ASN M 59 8.64 -95.44 -13.62
C ASN M 59 7.77 -96.03 -14.73
N TYR M 60 8.02 -97.30 -15.06
CA TYR M 60 7.26 -97.98 -16.09
C TYR M 60 6.44 -99.11 -15.48
N ALA M 61 5.45 -99.57 -16.24
CA ALA M 61 4.63 -100.73 -15.89
C ALA M 61 5.29 -102.03 -16.38
N GLN M 62 5.24 -103.08 -15.56
CA GLN M 62 5.80 -104.39 -15.91
C GLN M 62 5.64 -104.66 -17.41
N LYS M 63 4.43 -104.41 -17.91
CA LYS M 63 4.09 -104.69 -19.30
C LYS M 63 4.99 -104.01 -20.34
N PHE M 64 5.52 -102.84 -20.04
CA PHE M 64 6.28 -102.07 -21.03
C PHE M 64 7.78 -101.99 -20.71
N GLN M 65 8.20 -102.80 -19.76
CA GLN M 65 9.56 -102.76 -19.25
C GLN M 65 10.58 -102.40 -20.33
N GLY M 66 10.67 -103.20 -21.39
CA GLY M 66 11.74 -103.08 -22.37
C GLY M 66 11.48 -102.14 -23.53
N ARG M 67 10.23 -101.74 -23.70
CA ARG M 67 9.77 -101.16 -24.96
C ARG M 67 9.67 -99.64 -24.94
N VAL M 68 9.01 -99.11 -23.93
CA VAL M 68 8.80 -97.67 -23.84
C VAL M 68 9.99 -97.02 -23.19
N THR M 69 10.18 -95.73 -23.49
CA THR M 69 11.23 -94.92 -22.87
C THR M 69 10.73 -93.49 -22.77
N ILE M 70 10.41 -93.05 -21.55
CA ILE M 70 9.81 -91.72 -21.34
C ILE M 70 10.74 -90.82 -20.53
N THR M 71 10.76 -89.54 -20.93
CA THR M 71 11.63 -88.54 -20.30
C THR M 71 11.07 -87.18 -20.64
N ALA M 72 11.69 -86.13 -20.08
CA ALA M 72 11.15 -84.78 -20.17
C ALA M 72 12.26 -83.71 -20.11
N ASP M 73 12.21 -82.75 -21.03
CA ASP M 73 13.19 -81.64 -21.10
C ASP M 73 12.77 -80.46 -20.23
N GLN M 74 13.54 -80.21 -19.18
CA GLN M 74 13.22 -79.16 -18.22
C GLN M 74 13.30 -77.79 -18.90
N SER M 75 14.38 -77.53 -19.63
CA SER M 75 14.57 -76.26 -20.35
C SER M 75 13.38 -75.83 -21.18
N THR M 76 12.81 -76.78 -21.91
CA THR M 76 11.67 -76.52 -22.79
C THR M 76 10.32 -76.84 -22.15
N ARG M 77 10.33 -77.34 -20.92
CA ARG M 77 9.10 -77.70 -20.18
C ARG M 77 8.16 -78.58 -21.02
N THR M 78 8.69 -79.68 -21.53
CA THR M 78 7.92 -80.62 -22.32
C THR M 78 8.34 -82.05 -21.99
N ALA M 79 7.38 -82.99 -22.03
CA ALA M 79 7.60 -84.43 -21.71
C ALA M 79 7.37 -85.34 -22.91
N TYR M 80 8.13 -86.44 -22.99
CA TYR M 80 8.23 -87.26 -24.21
C TYR M 80 7.98 -88.74 -23.97
N MET M 81 7.44 -89.39 -25.01
CA MET M 81 7.21 -90.84 -25.02
C MET M 81 7.73 -91.52 -26.29
N ASP M 82 8.76 -92.34 -26.10
CA ASP M 82 9.36 -93.16 -27.16
C ASP M 82 8.82 -94.58 -26.98
N LEU M 83 7.75 -94.92 -27.69
CA LEU M 83 7.19 -96.29 -27.67
C LEU M 83 7.70 -97.03 -28.90
N ARG M 84 8.05 -98.31 -28.72
CA ARG M 84 8.80 -99.10 -29.71
C ARG M 84 8.13 -100.41 -30.10
N SER M 85 8.48 -100.93 -31.27
CA SER M 85 8.06 -102.29 -31.70
C SER M 85 6.55 -102.45 -31.84
N LEU M 86 5.85 -101.33 -31.96
CA LEU M 86 4.40 -101.30 -31.85
C LEU M 86 3.64 -102.09 -32.95
N ARG M 87 2.81 -103.04 -32.50
CA ARG M 87 1.91 -103.78 -33.37
C ARG M 87 0.55 -103.09 -33.34
N SER M 88 -0.51 -103.80 -33.68
CA SER M 88 -1.85 -103.23 -33.72
C SER M 88 -2.47 -103.08 -32.32
N GLU M 89 -2.09 -103.93 -31.38
CA GLU M 89 -2.56 -103.79 -30.00
C GLU M 89 -2.29 -102.36 -29.53
N ASP M 90 -1.14 -101.83 -29.92
CA ASP M 90 -0.64 -100.55 -29.41
C ASP M 90 -1.36 -99.30 -29.92
N THR M 91 -2.33 -99.49 -30.83
CA THR M 91 -3.20 -98.40 -31.29
C THR M 91 -4.13 -97.88 -30.18
N ALA M 92 -4.14 -96.57 -29.98
CA ALA M 92 -4.98 -95.94 -28.96
C ALA M 92 -4.89 -94.43 -29.04
N VAL M 93 -5.60 -93.74 -28.15
CA VAL M 93 -5.35 -92.31 -27.91
C VAL M 93 -4.44 -92.25 -26.72
N TYR M 94 -3.45 -91.36 -26.74
CA TYR M 94 -2.42 -91.34 -25.73
C TYR M 94 -2.43 -90.01 -24.98
N TYR M 95 -2.79 -90.09 -23.69
CA TYR M 95 -2.81 -88.93 -22.82
C TYR M 95 -1.53 -88.88 -22.01
N CYS M 96 -1.02 -87.66 -21.84
CA CYS M 96 -0.10 -87.34 -20.77
C CYS M 96 -0.97 -86.82 -19.60
N ALA M 97 -0.47 -86.88 -18.37
CA ALA M 97 -1.28 -86.48 -17.22
C ALA M 97 -0.47 -86.02 -16.01
N ARG M 98 -0.86 -84.86 -15.51
CA ARG M 98 -0.16 -84.18 -14.43
C ARG M 98 -0.52 -84.81 -13.08
N SER M 99 0.50 -85.17 -12.31
CA SER M 99 0.29 -85.53 -10.90
C SER M 99 0.57 -84.34 -9.99
N PRO M 100 -0.22 -84.19 -8.91
CA PRO M 100 0.09 -83.19 -7.90
C PRO M 100 1.31 -83.52 -7.02
N SER M 101 1.80 -84.76 -7.08
CA SER M 101 3.01 -85.16 -6.36
C SER M 101 4.21 -85.07 -7.28
N TYR M 102 5.41 -85.05 -6.72
CA TYR M 102 6.61 -84.72 -7.49
C TYR M 102 7.14 -85.88 -8.32
N ILE M 103 6.93 -87.11 -7.86
CA ILE M 103 7.40 -88.31 -8.57
C ILE M 103 6.29 -89.33 -8.65
N CYS M 104 6.32 -90.16 -9.68
CA CYS M 104 5.28 -91.17 -9.81
C CYS M 104 5.70 -92.54 -9.33
N SER M 105 5.41 -92.81 -8.05
CA SER M 105 5.81 -94.07 -7.42
C SER M 105 4.95 -94.45 -6.21
N GLY M 106 3.71 -93.97 -6.14
CA GLY M 106 2.90 -94.26 -4.97
C GLY M 106 1.52 -93.65 -4.99
N GLY M 107 0.71 -94.06 -4.02
CA GLY M 107 -0.71 -93.73 -3.93
C GLY M 107 -1.07 -92.29 -4.21
N THR M 108 -0.17 -91.38 -3.84
CA THR M 108 -0.35 -89.95 -4.11
C THR M 108 -0.27 -89.58 -5.61
N CYS M 109 0.25 -90.49 -6.44
CA CYS M 109 0.32 -90.26 -7.87
C CYS M 109 -1.08 -90.41 -8.49
N VAL M 110 -1.86 -89.34 -8.41
CA VAL M 110 -3.18 -89.26 -9.07
C VAL M 110 -3.11 -88.21 -10.18
N PHE M 111 -4.14 -88.09 -11.00
CA PHE M 111 -4.00 -87.35 -12.28
C PHE M 111 -4.93 -86.17 -12.42
N ASP M 112 -4.52 -85.02 -11.90
CA ASP M 112 -5.46 -83.91 -11.79
C ASP M 112 -5.64 -83.11 -13.07
N HIS M 113 -4.64 -83.05 -13.94
CA HIS M 113 -4.75 -82.33 -15.23
C HIS M 113 -4.31 -83.19 -16.40
N TRP M 114 -5.07 -83.12 -17.51
CA TRP M 114 -4.80 -83.96 -18.67
C TRP M 114 -4.65 -83.18 -19.96
N GLY M 115 -3.84 -83.72 -20.87
CA GLY M 115 -3.70 -83.13 -22.19
C GLY M 115 -4.93 -83.35 -23.03
N GLN M 116 -4.84 -82.96 -24.29
CA GLN M 116 -6.02 -82.92 -25.17
C GLN M 116 -6.27 -84.21 -25.94
N GLY M 117 -5.21 -84.98 -26.21
CA GLY M 117 -5.32 -86.28 -26.89
C GLY M 117 -4.37 -86.45 -28.07
N THR M 118 -3.83 -87.66 -28.24
CA THR M 118 -2.91 -87.97 -29.35
C THR M 118 -3.17 -89.35 -29.96
N LEU M 119 -4.08 -89.40 -30.93
CA LEU M 119 -4.47 -90.66 -31.57
C LEU M 119 -3.35 -91.25 -32.46
N VAL M 120 -2.71 -92.31 -31.94
CA VAL M 120 -1.75 -93.08 -32.73
C VAL M 120 -2.45 -94.33 -33.26
N THR M 121 -2.34 -94.56 -34.56
CA THR M 121 -2.92 -95.74 -35.20
C THR M 121 -1.80 -96.59 -35.80
N VAL M 122 -2.04 -97.90 -35.92
CA VAL M 122 -1.04 -98.84 -36.45
C VAL M 122 -1.60 -99.71 -37.59
N SER M 123 -1.04 -99.54 -38.79
CA SER M 123 -1.48 -100.28 -39.99
C SER M 123 -1.10 -101.75 -39.88
N SER M 124 -1.87 -102.63 -40.52
CA SER M 124 -1.65 -104.08 -40.41
C SER M 124 -0.70 -104.59 -41.48
N ILE M 139 -6.43 -106.34 -23.63
CA ILE M 139 -7.12 -105.53 -22.62
C ILE M 139 -7.32 -106.31 -21.31
N GLN M 140 -7.03 -105.66 -20.18
CA GLN M 140 -7.06 -106.34 -18.86
C GLN M 140 -7.04 -105.39 -17.63
N PRO M 141 -8.22 -105.03 -17.07
CA PRO M 141 -8.31 -104.13 -15.90
C PRO M 141 -7.65 -104.67 -14.64
N GLY M 142 -7.27 -103.75 -13.75
CA GLY M 142 -6.63 -104.06 -12.47
C GLY M 142 -7.50 -103.75 -11.26
N LEU M 143 -8.68 -103.16 -11.48
CA LEU M 143 -9.67 -102.95 -10.42
C LEU M 143 -11.08 -103.33 -10.92
N THR M 144 -11.99 -103.59 -9.99
CA THR M 144 -13.30 -104.12 -10.34
C THR M 144 -14.38 -103.06 -10.30
N GLN M 145 -14.98 -102.83 -11.45
CA GLN M 145 -16.00 -101.81 -11.59
C GLN M 145 -17.17 -102.33 -12.41
N PRO M 146 -18.37 -102.42 -11.81
CA PRO M 146 -19.54 -102.71 -12.62
C PRO M 146 -19.51 -101.93 -13.93
N PRO M 147 -19.95 -102.55 -15.04
CA PRO M 147 -19.81 -101.91 -16.34
C PRO M 147 -20.88 -100.86 -16.63
N SER M 148 -22.00 -100.95 -15.93
CA SER M 148 -23.15 -100.10 -16.18
C SER M 148 -23.78 -99.74 -14.84
N VAL M 149 -24.27 -98.52 -14.75
CA VAL M 149 -25.14 -98.16 -13.64
C VAL M 149 -26.20 -97.23 -14.21
N SER M 150 -27.47 -97.55 -13.94
CA SER M 150 -28.60 -96.82 -14.50
C SER M 150 -29.55 -96.42 -13.37
N LYS M 151 -29.60 -95.12 -13.06
CA LYS M 151 -30.52 -94.57 -12.06
C LYS M 151 -31.21 -93.31 -12.58
N GLY M 152 -32.42 -93.06 -12.09
CA GLY M 152 -33.33 -92.12 -12.72
C GLY M 152 -33.03 -90.67 -12.42
N LEU M 153 -33.40 -89.78 -13.35
CA LEU M 153 -33.15 -88.32 -13.22
C LEU M 153 -33.43 -87.83 -11.81
N ARG M 154 -32.51 -87.02 -11.28
CA ARG M 154 -32.65 -86.41 -9.96
C ARG M 154 -32.63 -87.39 -8.79
N GLN M 155 -32.48 -88.67 -9.06
CA GLN M 155 -32.17 -89.63 -7.99
C GLN M 155 -30.74 -89.41 -7.49
N THR M 156 -30.24 -90.31 -6.66
CA THR M 156 -28.85 -90.26 -6.22
C THR M 156 -28.18 -91.59 -6.56
N ALA M 157 -26.88 -91.53 -6.81
CA ALA M 157 -26.12 -92.65 -7.37
C ALA M 157 -24.95 -93.05 -6.48
N THR M 158 -24.55 -94.32 -6.56
CA THR M 158 -23.42 -94.82 -5.80
C THR M 158 -22.57 -95.72 -6.68
N LEU M 159 -21.42 -95.20 -7.10
CA LEU M 159 -20.51 -95.94 -7.95
C LEU M 159 -19.43 -96.61 -7.10
N THR M 160 -19.11 -97.88 -7.39
CA THR M 160 -18.14 -98.65 -6.59
C THR M 160 -16.95 -99.21 -7.36
N CYS M 161 -15.80 -99.12 -6.70
CA CYS M 161 -14.57 -99.68 -7.16
C CYS M 161 -14.01 -100.52 -6.02
N THR M 162 -13.72 -101.79 -6.30
CA THR M 162 -13.12 -102.67 -5.31
C THR M 162 -11.74 -103.07 -5.75
N GLY M 163 -10.89 -103.33 -4.76
CA GLY M 163 -9.54 -103.83 -5.00
C GLY M 163 -9.14 -104.64 -3.78
N ASN M 164 -7.86 -104.67 -3.48
CA ASN M 164 -7.39 -105.48 -2.38
C ASN M 164 -6.30 -104.74 -1.60
N SER M 165 -5.48 -105.47 -0.84
CA SER M 165 -4.57 -104.87 0.14
C SER M 165 -3.39 -104.11 -0.44
N ASN M 166 -2.97 -104.48 -1.63
CA ASN M 166 -1.83 -103.84 -2.24
C ASN M 166 -2.16 -102.51 -2.96
N ASN M 167 -3.46 -102.20 -3.06
CA ASN M 167 -3.91 -100.98 -3.71
C ASN M 167 -4.95 -100.24 -2.88
N VAL M 168 -6.24 -100.46 -3.10
CA VAL M 168 -7.25 -99.67 -2.39
C VAL M 168 -7.15 -99.88 -0.87
N GLY M 169 -6.76 -101.09 -0.46
CA GLY M 169 -6.50 -101.41 0.95
C GLY M 169 -5.66 -100.37 1.65
N ASN M 170 -4.43 -100.15 1.17
CA ASN M 170 -3.47 -99.24 1.83
C ASN M 170 -3.42 -97.84 1.23
N GLN M 171 -3.18 -97.75 -0.08
CA GLN M 171 -2.95 -96.45 -0.72
C GLN M 171 -4.21 -95.62 -0.92
N GLY M 172 -5.38 -96.25 -1.01
CA GLY M 172 -6.64 -95.52 -1.21
C GLY M 172 -6.82 -95.19 -2.68
N ALA M 173 -7.98 -94.68 -3.06
CA ALA M 173 -8.31 -94.50 -4.48
C ALA M 173 -8.78 -93.09 -4.86
N ALA M 174 -8.70 -92.81 -6.16
CA ALA M 174 -8.98 -91.51 -6.74
C ALA M 174 -9.85 -91.69 -7.99
N TRP M 175 -10.92 -90.88 -8.11
CA TRP M 175 -11.91 -91.01 -9.21
C TRP M 175 -11.69 -90.08 -10.42
N LEU M 176 -12.38 -90.40 -11.52
CA LEU M 176 -12.20 -89.72 -12.79
C LEU M 176 -13.45 -89.80 -13.63
N GLN M 177 -13.90 -88.66 -14.17
CA GLN M 177 -15.07 -88.57 -15.06
C GLN M 177 -14.59 -88.48 -16.50
N GLN M 178 -15.27 -89.17 -17.43
CA GLN M 178 -14.95 -89.07 -18.87
C GLN M 178 -16.16 -89.12 -19.79
N HIS M 179 -16.44 -87.96 -20.39
CA HIS M 179 -17.45 -87.84 -21.45
C HIS M 179 -16.91 -88.30 -22.79
N GLN M 180 -17.80 -88.83 -23.61
CA GLN M 180 -17.43 -89.29 -24.94
C GLN M 180 -16.70 -88.14 -25.64
N GLY M 181 -15.51 -88.44 -26.18
CA GLY M 181 -14.73 -87.45 -26.92
C GLY M 181 -13.65 -86.73 -26.12
N HIS M 182 -14.05 -86.12 -25.02
CA HIS M 182 -13.13 -85.37 -24.16
C HIS M 182 -12.15 -86.27 -23.41
N PRO M 183 -11.03 -85.71 -22.95
CA PRO M 183 -10.19 -86.43 -22.00
C PRO M 183 -10.83 -86.41 -20.62
N PRO M 184 -10.41 -87.32 -19.72
CA PRO M 184 -11.04 -87.37 -18.40
C PRO M 184 -10.67 -86.19 -17.55
N LYS M 185 -11.30 -86.06 -16.39
CA LYS M 185 -10.92 -85.04 -15.42
C LYS M 185 -11.13 -85.55 -14.00
N LEU M 186 -10.51 -84.87 -13.04
CA LEU M 186 -10.44 -85.41 -11.69
C LEU M 186 -11.64 -85.00 -10.86
N LEU M 187 -12.33 -85.98 -10.31
CA LEU M 187 -13.41 -85.72 -9.38
C LEU M 187 -12.91 -85.70 -7.92
N SER M 188 -11.87 -86.47 -7.61
CA SER M 188 -11.37 -86.51 -6.23
C SER M 188 -9.91 -86.94 -6.11
N TYR M 189 -9.28 -86.50 -5.02
CA TYR M 189 -7.93 -86.92 -4.68
C TYR M 189 -8.04 -88.18 -3.85
N ARG M 190 -6.88 -88.75 -3.57
CA ARG M 190 -6.78 -89.98 -2.79
C ARG M 190 -7.44 -89.90 -1.41
N ASN M 191 -7.42 -88.73 -0.78
CA ASN M 191 -8.09 -88.49 0.49
C ASN M 191 -9.54 -88.05 0.30
N ASN M 192 -10.02 -88.21 -0.93
CA ASN M 192 -11.39 -87.84 -1.31
C ASN M 192 -11.75 -86.38 -1.04
N ASP M 193 -10.75 -85.51 -0.91
CA ASP M 193 -11.05 -84.09 -0.89
C ASP M 193 -11.21 -83.73 -2.35
N ARG M 194 -12.16 -82.85 -2.65
CA ARG M 194 -12.50 -82.53 -4.04
C ARG M 194 -11.77 -81.31 -4.52
N PRO M 195 -11.27 -81.34 -5.77
CA PRO M 195 -10.76 -80.11 -6.35
C PRO M 195 -11.80 -79.00 -6.37
N SER M 196 -11.32 -77.79 -6.62
CA SER M 196 -12.18 -76.62 -6.75
C SER M 196 -13.23 -76.88 -7.81
N GLY M 197 -12.77 -77.24 -9.01
CA GLY M 197 -13.67 -77.46 -10.13
C GLY M 197 -15.03 -78.05 -9.76
N ILE M 198 -15.00 -79.16 -9.04
CA ILE M 198 -16.11 -80.11 -9.05
C ILE M 198 -17.23 -79.74 -8.09
N SER M 199 -18.46 -80.05 -8.48
CA SER M 199 -19.64 -79.69 -7.69
C SER M 199 -19.69 -80.48 -6.41
N GLU M 200 -20.52 -80.05 -5.48
CA GLU M 200 -20.54 -80.65 -4.15
C GLU M 200 -21.41 -81.90 -4.05
N ARG M 201 -22.15 -82.23 -5.10
CA ARG M 201 -22.94 -83.48 -5.09
C ARG M 201 -22.12 -84.69 -5.57
N PHE M 202 -20.84 -84.48 -5.85
CA PHE M 202 -19.88 -85.54 -6.14
C PHE M 202 -18.95 -85.75 -4.94
N SER M 203 -19.42 -86.47 -3.93
CA SER M 203 -18.59 -86.79 -2.76
C SER M 203 -18.09 -88.23 -2.85
N ALA M 204 -16.85 -88.43 -2.44
CA ALA M 204 -16.23 -89.72 -2.54
C ALA M 204 -15.76 -90.14 -1.17
N SER M 205 -15.79 -91.44 -0.89
CA SER M 205 -15.18 -91.94 0.31
C SER M 205 -14.76 -93.37 0.05
N ARG M 206 -14.32 -94.05 1.09
CA ARG M 206 -13.68 -95.33 0.94
C ARG M 206 -13.90 -96.20 2.16
N SER M 207 -13.93 -97.52 1.95
CA SER M 207 -14.22 -98.50 3.01
C SER M 207 -13.37 -99.79 2.89
N GLY M 208 -12.18 -99.73 3.49
CA GLY M 208 -11.28 -100.87 3.50
C GLY M 208 -10.63 -101.11 2.16
N ASN M 209 -11.26 -101.95 1.35
CA ASN M 209 -10.74 -102.26 0.03
C ASN M 209 -11.75 -101.92 -1.06
N THR M 210 -12.81 -101.16 -0.69
CA THR M 210 -13.92 -100.86 -1.63
C THR M 210 -14.31 -99.38 -1.63
N ALA M 211 -13.67 -98.65 -2.52
CA ALA M 211 -13.85 -97.21 -2.63
C ALA M 211 -15.15 -96.87 -3.38
N SER M 212 -15.87 -95.84 -2.91
CA SER M 212 -17.16 -95.49 -3.50
C SER M 212 -17.38 -93.98 -3.64
N LEU M 213 -17.78 -93.54 -4.85
CA LEU M 213 -18.17 -92.14 -5.14
C LEU M 213 -19.69 -92.05 -5.24
N THR M 214 -20.31 -91.27 -4.38
CA THR M 214 -21.75 -91.06 -4.45
C THR M 214 -22.09 -89.76 -5.17
N ILE M 215 -22.80 -89.88 -6.28
CA ILE M 215 -23.32 -88.71 -7.01
C ILE M 215 -24.78 -88.53 -6.62
N THR M 216 -25.09 -87.37 -6.04
CA THR M 216 -26.47 -87.02 -5.64
C THR M 216 -27.09 -86.02 -6.62
N GLY M 217 -28.41 -86.05 -6.69
CA GLY M 217 -29.18 -85.16 -7.57
C GLY M 217 -28.83 -85.33 -9.04
N LEU M 218 -28.95 -86.55 -9.54
CA LEU M 218 -28.52 -86.89 -10.89
C LEU M 218 -29.11 -85.96 -11.91
N GLN M 219 -28.32 -85.64 -12.93
CA GLN M 219 -28.73 -84.69 -13.97
C GLN M 219 -28.23 -85.13 -15.35
N PRO M 220 -28.88 -84.62 -16.44
CA PRO M 220 -28.45 -84.94 -17.80
C PRO M 220 -26.93 -84.92 -17.93
N GLU M 221 -26.32 -83.83 -17.48
CA GLU M 221 -24.88 -83.66 -17.44
C GLU M 221 -24.09 -84.93 -17.11
N ASP M 222 -24.55 -85.68 -16.10
CA ASP M 222 -23.68 -86.64 -15.39
C ASP M 222 -23.35 -87.95 -16.06
N GLU M 223 -24.13 -88.37 -17.05
CA GLU M 223 -23.85 -89.65 -17.67
C GLU M 223 -22.65 -89.55 -18.58
N ALA M 224 -21.60 -90.25 -18.19
CA ALA M 224 -20.46 -90.51 -19.03
C ALA M 224 -19.76 -91.69 -18.36
N ASP M 225 -18.44 -91.76 -18.51
CA ASP M 225 -17.65 -92.78 -17.78
C ASP M 225 -17.11 -92.34 -16.42
N TYR M 226 -16.79 -93.35 -15.60
CA TYR M 226 -16.13 -93.12 -14.34
C TYR M 226 -15.09 -94.18 -14.11
N TYR M 227 -13.88 -93.75 -13.78
CA TYR M 227 -12.78 -94.63 -13.48
C TYR M 227 -12.22 -94.33 -12.11
N CYS M 228 -12.00 -95.37 -11.31
CA CYS M 228 -11.22 -95.24 -10.09
C CYS M 228 -9.77 -95.56 -10.48
N SER M 229 -8.81 -95.07 -9.69
CA SER M 229 -7.37 -95.33 -9.94
C SER M 229 -6.61 -95.32 -8.63
N THR M 230 -5.57 -96.15 -8.52
CA THR M 230 -4.73 -96.21 -7.32
C THR M 230 -3.33 -96.66 -7.69
N TRP M 231 -2.42 -96.52 -6.75
CA TRP M 231 -1.15 -97.21 -6.80
C TRP M 231 -1.28 -98.65 -6.27
N ASP M 232 -0.82 -99.64 -7.04
CA ASP M 232 -0.74 -101.00 -6.54
C ASP M 232 0.71 -101.32 -6.23
N SER M 233 1.00 -101.53 -4.96
CA SER M 233 2.37 -101.66 -4.50
C SER M 233 2.92 -103.08 -4.70
N SER M 234 2.12 -103.97 -5.27
CA SER M 234 2.57 -105.30 -5.64
C SER M 234 3.03 -105.38 -7.10
N LEU M 235 2.77 -104.34 -7.86
CA LEU M 235 3.13 -104.28 -9.29
C LEU M 235 4.01 -103.06 -9.62
N SER M 236 4.24 -102.21 -8.62
CA SER M 236 4.81 -100.88 -8.83
C SER M 236 4.11 -100.12 -9.93
N ALA M 237 2.78 -100.05 -9.87
CA ALA M 237 2.05 -99.49 -11.01
C ALA M 237 0.70 -98.84 -10.68
N VAL M 238 0.27 -97.96 -11.57
CA VAL M 238 -1.00 -97.29 -11.48
C VAL M 238 -2.02 -98.19 -12.18
N VAL M 239 -3.16 -98.38 -11.54
CA VAL M 239 -4.17 -99.32 -12.02
C VAL M 239 -5.47 -98.58 -12.17
N PHE M 240 -6.31 -99.05 -13.07
CA PHE M 240 -7.61 -98.45 -13.24
C PHE M 240 -8.67 -99.53 -13.22
N GLY M 241 -9.90 -99.15 -12.88
CA GLY M 241 -11.05 -100.03 -13.01
C GLY M 241 -11.47 -100.11 -14.46
N GLY M 242 -12.34 -101.06 -14.77
CA GLY M 242 -12.75 -101.29 -16.16
C GLY M 242 -13.48 -100.11 -16.81
N GLY M 243 -14.12 -99.29 -15.99
CA GLY M 243 -15.07 -98.29 -16.44
C GLY M 243 -16.47 -98.65 -15.97
N THR M 244 -17.37 -97.68 -16.03
CA THR M 244 -18.78 -97.82 -15.61
C THR M 244 -19.60 -96.67 -16.20
N LYS M 245 -20.51 -96.95 -17.14
CA LYS M 245 -21.33 -95.89 -17.76
C LYS M 245 -22.52 -95.59 -16.90
N LEU M 246 -22.57 -94.36 -16.42
CA LEU M 246 -23.69 -93.89 -15.65
C LEU M 246 -24.76 -93.49 -16.64
N THR M 247 -26.01 -93.88 -16.42
CA THR M 247 -27.11 -93.43 -17.28
C THR M 247 -28.23 -92.81 -16.46
N VAL M 248 -28.49 -91.50 -16.68
CA VAL M 248 -29.63 -90.82 -16.06
C VAL M 248 -30.91 -91.19 -16.83
N LEU M 249 -32.01 -91.39 -16.10
CA LEU M 249 -33.16 -92.12 -16.61
C LEU M 249 -34.50 -91.58 -16.06
N GLN N 1 3.46 -40.31 21.68
CA GLN N 1 3.14 -40.97 22.98
C GLN N 1 1.76 -41.62 22.95
N VAL N 2 1.55 -42.54 23.89
CA VAL N 2 0.30 -43.27 23.99
C VAL N 2 -0.65 -42.44 24.82
N GLN N 3 -1.95 -42.56 24.56
CA GLN N 3 -2.94 -41.91 25.40
C GLN N 3 -4.13 -42.81 25.65
N LEU N 4 -4.50 -42.95 26.91
CA LEU N 4 -5.71 -43.66 27.28
C LEU N 4 -6.78 -42.61 27.39
N VAL N 5 -8.04 -43.03 27.24
CA VAL N 5 -9.16 -42.10 27.20
C VAL N 5 -10.40 -42.81 27.69
N GLN N 6 -11.04 -42.22 28.70
CA GLN N 6 -12.09 -42.88 29.47
C GLN N 6 -13.51 -42.33 29.23
N SER N 7 -14.48 -43.06 29.78
CA SER N 7 -15.90 -42.77 29.62
C SER N 7 -16.42 -41.64 30.53
N GLY N 8 -17.64 -41.18 30.22
CA GLY N 8 -18.28 -40.06 30.91
C GLY N 8 -18.73 -40.39 32.32
N ALA N 9 -18.78 -39.37 33.16
CA ALA N 9 -19.05 -39.56 34.58
C ALA N 9 -20.44 -40.17 34.80
N GLU N 10 -20.49 -41.42 35.27
CA GLU N 10 -21.76 -42.10 35.54
C GLU N 10 -22.24 -41.93 36.99
N VAL N 11 -23.56 -41.83 37.17
CA VAL N 11 -24.21 -41.78 38.49
C VAL N 11 -25.13 -43.01 38.56
N LYS N 12 -25.10 -43.75 39.67
CA LYS N 12 -25.78 -45.06 39.73
C LYS N 12 -26.51 -45.38 41.03
N LYS N 13 -27.52 -46.24 40.91
CA LYS N 13 -28.40 -46.59 42.02
C LYS N 13 -27.96 -47.89 42.68
N PRO N 14 -27.72 -47.89 44.00
CA PRO N 14 -27.28 -49.09 44.73
C PRO N 14 -27.94 -50.39 44.27
N GLY N 15 -27.10 -51.41 44.05
CA GLY N 15 -27.49 -52.66 43.38
C GLY N 15 -27.09 -52.61 41.90
N SER N 16 -27.60 -51.61 41.20
CA SER N 16 -27.40 -51.50 39.76
C SER N 16 -25.92 -51.34 39.41
N SER N 17 -25.44 -52.26 38.57
CA SER N 17 -24.09 -52.31 38.04
C SER N 17 -23.64 -51.07 37.27
N VAL N 18 -22.34 -51.00 36.99
CA VAL N 18 -21.79 -50.05 36.03
C VAL N 18 -20.85 -50.77 35.04
N LYS N 19 -20.75 -50.24 33.83
CA LYS N 19 -19.69 -50.58 32.89
C LYS N 19 -19.00 -49.28 32.46
N VAL N 20 -17.68 -49.23 32.66
CA VAL N 20 -16.84 -48.09 32.23
C VAL N 20 -15.66 -48.60 31.42
N SER N 21 -15.25 -47.82 30.41
CA SER N 21 -14.27 -48.25 29.40
C SER N 21 -13.17 -47.23 29.12
N CYS N 22 -12.00 -47.70 28.70
CA CYS N 22 -11.01 -46.80 28.14
C CYS N 22 -10.34 -47.38 26.88
N THR N 23 -9.85 -46.46 26.04
CA THR N 23 -9.40 -46.79 24.69
C THR N 23 -8.06 -46.13 24.41
N SER N 24 -7.24 -46.85 23.63
CA SER N 24 -5.81 -46.59 23.50
C SER N 24 -5.39 -46.11 22.12
N SER N 25 -4.49 -45.12 22.07
CA SER N 25 -4.02 -44.56 20.80
C SER N 25 -3.13 -45.54 20.06
N GLU N 26 -2.25 -46.22 20.79
CA GLU N 26 -1.19 -47.04 20.21
C GLU N 26 -1.66 -48.35 19.59
N VAL N 27 -1.06 -48.70 18.44
CA VAL N 27 -1.46 -49.85 17.64
C VAL N 27 -0.98 -51.14 18.29
N THR N 28 0.26 -51.15 18.76
CA THR N 28 0.76 -52.24 19.57
C THR N 28 0.07 -52.18 20.93
N PHE N 29 -1.18 -52.62 21.01
CA PHE N 29 -1.98 -52.47 22.24
C PHE N 29 -2.28 -53.78 22.91
N SER N 30 -2.13 -54.87 22.15
CA SER N 30 -2.30 -56.22 22.67
C SER N 30 -1.05 -56.69 23.34
N SER N 31 0.02 -55.90 23.28
CA SER N 31 1.28 -56.25 23.94
C SER N 31 1.36 -55.82 25.42
N PHE N 32 0.49 -54.89 25.82
CA PHE N 32 0.54 -54.30 27.15
C PHE N 32 -0.67 -54.56 28.03
N ALA N 33 -0.43 -55.09 29.22
CA ALA N 33 -1.49 -55.39 30.15
C ALA N 33 -2.11 -54.08 30.57
N ILE N 34 -3.42 -54.10 30.80
CA ILE N 34 -4.17 -52.91 31.22
C ILE N 34 -4.85 -53.21 32.55
N SER N 35 -4.83 -52.22 33.45
CA SER N 35 -5.37 -52.40 34.79
C SER N 35 -6.40 -51.33 35.09
N TRP N 36 -7.14 -51.56 36.18
CA TRP N 36 -8.14 -50.65 36.72
C TRP N 36 -7.86 -50.41 38.20
N VAL N 37 -7.82 -49.14 38.58
CA VAL N 37 -7.32 -48.73 39.88
C VAL N 37 -8.17 -47.54 40.32
N ARG N 38 -8.90 -47.68 41.41
CA ARG N 38 -9.82 -46.61 41.81
C ARG N 38 -9.23 -45.76 42.92
N GLN N 39 -9.74 -44.53 43.02
CA GLN N 39 -9.39 -43.61 44.10
C GLN N 39 -10.63 -42.92 44.68
N ALA N 40 -11.14 -43.48 45.77
CA ALA N 40 -12.28 -42.92 46.49
C ALA N 40 -11.89 -41.58 47.09
N PRO N 41 -12.86 -40.64 47.19
CA PRO N 41 -12.69 -39.22 47.52
C PRO N 41 -11.63 -38.99 48.59
N GLY N 42 -10.50 -38.42 48.20
CA GLY N 42 -9.40 -38.18 49.12
C GLY N 42 -8.29 -39.22 49.11
N GLN N 43 -8.60 -40.42 49.60
CA GLN N 43 -7.59 -41.27 50.26
C GLN N 43 -6.36 -41.70 49.42
N GLY N 44 -6.45 -42.85 48.78
CA GLY N 44 -5.31 -43.43 48.10
C GLY N 44 -5.74 -44.49 47.11
N LEU N 45 -4.75 -45.12 46.48
CA LEU N 45 -5.00 -45.98 45.32
C LEU N 45 -5.30 -47.43 45.71
N GLU N 46 -5.96 -48.14 44.79
CA GLU N 46 -6.44 -49.51 45.02
C GLU N 46 -6.70 -50.19 43.67
N TRP N 47 -6.10 -51.34 43.48
CA TRP N 47 -6.11 -52.02 42.18
C TRP N 47 -7.19 -53.06 42.22
N LEU N 48 -8.16 -52.93 41.33
CA LEU N 48 -9.29 -53.86 41.25
C LEU N 48 -8.88 -55.16 40.55
N GLY N 49 -8.28 -55.02 39.37
CA GLY N 49 -7.89 -56.14 38.54
C GLY N 49 -7.17 -55.65 37.31
N GLY N 50 -6.90 -56.56 36.38
CA GLY N 50 -6.19 -56.20 35.17
C GLY N 50 -6.28 -57.32 34.16
N ILE N 51 -5.94 -57.00 32.91
CA ILE N 51 -6.14 -57.89 31.78
C ILE N 51 -4.92 -57.87 30.88
N SER N 52 -4.62 -59.03 30.27
CA SER N 52 -3.73 -59.10 29.13
C SER N 52 -4.59 -59.07 27.89
N PRO N 53 -4.55 -58.00 27.11
CA PRO N 53 -5.32 -57.99 25.87
C PRO N 53 -4.98 -59.16 24.96
N MET N 54 -3.68 -59.39 24.76
CA MET N 54 -3.13 -60.44 23.89
C MET N 54 -3.78 -61.81 24.09
N PHE N 55 -3.92 -62.17 25.36
CA PHE N 55 -4.41 -63.47 25.79
C PHE N 55 -5.81 -63.39 26.35
N GLY N 56 -6.10 -62.30 27.04
CA GLY N 56 -7.45 -62.06 27.53
C GLY N 56 -7.66 -62.79 28.82
N THR N 57 -6.60 -63.31 29.42
CA THR N 57 -6.72 -63.76 30.79
C THR N 57 -6.65 -62.56 31.73
N PRO N 58 -7.66 -62.41 32.60
CA PRO N 58 -7.55 -61.39 33.59
C PRO N 58 -7.10 -61.98 34.94
N ASN N 59 -6.70 -61.10 35.85
CA ASN N 59 -6.71 -61.45 37.25
C ASN N 59 -7.14 -60.25 38.10
N TYR N 60 -7.83 -60.59 39.18
CA TYR N 60 -8.53 -59.64 40.01
C TYR N 60 -7.93 -59.69 41.40
N ALA N 61 -8.18 -58.65 42.18
CA ALA N 61 -7.96 -58.70 43.62
C ALA N 61 -9.13 -59.46 44.27
N GLN N 62 -8.87 -60.11 45.40
CA GLN N 62 -9.91 -60.94 46.05
C GLN N 62 -11.10 -60.13 46.54
N LYS N 63 -10.85 -58.92 47.08
CA LYS N 63 -11.93 -58.02 47.49
C LYS N 63 -13.02 -57.87 46.42
N PHE N 64 -12.66 -58.13 45.16
CA PHE N 64 -13.59 -58.02 44.06
C PHE N 64 -13.68 -59.31 43.27
N GLN N 65 -13.16 -60.39 43.85
CA GLN N 65 -12.94 -61.65 43.13
C GLN N 65 -14.09 -62.10 42.21
N GLY N 66 -15.33 -61.89 42.66
CA GLY N 66 -16.55 -62.31 41.93
C GLY N 66 -17.53 -61.19 41.53
N ARG N 67 -17.35 -60.02 42.12
CA ARG N 67 -18.21 -58.89 41.82
C ARG N 67 -17.89 -58.24 40.47
N VAL N 68 -16.59 -57.98 40.18
CA VAL N 68 -16.18 -57.31 38.93
C VAL N 68 -15.78 -58.27 37.81
N THR N 69 -15.99 -57.82 36.57
CA THR N 69 -15.56 -58.54 35.38
C THR N 69 -14.89 -57.55 34.44
N ILE N 70 -13.61 -57.76 34.16
CA ILE N 70 -12.89 -56.80 33.31
C ILE N 70 -12.33 -57.53 32.10
N THR N 71 -12.52 -56.95 30.93
CA THR N 71 -12.05 -57.55 29.71
C THR N 71 -11.64 -56.48 28.71
N ALA N 72 -10.86 -56.88 27.70
CA ALA N 72 -10.38 -55.99 26.65
C ALA N 72 -10.73 -56.56 25.31
N ASP N 73 -11.01 -55.66 24.36
CA ASP N 73 -11.26 -56.01 22.96
C ASP N 73 -10.05 -55.67 22.08
N GLN N 74 -9.69 -56.61 21.21
CA GLN N 74 -8.50 -56.52 20.33
C GLN N 74 -8.74 -55.66 19.09
N SER N 75 -9.92 -55.83 18.47
CA SER N 75 -10.22 -55.28 17.13
C SER N 75 -10.32 -53.76 17.17
N THR N 76 -11.22 -53.28 18.02
CA THR N 76 -11.17 -51.91 18.48
C THR N 76 -10.07 -51.96 19.55
N ARG N 77 -9.61 -50.82 20.04
CA ARG N 77 -8.41 -50.85 20.87
C ARG N 77 -8.78 -50.42 22.28
N THR N 78 -9.47 -51.30 23.00
CA THR N 78 -10.27 -50.90 24.16
C THR N 78 -10.45 -51.96 25.25
N ALA N 79 -10.51 -51.51 26.50
CA ALA N 79 -10.77 -52.41 27.63
C ALA N 79 -11.93 -51.90 28.49
N TYR N 80 -12.58 -52.82 29.20
CA TYR N 80 -13.81 -52.56 29.94
C TYR N 80 -13.78 -53.08 31.38
N MET N 81 -14.42 -52.33 32.28
CA MET N 81 -14.61 -52.75 33.66
C MET N 81 -16.10 -52.80 33.97
N ASP N 82 -16.57 -53.96 34.39
CA ASP N 82 -17.98 -54.22 34.65
C ASP N 82 -18.15 -54.44 36.16
N LEU N 83 -18.48 -53.38 36.91
CA LEU N 83 -18.59 -53.47 38.39
C LEU N 83 -20.03 -53.78 38.81
N ARG N 84 -20.34 -55.05 38.95
CA ARG N 84 -21.70 -55.46 39.31
C ARG N 84 -21.93 -55.32 40.81
N SER N 85 -23.18 -55.36 41.22
CA SER N 85 -23.58 -55.29 42.62
C SER N 85 -23.05 -54.04 43.32
N LEU N 86 -23.22 -52.89 42.67
CA LEU N 86 -22.74 -51.59 43.20
C LEU N 86 -23.35 -51.23 44.54
N ARG N 87 -22.71 -50.31 45.24
CA ARG N 87 -23.14 -49.87 46.57
C ARG N 87 -22.37 -48.62 47.00
N SER N 88 -22.46 -48.22 48.27
CA SER N 88 -22.00 -46.89 48.69
C SER N 88 -20.49 -46.77 48.86
N GLU N 89 -19.85 -47.79 49.41
CA GLU N 89 -18.38 -47.79 49.59
C GLU N 89 -17.59 -47.70 48.26
N ASP N 90 -18.30 -47.71 47.13
CA ASP N 90 -17.67 -47.82 45.82
C ASP N 90 -17.40 -46.50 45.14
N THR N 91 -18.03 -45.42 45.60
CA THR N 91 -17.89 -44.13 44.94
C THR N 91 -16.42 -43.67 44.88
N ALA N 92 -15.91 -43.47 43.66
CA ALA N 92 -14.51 -43.10 43.44
C ALA N 92 -14.29 -42.50 42.06
N VAL N 93 -13.04 -42.14 41.75
CA VAL N 93 -12.61 -41.95 40.37
C VAL N 93 -11.84 -43.22 39.99
N TYR N 94 -12.14 -43.76 38.82
CA TYR N 94 -11.56 -45.00 38.35
C TYR N 94 -10.62 -44.74 37.18
N TYR N 95 -9.33 -45.02 37.36
CA TYR N 95 -8.32 -44.90 36.30
C TYR N 95 -8.05 -46.25 35.68
N CYS N 96 -7.89 -46.27 34.36
CA CYS N 96 -7.31 -47.41 33.67
C CYS N 96 -5.86 -47.03 33.49
N ALA N 97 -4.97 -47.99 33.74
CA ALA N 97 -3.52 -47.77 33.58
C ALA N 97 -2.87 -48.92 32.83
N ARG N 98 -1.93 -48.57 31.95
CA ARG N 98 -1.19 -49.56 31.19
C ARG N 98 0.12 -49.93 31.87
N SER N 99 0.32 -51.23 32.07
CA SER N 99 1.61 -51.74 32.48
C SER N 99 2.43 -52.11 31.26
N PRO N 100 3.74 -51.81 31.28
CA PRO N 100 4.62 -52.20 30.17
C PRO N 100 4.81 -53.73 30.04
N SER N 101 4.56 -54.47 31.10
CA SER N 101 4.50 -55.92 31.07
C SER N 101 3.24 -56.32 30.31
N TYR N 102 3.27 -57.45 29.61
CA TYR N 102 2.11 -57.88 28.81
C TYR N 102 1.05 -58.54 29.65
N ILE N 103 1.41 -58.89 30.89
CA ILE N 103 0.48 -59.50 31.82
C ILE N 103 0.63 -58.77 33.16
N CYS N 104 -0.42 -58.77 33.97
CA CYS N 104 -0.32 -58.19 35.29
C CYS N 104 -0.31 -59.26 36.37
N SER N 105 0.86 -59.88 36.56
CA SER N 105 0.97 -61.05 37.43
C SER N 105 2.26 -61.09 38.22
N GLY N 106 2.75 -59.94 38.66
CA GLY N 106 4.04 -59.91 39.35
C GLY N 106 4.69 -58.56 39.29
N GLY N 107 5.80 -58.45 39.99
CA GLY N 107 6.58 -57.21 40.09
C GLY N 107 6.63 -56.38 38.84
N THR N 108 6.85 -57.01 37.71
CA THR N 108 6.89 -56.28 36.45
C THR N 108 5.62 -55.44 36.20
N CYS N 109 4.55 -55.72 36.94
CA CYS N 109 3.37 -54.86 36.86
C CYS N 109 3.57 -53.52 37.59
N VAL N 110 4.26 -52.60 36.92
CA VAL N 110 4.30 -51.19 37.30
C VAL N 110 3.31 -50.48 36.36
N PHE N 111 3.07 -49.18 36.54
CA PHE N 111 2.07 -48.47 35.73
C PHE N 111 2.63 -47.22 35.09
N ASP N 112 3.05 -47.31 33.84
CA ASP N 112 3.70 -46.16 33.21
C ASP N 112 2.74 -45.16 32.54
N HIS N 113 1.47 -45.52 32.37
CA HIS N 113 0.55 -44.70 31.57
C HIS N 113 -0.89 -44.76 32.09
N TRP N 114 -1.45 -43.61 32.46
CA TRP N 114 -2.77 -43.54 33.11
C TRP N 114 -3.79 -42.76 32.30
N GLY N 115 -5.03 -43.25 32.31
CA GLY N 115 -6.17 -42.50 31.77
C GLY N 115 -6.51 -41.31 32.65
N GLN N 116 -7.45 -40.50 32.20
CA GLN N 116 -7.74 -39.20 32.85
C GLN N 116 -8.78 -39.33 33.98
N GLY N 117 -9.41 -40.50 34.06
CA GLY N 117 -10.25 -40.87 35.20
C GLY N 117 -11.73 -40.80 34.90
N THR N 118 -12.49 -41.72 35.46
CA THR N 118 -13.94 -41.71 35.33
C THR N 118 -14.58 -41.66 36.72
N LEU N 119 -15.22 -40.55 37.06
CA LEU N 119 -15.91 -40.46 38.35
C LEU N 119 -17.23 -41.25 38.28
N VAL N 120 -17.37 -42.27 39.12
CA VAL N 120 -18.61 -43.04 39.24
C VAL N 120 -19.22 -42.82 40.62
N THR N 121 -20.44 -42.29 40.65
CA THR N 121 -21.13 -41.92 41.88
C THR N 121 -22.31 -42.87 42.16
N VAL N 122 -22.40 -43.33 43.40
CA VAL N 122 -23.58 -44.08 43.85
C VAL N 122 -24.55 -43.09 44.49
N SER N 123 -25.83 -43.21 44.13
CA SER N 123 -26.82 -42.15 44.39
C SER N 123 -27.25 -42.05 45.86
N SER N 124 -28.30 -42.80 46.23
CA SER N 124 -28.89 -42.73 47.57
C SER N 124 -28.88 -44.12 48.22
N ILE N 139 -10.51 -48.04 53.60
CA ILE N 139 -9.28 -48.40 52.88
C ILE N 139 -8.23 -48.96 53.84
N GLN N 140 -7.57 -50.04 53.42
CA GLN N 140 -6.38 -50.55 54.10
C GLN N 140 -5.19 -50.59 53.13
N PRO N 141 -4.11 -49.83 53.42
CA PRO N 141 -2.93 -49.90 52.58
C PRO N 141 -2.13 -51.15 52.86
N GLY N 142 -1.65 -51.78 51.79
CA GLY N 142 -0.79 -52.96 51.90
C GLY N 142 0.67 -52.67 52.10
N LEU N 143 1.09 -51.43 51.83
CA LEU N 143 2.45 -51.00 52.15
C LEU N 143 2.40 -49.78 53.05
N THR N 144 3.55 -49.42 53.61
CA THR N 144 3.57 -48.49 54.74
C THR N 144 4.47 -47.29 54.50
N GLN N 145 3.83 -46.14 54.30
CA GLN N 145 4.53 -44.87 54.17
C GLN N 145 3.99 -43.86 55.19
N PRO N 146 4.89 -43.07 55.79
CA PRO N 146 4.38 -41.96 56.57
C PRO N 146 3.54 -41.09 55.67
N PRO N 147 2.54 -40.40 56.23
CA PRO N 147 1.63 -39.63 55.41
C PRO N 147 2.05 -38.19 55.14
N SER N 148 3.09 -37.70 55.81
CA SER N 148 3.50 -36.29 55.65
C SER N 148 4.98 -35.97 55.91
N VAL N 149 5.78 -36.03 54.85
CA VAL N 149 7.17 -35.55 54.87
C VAL N 149 7.19 -34.07 54.48
N SER N 150 7.88 -33.24 55.26
CA SER N 150 7.95 -31.81 54.93
C SER N 150 9.36 -31.25 55.07
N LYS N 151 10.01 -30.97 53.93
CA LYS N 151 11.38 -30.42 53.89
C LYS N 151 11.42 -29.08 53.16
N GLY N 152 12.51 -28.33 53.34
CA GLY N 152 12.60 -26.94 52.87
C GLY N 152 13.13 -26.76 51.46
N LEU N 153 12.84 -25.61 50.84
CA LEU N 153 13.29 -25.31 49.45
C LEU N 153 14.76 -25.65 49.27
N ARG N 154 15.07 -26.36 48.18
CA ARG N 154 16.44 -26.72 47.81
C ARG N 154 17.03 -27.78 48.73
N GLN N 155 16.22 -28.35 49.63
CA GLN N 155 16.65 -29.45 50.51
C GLN N 155 16.35 -30.79 49.84
N THR N 156 16.83 -31.87 50.44
CA THR N 156 16.55 -33.22 49.96
C THR N 156 15.56 -33.95 50.87
N ALA N 157 14.53 -34.52 50.25
CA ALA N 157 13.60 -35.42 50.94
C ALA N 157 13.90 -36.85 50.52
N THR N 158 13.76 -37.78 51.48
CA THR N 158 13.75 -39.20 51.14
C THR N 158 12.47 -39.82 51.74
N LEU N 159 11.64 -40.37 50.86
CA LEU N 159 10.35 -40.90 51.22
C LEU N 159 10.54 -42.39 51.24
N THR N 160 9.92 -43.08 52.19
CA THR N 160 10.13 -44.51 52.32
C THR N 160 8.84 -45.33 52.25
N CYS N 161 8.89 -46.38 51.46
CA CYS N 161 7.88 -47.41 51.47
C CYS N 161 8.52 -48.57 52.18
N THR N 162 7.84 -49.16 53.16
CA THR N 162 8.37 -50.36 53.77
C THR N 162 7.31 -51.43 53.69
N GLY N 163 7.79 -52.66 53.64
CA GLY N 163 6.97 -53.81 53.26
C GLY N 163 7.63 -55.05 53.77
N ASN N 164 7.52 -56.15 53.02
CA ASN N 164 8.06 -57.44 53.50
C ASN N 164 8.45 -58.34 52.33
N SER N 165 8.73 -59.61 52.62
CA SER N 165 9.26 -60.51 51.62
C SER N 165 8.27 -60.86 50.51
N ASN N 166 6.98 -61.01 50.83
CA ASN N 166 5.93 -61.24 49.81
C ASN N 166 5.87 -60.15 48.74
N ASN N 167 5.80 -58.91 49.20
CA ASN N 167 5.77 -57.74 48.32
C ASN N 167 7.16 -57.13 48.15
N VAL N 168 7.48 -56.06 48.87
CA VAL N 168 8.65 -55.23 48.53
C VAL N 168 9.97 -56.01 48.46
N GLY N 169 10.10 -57.00 49.32
CA GLY N 169 11.36 -57.66 49.54
C GLY N 169 11.83 -58.60 48.45
N ASN N 170 10.95 -58.93 47.51
CA ASN N 170 11.33 -59.74 46.33
C ASN N 170 11.26 -58.94 45.05
N GLN N 171 10.17 -58.20 44.86
CA GLN N 171 9.97 -57.39 43.65
C GLN N 171 10.74 -56.06 43.73
N GLY N 172 10.47 -55.30 44.77
CA GLY N 172 10.96 -53.94 44.86
C GLY N 172 9.74 -53.10 44.63
N ALA N 173 9.92 -51.87 44.14
CA ALA N 173 8.77 -51.00 43.98
C ALA N 173 8.90 -49.96 42.89
N ALA N 174 7.73 -49.54 42.43
CA ALA N 174 7.58 -48.43 41.54
C ALA N 174 6.94 -47.30 42.34
N TRP N 175 7.46 -46.09 42.15
CA TRP N 175 6.91 -44.89 42.78
C TRP N 175 6.02 -44.08 41.82
N LEU N 176 5.12 -43.28 42.39
CA LEU N 176 4.20 -42.47 41.61
C LEU N 176 4.01 -41.11 42.22
N GLN N 177 3.70 -40.15 41.35
CA GLN N 177 3.47 -38.76 41.72
C GLN N 177 2.04 -38.42 41.37
N GLN N 178 1.38 -37.63 42.24
CA GLN N 178 0.00 -37.18 42.03
C GLN N 178 -0.28 -35.79 42.59
N HIS N 179 -0.33 -34.80 41.71
CA HIS N 179 -0.83 -33.47 42.05
C HIS N 179 -2.33 -33.47 42.11
N GLN N 180 -2.91 -32.60 42.94
CA GLN N 180 -4.35 -32.53 43.01
C GLN N 180 -4.83 -32.31 41.58
N GLY N 181 -5.86 -33.05 41.18
CA GLY N 181 -6.52 -32.82 39.91
C GLY N 181 -6.09 -33.80 38.86
N HIS N 182 -4.79 -33.81 38.59
CA HIS N 182 -4.23 -34.72 37.61
C HIS N 182 -4.15 -36.18 38.12
N PRO N 183 -4.18 -37.14 37.18
CA PRO N 183 -3.99 -38.54 37.50
C PRO N 183 -2.50 -38.86 37.60
N PRO N 184 -2.14 -39.97 38.28
CA PRO N 184 -0.75 -40.21 38.71
C PRO N 184 0.25 -40.48 37.59
N LYS N 185 1.47 -39.98 37.75
CA LYS N 185 2.55 -40.17 36.76
C LYS N 185 3.61 -41.07 37.38
N LEU N 186 4.19 -41.97 36.58
CA LEU N 186 5.23 -42.89 37.09
C LEU N 186 6.64 -42.24 37.08
N LEU N 187 7.35 -42.42 38.21
CA LEU N 187 8.67 -41.84 38.44
C LEU N 187 9.81 -42.88 38.50
N SER N 188 9.49 -44.16 38.63
CA SER N 188 10.51 -45.22 38.58
C SER N 188 9.93 -46.57 38.20
N TYR N 189 10.67 -47.33 37.42
CA TYR N 189 10.31 -48.72 37.15
C TYR N 189 10.74 -49.53 38.36
N ARG N 190 10.37 -50.81 38.40
CA ARG N 190 10.49 -51.59 39.65
C ARG N 190 11.93 -51.87 40.06
N ASN N 191 12.87 -51.62 39.15
CA ASN N 191 14.28 -51.80 39.42
C ASN N 191 15.09 -50.50 39.48
N ASN N 192 14.42 -49.37 39.72
CA ASN N 192 15.09 -48.09 39.98
C ASN N 192 15.65 -47.40 38.74
N ASP N 193 15.03 -47.64 37.59
CA ASP N 193 15.35 -46.86 36.42
C ASP N 193 14.26 -45.82 36.30
N ARG N 194 14.59 -44.63 35.82
CA ARG N 194 13.55 -43.62 35.62
C ARG N 194 13.12 -43.57 34.16
N PRO N 195 11.82 -43.36 33.93
CA PRO N 195 11.34 -43.14 32.58
C PRO N 195 11.91 -41.87 31.92
N SER N 196 11.66 -41.77 30.62
CA SER N 196 12.10 -40.66 29.80
C SER N 196 11.88 -39.30 30.43
N GLY N 197 10.62 -38.99 30.74
CA GLY N 197 10.25 -37.62 31.14
C GLY N 197 10.87 -37.19 32.46
N ILE N 198 10.77 -38.08 33.43
CA ILE N 198 11.20 -37.84 34.81
C ILE N 198 12.54 -37.15 34.89
N SER N 199 12.59 -36.07 35.69
CA SER N 199 13.79 -35.26 35.85
C SER N 199 14.87 -36.03 36.58
N GLU N 200 16.11 -35.71 36.25
CA GLU N 200 17.24 -36.55 36.60
C GLU N 200 17.68 -36.22 38.02
N ARG N 201 16.74 -36.00 38.93
CA ARG N 201 17.09 -35.73 40.34
C ARG N 201 16.14 -36.41 41.33
N PHE N 202 15.71 -37.61 40.92
CA PHE N 202 14.79 -38.43 41.66
C PHE N 202 15.41 -39.82 41.74
N SER N 203 16.41 -40.00 42.59
CA SER N 203 16.94 -41.34 42.79
C SER N 203 15.88 -42.22 43.46
N ALA N 204 15.50 -43.28 42.77
CA ALA N 204 14.85 -44.41 43.41
C ALA N 204 15.96 -45.33 43.92
N SER N 205 15.60 -46.12 44.92
CA SER N 205 16.52 -47.10 45.47
C SER N 205 15.75 -48.12 46.27
N ARG N 206 16.45 -49.12 46.74
CA ARG N 206 15.82 -50.19 47.50
C ARG N 206 16.86 -50.90 48.36
N SER N 207 16.51 -51.14 49.62
CA SER N 207 17.39 -51.89 50.51
C SER N 207 16.59 -52.91 51.33
N GLY N 208 16.63 -54.15 50.89
CA GLY N 208 15.90 -55.21 51.56
C GLY N 208 14.41 -55.05 51.41
N ASN N 209 13.74 -54.74 52.51
CA ASN N 209 12.28 -54.71 52.52
C ASN N 209 11.76 -53.29 52.56
N THR N 210 12.63 -52.33 52.32
CA THR N 210 12.24 -50.94 52.28
C THR N 210 12.92 -50.22 51.12
N ALA N 211 12.14 -49.37 50.44
CA ALA N 211 12.62 -48.62 49.28
C ALA N 211 12.37 -47.11 49.43
N SER N 212 13.30 -46.32 48.91
CA SER N 212 13.28 -44.88 49.13
C SER N 212 13.49 -44.05 47.86
N LEU N 213 12.44 -43.30 47.50
CA LEU N 213 12.53 -42.29 46.46
C LEU N 213 13.15 -41.09 47.11
N THR N 214 14.32 -40.68 46.60
CA THR N 214 15.08 -39.57 47.16
C THR N 214 14.99 -38.42 46.18
N ILE N 215 14.43 -37.32 46.65
CA ILE N 215 14.31 -36.12 45.83
C ILE N 215 15.40 -35.14 46.25
N THR N 216 16.09 -34.58 45.26
CA THR N 216 17.18 -33.64 45.50
C THR N 216 16.88 -32.27 44.90
N GLY N 217 16.89 -31.23 45.73
CA GLY N 217 16.74 -29.87 45.25
C GLY N 217 15.29 -29.52 45.03
N LEU N 218 14.55 -29.45 46.13
CA LEU N 218 13.11 -29.29 46.09
C LEU N 218 12.69 -27.95 45.51
N GLN N 219 11.45 -27.90 45.05
CA GLN N 219 10.81 -26.66 44.57
C GLN N 219 9.29 -26.89 44.44
N PRO N 220 8.49 -25.80 44.39
CA PRO N 220 7.02 -25.91 44.55
C PRO N 220 6.36 -27.08 43.79
N GLU N 221 6.81 -27.25 42.55
CA GLU N 221 6.44 -28.35 41.67
C GLU N 221 6.35 -29.70 42.38
N ASP N 222 7.33 -29.98 43.22
CA ASP N 222 7.49 -31.30 43.83
C ASP N 222 6.44 -31.65 44.89
N GLU N 223 5.79 -30.65 45.46
CA GLU N 223 4.94 -30.90 46.60
C GLU N 223 3.59 -31.42 46.10
N ALA N 224 3.54 -32.75 45.98
CA ALA N 224 2.30 -33.49 45.73
C ALA N 224 2.22 -34.74 46.63
N ASP N 225 1.34 -35.69 46.28
CA ASP N 225 1.26 -37.04 46.91
C ASP N 225 2.17 -38.05 46.23
N TYR N 226 2.73 -38.98 47.02
CA TYR N 226 3.62 -40.01 46.48
C TYR N 226 3.27 -41.42 46.94
N TYR N 227 3.01 -42.29 45.97
CA TYR N 227 2.63 -43.65 46.23
C TYR N 227 3.71 -44.60 45.78
N CYS N 228 4.08 -45.53 46.66
CA CYS N 228 4.86 -46.68 46.24
C CYS N 228 3.86 -47.76 45.85
N SER N 229 4.35 -48.78 45.16
CA SER N 229 3.51 -49.91 44.70
C SER N 229 4.35 -51.15 44.40
N THR N 230 3.76 -52.32 44.56
CA THR N 230 4.40 -53.54 44.06
C THR N 230 3.40 -54.69 44.02
N TRP N 231 3.94 -55.87 43.74
CA TRP N 231 3.14 -57.07 43.68
C TRP N 231 3.31 -57.86 44.98
N ASP N 232 2.21 -58.22 45.65
CA ASP N 232 2.28 -59.06 46.84
C ASP N 232 2.10 -60.51 46.42
N SER N 233 3.13 -61.34 46.56
CA SER N 233 3.07 -62.74 46.10
C SER N 233 2.15 -63.63 46.94
N SER N 234 1.86 -63.23 48.16
CA SER N 234 0.89 -63.95 48.98
C SER N 234 -0.53 -63.53 48.65
N LEU N 235 -0.77 -62.22 48.59
CA LEU N 235 -2.10 -61.64 48.33
C LEU N 235 -2.54 -61.77 46.87
N SER N 236 -1.65 -62.23 46.00
CA SER N 236 -1.99 -62.51 44.59
C SER N 236 -2.56 -61.28 43.88
N ALA N 237 -1.87 -60.17 44.02
CA ALA N 237 -2.44 -58.89 43.63
C ALA N 237 -1.45 -57.73 43.78
N VAL N 238 -1.89 -56.58 43.28
CA VAL N 238 -1.13 -55.34 43.29
C VAL N 238 -1.45 -54.58 44.56
N VAL N 239 -0.45 -53.83 45.02
CA VAL N 239 -0.39 -53.32 46.37
C VAL N 239 0.19 -51.89 46.31
N PHE N 240 -0.42 -50.97 47.06
CA PHE N 240 0.03 -49.58 47.15
C PHE N 240 0.21 -49.18 48.62
N GLY N 241 1.18 -48.32 48.89
CA GLY N 241 1.29 -47.68 50.18
C GLY N 241 0.19 -46.66 50.40
N GLY N 242 0.21 -46.05 51.57
CA GLY N 242 -0.88 -45.15 51.94
C GLY N 242 -0.78 -43.88 51.15
N GLY N 243 0.29 -43.13 51.40
CA GLY N 243 0.57 -41.91 50.67
C GLY N 243 1.55 -41.10 51.45
N THR N 244 2.15 -40.10 50.81
CA THR N 244 3.04 -39.19 51.51
C THR N 244 2.90 -37.84 50.83
N LYS N 245 2.27 -36.91 51.52
CA LYS N 245 2.22 -35.53 51.04
C LYS N 245 3.55 -34.89 51.33
N LEU N 246 4.23 -34.47 50.26
CA LEU N 246 5.45 -33.70 50.41
C LEU N 246 5.05 -32.24 50.50
N THR N 247 5.63 -31.56 51.48
CA THR N 247 5.41 -30.14 51.68
C THR N 247 6.75 -29.42 51.68
N VAL N 248 6.96 -28.58 50.65
CA VAL N 248 8.16 -27.76 50.55
C VAL N 248 7.93 -26.42 51.23
N LEU N 249 8.95 -25.89 51.90
CA LEU N 249 8.80 -24.70 52.72
C LEU N 249 10.16 -24.18 53.19
N GLN O 1 40.83 -53.68 -8.88
CA GLN O 1 42.04 -52.96 -8.37
C GLN O 1 41.73 -52.28 -7.04
N VAL O 2 42.66 -52.41 -6.11
CA VAL O 2 42.64 -51.60 -4.89
C VAL O 2 43.94 -50.86 -4.84
N GLN O 3 43.91 -49.66 -4.30
CA GLN O 3 45.08 -48.82 -4.22
C GLN O 3 45.70 -48.91 -2.84
N LEU O 4 47.02 -48.91 -2.80
CA LEU O 4 47.72 -48.72 -1.56
C LEU O 4 48.69 -47.58 -1.80
N VAL O 5 48.52 -46.48 -1.08
CA VAL O 5 49.39 -45.33 -1.28
C VAL O 5 50.16 -45.03 -0.01
N GLN O 6 51.45 -44.74 -0.19
CA GLN O 6 52.41 -44.71 0.90
C GLN O 6 52.96 -43.32 1.12
N SER O 7 53.47 -43.11 2.33
CA SER O 7 54.16 -41.90 2.74
C SER O 7 55.31 -41.47 1.78
N GLY O 8 55.67 -40.19 1.83
CA GLY O 8 56.77 -39.65 1.03
C GLY O 8 58.12 -40.19 1.46
N ALA O 9 59.17 -39.74 0.77
CA ALA O 9 60.47 -40.42 0.80
C ALA O 9 61.42 -39.98 1.94
N GLU O 10 60.96 -40.11 3.19
CA GLU O 10 61.62 -39.52 4.39
C GLU O 10 63.14 -39.81 4.56
N VAL O 11 63.87 -38.83 5.12
CA VAL O 11 65.35 -38.86 5.26
C VAL O 11 65.80 -38.47 6.68
N LYS O 12 66.22 -39.47 7.46
CA LYS O 12 66.46 -39.28 8.89
C LYS O 12 67.90 -39.56 9.30
N LYS O 13 68.24 -39.17 10.52
CA LYS O 13 69.60 -39.28 11.05
C LYS O 13 69.65 -40.31 12.17
N PRO O 14 70.84 -40.92 12.41
CA PRO O 14 71.03 -42.04 13.35
C PRO O 14 70.31 -41.93 14.69
N GLY O 15 69.67 -43.01 15.12
CA GLY O 15 69.00 -43.07 16.42
C GLY O 15 67.57 -42.57 16.45
N SER O 16 67.14 -41.84 15.43
CA SER O 16 65.82 -41.23 15.43
C SER O 16 64.72 -42.28 15.11
N SER O 17 63.49 -41.78 14.91
CA SER O 17 62.30 -42.61 14.59
C SER O 17 61.74 -42.29 13.19
N VAL O 18 60.94 -43.20 12.66
CA VAL O 18 60.15 -42.96 11.44
C VAL O 18 58.72 -43.40 11.70
N LYS O 19 57.77 -42.77 11.03
CA LYS O 19 56.37 -43.20 10.96
C LYS O 19 55.95 -43.15 9.49
N VAL O 20 56.10 -44.29 8.79
CA VAL O 20 55.64 -44.42 7.41
C VAL O 20 54.18 -44.90 7.41
N SER O 21 53.41 -44.45 6.41
CA SER O 21 51.97 -44.71 6.33
C SER O 21 51.60 -45.35 4.97
N CYS O 22 50.34 -45.77 4.85
CA CYS O 22 49.91 -46.57 3.71
C CYS O 22 48.40 -46.69 3.76
N THR O 23 47.74 -46.37 2.65
CA THR O 23 46.32 -46.10 2.69
C THR O 23 45.54 -46.81 1.61
N SER O 24 44.53 -47.54 2.07
CA SER O 24 43.81 -48.49 1.25
C SER O 24 42.54 -47.90 0.67
N SER O 25 42.36 -48.08 -0.64
CA SER O 25 41.19 -47.62 -1.38
C SER O 25 39.90 -48.29 -0.95
N GLU O 26 39.99 -49.60 -0.75
CA GLU O 26 38.81 -50.46 -0.54
C GLU O 26 38.11 -50.15 0.77
N VAL O 27 36.79 -50.04 0.70
CA VAL O 27 35.98 -49.64 1.84
C VAL O 27 35.93 -50.78 2.85
N THR O 28 36.24 -51.96 2.36
CA THR O 28 36.14 -53.22 3.09
C THR O 28 37.50 -53.62 3.61
N PHE O 29 38.29 -52.66 4.08
CA PHE O 29 39.74 -52.89 4.26
C PHE O 29 39.96 -53.49 5.62
N SER O 30 38.92 -53.40 6.42
CA SER O 30 38.95 -53.83 7.80
C SER O 30 39.26 -55.31 7.89
N SER O 31 39.03 -56.05 6.81
CA SER O 31 39.06 -57.49 6.85
C SER O 31 40.20 -58.14 6.06
N PHE O 32 41.23 -57.38 5.71
CA PHE O 32 42.38 -57.95 5.02
C PHE O 32 43.67 -57.51 5.69
N ALA O 33 44.43 -58.45 6.24
CA ALA O 33 45.61 -58.07 7.00
C ALA O 33 46.71 -57.45 6.13
N ILE O 34 47.37 -56.48 6.76
CA ILE O 34 48.32 -55.57 6.12
C ILE O 34 49.69 -55.83 6.72
N SER O 35 50.67 -55.88 5.84
CA SER O 35 52.04 -56.10 6.26
C SER O 35 52.96 -55.00 5.77
N TRP O 36 54.15 -55.03 6.36
CA TRP O 36 55.21 -54.10 6.08
C TRP O 36 56.44 -54.94 5.80
N VAL O 37 56.89 -54.91 4.56
CA VAL O 37 58.03 -55.69 4.09
C VAL O 37 59.01 -54.67 3.57
N ARG O 38 60.32 -54.88 3.73
CA ARG O 38 61.28 -53.92 3.16
C ARG O 38 62.31 -54.59 2.27
N GLN O 39 62.92 -53.81 1.38
CA GLN O 39 64.12 -54.24 0.69
C GLN O 39 65.09 -53.06 0.48
N ALA O 40 66.35 -53.26 0.88
CA ALA O 40 67.40 -52.25 0.77
C ALA O 40 68.10 -52.35 -0.59
N PRO O 41 68.84 -51.30 -0.99
CA PRO O 41 69.35 -51.20 -2.35
C PRO O 41 70.06 -52.47 -2.82
N GLY O 42 69.61 -53.03 -3.95
CA GLY O 42 70.27 -54.20 -4.57
C GLY O 42 70.22 -55.51 -3.81
N GLN O 43 69.14 -55.73 -3.06
CA GLN O 43 69.01 -56.90 -2.17
C GLN O 43 67.64 -57.56 -2.33
N GLY O 44 67.19 -58.32 -1.32
CA GLY O 44 65.87 -58.96 -1.35
C GLY O 44 64.95 -58.58 -0.18
N LEU O 45 63.84 -59.31 -0.07
CA LEU O 45 62.73 -58.95 0.82
C LEU O 45 62.91 -59.40 2.29
N GLU O 46 62.47 -58.57 3.23
CA GLU O 46 62.54 -58.86 4.67
C GLU O 46 61.23 -58.45 5.36
N TRP O 47 60.59 -59.40 6.02
CA TRP O 47 59.30 -59.12 6.65
C TRP O 47 59.53 -58.53 8.01
N LEU O 48 59.10 -57.29 8.19
CA LEU O 48 59.21 -56.64 9.49
C LEU O 48 58.14 -57.20 10.41
N GLY O 49 56.91 -57.23 9.89
CA GLY O 49 55.74 -57.54 10.69
C GLY O 49 54.47 -57.07 10.01
N GLY O 50 53.35 -57.45 10.60
CA GLY O 50 52.04 -57.17 10.03
C GLY O 50 50.98 -57.05 11.12
N ILE O 51 49.81 -56.55 10.70
CA ILE O 51 48.70 -56.22 11.58
C ILE O 51 47.42 -56.74 10.93
N SER O 52 46.48 -57.19 11.76
CA SER O 52 45.07 -57.28 11.34
C SER O 52 44.33 -55.98 11.74
N PRO O 53 43.74 -55.29 10.75
CA PRO O 53 43.02 -54.06 11.06
C PRO O 53 41.80 -54.26 11.93
N MET O 54 41.23 -55.47 11.86
CA MET O 54 39.94 -55.77 12.47
C MET O 54 40.07 -55.88 13.97
N PHE O 55 41.23 -56.34 14.41
CA PHE O 55 41.42 -56.81 15.78
C PHE O 55 42.55 -56.12 16.55
N GLY O 56 43.46 -55.46 15.83
CA GLY O 56 44.52 -54.67 16.49
C GLY O 56 45.79 -55.46 16.76
N THR O 57 45.68 -56.78 16.83
CA THR O 57 46.81 -57.65 17.12
C THR O 57 47.82 -57.68 15.98
N PRO O 58 49.08 -57.25 16.24
CA PRO O 58 50.18 -57.34 15.29
C PRO O 58 51.13 -58.51 15.56
N ASN O 59 51.83 -58.95 14.52
CA ASN O 59 52.88 -59.95 14.66
C ASN O 59 54.14 -59.34 14.13
N TYR O 60 55.25 -59.52 14.82
CA TYR O 60 56.53 -59.02 14.35
C TYR O 60 57.52 -60.14 14.23
N ALA O 61 58.65 -59.84 13.58
CA ALA O 61 59.78 -60.73 13.52
C ALA O 61 60.67 -60.48 14.73
N GLN O 62 61.27 -61.56 15.25
CA GLN O 62 62.28 -61.51 16.32
C GLN O 62 63.21 -60.32 16.05
N LYS O 63 63.74 -60.32 14.83
CA LYS O 63 64.66 -59.29 14.36
C LYS O 63 64.32 -57.96 14.98
N PHE O 64 63.12 -57.46 14.72
CA PHE O 64 62.74 -56.11 15.13
C PHE O 64 61.96 -56.10 16.43
N GLN O 65 61.72 -57.27 16.98
CA GLN O 65 60.73 -57.48 18.03
C GLN O 65 60.33 -56.23 18.84
N GLY O 66 61.24 -55.71 19.67
CA GLY O 66 60.86 -54.68 20.65
C GLY O 66 60.97 -53.24 20.16
N ARG O 67 61.19 -53.07 18.86
CA ARG O 67 61.74 -51.85 18.32
C ARG O 67 61.02 -51.45 17.01
N VAL O 68 59.82 -51.99 16.83
CA VAL O 68 58.95 -51.73 15.68
C VAL O 68 57.55 -51.97 16.19
N THR O 69 56.64 -51.01 15.96
CA THR O 69 55.26 -51.14 16.44
C THR O 69 54.25 -50.71 15.37
N ILE O 70 53.65 -51.69 14.69
CA ILE O 70 52.72 -51.41 13.57
C ILE O 70 51.27 -51.55 14.05
N THR O 71 50.46 -50.58 13.62
CA THR O 71 49.08 -50.44 14.08
C THR O 71 48.26 -49.93 12.93
N ALA O 72 46.99 -50.33 12.88
CA ALA O 72 46.05 -49.89 11.85
C ALA O 72 45.03 -48.96 12.48
N ASP O 73 44.57 -47.98 11.71
CA ASP O 73 43.50 -47.06 12.16
C ASP O 73 42.23 -47.35 11.36
N GLN O 74 41.38 -48.20 11.94
CA GLN O 74 40.17 -48.66 11.26
C GLN O 74 39.50 -47.49 10.60
N SER O 75 39.23 -46.47 11.41
CA SER O 75 38.49 -45.26 11.05
C SER O 75 38.82 -44.66 9.68
N THR O 76 40.11 -44.62 9.32
CA THR O 76 40.54 -43.91 8.12
C THR O 76 41.26 -44.79 7.08
N ARG O 77 41.13 -46.11 7.19
CA ARG O 77 41.75 -47.02 6.21
C ARG O 77 43.27 -46.76 6.04
N THR O 78 43.99 -46.79 7.16
CA THR O 78 45.41 -46.40 7.21
C THR O 78 46.23 -47.27 8.18
N ALA O 79 47.31 -47.88 7.69
CA ALA O 79 48.18 -48.74 8.49
C ALA O 79 49.53 -48.05 8.72
N TYR O 80 49.98 -48.01 9.98
CA TYR O 80 51.19 -47.28 10.34
C TYR O 80 52.33 -48.21 10.74
N MET O 81 53.51 -47.91 10.20
CA MET O 81 54.74 -48.58 10.57
C MET O 81 55.65 -47.52 11.14
N ASP O 82 56.30 -47.81 12.24
CA ASP O 82 57.34 -46.95 12.77
C ASP O 82 58.37 -47.78 13.53
N LEU O 83 59.65 -47.51 13.27
CA LEU O 83 60.70 -48.20 14.02
C LEU O 83 61.64 -47.21 14.69
N ARG O 84 62.20 -47.68 15.80
CA ARG O 84 62.89 -46.85 16.76
C ARG O 84 64.38 -47.04 16.63
N SER O 85 65.13 -46.12 17.22
CA SER O 85 66.57 -46.24 17.28
C SER O 85 67.12 -46.70 15.93
N LEU O 86 66.64 -46.05 14.87
CA LEU O 86 67.00 -46.45 13.52
C LEU O 86 68.43 -45.99 13.19
N ARG O 87 69.22 -46.91 12.64
CA ARG O 87 70.61 -46.66 12.33
C ARG O 87 70.81 -46.72 10.81
N SER O 88 71.95 -47.23 10.34
CA SER O 88 72.30 -47.12 8.93
C SER O 88 71.76 -48.28 8.09
N GLU O 89 71.94 -49.51 8.57
CA GLU O 89 71.56 -50.67 7.76
C GLU O 89 70.04 -50.82 7.66
N ASP O 90 69.32 -49.78 8.06
CA ASP O 90 67.87 -49.69 7.85
C ASP O 90 67.53 -48.84 6.60
N THR O 91 68.57 -48.41 5.88
CA THR O 91 68.39 -47.74 4.59
C THR O 91 67.72 -48.70 3.61
N ALA O 92 66.42 -48.50 3.40
CA ALA O 92 65.64 -49.40 2.60
C ALA O 92 64.46 -48.73 1.91
N VAL O 93 63.80 -49.48 1.05
CA VAL O 93 62.52 -49.13 0.50
C VAL O 93 61.51 -49.94 1.28
N TYR O 94 60.48 -49.29 1.80
CA TYR O 94 59.51 -49.94 2.66
C TYR O 94 58.18 -50.13 1.94
N TYR O 95 58.03 -51.31 1.36
CA TYR O 95 56.81 -51.72 0.71
C TYR O 95 55.76 -52.11 1.73
N CYS O 96 54.54 -52.22 1.24
CA CYS O 96 53.33 -52.28 2.04
C CYS O 96 52.36 -53.27 1.39
N ALA O 97 52.15 -54.42 2.03
CA ALA O 97 51.46 -55.54 1.38
C ALA O 97 50.16 -56.00 2.06
N ARG O 98 49.10 -56.17 1.27
CA ARG O 98 47.85 -56.74 1.77
C ARG O 98 47.78 -58.25 1.53
N SER O 99 47.15 -58.97 2.48
CA SER O 99 46.89 -60.39 2.33
C SER O 99 45.38 -60.68 2.39
N PRO O 100 44.91 -61.67 1.61
CA PRO O 100 43.51 -62.04 1.68
C PRO O 100 43.19 -62.69 3.03
N SER O 101 44.23 -63.14 3.73
CA SER O 101 44.13 -63.53 5.13
C SER O 101 43.80 -62.33 6.04
N TYR O 102 42.87 -62.52 6.97
CA TYR O 102 42.43 -61.45 7.91
C TYR O 102 43.43 -61.11 8.97
N ILE O 103 44.32 -62.07 9.25
CA ILE O 103 45.44 -61.88 10.17
C ILE O 103 46.67 -62.40 9.46
N CYS O 104 47.83 -61.93 9.91
CA CYS O 104 49.06 -62.40 9.34
C CYS O 104 49.79 -63.25 10.33
N SER O 105 49.57 -64.57 10.25
CA SER O 105 50.02 -65.46 11.31
C SER O 105 50.12 -66.93 10.89
N GLY O 106 50.42 -67.17 9.62
CA GLY O 106 50.46 -68.53 9.08
C GLY O 106 50.53 -68.52 7.58
N GLY O 107 50.74 -69.69 7.00
CA GLY O 107 50.86 -69.83 5.54
C GLY O 107 49.74 -69.22 4.72
N THR O 108 48.60 -68.96 5.35
CA THR O 108 47.50 -68.25 4.70
C THR O 108 47.98 -66.87 4.24
N CYS O 109 48.83 -66.24 5.06
CA CYS O 109 49.28 -64.86 4.81
C CYS O 109 50.24 -64.76 3.61
N VAL O 110 49.66 -64.57 2.42
CA VAL O 110 50.43 -64.36 1.18
C VAL O 110 50.02 -62.99 0.61
N PHE O 111 50.97 -62.28 -0.02
CA PHE O 111 50.75 -60.85 -0.37
C PHE O 111 50.18 -60.56 -1.77
N ASP O 112 48.87 -60.32 -1.85
CA ASP O 112 48.24 -60.11 -3.15
C ASP O 112 48.49 -58.74 -3.78
N HIS O 113 48.58 -57.68 -2.97
CA HIS O 113 48.73 -56.31 -3.47
C HIS O 113 49.78 -55.53 -2.69
N TRP O 114 50.51 -54.65 -3.36
CA TRP O 114 51.60 -53.89 -2.75
C TRP O 114 51.46 -52.39 -3.00
N GLY O 115 51.95 -51.62 -2.04
CA GLY O 115 52.08 -50.17 -2.21
C GLY O 115 53.28 -49.83 -3.09
N GLN O 116 53.41 -48.55 -3.39
CA GLN O 116 54.36 -48.09 -4.42
C GLN O 116 55.80 -48.14 -3.96
N GLY O 117 56.02 -47.92 -2.66
CA GLY O 117 57.32 -48.05 -2.00
C GLY O 117 57.73 -46.76 -1.33
N THR O 118 57.93 -46.78 -0.01
CA THR O 118 58.45 -45.62 0.74
C THR O 118 59.96 -45.74 0.99
N LEU O 119 60.75 -44.88 0.37
CA LEU O 119 62.21 -44.92 0.54
C LEU O 119 62.64 -44.22 1.82
N VAL O 120 63.55 -44.85 2.57
CA VAL O 120 64.10 -44.26 3.77
C VAL O 120 65.63 -44.33 3.68
N THR O 121 66.27 -43.18 3.85
CA THR O 121 67.71 -43.07 3.81
C THR O 121 68.19 -42.48 5.14
N VAL O 122 69.09 -43.19 5.82
CA VAL O 122 69.64 -42.69 7.08
C VAL O 122 70.89 -41.88 6.74
N SER O 123 70.81 -40.56 6.92
CA SER O 123 71.77 -39.63 6.31
C SER O 123 73.11 -39.44 7.09
N SER O 124 73.46 -40.43 7.93
CA SER O 124 74.78 -40.48 8.60
C SER O 124 75.05 -39.33 9.59
N GLY O 125 76.23 -39.34 10.19
CA GLY O 125 76.54 -38.39 11.27
C GLY O 125 78.02 -38.38 11.63
N ILE O 139 72.51 -58.70 5.31
CA ILE O 139 71.16 -59.28 5.46
C ILE O 139 71.16 -60.80 5.15
N GLN O 140 70.34 -61.57 5.87
CA GLN O 140 70.43 -63.05 5.82
C GLN O 140 69.09 -63.79 5.66
N PRO O 141 68.82 -64.35 4.45
CA PRO O 141 67.54 -64.94 4.11
C PRO O 141 67.24 -66.29 4.74
N GLY O 142 65.96 -66.66 4.75
CA GLY O 142 65.46 -67.89 5.37
C GLY O 142 65.08 -69.05 4.44
N LEU O 143 65.00 -68.79 3.13
CA LEU O 143 64.66 -69.84 2.14
C LEU O 143 65.71 -69.87 1.04
N THR O 144 65.83 -71.03 0.39
CA THR O 144 66.85 -71.23 -0.64
C THR O 144 66.34 -71.13 -2.08
N GLN O 145 66.73 -70.05 -2.75
CA GLN O 145 66.65 -69.99 -4.20
C GLN O 145 68.06 -69.77 -4.74
N PRO O 146 68.37 -70.36 -5.90
CA PRO O 146 69.60 -70.04 -6.58
C PRO O 146 69.50 -68.62 -7.13
N PRO O 147 70.64 -67.93 -7.32
CA PRO O 147 70.57 -66.50 -7.61
C PRO O 147 70.28 -66.15 -9.06
N SER O 148 70.69 -66.99 -10.00
CA SER O 148 70.51 -66.69 -11.41
C SER O 148 70.08 -67.94 -12.14
N VAL O 149 69.13 -67.79 -13.04
CA VAL O 149 68.80 -68.85 -13.99
C VAL O 149 68.67 -68.18 -15.36
N SER O 150 69.29 -68.76 -16.39
CA SER O 150 69.28 -68.18 -17.73
C SER O 150 68.75 -69.23 -18.73
N LYS O 151 67.77 -68.85 -19.55
CA LYS O 151 67.08 -69.77 -20.46
C LYS O 151 66.69 -69.04 -21.76
N GLY O 152 66.87 -69.70 -22.91
CA GLY O 152 66.63 -69.06 -24.22
C GLY O 152 65.18 -68.73 -24.50
N LEU O 153 64.96 -67.72 -25.34
CA LEU O 153 63.60 -67.33 -25.78
C LEU O 153 62.70 -68.53 -26.13
N ARG O 154 61.43 -68.44 -25.73
CA ARG O 154 60.36 -69.37 -26.12
C ARG O 154 60.51 -70.78 -25.57
N GLN O 155 61.34 -70.93 -24.53
CA GLN O 155 61.59 -72.24 -23.95
C GLN O 155 60.68 -72.47 -22.73
N THR O 156 61.16 -73.25 -21.77
CA THR O 156 60.53 -73.42 -20.47
C THR O 156 61.59 -73.26 -19.39
N ALA O 157 61.34 -72.34 -18.44
CA ALA O 157 62.17 -72.16 -17.24
C ALA O 157 61.57 -72.88 -16.04
N THR O 158 62.43 -73.39 -15.15
CA THR O 158 62.01 -73.89 -13.82
C THR O 158 62.81 -73.21 -12.71
N LEU O 159 62.11 -72.49 -11.85
CA LEU O 159 62.72 -71.80 -10.74
C LEU O 159 62.37 -72.55 -9.47
N THR O 160 63.37 -72.82 -8.63
CA THR O 160 63.15 -73.56 -7.38
C THR O 160 63.39 -72.77 -6.10
N CYS O 161 62.67 -73.19 -5.08
CA CYS O 161 62.71 -72.61 -3.77
C CYS O 161 62.73 -73.81 -2.84
N THR O 162 63.78 -73.93 -2.04
CA THR O 162 63.86 -75.05 -1.11
C THR O 162 63.78 -74.47 0.28
N GLY O 163 63.25 -75.26 1.19
CA GLY O 163 63.17 -74.88 2.57
C GLY O 163 63.19 -76.15 3.34
N ASN O 164 62.95 -76.06 4.64
CA ASN O 164 62.81 -77.26 5.43
C ASN O 164 61.32 -77.63 5.59
N SER O 165 60.85 -77.67 6.83
CA SER O 165 59.61 -78.35 7.22
C SER O 165 58.81 -77.52 8.20
N ASN O 166 59.51 -76.67 8.95
CA ASN O 166 58.87 -75.59 9.66
C ASN O 166 58.29 -74.54 8.70
N ASN O 167 58.74 -74.52 7.45
CA ASN O 167 58.12 -73.71 6.41
C ASN O 167 57.58 -74.51 5.21
N VAL O 168 58.28 -74.56 4.07
CA VAL O 168 57.65 -75.02 2.82
C VAL O 168 56.92 -76.35 2.98
N GLY O 169 57.61 -77.31 3.60
CA GLY O 169 57.06 -78.64 3.83
C GLY O 169 55.62 -78.62 4.27
N ASN O 170 55.28 -77.65 5.13
CA ASN O 170 54.03 -77.65 5.89
C ASN O 170 53.01 -76.59 5.45
N GLN O 171 53.46 -75.33 5.41
CA GLN O 171 52.56 -74.20 5.08
C GLN O 171 52.27 -74.07 3.57
N GLY O 172 53.15 -74.60 2.72
CA GLY O 172 53.11 -74.37 1.28
C GLY O 172 54.03 -73.20 1.00
N ALA O 173 54.03 -72.69 -0.23
CA ALA O 173 54.93 -71.59 -0.60
C ALA O 173 54.41 -70.78 -1.79
N ALA O 174 54.34 -69.45 -1.65
CA ALA O 174 53.78 -68.58 -2.70
C ALA O 174 54.85 -67.80 -3.45
N TRP O 175 54.68 -67.63 -4.75
CA TRP O 175 55.64 -66.92 -5.60
C TRP O 175 55.32 -65.43 -5.92
N LEU O 176 56.35 -64.68 -6.27
CA LEU O 176 56.29 -63.23 -6.52
C LEU O 176 57.17 -62.86 -7.70
N GLN O 177 56.72 -61.92 -8.51
CA GLN O 177 57.54 -61.36 -9.58
C GLN O 177 57.91 -59.92 -9.23
N GLN O 178 59.12 -59.48 -9.59
CA GLN O 178 59.59 -58.12 -9.33
C GLN O 178 60.46 -57.59 -10.46
N HIS O 179 59.92 -56.60 -11.18
CA HIS O 179 60.66 -55.94 -12.24
C HIS O 179 61.49 -54.78 -11.69
N GLN O 180 62.73 -54.67 -12.15
CA GLN O 180 63.61 -53.58 -11.76
C GLN O 180 62.83 -52.28 -11.78
N GLY O 181 62.48 -51.78 -10.60
CA GLY O 181 61.81 -50.49 -10.45
C GLY O 181 60.36 -50.49 -9.96
N HIS O 182 59.61 -51.52 -10.30
CA HIS O 182 58.22 -51.67 -9.80
C HIS O 182 58.16 -52.52 -8.53
N PRO O 183 57.01 -52.45 -7.82
CA PRO O 183 56.76 -53.43 -6.79
C PRO O 183 56.43 -54.80 -7.40
N PRO O 184 56.44 -55.84 -6.57
CA PRO O 184 56.25 -57.20 -7.02
C PRO O 184 54.78 -57.64 -7.14
N LYS O 185 54.40 -58.22 -8.28
CA LYS O 185 53.03 -58.75 -8.48
C LYS O 185 53.02 -60.15 -7.87
N LEU O 186 51.86 -60.64 -7.45
CA LEU O 186 51.76 -62.01 -6.92
C LEU O 186 51.44 -62.98 -8.05
N LEU O 187 52.21 -64.05 -8.14
CA LEU O 187 52.09 -65.04 -9.20
C LEU O 187 51.27 -66.26 -8.78
N SER O 188 51.44 -66.72 -7.55
CA SER O 188 50.68 -67.88 -7.06
C SER O 188 50.28 -67.70 -5.61
N TYR O 189 49.14 -68.28 -5.27
CA TYR O 189 48.74 -68.36 -3.89
C TYR O 189 49.43 -69.54 -3.23
N ARG O 190 49.44 -69.51 -1.91
CA ARG O 190 49.92 -70.62 -1.09
C ARG O 190 49.54 -71.95 -1.73
N ASN O 191 48.32 -72.03 -2.23
CA ASN O 191 47.74 -73.28 -2.66
C ASN O 191 47.80 -73.51 -4.18
N ASN O 192 48.86 -73.04 -4.83
CA ASN O 192 49.09 -73.28 -6.27
C ASN O 192 48.26 -72.47 -7.23
N ASP O 193 47.15 -71.90 -6.76
CA ASP O 193 46.24 -71.22 -7.66
C ASP O 193 46.80 -69.86 -8.05
N ARG O 194 46.61 -69.49 -9.31
CA ARG O 194 47.09 -68.19 -9.80
C ARG O 194 45.99 -67.16 -9.70
N PRO O 195 46.36 -65.89 -9.46
CA PRO O 195 45.37 -64.81 -9.44
C PRO O 195 45.03 -64.27 -10.85
N SER O 196 44.29 -63.17 -10.90
CA SER O 196 43.63 -62.71 -12.12
C SER O 196 44.54 -62.40 -13.32
N GLY O 197 45.41 -61.41 -13.17
CA GLY O 197 46.22 -60.95 -14.30
C GLY O 197 47.13 -61.99 -14.96
N ILE O 198 47.38 -63.10 -14.28
CA ILE O 198 48.52 -63.97 -14.59
C ILE O 198 48.20 -64.97 -15.71
N SER O 199 49.06 -64.99 -16.75
CA SER O 199 48.85 -65.86 -17.91
C SER O 199 49.02 -67.33 -17.53
N GLU O 200 48.34 -68.20 -18.27
CA GLU O 200 48.48 -69.64 -18.05
C GLU O 200 49.92 -70.13 -18.26
N ARG O 201 50.77 -69.27 -18.85
CA ARG O 201 52.22 -69.54 -19.00
C ARG O 201 52.96 -69.83 -17.67
N PHE O 202 52.46 -69.23 -16.59
CA PHE O 202 53.04 -69.36 -15.25
C PHE O 202 52.30 -70.41 -14.45
N SER O 203 52.94 -71.55 -14.26
CA SER O 203 52.37 -72.66 -13.51
C SER O 203 53.18 -72.85 -12.23
N ALA O 204 52.53 -72.68 -11.09
CA ALA O 204 53.18 -72.94 -9.81
C ALA O 204 53.00 -74.40 -9.43
N SER O 205 53.95 -74.94 -8.66
CA SER O 205 53.77 -76.26 -8.02
C SER O 205 54.71 -76.50 -6.86
N ARG O 206 54.26 -77.31 -5.92
CA ARG O 206 55.10 -77.73 -4.80
C ARG O 206 55.15 -79.26 -4.72
N SER O 207 56.34 -79.80 -4.51
CA SER O 207 56.52 -81.20 -4.15
C SER O 207 57.35 -81.31 -2.86
N GLY O 208 56.67 -81.70 -1.76
CA GLY O 208 57.33 -81.91 -0.48
C GLY O 208 57.96 -80.65 0.13
N ASN O 209 59.28 -80.66 0.28
CA ASN O 209 59.98 -79.57 0.96
C ASN O 209 60.56 -78.54 0.02
N THR O 210 60.37 -78.73 -1.30
CA THR O 210 60.84 -77.77 -2.30
C THR O 210 59.70 -77.31 -3.18
N ALA O 211 59.66 -76.00 -3.45
CA ALA O 211 58.62 -75.41 -4.29
C ALA O 211 59.18 -74.85 -5.62
N SER O 212 58.55 -75.22 -6.73
CA SER O 212 59.04 -74.85 -8.05
C SER O 212 57.95 -74.17 -8.88
N LEU O 213 58.32 -73.06 -9.50
CA LEU O 213 57.45 -72.32 -10.42
C LEU O 213 58.03 -72.51 -11.80
N THR O 214 57.30 -73.15 -12.70
CA THR O 214 57.77 -73.32 -14.09
C THR O 214 57.01 -72.39 -15.02
N ILE O 215 57.77 -71.69 -15.85
CA ILE O 215 57.21 -70.76 -16.81
C ILE O 215 57.51 -71.28 -18.22
N THR O 216 56.46 -71.49 -19.02
CA THR O 216 56.61 -71.89 -20.42
C THR O 216 56.85 -70.67 -21.32
N GLY O 217 56.90 -70.89 -22.64
CA GLY O 217 57.01 -69.82 -23.66
C GLY O 217 57.74 -68.52 -23.33
N LEU O 218 58.99 -68.61 -22.87
CA LEU O 218 59.74 -67.45 -22.33
C LEU O 218 59.86 -66.26 -23.28
N GLN O 219 59.37 -65.12 -22.80
CA GLN O 219 59.29 -63.90 -23.58
C GLN O 219 60.13 -62.86 -22.82
N PRO O 220 60.66 -61.84 -23.52
CA PRO O 220 61.43 -60.77 -22.86
C PRO O 220 60.85 -60.19 -21.57
N GLU O 221 59.54 -60.12 -21.43
CA GLU O 221 58.89 -59.55 -20.22
C GLU O 221 59.23 -60.37 -18.97
N ASP O 222 59.16 -61.69 -19.12
CA ASP O 222 59.39 -62.63 -18.04
C ASP O 222 60.68 -62.33 -17.24
N GLU O 223 61.66 -61.68 -17.88
CA GLU O 223 62.96 -61.40 -17.24
C GLU O 223 62.87 -60.43 -16.09
N ALA O 224 62.87 -60.97 -14.87
CA ALA O 224 62.94 -60.17 -13.67
C ALA O 224 63.46 -61.02 -12.52
N ASP O 225 63.33 -60.50 -11.31
CA ASP O 225 63.72 -61.24 -10.12
C ASP O 225 62.47 -61.85 -9.51
N TYR O 226 62.56 -63.11 -9.11
CA TYR O 226 61.43 -63.85 -8.57
C TYR O 226 61.69 -64.30 -7.14
N TYR O 227 60.71 -64.07 -6.26
CA TYR O 227 60.81 -64.46 -4.86
C TYR O 227 59.72 -65.44 -4.48
N CYS O 228 60.08 -66.45 -3.69
CA CYS O 228 59.09 -67.36 -3.06
C CYS O 228 59.00 -66.96 -1.59
N SER O 229 57.94 -67.39 -0.90
CA SER O 229 57.72 -67.03 0.52
C SER O 229 56.63 -67.85 1.20
N THR O 230 56.75 -67.99 2.52
CA THR O 230 55.67 -68.53 3.37
C THR O 230 55.89 -68.14 4.81
N TRP O 231 55.24 -68.90 5.68
CA TRP O 231 55.40 -68.81 7.13
C TRP O 231 56.35 -69.88 7.68
N ASP O 232 57.19 -69.51 8.64
CA ASP O 232 57.99 -70.48 9.36
C ASP O 232 57.34 -70.70 10.74
N SER O 233 56.96 -71.94 11.04
CA SER O 233 56.44 -72.33 12.35
C SER O 233 57.38 -71.99 13.53
N SER O 234 58.68 -72.20 13.35
CA SER O 234 59.66 -72.01 14.43
C SER O 234 59.98 -70.54 14.71
N LEU O 235 59.97 -69.71 13.67
CA LEU O 235 60.32 -68.29 13.81
C LEU O 235 59.09 -67.39 14.03
N SER O 236 57.89 -67.96 13.84
CA SER O 236 56.64 -67.19 13.84
C SER O 236 56.80 -65.95 12.99
N ALA O 237 57.03 -66.19 11.71
CA ALA O 237 57.35 -65.10 10.81
C ALA O 237 57.26 -65.49 9.34
N VAL O 238 56.98 -64.49 8.51
CA VAL O 238 57.02 -64.60 7.08
C VAL O 238 58.48 -64.70 6.72
N VAL O 239 58.76 -65.46 5.68
CA VAL O 239 60.12 -65.74 5.24
C VAL O 239 60.19 -65.69 3.72
N PHE O 240 61.10 -64.89 3.18
CA PHE O 240 61.32 -64.87 1.73
C PHE O 240 62.60 -65.62 1.44
N GLY O 241 62.70 -66.05 0.18
CA GLY O 241 63.90 -66.68 -0.34
C GLY O 241 64.86 -65.64 -0.87
N GLY O 242 65.99 -66.11 -1.38
CA GLY O 242 67.03 -65.19 -1.79
C GLY O 242 66.70 -64.29 -2.95
N GLY O 243 65.71 -64.69 -3.75
CA GLY O 243 65.46 -64.07 -5.03
C GLY O 243 66.32 -64.71 -6.13
N THR O 244 65.74 -64.88 -7.32
CA THR O 244 66.44 -65.47 -8.47
C THR O 244 66.16 -64.66 -9.74
N LYS O 245 67.22 -64.03 -10.29
CA LYS O 245 67.14 -63.22 -11.51
C LYS O 245 67.19 -64.08 -12.77
N LEU O 246 66.07 -64.08 -13.48
CA LEU O 246 65.90 -64.87 -14.68
C LEU O 246 66.23 -63.98 -15.87
N THR O 247 67.14 -64.43 -16.73
CA THR O 247 67.44 -63.72 -17.98
C THR O 247 67.03 -64.62 -19.13
N VAL O 248 66.91 -64.07 -20.35
CA VAL O 248 66.34 -64.82 -21.49
C VAL O 248 67.15 -64.84 -22.84
N LEU O 249 67.62 -63.70 -23.33
CA LEU O 249 68.35 -63.69 -24.63
C LEU O 249 69.63 -64.53 -24.52
N GLN P 1 6.21 73.46 11.82
CA GLN P 1 6.68 72.04 11.76
C GLN P 1 7.84 71.90 10.77
N VAL P 2 7.94 72.86 9.86
CA VAL P 2 9.04 72.91 8.87
C VAL P 2 10.44 72.90 9.50
N GLN P 3 11.44 72.60 8.69
CA GLN P 3 12.85 72.52 9.13
C GLN P 3 13.76 72.81 7.96
N LEU P 4 14.31 74.02 7.95
CA LEU P 4 15.33 74.37 7.00
C LEU P 4 16.67 73.96 7.60
N VAL P 5 17.42 73.15 6.85
CA VAL P 5 18.76 72.79 7.24
C VAL P 5 19.69 73.20 6.12
N GLN P 6 20.61 74.11 6.44
CA GLN P 6 21.66 74.55 5.52
C GLN P 6 22.96 73.81 5.80
N SER P 7 23.91 73.97 4.89
CA SER P 7 25.11 73.14 4.85
C SER P 7 26.22 73.66 5.78
N GLY P 8 27.44 73.12 5.62
CA GLY P 8 28.57 73.41 6.51
C GLY P 8 29.08 74.85 6.50
N ALA P 9 30.00 75.15 7.41
CA ALA P 9 30.48 76.52 7.62
C ALA P 9 31.80 76.80 6.90
N GLU P 10 31.71 77.08 5.59
CA GLU P 10 32.91 77.18 4.76
C GLU P 10 33.65 78.49 4.94
N VAL P 11 34.98 78.44 4.78
CA VAL P 11 35.82 79.65 4.77
C VAL P 11 36.85 79.51 3.64
N LYS P 12 36.76 80.39 2.65
CA LYS P 12 37.53 80.25 1.40
C LYS P 12 38.35 81.50 1.05
N LYS P 13 38.93 81.49 -0.15
CA LYS P 13 39.86 82.51 -0.62
C LYS P 13 39.15 83.46 -1.59
N PRO P 14 39.70 84.68 -1.81
CA PRO P 14 39.09 85.59 -2.79
C PRO P 14 39.19 85.11 -4.26
N GLY P 15 38.18 85.45 -5.06
CA GLY P 15 38.05 84.94 -6.43
C GLY P 15 37.30 83.61 -6.52
N SER P 16 37.14 82.93 -5.38
CA SER P 16 36.53 81.60 -5.32
C SER P 16 35.01 81.65 -5.51
N SER P 17 34.36 80.51 -5.31
CA SER P 17 32.93 80.41 -5.42
C SER P 17 32.36 79.34 -4.48
N VAL P 18 31.79 79.80 -3.38
CA VAL P 18 31.06 78.92 -2.46
C VAL P 18 29.75 78.48 -3.11
N LYS P 19 29.33 77.26 -2.80
CA LYS P 19 27.96 76.81 -3.07
C LYS P 19 27.32 76.37 -1.77
N VAL P 20 26.31 77.12 -1.31
CA VAL P 20 25.55 76.75 -0.12
C VAL P 20 24.24 76.08 -0.52
N SER P 21 23.82 75.10 0.26
CA SER P 21 22.58 74.41 0.00
C SER P 21 21.72 74.55 1.24
N CYS P 22 20.43 74.76 1.03
CA CYS P 22 19.46 74.78 2.09
C CYS P 22 18.40 73.73 1.79
N THR P 23 18.32 72.68 2.61
CA THR P 23 17.40 71.57 2.35
C THR P 23 16.18 71.64 3.24
N SER P 24 15.01 71.66 2.59
CA SER P 24 13.74 71.82 3.28
C SER P 24 13.27 70.51 3.90
N SER P 25 12.54 70.64 4.99
CA SER P 25 11.96 69.50 5.71
C SER P 25 10.93 68.70 4.91
N GLU P 26 9.95 69.42 4.36
CA GLU P 26 8.63 68.85 4.08
C GLU P 26 8.25 68.66 2.60
N VAL P 27 7.31 67.75 2.40
CA VAL P 27 6.82 67.35 1.09
C VAL P 27 6.38 68.55 0.26
N THR P 28 5.66 69.47 0.90
CA THR P 28 5.11 70.64 0.24
C THR P 28 6.20 71.68 0.07
N PHE P 29 7.15 71.37 -0.81
CA PHE P 29 8.39 72.15 -0.96
C PHE P 29 8.26 73.08 -2.15
N SER P 30 8.00 72.48 -3.31
CA SER P 30 7.84 73.19 -4.58
C SER P 30 6.91 74.39 -4.52
N SER P 31 5.89 74.30 -3.67
CA SER P 31 4.86 75.34 -3.54
C SER P 31 5.28 76.63 -2.85
N PHE P 32 6.48 76.64 -2.26
CA PHE P 32 6.92 77.77 -1.46
C PHE P 32 8.28 78.31 -1.90
N ALA P 33 8.33 79.62 -2.17
CA ALA P 33 9.55 80.28 -2.66
C ALA P 33 10.62 80.31 -1.58
N ILE P 34 11.83 79.91 -1.95
CA ILE P 34 12.97 79.96 -1.04
C ILE P 34 13.87 81.12 -1.42
N SER P 35 14.28 81.88 -0.40
CA SER P 35 15.06 83.10 -0.58
C SER P 35 16.33 83.11 0.27
N TRP P 36 17.45 83.48 -0.35
CA TRP P 36 18.71 83.64 0.37
C TRP P 36 18.84 85.08 0.82
N VAL P 37 19.28 85.26 2.06
CA VAL P 37 19.38 86.59 2.66
C VAL P 37 20.53 86.61 3.65
N ARG P 38 21.58 87.37 3.33
CA ARG P 38 22.81 87.39 4.13
C ARG P 38 22.85 88.49 5.21
N GLN P 39 23.74 88.31 6.19
CA GLN P 39 23.92 89.27 7.28
C GLN P 39 25.40 89.38 7.65
N ALA P 40 26.00 90.54 7.36
CA ALA P 40 27.40 90.83 7.68
C ALA P 40 27.58 90.99 9.20
N PRO P 41 28.54 90.26 9.81
CA PRO P 41 28.62 90.14 11.28
C PRO P 41 28.74 91.47 12.04
N GLY P 42 27.63 91.91 12.62
CA GLY P 42 27.55 93.23 13.25
C GLY P 42 26.42 94.05 12.65
N GLN P 43 26.31 94.05 11.32
CA GLN P 43 25.28 94.84 10.61
C GLN P 43 23.99 94.04 10.33
N GLY P 44 23.08 94.62 9.55
CA GLY P 44 21.75 94.06 9.36
C GLY P 44 21.65 93.02 8.26
N LEU P 45 20.55 93.07 7.52
CA LEU P 45 20.20 92.03 6.54
C LEU P 45 20.19 92.56 5.11
N GLU P 46 20.42 91.66 4.16
CA GLU P 46 20.39 92.00 2.74
C GLU P 46 19.91 90.82 1.91
N TRP P 47 18.96 91.11 1.01
CA TRP P 47 18.41 90.09 0.11
C TRP P 47 19.26 89.96 -1.14
N LEU P 48 19.69 88.74 -1.42
CA LEU P 48 20.43 88.44 -2.63
C LEU P 48 19.43 88.09 -3.73
N GLY P 49 18.67 87.02 -3.48
CA GLY P 49 17.68 86.52 -4.43
C GLY P 49 16.75 85.49 -3.83
N GLY P 50 15.76 85.07 -4.63
CA GLY P 50 14.78 84.07 -4.23
C GLY P 50 14.20 83.33 -5.42
N ILE P 51 13.90 82.05 -5.25
CA ILE P 51 13.45 81.22 -6.37
C ILE P 51 12.09 80.57 -6.12
N SER P 52 11.29 80.46 -7.18
CA SER P 52 10.14 79.56 -7.18
C SER P 52 10.65 78.17 -7.50
N PRO P 53 10.55 77.24 -6.54
CA PRO P 53 11.11 75.91 -6.80
C PRO P 53 10.24 75.11 -7.76
N MET P 54 8.98 75.51 -7.89
CA MET P 54 8.09 74.87 -8.84
C MET P 54 8.42 75.26 -10.28
N PHE P 55 8.43 76.56 -10.58
CA PHE P 55 8.65 77.04 -11.96
C PHE P 55 10.11 77.32 -12.27
N GLY P 56 10.94 77.46 -11.25
CA GLY P 56 12.35 77.73 -11.43
C GLY P 56 12.68 79.17 -11.77
N THR P 57 11.69 80.05 -11.69
CA THR P 57 11.89 81.48 -11.93
C THR P 57 12.56 82.14 -10.71
N PRO P 58 13.87 82.46 -10.82
CA PRO P 58 14.57 83.13 -9.72
C PRO P 58 14.67 84.64 -9.91
N ASN P 59 14.70 85.39 -8.82
CA ASN P 59 14.88 86.84 -8.88
C ASN P 59 16.11 87.24 -8.09
N TYR P 60 16.83 88.25 -8.58
CA TYR P 60 18.03 88.76 -7.91
C TYR P 60 17.94 90.27 -7.73
N ALA P 61 18.68 90.78 -6.74
CA ALA P 61 18.86 92.23 -6.58
C ALA P 61 19.91 92.65 -7.59
N GLN P 62 19.78 93.87 -8.11
CA GLN P 62 20.73 94.35 -9.12
C GLN P 62 22.20 94.21 -8.68
N LYS P 63 22.44 94.40 -7.38
CA LYS P 63 23.78 94.28 -6.76
C LYS P 63 24.49 92.94 -6.98
N PHE P 64 23.71 91.87 -7.10
CA PHE P 64 24.27 90.53 -7.28
C PHE P 64 23.85 89.91 -8.60
N GLN P 65 23.30 90.71 -9.51
CA GLN P 65 22.56 90.19 -10.68
C GLN P 65 23.23 89.01 -11.38
N GLY P 66 24.46 89.19 -11.83
CA GLY P 66 25.20 88.13 -12.53
C GLY P 66 26.05 87.24 -11.64
N ARG P 67 26.42 87.75 -10.47
CA ARG P 67 27.39 87.08 -9.59
C ARG P 67 26.84 85.85 -8.84
N VAL P 68 25.53 85.79 -8.61
CA VAL P 68 24.92 84.67 -7.86
C VAL P 68 23.87 83.91 -8.68
N THR P 69 24.11 82.61 -8.89
CA THR P 69 23.11 81.70 -9.49
C THR P 69 22.46 80.89 -8.37
N ILE P 70 21.14 81.02 -8.21
CA ILE P 70 20.41 80.30 -7.14
C ILE P 70 19.23 79.50 -7.70
N THR P 71 19.16 78.24 -7.30
CA THR P 71 18.29 77.27 -7.95
C THR P 71 17.82 76.22 -6.97
N ALA P 72 16.85 75.41 -7.40
CA ALA P 72 16.25 74.40 -6.52
C ALA P 72 15.93 73.09 -7.23
N ASP P 73 16.60 72.02 -6.81
CA ASP P 73 16.27 70.66 -7.20
C ASP P 73 14.95 70.30 -6.52
N GLN P 74 14.05 69.61 -7.24
CA GLN P 74 12.74 69.25 -6.68
C GLN P 74 12.65 67.83 -6.12
N SER P 75 13.47 66.93 -6.64
CA SER P 75 13.53 65.52 -6.17
C SER P 75 14.11 65.40 -4.76
N THR P 76 15.09 66.24 -4.47
CA THR P 76 15.83 66.23 -3.22
C THR P 76 15.41 67.39 -2.30
N ARG P 77 14.38 68.13 -2.72
CA ARG P 77 13.84 69.26 -1.96
C ARG P 77 14.90 70.14 -1.32
N THR P 78 15.88 70.55 -2.14
CA THR P 78 17.00 71.38 -1.67
C THR P 78 17.25 72.60 -2.58
N ALA P 79 17.32 73.77 -1.95
CA ALA P 79 17.55 75.03 -2.65
C ALA P 79 19.03 75.41 -2.62
N TYR P 80 19.60 75.69 -3.79
CA TYR P 80 21.03 75.95 -3.96
C TYR P 80 21.32 77.43 -4.18
N MET P 81 22.42 77.92 -3.60
CA MET P 81 22.94 79.26 -3.93
C MET P 81 24.45 79.25 -4.21
N ASP P 82 24.81 79.63 -5.44
CA ASP P 82 26.18 79.58 -5.96
C ASP P 82 26.72 81.00 -6.18
N LEU P 83 27.42 81.54 -5.18
CA LEU P 83 28.00 82.89 -5.26
C LEU P 83 29.39 82.86 -5.92
N ARG P 84 29.67 83.86 -6.77
CA ARG P 84 30.94 83.95 -7.47
C ARG P 84 31.62 85.30 -7.15
N SER P 85 32.96 85.30 -7.24
CA SER P 85 33.78 86.51 -7.04
C SER P 85 33.64 87.10 -5.63
N LEU P 86 33.89 86.27 -4.61
CA LEU P 86 33.60 86.65 -3.22
C LEU P 86 34.80 87.26 -2.49
N ARG P 87 34.72 88.55 -2.19
CA ARG P 87 35.79 89.29 -1.48
C ARG P 87 35.50 89.33 0.02
N SER P 88 36.18 90.23 0.73
CA SER P 88 35.96 90.43 2.15
C SER P 88 34.59 91.05 2.47
N GLU P 89 34.04 91.81 1.53
CA GLU P 89 32.68 92.34 1.73
C GLU P 89 31.68 91.20 1.85
N ASP P 90 31.81 90.20 0.98
CA ASP P 90 30.85 89.10 0.90
C ASP P 90 30.93 88.13 2.08
N THR P 91 31.79 88.38 3.05
CA THR P 91 31.82 87.57 4.28
C THR P 91 30.56 87.81 5.12
N ALA P 92 29.81 86.73 5.37
CA ALA P 92 28.59 86.82 6.17
C ALA P 92 28.04 85.44 6.62
N VAL P 93 27.04 85.48 7.50
CA VAL P 93 26.16 84.33 7.75
C VAL P 93 25.02 84.39 6.73
N TYR P 94 24.81 83.30 6.01
CA TYR P 94 23.92 83.27 4.86
C TYR P 94 22.73 82.32 5.07
N TYR P 95 21.57 82.88 5.43
CA TYR P 95 20.35 82.09 5.61
C TYR P 95 19.61 81.87 4.31
N CYS P 96 18.84 80.79 4.28
CA CYS P 96 17.76 80.62 3.32
C CYS P 96 16.48 80.90 4.11
N ALA P 97 15.42 81.36 3.43
CA ALA P 97 14.20 81.78 4.13
C ALA P 97 12.95 81.48 3.32
N ARG P 98 12.00 80.74 3.92
CA ARG P 98 10.78 80.33 3.23
C ARG P 98 9.76 81.45 3.14
N SER P 99 9.09 81.51 1.99
CA SER P 99 8.09 82.52 1.69
C SER P 99 6.73 81.84 1.55
N PRO P 100 5.72 82.25 2.35
CA PRO P 100 4.38 81.65 2.21
C PRO P 100 3.73 81.75 0.81
N SER P 101 4.21 82.67 -0.04
CA SER P 101 3.86 82.69 -1.47
C SER P 101 4.86 81.85 -2.32
N TYR P 102 4.56 81.71 -3.62
CA TYR P 102 5.17 80.64 -4.44
C TYR P 102 6.40 81.08 -5.22
N ILE P 103 6.43 82.34 -5.63
CA ILE P 103 7.61 82.94 -6.25
C ILE P 103 7.88 84.19 -5.45
N CYS P 104 9.16 84.55 -5.30
CA CYS P 104 9.48 85.82 -4.66
C CYS P 104 9.57 86.96 -5.68
N SER P 105 8.44 87.64 -5.89
CA SER P 105 8.36 88.70 -6.90
C SER P 105 7.17 89.63 -6.62
N GLY P 106 7.07 90.08 -5.37
CA GLY P 106 5.98 90.93 -4.95
C GLY P 106 6.03 91.19 -3.47
N GLY P 107 5.26 92.17 -3.01
CA GLY P 107 5.20 92.55 -1.59
C GLY P 107 4.78 91.43 -0.69
N THR P 108 3.99 90.50 -1.24
CA THR P 108 3.59 89.29 -0.55
C THR P 108 4.80 88.46 -0.09
N CYS P 109 5.92 88.56 -0.80
CA CYS P 109 7.15 87.87 -0.40
C CYS P 109 7.67 88.36 0.97
N VAL P 110 7.14 87.77 2.04
CA VAL P 110 7.68 87.96 3.38
C VAL P 110 8.23 86.62 3.86
N PHE P 111 8.90 86.62 5.00
CA PHE P 111 9.69 85.46 5.41
C PHE P 111 9.23 84.94 6.78
N ASP P 112 8.66 83.74 6.79
CA ASP P 112 8.05 83.15 7.98
C ASP P 112 8.90 82.06 8.66
N HIS P 113 9.63 81.31 7.85
CA HIS P 113 10.52 80.25 8.34
C HIS P 113 11.95 80.47 7.81
N TRP P 114 12.94 80.08 8.60
CA TRP P 114 14.34 80.45 8.37
C TRP P 114 15.30 79.32 8.74
N GLY P 115 16.41 79.22 8.03
CA GLY P 115 17.42 78.19 8.31
C GLY P 115 18.34 78.61 9.43
N GLN P 116 19.14 77.66 9.93
CA GLN P 116 20.00 77.89 11.10
C GLN P 116 21.10 78.91 10.84
N GLY P 117 21.58 78.96 9.59
CA GLY P 117 22.55 79.99 9.18
C GLY P 117 23.93 79.44 8.97
N THR P 118 24.49 79.69 7.79
CA THR P 118 25.82 79.19 7.39
C THR P 118 26.81 80.35 7.34
N LEU P 119 27.91 80.26 8.10
CA LEU P 119 28.93 81.31 8.10
C LEU P 119 29.97 81.05 6.99
N VAL P 120 30.08 81.99 6.05
CA VAL P 120 31.04 81.90 4.94
C VAL P 120 32.04 83.06 4.98
N THR P 121 33.26 82.78 5.46
CA THR P 121 34.31 83.79 5.70
C THR P 121 35.42 83.71 4.65
N VAL P 122 35.88 84.87 4.17
CA VAL P 122 36.94 84.90 3.16
C VAL P 122 38.31 85.18 3.78
N ILE P 139 27.81 98.99 4.54
CA ILE P 139 26.37 98.73 4.65
C ILE P 139 25.53 99.82 3.98
N GLN P 140 24.29 99.47 3.61
CA GLN P 140 23.41 100.40 2.92
C GLN P 140 21.93 100.03 3.08
N PRO P 141 21.28 100.45 4.18
CA PRO P 141 19.85 100.18 4.40
C PRO P 141 18.92 100.84 3.36
N GLY P 142 17.79 100.19 3.09
CA GLY P 142 16.82 100.67 2.09
C GLY P 142 15.57 101.32 2.67
N LEU P 143 15.30 101.08 3.94
CA LEU P 143 14.19 101.72 4.66
C LEU P 143 14.67 102.33 5.99
N THR P 144 13.86 103.23 6.55
CA THR P 144 14.27 104.09 7.68
C THR P 144 13.78 103.62 9.06
N GLN P 145 14.66 102.96 9.81
CA GLN P 145 14.38 102.56 11.19
C GLN P 145 15.27 103.34 12.16
N PRO P 146 14.67 104.01 13.17
CA PRO P 146 15.48 104.55 14.27
C PRO P 146 16.35 103.49 14.96
N PRO P 147 17.63 103.81 15.24
CA PRO P 147 18.61 102.78 15.61
C PRO P 147 18.57 102.25 17.06
N SER P 148 17.91 102.97 17.97
CA SER P 148 17.83 102.54 19.37
C SER P 148 16.46 102.83 19.96
N VAL P 149 15.96 101.90 20.77
CA VAL P 149 14.66 102.02 21.40
C VAL P 149 14.72 101.44 22.81
N SER P 150 14.58 102.31 23.82
CA SER P 150 14.64 101.90 25.24
C SER P 150 13.43 102.41 26.03
N LYS P 151 12.71 101.49 26.67
CA LYS P 151 11.58 101.84 27.54
C LYS P 151 11.53 100.92 28.77
N GLY P 152 10.68 101.28 29.71
CA GLY P 152 10.62 100.60 31.01
C GLY P 152 10.00 99.22 31.00
N LEU P 153 10.37 98.43 32.00
CA LEU P 153 9.82 97.09 32.23
C LEU P 153 8.30 97.16 32.39
N ARG P 154 7.58 96.48 31.50
CA ARG P 154 6.09 96.43 31.52
C ARG P 154 5.43 97.75 31.07
N GLN P 155 6.12 98.46 30.18
CA GLN P 155 5.54 99.60 29.45
C GLN P 155 4.92 99.07 28.15
N THR P 156 4.83 99.92 27.13
CA THR P 156 4.33 99.52 25.81
C THR P 156 5.13 100.21 24.68
N ALA P 157 5.95 99.44 23.96
CA ALA P 157 6.88 99.98 22.95
C ALA P 157 6.28 100.05 21.54
N THR P 158 6.69 101.05 20.77
CA THR P 158 6.10 101.33 19.43
C THR P 158 7.18 101.56 18.35
N LEU P 159 7.64 100.48 17.72
CA LEU P 159 8.73 100.57 16.74
C LEU P 159 8.25 100.96 15.32
N THR P 160 9.05 101.78 14.65
CA THR P 160 8.65 102.50 13.43
C THR P 160 9.57 102.22 12.23
N CYS P 161 8.93 102.00 11.07
CA CYS P 161 9.61 101.82 9.80
C CYS P 161 9.06 102.88 8.84
N THR P 162 9.93 103.45 7.99
CA THR P 162 9.48 104.42 6.97
C THR P 162 10.21 104.28 5.64
N GLY P 163 9.44 103.86 4.63
CA GLY P 163 9.86 103.86 3.24
C GLY P 163 9.07 104.88 2.45
N ASN P 164 8.65 104.51 1.24
CA ASN P 164 8.02 105.45 0.34
C ASN P 164 6.95 104.83 -0.57
N SER P 165 6.47 105.64 -1.52
CA SER P 165 5.52 105.24 -2.56
C SER P 165 5.63 103.79 -3.06
N ASN P 166 6.86 103.39 -3.40
CA ASN P 166 7.14 102.13 -4.12
C ASN P 166 7.23 100.85 -3.28
N ASN P 167 7.60 100.96 -2.01
CA ASN P 167 7.79 99.77 -1.16
C ASN P 167 6.69 99.62 -0.12
N VAL P 168 6.79 100.37 0.99
CA VAL P 168 5.80 100.32 2.05
C VAL P 168 4.50 100.98 1.58
N GLY P 169 4.66 102.01 0.73
CA GLY P 169 3.55 102.85 0.26
C GLY P 169 2.43 102.13 -0.46
N ASN P 170 2.76 101.12 -1.25
CA ASN P 170 1.74 100.34 -1.97
C ASN P 170 1.59 98.93 -1.42
N GLN P 171 2.71 98.23 -1.24
CA GLN P 171 2.70 96.86 -0.76
C GLN P 171 2.43 96.81 0.74
N GLY P 172 3.32 97.41 1.52
CA GLY P 172 3.24 97.35 2.99
C GLY P 172 4.34 96.49 3.56
N ALA P 173 4.52 96.55 4.88
CA ALA P 173 5.68 95.95 5.56
C ALA P 173 5.34 94.79 6.50
N ALA P 174 6.33 93.93 6.75
CA ALA P 174 6.20 92.79 7.67
C ALA P 174 7.41 92.73 8.61
N TRP P 175 7.15 92.43 9.88
CA TRP P 175 8.16 92.62 10.92
C TRP P 175 8.86 91.33 11.33
N LEU P 176 10.14 91.45 11.69
CA LEU P 176 10.98 90.30 12.05
C LEU P 176 11.76 90.54 13.33
N GLN P 177 11.55 89.67 14.31
CA GLN P 177 12.36 89.66 15.53
C GLN P 177 13.68 88.97 15.20
N GLN P 178 14.72 89.29 15.97
CA GLN P 178 15.97 88.51 15.97
C GLN P 178 16.59 88.61 17.36
N HIS P 179 17.25 87.53 17.80
CA HIS P 179 18.03 87.56 19.05
C HIS P 179 19.48 87.19 18.78
N GLN P 180 20.37 87.73 19.60
CA GLN P 180 21.82 87.53 19.42
C GLN P 180 22.14 86.05 19.56
N GLY P 181 22.53 85.43 18.46
CA GLY P 181 22.87 84.00 18.43
C GLY P 181 21.94 83.20 17.53
N HIS P 182 20.65 83.52 17.58
CA HIS P 182 19.63 82.80 16.81
C HIS P 182 19.19 83.60 15.58
N PRO P 183 18.76 82.91 14.51
CA PRO P 183 18.24 83.57 13.30
C PRO P 183 16.92 84.34 13.54
N PRO P 184 16.40 85.02 12.50
CA PRO P 184 15.18 85.81 12.69
C PRO P 184 13.92 84.98 12.56
N LYS P 185 12.83 85.49 13.14
CA LYS P 185 11.52 84.82 13.04
C LYS P 185 10.41 85.84 12.87
N LEU P 186 9.36 85.43 12.17
CA LEU P 186 8.33 86.34 11.73
C LEU P 186 7.35 86.69 12.84
N LEU P 187 7.00 87.97 12.90
CA LEU P 187 6.06 88.49 13.89
C LEU P 187 4.69 88.75 13.26
N SER P 188 4.68 89.46 12.13
CA SER P 188 3.44 89.75 11.40
C SER P 188 3.63 89.66 9.89
N TYR P 189 2.60 89.18 9.19
CA TYR P 189 2.58 89.14 7.72
C TYR P 189 2.49 90.56 7.14
N ARG P 190 2.35 90.67 5.83
CA ARG P 190 2.13 91.96 5.17
C ARG P 190 0.74 92.53 5.48
N ASN P 191 -0.23 91.67 5.80
CA ASN P 191 -1.55 92.11 6.27
C ASN P 191 -1.62 92.27 7.80
N ASN P 192 -0.44 92.39 8.43
CA ASN P 192 -0.31 92.50 9.89
C ASN P 192 -1.18 91.52 10.71
N ASP P 193 -1.34 90.30 10.18
CA ASP P 193 -1.95 89.21 10.92
C ASP P 193 -0.84 88.29 11.40
N ARG P 194 -0.77 88.05 12.70
CA ARG P 194 0.32 87.27 13.28
C ARG P 194 0.20 85.78 12.95
N PRO P 195 1.34 85.07 12.81
CA PRO P 195 1.34 83.61 12.84
C PRO P 195 0.98 83.03 14.21
N SER P 196 0.69 81.73 14.25
CA SER P 196 0.15 81.08 15.44
C SER P 196 1.01 81.20 16.70
N GLY P 197 2.33 81.10 16.52
CA GLY P 197 3.25 81.07 17.66
C GLY P 197 3.43 82.38 18.41
N ILE P 198 3.22 83.49 17.71
CA ILE P 198 3.47 84.83 18.27
C ILE P 198 2.39 85.19 19.29
N SER P 199 2.78 85.81 20.40
CA SER P 199 1.80 86.25 21.40
C SER P 199 1.05 87.48 20.91
N GLU P 200 -0.10 87.75 21.54
CA GLU P 200 -1.06 88.74 21.05
C GLU P 200 -0.64 90.21 21.24
N ARG P 201 0.24 90.45 22.21
CA ARG P 201 0.71 91.82 22.53
C ARG P 201 1.50 92.44 21.37
N PHE P 202 1.99 91.57 20.48
CA PHE P 202 2.73 91.96 19.30
C PHE P 202 1.77 92.13 18.12
N SER P 203 1.13 93.29 18.02
CA SER P 203 0.19 93.55 16.93
C SER P 203 0.70 94.70 16.05
N ALA P 204 1.00 94.40 14.80
CA ALA P 204 1.54 95.39 13.85
C ALA P 204 0.43 96.14 13.14
N SER P 205 0.74 97.34 12.67
CA SER P 205 -0.21 98.13 11.88
C SER P 205 0.54 98.87 10.78
N ARG P 206 -0.13 99.82 10.14
CA ARG P 206 0.49 100.64 9.11
C ARG P 206 -0.24 101.98 9.01
N SER P 207 0.43 103.00 8.46
CA SER P 207 -0.13 104.35 8.37
C SER P 207 0.24 105.05 7.07
N GLY P 208 0.16 104.32 5.95
CA GLY P 208 0.54 104.88 4.64
C GLY P 208 1.96 104.53 4.24
N ASN P 209 2.90 105.43 4.54
CA ASN P 209 4.33 105.21 4.24
C ASN P 209 5.14 104.87 5.49
N THR P 210 4.46 104.74 6.64
CA THR P 210 5.15 104.51 7.90
C THR P 210 4.44 103.44 8.74
N ALA P 211 5.11 102.29 8.89
CA ALA P 211 4.54 101.10 9.56
C ALA P 211 4.89 101.06 11.04
N SER P 212 3.88 100.83 11.88
CA SER P 212 4.04 100.84 13.34
C SER P 212 3.80 99.46 13.93
N LEU P 213 4.85 98.88 14.50
CA LEU P 213 4.71 97.65 15.27
C LEU P 213 4.56 98.06 16.73
N THR P 214 3.62 97.43 17.43
CA THR P 214 3.31 97.79 18.82
C THR P 214 3.41 96.57 19.73
N ILE P 215 4.38 96.60 20.63
CA ILE P 215 4.53 95.58 21.66
C ILE P 215 4.07 96.13 23.01
N THR P 216 3.03 95.53 23.57
CA THR P 216 2.50 95.96 24.85
C THR P 216 3.03 95.06 25.96
N GLY P 217 3.20 95.63 27.15
CA GLY P 217 3.68 94.86 28.31
C GLY P 217 5.07 94.29 28.10
N LEU P 218 6.05 95.17 27.90
CA LEU P 218 7.43 94.76 27.67
C LEU P 218 7.94 93.84 28.78
N GLN P 219 8.71 92.82 28.39
CA GLN P 219 9.30 91.85 29.32
C GLN P 219 10.77 91.58 28.92
N PRO P 220 11.58 90.95 29.81
CA PRO P 220 13.02 90.80 29.50
C PRO P 220 13.32 90.01 28.22
N GLU P 221 12.42 89.09 27.88
CA GLU P 221 12.53 88.28 26.67
C GLU P 221 12.56 89.13 25.39
N ASP P 222 11.82 90.24 25.39
CA ASP P 222 11.61 91.06 24.19
C ASP P 222 12.87 91.71 23.62
N GLU P 223 13.74 92.22 24.48
CA GLU P 223 14.84 93.02 23.98
C GLU P 223 15.69 92.24 22.97
N ALA P 224 15.58 92.70 21.73
CA ALA P 224 16.27 92.08 20.60
C ALA P 224 16.20 93.04 19.40
N ASP P 225 16.80 92.65 18.28
CA ASP P 225 16.77 93.45 17.04
C ASP P 225 15.40 93.32 16.43
N TYR P 226 14.96 94.34 15.68
CA TYR P 226 13.66 94.28 15.01
C TYR P 226 13.70 94.90 13.61
N TYR P 227 13.45 94.07 12.61
CA TYR P 227 13.50 94.50 11.22
C TYR P 227 12.12 94.48 10.55
N CYS P 228 11.82 95.54 9.82
CA CYS P 228 10.72 95.58 8.87
C CYS P 228 11.27 95.20 7.50
N SER P 229 10.38 94.88 6.56
CA SER P 229 10.79 94.41 5.24
C SER P 229 9.69 94.57 4.19
N THR P 230 10.09 94.71 2.92
CA THR P 230 9.14 94.91 1.83
C THR P 230 9.76 94.66 0.46
N TRP P 231 8.90 94.39 -0.51
CA TRP P 231 9.27 94.43 -1.92
C TRP P 231 9.28 95.87 -2.37
N ASP P 232 10.42 96.31 -2.91
CA ASP P 232 10.57 97.65 -3.47
C ASP P 232 10.45 97.54 -5.00
N SER P 233 9.37 98.08 -5.56
CA SER P 233 9.04 97.84 -6.98
C SER P 233 9.77 98.76 -7.97
N SER P 234 10.72 99.55 -7.48
CA SER P 234 11.59 100.39 -8.32
C SER P 234 13.03 99.87 -8.38
N LEU P 235 13.31 98.81 -7.62
CA LEU P 235 14.55 98.04 -7.75
C LEU P 235 14.30 96.52 -7.86
N SER P 236 13.03 96.10 -7.89
CA SER P 236 12.61 94.68 -7.92
C SER P 236 13.28 93.81 -6.85
N ALA P 237 13.44 94.36 -5.64
CA ALA P 237 14.12 93.66 -4.57
C ALA P 237 13.48 93.89 -3.21
N VAL P 238 13.82 93.02 -2.27
CA VAL P 238 13.34 93.15 -0.90
C VAL P 238 14.30 94.07 -0.19
N VAL P 239 13.76 95.15 0.35
CA VAL P 239 14.51 96.05 1.20
C VAL P 239 14.21 95.69 2.64
N PHE P 240 15.10 96.07 3.55
CA PHE P 240 14.85 95.95 4.99
C PHE P 240 15.08 97.30 5.67
N GLY P 241 14.83 97.35 6.97
CA GLY P 241 15.32 98.45 7.79
C GLY P 241 16.72 98.09 8.22
N GLY P 242 17.50 99.10 8.66
CA GLY P 242 18.85 98.86 9.17
C GLY P 242 18.88 98.09 10.49
N GLY P 243 17.83 98.28 11.29
CA GLY P 243 17.70 97.65 12.60
C GLY P 243 17.01 98.57 13.60
N THR P 244 16.60 98.03 14.74
CA THR P 244 16.09 98.84 15.84
C THR P 244 16.13 98.04 17.15
N LYS P 245 17.33 97.95 17.74
CA LYS P 245 17.55 97.17 18.95
C LYS P 245 16.62 97.66 20.05
N LEU P 246 15.88 96.74 20.67
CA LEU P 246 15.02 97.05 21.81
C LEU P 246 15.81 96.83 23.11
N THR P 247 15.54 97.64 24.13
CA THR P 247 16.14 97.48 25.46
C THR P 247 15.07 97.63 26.55
N VAL P 248 14.96 96.63 27.42
CA VAL P 248 13.99 96.67 28.54
C VAL P 248 14.65 97.25 29.80
N LEU P 249 13.98 98.24 30.39
CA LEU P 249 14.56 99.07 31.44
C LEU P 249 13.91 98.75 32.78
N GLN Q 1 -38.47 55.47 9.85
CA GLN Q 1 -39.33 56.68 9.70
C GLN Q 1 -38.95 57.75 10.73
N VAL Q 2 -39.77 58.78 10.84
CA VAL Q 2 -39.52 59.86 11.78
C VAL Q 2 -40.55 59.83 12.90
N GLN Q 3 -40.20 60.36 14.07
CA GLN Q 3 -41.10 60.38 15.23
C GLN Q 3 -41.05 61.72 15.98
N LEU Q 4 -42.23 62.29 16.22
CA LEU Q 4 -42.36 63.57 16.92
C LEU Q 4 -43.05 63.39 18.27
N VAL Q 5 -42.28 63.48 19.33
CA VAL Q 5 -42.81 63.27 20.67
C VAL Q 5 -43.02 64.62 21.36
N GLN Q 6 -44.27 64.90 21.69
CA GLN Q 6 -44.64 66.16 22.33
C GLN Q 6 -44.54 66.07 23.85
N SER Q 7 -44.77 67.21 24.51
CA SER Q 7 -44.58 67.37 25.96
C SER Q 7 -45.71 66.72 26.77
N GLY Q 8 -45.73 66.96 28.08
CA GLY Q 8 -46.85 66.57 28.94
C GLY Q 8 -48.10 67.41 28.70
N ALA Q 9 -49.22 67.00 29.27
CA ALA Q 9 -50.51 67.65 29.01
C ALA Q 9 -50.90 68.63 30.13
N GLU Q 10 -50.61 69.91 29.92
CA GLU Q 10 -50.78 70.91 30.98
C GLU Q 10 -52.22 71.39 31.10
N VAL Q 11 -52.68 71.57 32.34
CA VAL Q 11 -53.97 72.19 32.63
C VAL Q 11 -53.68 73.55 33.29
N LYS Q 12 -54.13 74.64 32.64
CA LYS Q 12 -53.72 76.00 33.03
C LYS Q 12 -54.89 76.92 33.39
N LYS Q 13 -54.60 77.92 34.22
CA LYS Q 13 -55.57 78.92 34.61
C LYS Q 13 -55.69 79.98 33.51
N PRO Q 14 -56.92 80.42 33.20
CA PRO Q 14 -57.12 81.52 32.26
C PRO Q 14 -56.15 82.67 32.49
N GLY Q 15 -55.56 83.17 31.40
CA GLY Q 15 -54.54 84.22 31.47
C GLY Q 15 -53.13 83.69 31.29
N SER Q 16 -52.75 82.73 32.13
CA SER Q 16 -51.38 82.21 32.20
C SER Q 16 -50.85 81.68 30.87
N SER Q 17 -49.53 81.73 30.70
CA SER Q 17 -48.89 81.25 29.46
C SER Q 17 -48.52 79.77 29.57
N VAL Q 18 -48.56 79.07 28.44
CA VAL Q 18 -48.18 77.65 28.37
C VAL Q 18 -47.10 77.45 27.32
N LYS Q 19 -46.04 76.71 27.67
CA LYS Q 19 -45.01 76.35 26.69
C LYS Q 19 -44.95 74.84 26.45
N VAL Q 20 -45.71 74.41 25.46
CA VAL Q 20 -45.64 73.04 24.93
C VAL Q 20 -44.52 72.96 23.88
N SER Q 21 -43.99 71.76 23.69
CA SER Q 21 -42.93 71.53 22.72
C SER Q 21 -43.10 70.17 22.06
N CYS Q 22 -42.25 69.90 21.08
CA CYS Q 22 -42.12 68.53 20.57
C CYS Q 22 -40.74 68.30 19.97
N THR Q 23 -40.26 67.07 20.11
CA THR Q 23 -38.90 66.70 19.74
C THR Q 23 -38.88 65.68 18.62
N SER Q 24 -37.94 65.88 17.70
CA SER Q 24 -37.84 65.10 16.49
C SER Q 24 -36.93 63.88 16.73
N SER Q 25 -37.31 62.73 16.17
CA SER Q 25 -36.45 61.54 16.20
C SER Q 25 -35.30 61.68 15.21
N GLU Q 26 -35.66 62.13 14.01
CA GLU Q 26 -34.76 62.25 12.86
C GLU Q 26 -33.65 63.28 13.06
N VAL Q 27 -32.57 63.11 12.31
CA VAL Q 27 -31.38 63.96 12.41
C VAL Q 27 -31.37 65.07 11.34
N THR Q 28 -32.03 64.84 10.21
CA THR Q 28 -32.13 65.85 9.15
C THR Q 28 -33.25 66.82 9.49
N PHE Q 29 -33.18 67.38 10.70
CA PHE Q 29 -34.30 68.08 11.32
C PHE Q 29 -34.44 69.52 10.86
N SER Q 30 -33.31 70.15 10.53
CA SER Q 30 -33.31 71.55 10.12
C SER Q 30 -34.13 71.82 8.87
N SER Q 31 -34.17 70.84 7.97
CA SER Q 31 -34.64 71.05 6.62
C SER Q 31 -36.17 70.96 6.43
N PHE Q 32 -36.91 70.77 7.53
CA PHE Q 32 -38.34 70.50 7.44
C PHE Q 32 -39.16 71.36 8.40
N ALA Q 33 -40.00 72.24 7.84
CA ALA Q 33 -40.75 73.22 8.62
C ALA Q 33 -41.74 72.55 9.53
N ILE Q 34 -41.55 72.73 10.84
CA ILE Q 34 -42.50 72.23 11.83
C ILE Q 34 -43.62 73.26 12.00
N SER Q 35 -44.84 72.74 12.06
CA SER Q 35 -46.03 73.57 12.25
C SER Q 35 -46.83 73.05 13.42
N TRP Q 36 -47.61 73.93 14.03
CA TRP Q 36 -48.57 73.53 15.04
C TRP Q 36 -49.96 73.70 14.49
N VAL Q 37 -50.82 72.75 14.85
CA VAL Q 37 -52.22 72.80 14.49
C VAL Q 37 -52.97 72.33 15.73
N ARG Q 38 -54.07 73.00 16.07
CA ARG Q 38 -54.87 72.61 17.24
C ARG Q 38 -56.27 72.17 16.85
N GLN Q 39 -56.90 71.40 17.75
CA GLN Q 39 -58.25 70.90 17.51
C GLN Q 39 -59.09 70.98 18.79
N ALA Q 40 -60.13 71.80 18.75
CA ALA Q 40 -61.06 71.93 19.88
C ALA Q 40 -62.01 70.71 19.93
N PRO Q 41 -62.26 70.14 21.13
CA PRO Q 41 -63.03 68.90 21.30
C PRO Q 41 -64.37 68.91 20.55
N GLY Q 42 -64.54 67.93 19.67
CA GLY Q 42 -65.63 67.94 18.70
C GLY Q 42 -65.16 68.33 17.31
N GLN Q 43 -64.83 69.61 17.12
CA GLN Q 43 -64.73 70.19 15.78
C GLN Q 43 -63.36 69.97 15.11
N GLY Q 44 -63.16 70.67 14.00
CA GLY Q 44 -62.02 70.46 13.13
C GLY Q 44 -60.75 71.20 13.48
N LEU Q 45 -59.82 71.17 12.53
CA LEU Q 45 -58.45 71.59 12.76
C LEU Q 45 -58.25 73.07 12.40
N GLU Q 46 -57.22 73.66 13.00
CA GLU Q 46 -56.89 75.08 12.79
C GLU Q 46 -55.41 75.34 13.04
N TRP Q 47 -54.76 76.00 12.07
CA TRP Q 47 -53.31 76.20 12.06
C TRP Q 47 -52.90 77.46 12.80
N LEU Q 48 -52.10 77.30 13.84
CA LEU Q 48 -51.59 78.43 14.62
C LEU Q 48 -50.42 79.12 13.91
N GLY Q 49 -49.29 78.41 13.81
CA GLY Q 49 -48.12 78.95 13.14
C GLY Q 49 -47.07 77.89 12.84
N GLY Q 50 -46.25 78.18 11.83
CA GLY Q 50 -45.16 77.30 11.41
C GLY Q 50 -43.81 78.00 11.40
N ILE Q 51 -42.75 77.24 11.60
CA ILE Q 51 -41.39 77.78 11.68
C ILE Q 51 -40.48 77.00 10.73
N SER Q 52 -39.46 77.68 10.18
CA SER Q 52 -38.41 77.01 9.42
C SER Q 52 -37.21 76.79 10.32
N PRO Q 53 -36.95 75.52 10.70
CA PRO Q 53 -35.85 75.29 11.63
C PRO Q 53 -34.47 75.60 11.06
N MET Q 54 -34.37 75.76 9.75
CA MET Q 54 -33.11 76.10 9.10
C MET Q 54 -32.66 77.53 9.42
N PHE Q 55 -33.58 78.47 9.21
CA PHE Q 55 -33.28 79.90 9.32
C PHE Q 55 -33.83 80.53 10.58
N GLY Q 56 -35.00 80.06 11.01
CA GLY Q 56 -35.63 80.54 12.23
C GLY Q 56 -36.74 81.54 12.00
N THR Q 57 -37.12 81.74 10.73
CA THR Q 57 -38.26 82.60 10.39
C THR Q 57 -39.56 81.85 10.67
N PRO Q 58 -40.38 82.35 11.63
CA PRO Q 58 -41.71 81.78 11.84
C PRO Q 58 -42.73 82.41 10.93
N ASN Q 59 -43.98 81.96 11.05
CA ASN Q 59 -45.13 82.73 10.56
C ASN Q 59 -46.44 82.20 11.17
N TYR Q 60 -47.27 83.14 11.63
CA TYR Q 60 -48.49 82.83 12.36
C TYR Q 60 -49.67 83.45 11.64
N ALA Q 61 -50.87 82.93 11.93
CA ALA Q 61 -52.10 83.52 11.41
C ALA Q 61 -52.40 84.81 12.16
N GLN Q 62 -53.13 85.71 11.52
CA GLN Q 62 -53.47 86.99 12.13
C GLN Q 62 -54.28 86.84 13.44
N LYS Q 63 -54.97 85.70 13.61
CA LYS Q 63 -55.73 85.42 14.86
C LYS Q 63 -54.81 85.33 16.08
N PHE Q 64 -53.63 84.76 15.91
CA PHE Q 64 -52.69 84.59 17.00
C PHE Q 64 -51.51 85.51 16.83
N GLN Q 65 -51.65 86.49 15.94
CA GLN Q 65 -50.52 87.27 15.45
C GLN Q 65 -49.52 87.54 16.58
N GLY Q 66 -50.02 88.08 17.68
CA GLY Q 66 -49.16 88.57 18.75
C GLY Q 66 -49.32 87.92 20.10
N ARG Q 67 -50.14 86.87 20.15
CA ARG Q 67 -50.33 86.11 21.39
C ARG Q 67 -49.42 84.87 21.49
N VAL Q 68 -49.02 84.31 20.34
CA VAL Q 68 -48.16 83.11 20.32
C VAL Q 68 -46.76 83.39 19.78
N THR Q 69 -45.75 82.78 20.41
CA THR Q 69 -44.36 82.91 19.98
C THR Q 69 -43.78 81.52 19.88
N ILE Q 70 -43.56 81.07 18.65
CA ILE Q 70 -43.16 79.69 18.37
C ILE Q 70 -41.82 79.67 17.65
N THR Q 71 -40.84 79.00 18.24
CA THR Q 71 -39.53 78.87 17.63
C THR Q 71 -38.99 77.48 17.81
N ALA Q 72 -37.99 77.15 17.01
CA ALA Q 72 -37.29 75.88 17.07
C ALA Q 72 -35.89 76.10 17.62
N ASP Q 73 -35.29 75.00 18.07
CA ASP Q 73 -33.92 74.99 18.57
C ASP Q 73 -33.15 73.96 17.78
N GLN Q 74 -31.99 74.38 17.26
CA GLN Q 74 -31.21 73.56 16.33
C GLN Q 74 -30.60 72.33 17.03
N SER Q 75 -29.80 72.59 18.06
CA SER Q 75 -28.96 71.55 18.68
C SER Q 75 -29.79 70.44 19.31
N THR Q 76 -30.70 70.81 20.21
CA THR Q 76 -31.68 69.87 20.73
C THR Q 76 -32.79 69.82 19.70
N ARG Q 77 -32.98 68.64 19.09
CA ARG Q 77 -33.90 68.51 17.96
C ARG Q 77 -35.36 68.72 18.35
N THR Q 78 -35.66 69.97 18.73
CA THR Q 78 -36.90 70.32 19.39
C THR Q 78 -37.46 71.64 18.87
N ALA Q 79 -38.78 71.76 18.91
CA ALA Q 79 -39.46 72.96 18.48
C ALA Q 79 -40.51 73.30 19.51
N TYR Q 80 -40.57 74.57 19.92
CA TYR Q 80 -41.42 75.02 21.01
C TYR Q 80 -42.55 75.93 20.54
N MET Q 81 -43.72 75.76 21.16
CA MET Q 81 -44.82 76.69 20.95
C MET Q 81 -45.24 77.31 22.27
N ASP Q 82 -45.13 78.63 22.34
CA ASP Q 82 -45.60 79.39 23.48
C ASP Q 82 -46.94 80.03 23.12
N LEU Q 83 -47.94 79.83 23.98
CA LEU Q 83 -49.27 80.45 23.83
C LEU Q 83 -49.60 81.23 25.12
N ARG Q 84 -49.33 82.54 25.10
CA ARG Q 84 -49.59 83.40 26.24
C ARG Q 84 -51.04 83.87 26.22
N SER Q 85 -51.45 84.59 27.25
CA SER Q 85 -52.82 85.14 27.33
C SER Q 85 -53.87 84.03 27.11
N LEU Q 86 -53.70 82.91 27.82
CA LEU Q 86 -54.58 81.74 27.67
C LEU Q 86 -55.99 81.99 28.17
N ARG Q 87 -56.91 81.08 27.84
CA ARG Q 87 -58.33 81.25 28.15
C ARG Q 87 -59.20 80.02 27.81
N SER Q 88 -60.50 80.14 28.05
CA SER Q 88 -61.49 79.08 27.81
C SER Q 88 -61.44 78.46 26.42
N GLU Q 89 -61.54 79.30 25.39
CA GLU Q 89 -61.64 78.86 23.99
C GLU Q 89 -60.39 78.08 23.53
N ASP Q 90 -59.24 78.39 24.13
CA ASP Q 90 -57.99 77.70 23.80
C ASP Q 90 -57.97 76.23 24.24
N THR Q 91 -59.02 75.78 24.95
CA THR Q 91 -59.15 74.37 25.33
C THR Q 91 -59.13 73.48 24.08
N ALA Q 92 -58.03 72.77 23.89
CA ALA Q 92 -57.84 71.91 22.71
C ALA Q 92 -56.59 71.04 22.82
N VAL Q 93 -56.52 70.01 21.97
CA VAL Q 93 -55.32 69.20 21.81
C VAL Q 93 -54.44 69.85 20.74
N TYR Q 94 -53.12 69.83 20.99
CA TYR Q 94 -52.14 70.56 20.16
C TYR Q 94 -51.12 69.63 19.50
N TYR Q 95 -51.35 69.32 18.23
CA TYR Q 95 -50.42 68.50 17.46
C TYR Q 95 -49.35 69.38 16.81
N CYS Q 96 -48.08 68.96 16.91
CA CYS Q 96 -47.01 69.52 16.09
C CYS Q 96 -46.94 68.68 14.82
N ALA Q 97 -46.56 69.29 13.71
CA ALA Q 97 -46.63 68.61 12.42
C ALA Q 97 -45.53 69.09 11.48
N ARG Q 98 -44.71 68.13 11.02
CA ARG Q 98 -43.63 68.41 10.07
C ARG Q 98 -44.19 68.51 8.68
N SER Q 99 -43.61 69.40 7.89
CA SER Q 99 -43.91 69.51 6.48
C SER Q 99 -42.66 69.16 5.67
N PRO Q 100 -42.84 68.56 4.47
CA PRO Q 100 -41.70 68.21 3.63
C PRO Q 100 -41.04 69.43 2.97
N SER Q 101 -41.69 70.60 3.08
CA SER Q 101 -41.09 71.89 2.72
C SER Q 101 -40.36 72.46 3.95
N TYR Q 102 -39.32 73.26 3.70
CA TYR Q 102 -38.42 73.72 4.77
C TYR Q 102 -38.95 74.93 5.51
N ILE Q 103 -39.96 75.56 4.91
CA ILE Q 103 -40.59 76.75 5.44
C ILE Q 103 -42.09 76.55 5.21
N CYS Q 104 -42.93 77.22 6.00
CA CYS Q 104 -44.38 77.20 5.76
C CYS Q 104 -44.90 78.54 5.19
N SER Q 105 -44.80 78.69 3.88
CA SER Q 105 -45.09 79.95 3.19
C SER Q 105 -45.94 79.82 1.92
N GLY Q 106 -46.38 78.61 1.59
CA GLY Q 106 -47.18 78.41 0.38
C GLY Q 106 -47.86 77.06 0.26
N GLY Q 107 -48.16 76.66 -0.97
CA GLY Q 107 -48.86 75.42 -1.28
C GLY Q 107 -48.14 74.15 -0.86
N THR Q 108 -46.81 74.14 -0.91
CA THR Q 108 -46.05 72.94 -0.55
C THR Q 108 -46.14 72.60 0.93
N CYS Q 109 -46.67 73.51 1.76
CA CYS Q 109 -46.78 73.28 3.21
C CYS Q 109 -47.92 72.32 3.61
N VAL Q 110 -47.86 71.09 3.10
CA VAL Q 110 -48.77 70.03 3.54
C VAL Q 110 -48.12 69.28 4.70
N PHE Q 111 -48.91 68.48 5.42
CA PHE Q 111 -48.44 67.89 6.68
C PHE Q 111 -48.32 66.37 6.58
N ASP Q 112 -47.14 65.90 6.20
CA ASP Q 112 -46.91 64.48 5.96
C ASP Q 112 -46.68 63.68 7.25
N HIS Q 113 -46.22 64.36 8.30
CA HIS Q 113 -45.90 63.71 9.58
C HIS Q 113 -46.44 64.53 10.76
N TRP Q 114 -46.86 63.84 11.84
CA TRP Q 114 -47.53 64.47 12.98
C TRP Q 114 -47.13 63.87 14.30
N GLY Q 115 -47.26 64.67 15.37
CA GLY Q 115 -47.03 64.20 16.74
C GLY Q 115 -48.21 63.45 17.33
N GLN Q 116 -48.12 63.05 18.60
CA GLN Q 116 -49.20 62.31 19.26
C GLN Q 116 -50.27 63.19 19.94
N GLY Q 117 -50.07 64.51 19.93
CA GLY Q 117 -50.99 65.48 20.53
C GLY Q 117 -50.63 65.85 21.95
N THR Q 118 -50.95 67.06 22.35
CA THR Q 118 -50.79 67.52 23.74
C THR Q 118 -52.05 68.24 24.18
N LEU Q 119 -52.73 67.68 25.18
CA LEU Q 119 -54.03 68.19 25.61
C LEU Q 119 -53.86 69.30 26.65
N VAL Q 120 -54.09 70.54 26.21
CA VAL Q 120 -54.00 71.73 27.07
C VAL Q 120 -55.41 72.23 27.40
N THR Q 121 -55.82 72.05 28.66
CA THR Q 121 -57.16 72.42 29.13
C THR Q 121 -57.13 73.64 30.04
N VAL Q 122 -57.98 74.63 29.76
CA VAL Q 122 -58.11 75.79 30.62
C VAL Q 122 -59.22 75.57 31.64
N SER Q 123 -58.85 75.54 32.91
CA SER Q 123 -59.78 75.17 33.98
C SER Q 123 -60.76 76.30 34.26
N ILE Q 139 -65.21 78.05 15.68
CA ILE Q 139 -64.45 77.47 14.56
C ILE Q 139 -65.13 77.70 13.21
N GLN Q 140 -64.69 78.74 12.48
CA GLN Q 140 -65.15 78.94 11.12
C GLN Q 140 -64.15 78.27 10.18
N PRO Q 141 -64.61 77.34 9.31
CA PRO Q 141 -63.68 76.73 8.36
C PRO Q 141 -63.37 77.62 7.15
N GLY Q 142 -62.16 77.49 6.61
CA GLY Q 142 -61.70 78.30 5.46
C GLY Q 142 -61.98 77.68 4.10
N LEU Q 143 -62.30 76.39 4.09
CA LEU Q 143 -62.73 75.68 2.87
C LEU Q 143 -63.99 74.87 3.15
N THR Q 144 -64.79 74.62 2.11
CA THR Q 144 -66.09 73.98 2.26
C THR Q 144 -66.11 72.52 1.82
N GLN Q 145 -66.60 71.65 2.70
CA GLN Q 145 -66.83 70.26 2.40
C GLN Q 145 -68.17 69.82 2.99
N PRO Q 146 -68.90 68.91 2.32
CA PRO Q 146 -70.08 68.31 2.93
C PRO Q 146 -69.76 67.46 4.18
N PRO Q 147 -70.52 67.62 5.28
CA PRO Q 147 -70.20 66.91 6.52
C PRO Q 147 -70.50 65.40 6.51
N SER Q 148 -71.64 65.00 5.94
CA SER Q 148 -72.06 63.59 5.89
C SER Q 148 -71.93 63.00 4.48
N VAL Q 149 -71.03 62.03 4.32
CA VAL Q 149 -70.92 61.26 3.09
C VAL Q 149 -70.80 59.76 3.40
N SER Q 150 -71.87 59.01 3.09
CA SER Q 150 -71.97 57.56 3.38
C SER Q 150 -72.14 56.75 2.08
N LYS Q 151 -71.36 55.67 1.95
CA LYS Q 151 -71.48 54.75 0.80
C LYS Q 151 -71.34 53.29 1.27
N GLY Q 152 -71.91 52.38 0.49
CA GLY Q 152 -71.97 50.96 0.87
C GLY Q 152 -70.63 50.25 0.85
N LEU Q 153 -70.55 49.11 1.53
CA LEU Q 153 -69.36 48.26 1.51
C LEU Q 153 -68.96 47.99 0.06
N ARG Q 154 -67.66 47.97 -0.21
CA ARG Q 154 -67.11 47.63 -1.53
C ARG Q 154 -67.58 48.59 -2.64
N GLN Q 155 -67.73 49.88 -2.31
CA GLN Q 155 -68.16 50.91 -3.27
C GLN Q 155 -67.01 51.87 -3.61
N THR Q 156 -67.33 52.97 -4.28
CA THR Q 156 -66.35 53.99 -4.62
C THR Q 156 -66.85 55.41 -4.26
N ALA Q 157 -66.29 55.98 -3.21
CA ALA Q 157 -66.77 57.27 -2.65
C ALA Q 157 -65.83 58.43 -2.97
N THR Q 158 -66.32 59.39 -3.75
CA THR Q 158 -65.53 60.57 -4.14
C THR Q 158 -65.93 61.80 -3.30
N LEU Q 159 -65.11 62.12 -2.31
CA LEU Q 159 -65.38 63.23 -1.40
C LEU Q 159 -64.78 64.54 -1.93
N THR Q 160 -65.63 65.55 -2.09
CA THR Q 160 -65.21 66.83 -2.65
C THR Q 160 -64.73 67.81 -1.57
N CYS Q 161 -64.04 68.82 -2.04
CA CYS Q 161 -63.59 69.93 -1.23
C CYS Q 161 -63.51 71.13 -2.17
N THR Q 162 -64.05 72.27 -1.75
CA THR Q 162 -64.07 73.44 -2.63
C THR Q 162 -63.80 74.74 -1.91
N GLY Q 163 -63.25 75.69 -2.66
CA GLY Q 163 -63.03 77.04 -2.18
C GLY Q 163 -62.79 78.00 -3.33
N ASN Q 164 -62.10 79.08 -3.03
CA ASN Q 164 -61.91 80.19 -3.97
C ASN Q 164 -60.64 80.07 -4.82
N SER Q 165 -60.34 81.14 -5.54
CA SER Q 165 -59.13 81.28 -6.32
C SER Q 165 -57.84 81.30 -5.47
N ASN Q 166 -57.91 81.90 -4.29
CA ASN Q 166 -56.72 82.20 -3.47
C ASN Q 166 -56.09 81.03 -2.72
N ASN Q 167 -56.80 79.90 -2.61
CA ASN Q 167 -56.29 78.74 -1.86
C ASN Q 167 -56.24 77.43 -2.66
N VAL Q 168 -57.40 76.86 -2.97
CA VAL Q 168 -57.49 75.65 -3.78
C VAL Q 168 -57.32 76.01 -5.25
N GLY Q 169 -57.78 77.21 -5.60
CA GLY Q 169 -57.70 77.72 -6.95
C GLY Q 169 -56.27 77.69 -7.47
N ASN Q 170 -55.36 78.22 -6.68
CA ASN Q 170 -53.96 78.33 -7.11
C ASN Q 170 -53.09 77.13 -6.70
N GLN Q 171 -53.15 76.75 -5.42
CA GLN Q 171 -52.18 75.81 -4.83
C GLN Q 171 -52.64 74.36 -4.65
N GLY Q 172 -53.95 74.11 -4.74
CA GLY Q 172 -54.47 72.74 -4.66
C GLY Q 172 -54.90 72.31 -3.27
N ALA Q 173 -54.62 71.05 -2.92
CA ALA Q 173 -55.09 70.50 -1.66
C ALA Q 173 -54.46 69.17 -1.27
N ALA Q 174 -53.98 69.11 -0.02
CA ALA Q 174 -53.54 67.86 0.59
C ALA Q 174 -54.74 67.27 1.32
N TRP Q 175 -54.76 65.96 1.42
CA TRP Q 175 -55.85 65.27 2.09
C TRP Q 175 -55.36 64.54 3.33
N LEU Q 176 -56.21 64.51 4.36
CA LEU Q 176 -55.85 63.94 5.67
C LEU Q 176 -56.96 63.06 6.27
N GLN Q 177 -56.59 61.84 6.63
CA GLN Q 177 -57.48 60.90 7.32
C GLN Q 177 -57.38 61.14 8.83
N GLN Q 178 -58.40 60.71 9.58
CA GLN Q 178 -58.32 60.67 11.04
C GLN Q 178 -59.37 59.72 11.61
N HIS Q 179 -58.93 58.82 12.49
CA HIS Q 179 -59.84 58.03 13.31
C HIS Q 179 -59.83 58.64 14.71
N GLN Q 180 -60.82 58.30 15.53
CA GLN Q 180 -60.80 58.68 16.94
C GLN Q 180 -59.54 58.11 17.58
N GLY Q 181 -58.89 58.91 18.43
CA GLY Q 181 -57.78 58.43 19.24
C GLY Q 181 -56.41 58.73 18.67
N HIS Q 182 -56.25 58.59 17.36
CA HIS Q 182 -54.96 58.83 16.70
C HIS Q 182 -54.90 60.21 16.03
N PRO Q 183 -53.68 60.77 15.94
CA PRO Q 183 -53.48 61.99 15.15
C PRO Q 183 -53.64 61.76 13.64
N PRO Q 184 -53.70 62.85 12.85
CA PRO Q 184 -54.04 62.76 11.42
C PRO Q 184 -52.91 62.25 10.49
N LYS Q 185 -53.28 61.44 9.49
CA LYS Q 185 -52.31 60.84 8.54
C LYS Q 185 -52.45 61.46 7.15
N LEU Q 186 -51.34 61.71 6.46
CA LEU Q 186 -51.39 62.32 5.12
C LEU Q 186 -51.78 61.30 4.09
N LEU Q 187 -52.55 61.72 3.08
CA LEU Q 187 -53.03 60.83 2.03
C LEU Q 187 -52.66 61.25 0.60
N SER Q 188 -52.37 62.52 0.38
CA SER Q 188 -51.83 62.97 -0.92
C SER Q 188 -51.06 64.28 -0.78
N TYR Q 189 -50.00 64.41 -1.56
CA TYR Q 189 -49.29 65.68 -1.70
C TYR Q 189 -50.19 66.66 -2.45
N ARG Q 190 -49.78 67.93 -2.54
CA ARG Q 190 -50.62 68.98 -3.14
C ARG Q 190 -50.79 68.82 -4.67
N ASN Q 191 -49.87 68.07 -5.29
CA ASN Q 191 -49.92 67.81 -6.73
C ASN Q 191 -50.64 66.48 -7.08
N ASN Q 192 -51.30 65.88 -6.10
CA ASN Q 192 -52.07 64.63 -6.27
C ASN Q 192 -51.20 63.37 -6.37
N ASP Q 193 -50.12 63.32 -5.60
CA ASP Q 193 -49.26 62.13 -5.50
C ASP Q 193 -49.49 61.45 -4.16
N ARG Q 194 -49.68 60.12 -4.16
CA ARG Q 194 -49.87 59.41 -2.92
C ARG Q 194 -48.48 59.14 -2.31
N PRO Q 195 -48.33 59.28 -0.98
CA PRO Q 195 -47.07 58.99 -0.31
C PRO Q 195 -46.70 57.50 -0.28
N SER Q 196 -45.73 57.16 0.55
CA SER Q 196 -45.22 55.79 0.67
C SER Q 196 -46.31 54.74 1.00
N GLY Q 197 -46.70 54.65 2.28
CA GLY Q 197 -47.50 53.52 2.77
C GLY Q 197 -49.01 53.62 2.61
N ILE Q 198 -49.48 54.72 2.04
CA ILE Q 198 -50.90 54.89 1.74
C ILE Q 198 -51.30 53.92 0.65
N SER Q 199 -52.30 53.08 0.89
CA SER Q 199 -52.68 52.03 -0.07
C SER Q 199 -53.03 52.67 -1.42
N GLU Q 200 -52.92 51.87 -2.48
CA GLU Q 200 -52.81 52.41 -3.84
C GLU Q 200 -54.17 52.65 -4.50
N ARG Q 201 -55.20 52.84 -3.68
CA ARG Q 201 -56.56 53.00 -4.18
C ARG Q 201 -57.19 54.28 -3.62
N PHE Q 202 -56.36 55.29 -3.42
CA PHE Q 202 -56.78 56.61 -2.95
C PHE Q 202 -56.48 57.64 -4.05
N SER Q 203 -57.31 57.63 -5.10
CA SER Q 203 -57.10 58.52 -6.24
C SER Q 203 -57.38 60.00 -5.91
N ALA Q 204 -56.32 60.76 -5.68
CA ALA Q 204 -56.42 62.21 -5.55
C ALA Q 204 -56.75 62.82 -6.92
N SER Q 205 -57.47 63.93 -6.92
CA SER Q 205 -57.85 64.61 -8.15
C SER Q 205 -58.11 66.08 -7.86
N ARG Q 206 -58.23 66.88 -8.92
CA ARG Q 206 -58.46 68.33 -8.77
C ARG Q 206 -58.89 68.95 -10.11
N SER Q 207 -59.72 69.99 -10.05
CA SER Q 207 -60.21 70.66 -11.27
C SER Q 207 -60.73 72.09 -11.02
N GLY Q 208 -59.86 73.07 -11.15
CA GLY Q 208 -60.22 74.47 -10.95
C GLY Q 208 -60.16 74.79 -9.47
N ASN Q 209 -61.26 75.30 -8.93
CA ASN Q 209 -61.32 75.69 -7.50
C ASN Q 209 -61.86 74.56 -6.60
N THR Q 210 -61.75 73.32 -7.08
CA THR Q 210 -62.27 72.16 -6.38
C THR Q 210 -61.23 71.04 -6.32
N ALA Q 211 -61.38 70.15 -5.33
CA ALA Q 211 -60.43 69.06 -5.09
C ALA Q 211 -61.16 67.78 -4.68
N SER Q 212 -61.00 66.72 -5.49
CA SER Q 212 -61.70 65.45 -5.27
C SER Q 212 -60.77 64.32 -4.78
N LEU Q 213 -61.23 63.59 -3.77
CA LEU Q 213 -60.47 62.48 -3.19
C LEU Q 213 -61.33 61.21 -3.25
N THR Q 214 -60.99 60.33 -4.20
CA THR Q 214 -61.78 59.13 -4.49
C THR Q 214 -61.18 57.88 -3.86
N ILE Q 215 -62.02 57.11 -3.17
CA ILE Q 215 -61.65 55.78 -2.64
C ILE Q 215 -62.32 54.70 -3.49
N THR Q 216 -61.59 53.63 -3.81
CA THR Q 216 -62.13 52.55 -4.63
C THR Q 216 -62.02 51.20 -3.90
N GLY Q 217 -63.15 50.71 -3.40
CA GLY Q 217 -63.18 49.48 -2.62
C GLY Q 217 -63.18 49.79 -1.14
N LEU Q 218 -64.37 49.91 -0.56
CA LEU Q 218 -64.53 50.35 0.83
C LEU Q 218 -64.64 49.18 1.81
N GLN Q 219 -64.23 49.44 3.06
CA GLN Q 219 -64.32 48.46 4.16
C GLN Q 219 -64.14 49.14 5.54
N PRO Q 220 -64.43 48.41 6.65
CA PRO Q 220 -64.53 48.99 8.00
C PRO Q 220 -63.43 49.95 8.48
N GLU Q 221 -62.19 49.78 8.01
CA GLU Q 221 -61.09 50.68 8.40
C GLU Q 221 -61.39 52.10 7.96
N ASP Q 222 -61.72 52.23 6.68
CA ASP Q 222 -61.89 53.51 6.02
C ASP Q 222 -62.70 54.54 6.82
N GLU Q 223 -63.86 54.13 7.31
CA GLU Q 223 -64.77 55.09 7.95
C GLU Q 223 -64.03 55.87 9.04
N ALA Q 224 -64.04 57.20 8.88
CA ALA Q 224 -63.23 58.08 9.69
C ALA Q 224 -63.35 59.52 9.20
N ASP Q 225 -62.64 60.44 9.85
CA ASP Q 225 -62.70 61.87 9.54
C ASP Q 225 -61.76 62.24 8.41
N TYR Q 226 -62.19 63.10 7.51
CA TYR Q 226 -61.37 63.53 6.39
C TYR Q 226 -61.33 65.05 6.26
N TYR Q 227 -60.12 65.60 6.17
CA TYR Q 227 -59.91 67.03 5.95
C TYR Q 227 -59.13 67.24 4.66
N CYS Q 228 -59.55 68.21 3.85
CA CYS Q 228 -58.70 68.75 2.81
C CYS Q 228 -58.02 69.99 3.37
N SER Q 229 -56.87 70.36 2.79
CA SER Q 229 -56.11 71.51 3.30
C SER Q 229 -55.20 72.12 2.25
N THR Q 230 -54.85 73.39 2.47
CA THR Q 230 -54.03 74.16 1.55
C THR Q 230 -53.53 75.45 2.21
N TRP Q 231 -52.90 76.32 1.41
CA TRP Q 231 -52.48 77.64 1.85
C TRP Q 231 -53.36 78.65 1.16
N ASP Q 232 -53.85 79.62 1.92
CA ASP Q 232 -54.65 80.71 1.34
C ASP Q 232 -53.78 81.94 1.18
N SER Q 233 -53.47 82.27 -0.07
CA SER Q 233 -52.55 83.37 -0.37
C SER Q 233 -53.12 84.73 0.04
N SER Q 234 -54.45 84.81 0.22
CA SER Q 234 -55.13 86.05 0.61
C SER Q 234 -55.38 86.19 2.12
N LEU Q 235 -55.54 85.07 2.82
CA LEU Q 235 -55.52 85.06 4.29
C LEU Q 235 -54.06 85.08 4.76
N SER Q 236 -53.16 84.61 3.88
CA SER Q 236 -51.72 84.47 4.14
C SER Q 236 -51.41 83.29 5.07
N ALA Q 237 -52.41 82.43 5.29
CA ALA Q 237 -52.32 81.35 6.27
C ALA Q 237 -52.73 80.01 5.67
N VAL Q 238 -52.53 78.97 6.47
CA VAL Q 238 -52.96 77.63 6.12
C VAL Q 238 -54.47 77.60 6.26
N VAL Q 239 -55.10 76.66 5.57
CA VAL Q 239 -56.54 76.50 5.63
C VAL Q 239 -56.91 75.02 5.82
N PHE Q 240 -58.10 74.81 6.36
CA PHE Q 240 -58.70 73.48 6.44
C PHE Q 240 -60.11 73.53 5.90
N GLY Q 241 -60.67 72.35 5.68
CA GLY Q 241 -62.11 72.23 5.53
C GLY Q 241 -62.67 72.00 6.91
N GLY Q 242 -63.99 71.93 7.01
CA GLY Q 242 -64.63 71.58 8.27
C GLY Q 242 -64.39 70.12 8.59
N GLY Q 243 -65.13 69.24 7.91
CA GLY Q 243 -65.03 67.80 8.08
C GLY Q 243 -65.87 67.05 7.07
N THR Q 244 -65.77 65.73 7.05
CA THR Q 244 -66.57 64.87 6.17
C THR Q 244 -66.50 63.41 6.63
N LYS Q 245 -67.34 63.02 7.60
CA LYS Q 245 -67.29 61.66 8.15
C LYS Q 245 -67.68 60.64 7.08
N LEU Q 246 -66.72 59.79 6.72
CA LEU Q 246 -66.99 58.68 5.81
C LEU Q 246 -67.78 57.64 6.60
N THR Q 247 -68.71 56.96 5.94
CA THR Q 247 -69.55 55.95 6.58
C THR Q 247 -69.71 54.72 5.69
N VAL Q 248 -69.09 53.61 6.11
CA VAL Q 248 -69.15 52.34 5.37
C VAL Q 248 -70.32 51.50 5.88
N LEU Q 249 -71.12 50.97 4.96
CA LEU Q 249 -72.35 50.26 5.34
C LEU Q 249 -72.85 49.33 4.23
N GLN R 1 -6.33 41.62 -22.69
CA GLN R 1 -6.90 40.67 -23.69
C GLN R 1 -8.41 40.59 -23.54
N VAL R 2 -9.08 40.48 -24.68
CA VAL R 2 -10.54 40.48 -24.72
C VAL R 2 -11.01 39.34 -25.61
N GLN R 3 -11.64 38.33 -25.01
CA GLN R 3 -12.08 37.16 -25.77
C GLN R 3 -13.38 37.43 -26.52
N LEU R 4 -13.37 37.13 -27.81
CA LEU R 4 -14.58 37.01 -28.59
C LEU R 4 -14.77 35.54 -28.91
N VAL R 5 -15.90 34.98 -28.47
CA VAL R 5 -16.25 33.62 -28.82
C VAL R 5 -17.48 33.69 -29.70
N GLN R 6 -17.57 32.78 -30.67
CA GLN R 6 -18.66 32.77 -31.62
C GLN R 6 -19.44 31.46 -31.51
N SER R 7 -20.33 31.22 -32.48
CA SER R 7 -21.02 29.95 -32.62
C SER R 7 -20.07 28.87 -33.11
N GLY R 8 -20.50 27.61 -32.98
CA GLY R 8 -19.86 26.50 -33.66
C GLY R 8 -20.21 26.57 -35.14
N ALA R 9 -19.44 25.89 -35.98
CA ALA R 9 -19.67 25.94 -37.42
C ALA R 9 -21.03 25.38 -37.78
N GLU R 10 -21.82 26.15 -38.52
CA GLU R 10 -23.17 25.74 -38.91
C GLU R 10 -23.24 25.43 -40.40
N VAL R 11 -24.03 24.41 -40.75
CA VAL R 11 -24.22 24.01 -42.15
C VAL R 11 -25.70 23.97 -42.45
N LYS R 12 -26.13 24.83 -43.36
CA LYS R 12 -27.55 24.99 -43.70
C LYS R 12 -27.78 24.72 -45.20
N LYS R 13 -29.04 24.78 -45.60
CA LYS R 13 -29.40 24.53 -46.99
C LYS R 13 -29.98 25.80 -47.61
N PRO R 14 -29.85 25.94 -48.94
CA PRO R 14 -30.17 27.21 -49.61
C PRO R 14 -31.58 27.75 -49.31
N GLY R 15 -31.71 29.08 -49.32
CA GLY R 15 -32.98 29.76 -49.08
C GLY R 15 -33.50 29.68 -47.64
N SER R 16 -32.57 29.54 -46.69
CA SER R 16 -32.91 29.34 -45.26
C SER R 16 -32.46 30.55 -44.41
N SER R 17 -32.48 30.38 -43.08
CA SER R 17 -32.07 31.44 -42.15
C SER R 17 -31.10 30.93 -41.06
N VAL R 18 -29.94 31.59 -40.96
CA VAL R 18 -28.92 31.29 -39.92
C VAL R 18 -29.00 32.28 -38.76
N LYS R 19 -28.29 31.98 -37.66
CA LYS R 19 -28.18 32.90 -36.52
C LYS R 19 -26.82 32.76 -35.84
N VAL R 20 -25.80 33.36 -36.43
CA VAL R 20 -24.46 33.33 -35.86
C VAL R 20 -24.37 34.36 -34.75
N SER R 21 -24.04 33.92 -33.54
CA SER R 21 -23.85 34.84 -32.41
C SER R 21 -22.36 35.02 -32.14
N CYS R 22 -22.04 35.95 -31.23
CA CYS R 22 -20.67 36.22 -30.83
C CYS R 22 -20.68 36.90 -29.47
N THR R 23 -19.91 36.36 -28.54
CA THR R 23 -20.00 36.74 -27.14
C THR R 23 -18.76 37.42 -26.60
N SER R 24 -18.96 38.58 -25.98
CA SER R 24 -17.89 39.43 -25.47
C SER R 24 -17.50 39.01 -24.04
N SER R 25 -16.19 39.03 -23.76
CA SER R 25 -15.60 38.54 -22.49
C SER R 25 -15.71 39.51 -21.32
N GLU R 26 -15.44 40.77 -21.64
CA GLU R 26 -15.35 41.86 -20.66
C GLU R 26 -16.69 42.57 -20.47
N VAL R 27 -16.83 43.23 -19.33
CA VAL R 27 -18.09 43.87 -18.95
C VAL R 27 -18.28 45.25 -19.61
N THR R 28 -17.20 45.87 -20.09
CA THR R 28 -17.34 47.07 -20.93
C THR R 28 -17.44 46.61 -22.37
N PHE R 29 -18.62 46.10 -22.71
CA PHE R 29 -18.92 45.61 -24.06
C PHE R 29 -19.95 46.49 -24.75
N SER R 30 -20.85 47.04 -23.95
CA SER R 30 -21.82 48.05 -24.38
C SER R 30 -21.18 49.11 -25.28
N SER R 31 -20.04 49.63 -24.83
CA SER R 31 -19.45 50.84 -25.37
C SER R 31 -18.77 50.68 -26.73
N PHE R 32 -18.55 49.45 -27.17
CA PHE R 32 -17.72 49.22 -28.35
C PHE R 32 -18.54 48.70 -29.53
N ALA R 33 -18.34 49.31 -30.70
CA ALA R 33 -19.07 48.92 -31.91
C ALA R 33 -18.58 47.56 -32.35
N ILE R 34 -19.50 46.61 -32.49
CA ILE R 34 -19.18 45.28 -33.03
C ILE R 34 -19.68 45.20 -34.47
N SER R 35 -18.93 44.51 -35.31
CA SER R 35 -19.25 44.36 -36.71
C SER R 35 -19.04 42.93 -37.17
N TRP R 36 -19.71 42.56 -38.25
CA TRP R 36 -19.51 41.28 -38.91
C TRP R 36 -18.77 41.51 -40.23
N VAL R 37 -17.94 40.55 -40.60
CA VAL R 37 -17.07 40.65 -41.78
C VAL R 37 -16.64 39.25 -42.23
N ARG R 38 -17.14 38.79 -43.37
CA ARG R 38 -16.88 37.40 -43.82
C ARG R 38 -15.72 37.29 -44.82
N GLN R 39 -15.28 36.06 -45.06
CA GLN R 39 -14.33 35.78 -46.14
C GLN R 39 -14.50 34.37 -46.69
N ALA R 40 -14.64 34.28 -48.01
CA ALA R 40 -14.80 33.01 -48.69
C ALA R 40 -13.46 32.26 -48.70
N PRO R 41 -13.51 30.92 -48.88
CA PRO R 41 -12.28 30.14 -49.03
C PRO R 41 -11.31 30.78 -50.02
N GLY R 42 -10.06 31.00 -49.59
CA GLY R 42 -9.00 31.50 -50.46
C GLY R 42 -9.22 32.89 -51.04
N GLN R 43 -10.04 33.70 -50.36
CA GLN R 43 -10.32 35.07 -50.81
C GLN R 43 -10.26 36.06 -49.62
N GLY R 44 -10.94 37.20 -49.72
CA GLY R 44 -10.75 38.28 -48.77
C GLY R 44 -11.99 38.80 -48.09
N LEU R 45 -11.85 39.97 -47.48
CA LEU R 45 -12.81 40.51 -46.51
C LEU R 45 -13.98 41.27 -47.15
N GLU R 46 -15.17 41.12 -46.57
CA GLU R 46 -16.39 41.81 -47.03
C GLU R 46 -17.29 42.15 -45.85
N TRP R 47 -17.51 43.45 -45.62
CA TRP R 47 -18.22 43.96 -44.45
C TRP R 47 -19.76 43.90 -44.59
N LEU R 48 -20.40 43.01 -43.82
CA LEU R 48 -21.87 42.89 -43.82
C LEU R 48 -22.53 44.10 -43.19
N GLY R 49 -22.16 44.40 -41.94
CA GLY R 49 -22.76 45.50 -41.19
C GLY R 49 -22.29 45.58 -39.74
N GLY R 50 -22.56 46.72 -39.10
CA GLY R 50 -22.06 46.99 -37.75
C GLY R 50 -23.05 47.68 -36.81
N ILE R 51 -23.24 47.09 -35.65
CA ILE R 51 -24.19 47.56 -34.65
C ILE R 51 -23.47 48.34 -33.54
N SER R 52 -24.18 49.30 -32.93
CA SER R 52 -23.71 49.98 -31.72
C SER R 52 -24.52 49.47 -30.51
N PRO R 53 -23.95 48.51 -29.75
CA PRO R 53 -24.72 47.79 -28.71
C PRO R 53 -25.37 48.73 -27.71
N MET R 54 -24.68 49.82 -27.40
CA MET R 54 -25.22 50.88 -26.55
C MET R 54 -26.60 51.34 -27.05
N PHE R 55 -26.70 51.63 -28.36
CA PHE R 55 -27.88 52.31 -28.94
C PHE R 55 -28.76 51.47 -29.87
N GLY R 56 -28.26 50.34 -30.36
CA GLY R 56 -29.00 49.50 -31.29
C GLY R 56 -29.23 50.10 -32.67
N THR R 57 -28.40 51.07 -33.07
CA THR R 57 -28.43 51.63 -34.42
C THR R 57 -27.44 50.86 -35.29
N PRO R 58 -27.92 49.95 -36.15
CA PRO R 58 -26.98 49.24 -36.99
C PRO R 58 -26.80 49.94 -38.34
N ASN R 59 -25.72 49.63 -39.03
CA ASN R 59 -25.51 50.06 -40.41
C ASN R 59 -25.30 48.82 -41.27
N TYR R 60 -25.61 48.91 -42.56
CA TYR R 60 -25.40 47.77 -43.47
C TYR R 60 -24.79 48.18 -44.80
N ALA R 61 -24.26 47.18 -45.51
CA ALA R 61 -23.75 47.33 -46.84
C ALA R 61 -24.91 47.38 -47.83
N GLN R 62 -24.82 48.26 -48.83
CA GLN R 62 -25.81 48.33 -49.90
C GLN R 62 -26.14 46.91 -50.36
N LYS R 63 -25.07 46.14 -50.53
CA LYS R 63 -25.09 44.72 -50.90
C LYS R 63 -26.06 43.81 -50.14
N PHE R 64 -26.16 44.02 -48.83
CA PHE R 64 -27.02 43.18 -47.97
C PHE R 64 -28.03 44.03 -47.20
N GLN R 65 -28.65 44.99 -47.86
CA GLN R 65 -29.37 46.03 -47.12
C GLN R 65 -30.48 45.49 -46.20
N GLY R 66 -31.50 44.85 -46.78
CA GLY R 66 -32.65 44.35 -45.99
C GLY R 66 -32.57 42.87 -45.68
N ARG R 67 -31.75 42.17 -46.45
CA ARG R 67 -31.61 40.73 -46.34
C ARG R 67 -30.67 40.32 -45.19
N VAL R 68 -30.22 41.31 -44.41
CA VAL R 68 -29.37 41.08 -43.24
C VAL R 68 -29.75 42.01 -42.08
N THR R 69 -30.06 41.40 -40.93
CA THR R 69 -30.47 42.13 -39.72
C THR R 69 -29.58 41.74 -38.54
N ILE R 70 -28.71 42.66 -38.08
CA ILE R 70 -27.81 42.39 -36.94
C ILE R 70 -28.19 43.24 -35.74
N THR R 71 -28.15 42.62 -34.56
CA THR R 71 -28.49 43.27 -33.31
C THR R 71 -27.59 42.74 -32.20
N ALA R 72 -27.67 43.38 -31.05
CA ALA R 72 -26.84 43.02 -29.90
C ALA R 72 -27.60 43.18 -28.59
N ASP R 73 -27.61 42.12 -27.78
CA ASP R 73 -28.32 42.11 -26.48
C ASP R 73 -27.40 42.58 -25.36
N GLN R 74 -27.64 43.79 -24.87
CA GLN R 74 -26.80 44.38 -23.83
C GLN R 74 -26.73 43.47 -22.61
N SER R 75 -27.87 42.91 -22.24
CA SER R 75 -28.03 42.13 -21.01
C SER R 75 -27.10 40.90 -20.89
N THR R 76 -26.79 40.25 -22.01
CA THR R 76 -25.98 39.01 -22.01
C THR R 76 -24.68 39.09 -22.83
N ARG R 77 -24.15 40.29 -23.04
CA ARG R 77 -22.90 40.49 -23.80
C ARG R 77 -22.82 39.63 -25.08
N THR R 78 -23.85 39.73 -25.92
CA THR R 78 -23.92 39.02 -27.20
C THR R 78 -24.10 40.02 -28.33
N ALA R 79 -23.81 39.58 -29.57
CA ALA R 79 -24.07 40.37 -30.77
C ALA R 79 -24.42 39.46 -31.95
N TYR R 80 -25.70 39.37 -32.27
CA TYR R 80 -26.19 38.41 -33.25
C TYR R 80 -26.15 38.95 -34.67
N MET R 81 -26.27 38.03 -35.63
CA MET R 81 -26.37 38.38 -37.05
C MET R 81 -26.93 37.19 -37.83
N ASP R 82 -28.16 37.37 -38.33
CA ASP R 82 -28.76 36.43 -39.27
C ASP R 82 -28.84 37.06 -40.67
N LEU R 83 -28.93 36.20 -41.69
CA LEU R 83 -29.22 36.67 -43.05
C LEU R 83 -30.16 35.70 -43.77
N ARG R 84 -31.31 36.22 -44.17
CA ARG R 84 -32.33 35.44 -44.87
C ARG R 84 -31.84 35.13 -46.29
N SER R 85 -32.59 34.27 -46.97
CA SER R 85 -32.32 33.96 -48.37
C SER R 85 -30.86 33.56 -48.61
N LEU R 86 -30.27 32.86 -47.65
CA LEU R 86 -28.85 32.48 -47.74
C LEU R 86 -28.65 31.43 -48.83
N ARG R 87 -27.58 31.58 -49.62
CA ARG R 87 -27.39 30.79 -50.84
C ARG R 87 -26.01 30.13 -50.95
N SER R 88 -25.69 29.69 -52.17
CA SER R 88 -24.42 29.03 -52.52
C SER R 88 -23.21 29.93 -52.32
N GLU R 89 -23.24 31.10 -52.95
CA GLU R 89 -22.11 32.02 -52.95
C GLU R 89 -21.90 32.73 -51.59
N ASP R 90 -22.79 32.50 -50.63
CA ASP R 90 -22.61 33.02 -49.28
C ASP R 90 -21.73 32.14 -48.39
N THR R 91 -21.23 31.03 -48.92
CA THR R 91 -20.31 30.15 -48.17
C THR R 91 -19.03 30.92 -47.82
N ALA R 92 -18.68 30.89 -46.54
CA ALA R 92 -17.47 31.58 -46.05
C ALA R 92 -17.30 31.43 -44.54
N VAL R 93 -16.09 31.74 -44.07
CA VAL R 93 -15.84 31.97 -42.65
C VAL R 93 -16.59 33.26 -42.29
N TYR R 94 -17.15 33.33 -41.09
CA TYR R 94 -17.78 34.55 -40.61
C TYR R 94 -17.09 35.03 -39.34
N TYR R 95 -16.45 36.19 -39.44
CA TYR R 95 -15.74 36.79 -38.33
C TYR R 95 -16.61 37.86 -37.63
N CYS R 96 -16.37 38.03 -36.34
CA CYS R 96 -17.08 39.02 -35.51
C CYS R 96 -16.02 39.99 -34.98
N ALA R 97 -16.16 41.29 -35.27
CA ALA R 97 -15.04 42.23 -35.10
C ALA R 97 -15.36 43.48 -34.29
N ARG R 98 -14.74 43.61 -33.11
CA ARG R 98 -14.99 44.75 -32.23
C ARG R 98 -14.11 45.92 -32.64
N SER R 99 -14.63 47.14 -32.44
CA SER R 99 -13.92 48.36 -32.80
C SER R 99 -13.92 49.37 -31.64
N PRO R 100 -12.83 50.16 -31.51
CA PRO R 100 -12.71 51.07 -30.38
C PRO R 100 -13.65 52.28 -30.51
N SER R 101 -14.28 52.42 -31.68
CA SER R 101 -15.41 53.31 -31.86
C SER R 101 -16.68 52.67 -31.30
N TYR R 102 -17.61 53.51 -30.88
CA TYR R 102 -18.83 53.06 -30.21
C TYR R 102 -19.91 52.65 -31.21
N ILE R 103 -19.91 53.34 -32.35
CA ILE R 103 -20.78 52.98 -33.48
C ILE R 103 -19.86 52.70 -34.68
N CYS R 104 -20.40 52.16 -35.75
CA CYS R 104 -19.62 52.04 -36.99
C CYS R 104 -20.21 52.87 -38.13
N SER R 105 -19.82 54.14 -38.16
CA SER R 105 -20.41 55.14 -39.06
C SER R 105 -19.39 56.20 -39.48
N GLY R 106 -18.13 55.78 -39.65
CA GLY R 106 -17.04 56.70 -39.96
C GLY R 106 -15.70 56.00 -40.04
N GLY R 107 -14.65 56.81 -40.26
CA GLY R 107 -13.30 56.30 -40.44
C GLY R 107 -12.63 55.80 -39.16
N THR R 108 -13.20 56.13 -38.01
CA THR R 108 -12.72 55.62 -36.72
C THR R 108 -12.90 54.11 -36.58
N CYS R 109 -13.99 53.61 -37.14
CA CYS R 109 -14.40 52.22 -36.97
C CYS R 109 -13.41 51.23 -37.62
N VAL R 110 -12.21 51.12 -37.04
CA VAL R 110 -11.24 50.11 -37.48
C VAL R 110 -11.27 48.98 -36.47
N PHE R 111 -10.86 47.79 -36.88
CA PHE R 111 -11.15 46.57 -36.12
C PHE R 111 -9.95 46.09 -35.32
N ASP R 112 -9.97 46.35 -34.01
CA ASP R 112 -8.84 46.03 -33.14
C ASP R 112 -8.91 44.60 -32.58
N HIS R 113 -10.10 44.08 -32.36
CA HIS R 113 -10.24 42.71 -31.87
C HIS R 113 -11.21 41.91 -32.71
N TRP R 114 -10.89 40.62 -32.86
CA TRP R 114 -11.62 39.70 -33.74
C TRP R 114 -12.02 38.43 -33.02
N GLY R 115 -12.95 37.68 -33.61
CA GLY R 115 -13.38 36.37 -33.11
C GLY R 115 -12.57 35.25 -33.74
N GLN R 116 -12.86 34.01 -33.31
CA GLN R 116 -12.12 32.84 -33.82
C GLN R 116 -12.58 32.43 -35.21
N GLY R 117 -13.80 32.83 -35.58
CA GLY R 117 -14.35 32.57 -36.90
C GLY R 117 -15.32 31.42 -36.85
N THR R 118 -16.57 31.68 -37.25
CA THR R 118 -17.56 30.64 -37.41
C THR R 118 -17.64 30.29 -38.89
N LEU R 119 -17.49 29.01 -39.19
CA LEU R 119 -17.57 28.54 -40.58
C LEU R 119 -19.05 28.21 -40.92
N VAL R 120 -19.57 28.86 -41.96
CA VAL R 120 -20.94 28.59 -42.41
C VAL R 120 -20.97 28.27 -43.91
N THR R 121 -21.35 27.03 -44.23
CA THR R 121 -21.42 26.54 -45.61
C THR R 121 -22.84 26.13 -45.99
N VAL R 122 -23.13 26.20 -47.29
CA VAL R 122 -24.45 25.87 -47.82
C VAL R 122 -24.36 24.65 -48.75
N SER R 123 -25.23 23.66 -48.52
CA SER R 123 -25.17 22.37 -49.22
C SER R 123 -26.20 22.26 -50.34
N ILE R 139 -16.15 38.23 -56.05
CA ILE R 139 -16.22 39.40 -55.16
C ILE R 139 -15.57 40.62 -55.82
N GLN R 140 -16.03 41.81 -55.44
CA GLN R 140 -15.60 43.05 -56.08
C GLN R 140 -15.06 44.07 -55.06
N PRO R 141 -13.72 44.21 -54.96
CA PRO R 141 -13.13 45.08 -53.91
C PRO R 141 -13.30 46.56 -54.17
N GLY R 142 -13.23 47.36 -53.10
CA GLY R 142 -13.41 48.80 -53.19
C GLY R 142 -12.11 49.58 -53.21
N LEU R 143 -11.02 48.95 -52.80
CA LEU R 143 -9.71 49.60 -52.72
C LEU R 143 -8.69 48.86 -53.60
N THR R 144 -7.43 49.29 -53.57
CA THR R 144 -6.38 48.72 -54.42
C THR R 144 -5.07 48.43 -53.69
N GLN R 145 -4.80 47.15 -53.46
CA GLN R 145 -3.45 46.70 -53.09
C GLN R 145 -2.99 45.68 -54.14
N PRO R 146 -1.70 45.71 -54.53
CA PRO R 146 -1.16 44.70 -55.45
C PRO R 146 -1.05 43.31 -54.81
N PRO R 147 -1.33 42.24 -55.58
CA PRO R 147 -1.68 40.96 -54.95
C PRO R 147 -0.50 40.17 -54.36
N SER R 148 0.71 40.44 -54.85
CA SER R 148 1.88 39.68 -54.42
C SER R 148 3.12 40.57 -54.35
N VAL R 149 3.71 40.66 -53.16
CA VAL R 149 4.94 41.39 -52.91
C VAL R 149 5.94 40.44 -52.25
N SER R 150 7.17 40.40 -52.76
CA SER R 150 8.19 39.48 -52.25
C SER R 150 9.53 40.19 -52.04
N LYS R 151 10.06 40.14 -50.83
CA LYS R 151 11.32 40.83 -50.49
C LYS R 151 12.29 39.88 -49.79
N GLY R 152 13.57 40.29 -49.74
CA GLY R 152 14.62 39.45 -49.16
C GLY R 152 14.56 39.43 -47.64
N LEU R 153 15.12 38.39 -47.05
CA LEU R 153 15.20 38.25 -45.59
C LEU R 153 15.94 39.42 -44.96
N ARG R 154 15.45 39.90 -43.82
CA ARG R 154 16.08 41.02 -43.08
C ARG R 154 16.26 42.32 -43.90
N GLN R 155 15.48 42.47 -44.97
CA GLN R 155 15.45 43.70 -45.76
C GLN R 155 14.38 44.61 -45.12
N THR R 156 13.64 45.34 -45.94
CA THR R 156 12.42 46.00 -45.51
C THR R 156 11.43 45.99 -46.67
N ALA R 157 10.14 45.96 -46.37
CA ALA R 157 9.10 45.97 -47.41
C ALA R 157 8.27 47.25 -47.32
N THR R 158 7.61 47.60 -48.42
CA THR R 158 6.52 48.58 -48.41
C THR R 158 5.26 47.89 -48.91
N LEU R 159 4.12 48.34 -48.40
CA LEU R 159 2.82 47.82 -48.83
C LEU R 159 1.90 49.01 -49.07
N THR R 160 1.76 49.39 -50.33
CA THR R 160 0.89 50.52 -50.70
C THR R 160 -0.57 50.06 -50.79
N CYS R 161 -1.48 51.02 -50.61
CA CYS R 161 -2.92 50.79 -50.79
C CYS R 161 -3.54 52.06 -51.38
N THR R 162 -4.10 51.95 -52.59
CA THR R 162 -4.64 53.11 -53.30
C THR R 162 -6.16 53.16 -53.25
N GLY R 163 -6.69 54.36 -53.14
CA GLY R 163 -8.12 54.58 -53.11
C GLY R 163 -8.47 56.01 -53.47
N ASN R 164 -9.75 56.24 -53.78
CA ASN R 164 -10.22 57.54 -54.24
C ASN R 164 -10.35 58.54 -53.07
N SER R 165 -11.04 59.63 -53.33
CA SER R 165 -11.11 60.73 -52.36
C SER R 165 -12.14 60.47 -51.26
N ASN R 166 -13.20 59.71 -51.58
CA ASN R 166 -14.26 59.43 -50.60
C ASN R 166 -13.87 58.46 -49.48
N ASN R 167 -12.80 57.69 -49.67
CA ASN R 167 -12.34 56.76 -48.63
C ASN R 167 -10.94 57.06 -48.05
N VAL R 168 -9.88 56.57 -48.68
CA VAL R 168 -8.54 56.59 -48.08
C VAL R 168 -7.99 58.02 -47.89
N GLY R 169 -8.30 58.89 -48.84
CA GLY R 169 -7.89 60.30 -48.76
C GLY R 169 -8.45 60.97 -47.52
N ASN R 170 -9.78 61.07 -47.49
CA ASN R 170 -10.49 61.77 -46.42
C ASN R 170 -10.33 61.11 -45.04
N GLN R 171 -10.46 59.79 -45.00
CA GLN R 171 -10.77 59.07 -43.74
C GLN R 171 -9.57 58.38 -43.06
N GLY R 172 -8.35 58.59 -43.55
CA GLY R 172 -7.17 57.91 -42.99
C GLY R 172 -6.98 56.52 -43.56
N ALA R 173 -6.40 55.61 -42.79
CA ALA R 173 -6.13 54.23 -43.26
C ALA R 173 -5.66 53.28 -42.16
N ALA R 174 -6.36 52.15 -42.02
CA ALA R 174 -6.00 51.10 -41.07
C ALA R 174 -5.36 49.90 -41.79
N TRP R 175 -4.59 49.11 -41.05
CA TRP R 175 -3.93 47.92 -41.60
C TRP R 175 -4.25 46.66 -40.79
N LEU R 176 -4.21 45.51 -41.46
CA LEU R 176 -4.57 44.23 -40.84
C LEU R 176 -3.73 43.07 -41.39
N GLN R 177 -2.90 42.49 -40.53
CA GLN R 177 -2.18 41.25 -40.86
C GLN R 177 -3.18 40.09 -40.84
N GLN R 178 -2.90 39.00 -41.57
CA GLN R 178 -3.71 37.79 -41.45
C GLN R 178 -2.85 36.57 -41.69
N HIS R 179 -2.89 35.62 -40.77
CA HIS R 179 -2.11 34.40 -40.93
C HIS R 179 -2.99 33.24 -41.32
N GLN R 180 -2.48 32.47 -42.28
CA GLN R 180 -3.06 31.21 -42.74
C GLN R 180 -3.67 30.39 -41.59
N GLY R 181 -5.00 30.28 -41.58
CA GLY R 181 -5.70 29.53 -40.54
C GLY R 181 -5.69 30.22 -39.19
N HIS R 182 -5.64 31.55 -39.23
CA HIS R 182 -5.86 32.37 -38.04
C HIS R 182 -6.72 33.57 -38.41
N PRO R 183 -7.29 34.21 -37.39
CA PRO R 183 -7.96 35.48 -37.65
C PRO R 183 -6.92 36.58 -37.84
N PRO R 184 -7.37 37.77 -38.27
CA PRO R 184 -6.48 38.90 -38.54
C PRO R 184 -6.19 39.81 -37.34
N LYS R 185 -4.91 40.08 -37.07
CA LYS R 185 -4.50 41.01 -35.99
C LYS R 185 -4.67 42.44 -36.50
N LEU R 186 -4.46 43.41 -35.61
CA LEU R 186 -4.41 44.82 -36.01
C LEU R 186 -2.97 45.32 -35.96
N LEU R 187 -2.67 46.25 -36.87
CA LEU R 187 -1.34 46.79 -37.06
C LEU R 187 -1.32 48.30 -36.74
N SER R 188 -2.19 49.07 -37.39
CA SER R 188 -2.27 50.52 -37.17
C SER R 188 -3.71 50.99 -37.03
N TYR R 189 -3.92 51.98 -36.15
CA TYR R 189 -5.20 52.69 -36.02
C TYR R 189 -5.37 53.66 -37.19
N ARG R 190 -6.59 54.17 -37.34
CA ARG R 190 -6.94 55.14 -38.39
C ARG R 190 -5.89 56.25 -38.54
N ASN R 191 -5.28 56.64 -37.42
CA ASN R 191 -4.30 57.73 -37.40
C ASN R 191 -2.88 57.26 -37.10
N ASN R 192 -2.43 56.21 -37.82
CA ASN R 192 -1.01 55.80 -37.85
C ASN R 192 -0.41 55.10 -36.61
N ASP R 193 -0.85 55.48 -35.41
CA ASP R 193 -0.36 54.85 -34.17
C ASP R 193 -0.58 53.34 -34.20
N ARG R 194 0.38 52.56 -33.75
CA ARG R 194 0.17 51.12 -33.60
C ARG R 194 -0.41 50.86 -32.20
N PRO R 195 -1.14 49.72 -32.03
CA PRO R 195 -1.55 49.31 -30.69
C PRO R 195 -0.41 48.63 -29.91
N SER R 196 -0.73 47.98 -28.80
CA SER R 196 0.29 47.49 -27.84
C SER R 196 1.27 46.44 -28.38
N GLY R 197 0.77 45.25 -28.71
CA GLY R 197 1.63 44.09 -29.00
C GLY R 197 2.48 44.14 -30.26
N ILE R 198 2.15 45.03 -31.19
CA ILE R 198 2.86 45.11 -32.47
C ILE R 198 4.26 45.68 -32.26
N SER R 199 5.28 44.95 -32.67
CA SER R 199 6.67 45.41 -32.49
C SER R 199 6.88 46.70 -33.28
N GLU R 200 7.77 47.56 -32.78
CA GLU R 200 8.06 48.87 -33.40
C GLU R 200 8.51 48.74 -34.88
N ARG R 201 8.98 47.55 -35.25
CA ARG R 201 9.27 47.19 -36.63
C ARG R 201 8.23 47.68 -37.63
N PHE R 202 6.96 47.52 -37.27
CA PHE R 202 5.83 47.85 -38.15
C PHE R 202 5.41 49.32 -38.05
N SER R 203 5.94 50.14 -38.95
CA SER R 203 5.75 51.59 -38.92
C SER R 203 4.77 52.05 -40.03
N ALA R 204 3.51 52.28 -39.68
CA ALA R 204 2.46 52.63 -40.65
C ALA R 204 2.40 54.13 -40.95
N SER R 205 2.07 54.48 -42.20
CA SER R 205 2.12 55.88 -42.66
C SER R 205 1.26 56.19 -43.91
N ARG R 206 0.30 57.09 -43.77
CA ARG R 206 -0.54 57.51 -44.89
C ARG R 206 0.10 58.68 -45.63
N SER R 207 -0.32 58.90 -46.87
CA SER R 207 0.08 60.06 -47.66
C SER R 207 -0.99 60.44 -48.68
N GLY R 208 -1.68 61.56 -48.44
CA GLY R 208 -2.73 62.03 -49.35
C GLY R 208 -3.77 60.96 -49.62
N ASN R 209 -3.70 60.33 -50.80
CA ASN R 209 -4.67 59.28 -51.21
C ASN R 209 -4.13 57.83 -51.19
N THR R 210 -2.97 57.58 -50.59
CA THR R 210 -2.42 56.22 -50.55
C THR R 210 -1.63 55.89 -49.28
N ALA R 211 -2.14 54.93 -48.51
CA ALA R 211 -1.52 54.49 -47.25
C ALA R 211 -0.44 53.46 -47.52
N SER R 212 0.73 53.65 -46.89
CA SER R 212 1.89 52.77 -47.12
C SER R 212 2.40 52.12 -45.84
N LEU R 213 2.09 50.84 -45.67
CA LEU R 213 2.57 50.06 -44.53
C LEU R 213 3.99 49.57 -44.81
N THR R 214 4.96 50.02 -44.00
CA THR R 214 6.36 49.64 -44.16
C THR R 214 6.86 48.79 -42.99
N ILE R 215 7.81 47.88 -43.26
CA ILE R 215 8.26 46.87 -42.28
C ILE R 215 9.79 46.69 -42.29
N THR R 216 10.47 47.06 -41.21
CA THR R 216 11.93 46.88 -41.10
C THR R 216 12.26 45.42 -40.78
N GLY R 217 13.55 45.13 -40.61
CA GLY R 217 14.03 43.82 -40.16
C GLY R 217 13.14 42.63 -40.42
N LEU R 218 12.92 42.32 -41.70
CA LEU R 218 12.00 41.23 -42.11
C LEU R 218 12.33 39.88 -41.49
N GLN R 219 11.28 39.10 -41.23
CA GLN R 219 11.35 37.83 -40.52
C GLN R 219 10.41 36.85 -41.22
N PRO R 220 10.64 35.52 -41.06
CA PRO R 220 9.62 34.55 -41.53
C PRO R 220 8.24 34.69 -40.87
N GLU R 221 8.20 35.22 -39.65
CA GLU R 221 6.93 35.52 -38.95
C GLU R 221 6.04 36.50 -39.73
N ASP R 222 6.68 37.46 -40.40
CA ASP R 222 5.97 38.51 -41.14
C ASP R 222 5.26 37.98 -42.41
N GLU R 223 5.62 36.78 -42.85
CA GLU R 223 5.03 36.18 -44.05
C GLU R 223 3.54 35.89 -43.85
N ALA R 224 2.70 36.61 -44.58
CA ALA R 224 1.24 36.50 -44.45
C ALA R 224 0.49 37.41 -45.43
N ASP R 225 -0.84 37.44 -45.32
CA ASP R 225 -1.69 38.35 -46.10
C ASP R 225 -2.02 39.63 -45.32
N TYR R 226 -1.98 40.76 -46.03
CA TYR R 226 -2.19 42.08 -45.42
C TYR R 226 -3.29 42.87 -46.12
N TYR R 227 -4.16 43.47 -45.32
CA TYR R 227 -5.31 44.24 -45.82
C TYR R 227 -5.32 45.65 -45.25
N CYS R 228 -5.67 46.61 -46.11
CA CYS R 228 -5.97 47.97 -45.68
C CYS R 228 -7.48 48.09 -45.50
N SER R 229 -7.93 49.18 -44.88
CA SER R 229 -9.35 49.36 -44.57
C SER R 229 -9.73 50.79 -44.21
N THR R 230 -10.86 51.25 -44.73
CA THR R 230 -11.44 52.54 -44.30
C THR R 230 -12.94 52.61 -44.62
N TRP R 231 -13.54 53.73 -44.22
CA TRP R 231 -14.94 54.02 -44.51
C TRP R 231 -15.00 54.68 -45.88
N ASP R 232 -16.09 54.45 -46.59
CA ASP R 232 -16.35 55.12 -47.88
C ASP R 232 -17.55 56.07 -47.71
N SER R 233 -17.30 57.36 -47.90
CA SER R 233 -18.32 58.38 -47.68
C SER R 233 -19.47 58.29 -48.68
N SER R 234 -19.19 57.71 -49.84
CA SER R 234 -20.18 57.58 -50.92
C SER R 234 -21.07 56.34 -50.77
N LEU R 235 -20.45 55.19 -50.47
CA LEU R 235 -21.19 53.93 -50.33
C LEU R 235 -21.89 53.77 -48.96
N SER R 236 -21.42 54.51 -47.94
CA SER R 236 -21.89 54.42 -46.53
C SER R 236 -21.38 53.16 -45.81
N ALA R 237 -20.21 52.68 -46.24
CA ALA R 237 -19.72 51.36 -45.82
C ALA R 237 -18.25 51.36 -45.40
N VAL R 238 -17.81 50.21 -44.92
CA VAL R 238 -16.42 49.96 -44.59
C VAL R 238 -15.84 49.08 -45.68
N VAL R 239 -14.74 49.54 -46.28
CA VAL R 239 -14.12 48.82 -47.39
C VAL R 239 -12.79 48.19 -46.98
N PHE R 240 -12.26 47.35 -47.87
CA PHE R 240 -10.92 46.77 -47.74
C PHE R 240 -10.28 46.73 -49.12
N GLY R 241 -9.02 46.32 -49.19
CA GLY R 241 -8.33 46.20 -50.46
C GLY R 241 -8.50 44.80 -51.02
N GLY R 242 -7.78 44.52 -52.10
CA GLY R 242 -7.76 43.17 -52.68
C GLY R 242 -7.09 42.16 -51.74
N GLY R 243 -6.01 42.59 -51.09
CA GLY R 243 -5.16 41.70 -50.30
C GLY R 243 -3.77 41.70 -50.92
N THR R 244 -2.76 41.40 -50.12
CA THR R 244 -1.37 41.46 -50.61
C THR R 244 -0.48 40.46 -49.86
N LYS R 245 -0.20 39.34 -50.50
CA LYS R 245 0.56 38.23 -49.89
C LYS R 245 2.07 38.51 -49.96
N LEU R 246 2.74 38.39 -48.81
CA LEU R 246 4.17 38.67 -48.68
C LEU R 246 4.97 37.40 -48.42
N THR R 247 6.00 37.15 -49.25
CA THR R 247 6.97 36.07 -49.01
C THR R 247 8.36 36.65 -48.67
N VAL R 248 9.12 35.96 -47.81
CA VAL R 248 10.37 36.52 -47.19
C VAL R 248 11.73 35.95 -47.68
N LEU R 249 11.87 34.64 -47.74
CA LEU R 249 13.16 34.02 -48.09
C LEU R 249 13.51 34.20 -49.57
#